data_8XFY
#
_entry.id   8XFY
#
_cell.length_a   34.063
_cell.length_b   273.373
_cell.length_c   170.341
_cell.angle_alpha   90.000
_cell.angle_beta   92.135
_cell.angle_gamma   90.000
#
_symmetry.space_group_name_H-M   'P 1 21 1'
#
loop_
_entity.id
_entity.type
_entity.pdbx_description
1 polymer 'Ribosomal protein S6 kinase alpha-3'
2 non-polymer 2,6-bis(fluoranyl)-4-[4-(4-morpholin-4-ylphenyl)pyridin-3-yl]phenol
3 water water
#
_entity_poly.entity_id   1
_entity_poly.type   'polypeptide(L)'
_entity_poly.pdbx_seq_one_letter_code
;PQTEEVSIKEIAITHHVKEGHEKADPSQFELLKVLGQGSFGKVFLVKKISGSDARQLYAMKVLKKATLKVRDRVRTKMER
DILVEVNHPFIVKLHYAFQTEGKLYLILDFLRGGDLFTRLSKEVMFTEEDVKFYLAELALALDHLHSLGIIYRDLKPENI
LLDEEGHIKLTDFGLSKESIDHEKKAYSFCGTVEYMAPEVVNRRGHTQSADWWSFGVLMFEMLTGTLPFQGKDRKETMTM
ILKAKLGMPQFLSPEAQSLLRMLFKRNPANRLGAGPDGVEEIKRHSFFSTIDWNKLYRREIHPPFKPATGRPEDTFYFDP
;
_entity_poly.pdbx_strand_id   A,B,C,D,E,F,G,H,I,J
#
# COMPACT_ATOMS: atom_id res chain seq x y z
N GLU A 19 -14.94 7.91 -20.62
CA GLU A 19 -14.55 6.49 -20.41
C GLU A 19 -15.27 5.61 -21.44
N GLY A 20 -15.16 4.28 -21.28
CA GLY A 20 -15.86 3.34 -22.13
C GLY A 20 -14.97 2.85 -23.28
N HIS A 21 -15.56 2.73 -24.47
CA HIS A 21 -14.83 2.27 -25.65
C HIS A 21 -13.91 3.39 -26.13
N GLU A 22 -14.50 4.58 -26.35
CA GLU A 22 -13.75 5.78 -26.66
C GLU A 22 -14.16 6.90 -25.71
N LYS A 23 -13.21 7.77 -25.35
CA LYS A 23 -13.48 8.88 -24.46
C LYS A 23 -14.20 9.99 -25.22
N ALA A 24 -15.24 10.55 -24.59
CA ALA A 24 -16.04 11.62 -25.18
C ALA A 24 -16.84 12.32 -24.08
N ASP A 25 -17.49 13.43 -24.45
CA ASP A 25 -18.22 14.24 -23.48
C ASP A 25 -19.51 14.75 -24.12
N PRO A 26 -20.45 15.29 -23.31
CA PRO A 26 -21.72 15.81 -23.84
C PRO A 26 -21.59 16.83 -24.96
N SER A 27 -20.59 17.72 -24.86
CA SER A 27 -20.45 18.83 -25.79
C SER A 27 -19.94 18.34 -27.16
N GLN A 28 -19.88 17.02 -27.36
CA GLN A 28 -19.46 16.43 -28.63
C GLN A 28 -20.65 15.78 -29.33
N PHE A 29 -21.87 16.08 -28.89
CA PHE A 29 -23.06 15.43 -29.45
C PHE A 29 -24.22 16.43 -29.50
N GLU A 30 -25.12 16.20 -30.47
CA GLU A 30 -26.25 17.07 -30.73
C GLU A 30 -27.53 16.24 -30.64
N LEU A 31 -28.40 16.57 -29.67
CA LEU A 31 -29.62 15.81 -29.44
C LEU A 31 -30.70 16.24 -30.44
N LEU A 32 -31.27 15.25 -31.15
CA LEU A 32 -32.22 15.50 -32.23
C LEU A 32 -33.62 15.07 -31.81
N LYS A 33 -33.76 13.83 -31.32
CA LYS A 33 -35.04 13.29 -30.89
C LYS A 33 -34.85 12.45 -29.64
N VAL A 34 -35.98 12.03 -29.06
CA VAL A 34 -36.01 10.93 -28.11
C VAL A 34 -36.68 9.75 -28.82
N LEU A 35 -35.90 8.68 -29.04
CA LEU A 35 -36.36 7.55 -29.82
C LEU A 35 -37.35 6.71 -29.01
N GLY A 36 -37.10 6.61 -27.71
CA GLY A 36 -37.98 5.88 -26.81
C GLY A 36 -37.60 6.10 -25.35
N GLN A 37 -38.31 5.40 -24.47
CA GLN A 37 -38.14 5.56 -23.03
C GLN A 37 -38.67 4.32 -22.33
N GLY A 38 -37.84 3.75 -21.44
CA GLY A 38 -38.21 2.56 -20.68
C GLY A 38 -37.74 2.64 -19.24
N SER A 39 -37.80 1.50 -18.55
CA SER A 39 -37.38 1.40 -17.16
C SER A 39 -35.86 1.47 -17.05
N PHE A 40 -35.18 0.86 -18.03
CA PHE A 40 -33.73 0.88 -18.14
C PHE A 40 -33.20 2.32 -18.06
N GLY A 41 -33.81 3.23 -18.83
CA GLY A 41 -33.28 4.58 -19.01
C GLY A 41 -34.05 5.37 -20.07
N LYS A 42 -33.32 5.89 -21.07
CA LYS A 42 -33.91 6.73 -22.09
C LYS A 42 -32.98 6.82 -23.29
N VAL A 43 -33.55 6.69 -24.50
CA VAL A 43 -32.79 6.65 -25.74
C VAL A 43 -32.95 7.98 -26.45
N PHE A 44 -31.86 8.44 -27.10
CA PHE A 44 -31.91 9.62 -27.94
C PHE A 44 -31.38 9.27 -29.32
N LEU A 45 -31.81 10.06 -30.32
CA LEU A 45 -31.08 10.20 -31.57
C LEU A 45 -30.13 11.37 -31.40
N VAL A 46 -28.86 11.18 -31.78
CA VAL A 46 -27.83 12.19 -31.63
C VAL A 46 -26.96 12.23 -32.87
N LYS A 47 -26.19 13.32 -33.01
CA LYS A 47 -25.28 13.50 -34.14
C LYS A 47 -23.94 14.01 -33.62
N LYS A 48 -22.87 13.31 -34.01
CA LYS A 48 -21.52 13.64 -33.61
C LYS A 48 -21.13 14.97 -34.25
N ILE A 49 -20.54 15.88 -33.45
CA ILE A 49 -20.18 17.20 -33.96
C ILE A 49 -18.66 17.33 -34.06
N SER A 50 -17.90 16.62 -33.21
CA SER A 50 -16.45 16.68 -33.23
C SER A 50 -15.87 15.52 -34.04
N GLY A 51 -14.54 15.50 -34.17
CA GLY A 51 -13.81 14.32 -34.60
C GLY A 51 -13.99 14.00 -36.08
N SER A 52 -13.39 12.88 -36.48
CA SER A 52 -13.31 12.49 -37.89
C SER A 52 -14.65 12.01 -38.41
N ASP A 53 -15.53 11.55 -37.51
CA ASP A 53 -16.84 11.04 -37.88
C ASP A 53 -17.92 12.09 -37.63
N ALA A 54 -17.58 13.37 -37.83
CA ALA A 54 -18.53 14.45 -37.64
C ALA A 54 -19.77 14.20 -38.50
N ARG A 55 -20.95 14.53 -37.95
CA ARG A 55 -22.22 14.41 -38.62
C ARG A 55 -22.62 12.94 -38.78
N GLN A 56 -22.08 12.06 -37.93
CA GLN A 56 -22.48 10.66 -37.90
C GLN A 56 -23.56 10.47 -36.84
N LEU A 57 -24.72 9.95 -37.27
CA LEU A 57 -25.86 9.77 -36.37
C LEU A 57 -25.59 8.59 -35.45
N TYR A 58 -26.11 8.66 -34.23
CA TYR A 58 -25.95 7.60 -33.23
C TYR A 58 -27.19 7.52 -32.37
N ALA A 59 -27.33 6.41 -31.64
CA ALA A 59 -28.31 6.28 -30.58
C ALA A 59 -27.60 6.46 -29.25
N MET A 60 -28.05 7.45 -28.46
CA MET A 60 -27.48 7.67 -27.14
C MET A 60 -28.41 7.09 -26.09
N LYS A 61 -27.98 5.99 -25.45
CA LYS A 61 -28.69 5.42 -24.32
C LYS A 61 -28.11 5.99 -23.03
N VAL A 62 -28.96 6.64 -22.24
CA VAL A 62 -28.54 7.25 -20.98
C VAL A 62 -29.32 6.56 -19.86
N LEU A 63 -28.58 6.06 -18.86
CA LEU A 63 -29.18 5.30 -17.77
C LEU A 63 -28.91 6.01 -16.45
N LYS A 64 -29.88 5.90 -15.52
CA LYS A 64 -29.77 6.49 -14.19
C LYS A 64 -28.88 5.62 -13.32
N LYS A 65 -27.76 6.19 -12.85
CA LYS A 65 -26.79 5.45 -12.05
C LYS A 65 -27.35 5.20 -10.66
N LYS A 69 -30.29 1.47 -11.76
CA LYS A 69 -29.08 1.65 -10.91
C LYS A 69 -28.45 0.29 -10.65
N VAL A 70 -27.19 0.29 -10.20
CA VAL A 70 -26.43 -0.94 -9.95
C VAL A 70 -25.14 -0.57 -9.24
N ARG A 71 -24.79 -1.34 -8.19
CA ARG A 71 -23.62 -1.04 -7.37
C ARG A 71 -23.29 -2.20 -6.43
N ASP A 72 -21.99 -2.53 -6.34
CA ASP A 72 -21.53 -3.60 -5.48
C ASP A 72 -20.05 -3.38 -5.13
N ARG A 73 -19.65 -3.92 -3.97
CA ARG A 73 -18.32 -3.73 -3.38
C ARG A 73 -18.06 -2.25 -3.15
N VAL A 74 -19.04 -1.58 -2.51
CA VAL A 74 -19.00 -0.18 -2.17
C VAL A 74 -18.45 0.66 -3.33
N ARG A 75 -18.93 0.38 -4.54
CA ARG A 75 -18.57 1.15 -5.73
C ARG A 75 -19.63 0.91 -6.82
N THR A 76 -20.10 2.02 -7.42
CA THR A 76 -21.12 1.96 -8.46
C THR A 76 -20.53 1.30 -9.71
N LYS A 77 -20.90 0.02 -9.92
CA LYS A 77 -20.37 -0.75 -11.02
C LYS A 77 -21.25 -0.57 -12.25
N MET A 78 -20.66 0.00 -13.30
CA MET A 78 -21.32 0.17 -14.60
C MET A 78 -21.18 -1.13 -15.39
N GLU A 79 -22.15 -2.04 -15.24
CA GLU A 79 -22.08 -3.35 -15.89
C GLU A 79 -22.47 -3.22 -17.36
N ARG A 80 -22.56 -1.99 -17.87
CA ARG A 80 -22.43 -1.74 -19.30
C ARG A 80 -20.96 -1.43 -19.60
N ASP A 81 -20.10 -2.33 -19.12
CA ASP A 81 -18.70 -2.41 -19.50
C ASP A 81 -18.49 -3.73 -20.26
N ILE A 82 -19.62 -4.35 -20.65
CA ILE A 82 -19.62 -5.66 -21.29
C ILE A 82 -19.51 -5.49 -22.80
N LEU A 83 -19.76 -4.27 -23.28
CA LEU A 83 -19.75 -3.97 -24.71
C LEU A 83 -18.35 -3.61 -25.20
N VAL A 84 -17.38 -3.58 -24.28
CA VAL A 84 -16.02 -3.17 -24.61
C VAL A 84 -15.41 -4.13 -25.62
N GLU A 85 -15.62 -5.43 -25.41
CA GLU A 85 -14.92 -6.45 -26.19
C GLU A 85 -15.82 -6.95 -27.32
N VAL A 86 -17.13 -6.65 -27.24
CA VAL A 86 -18.08 -7.06 -28.27
C VAL A 86 -17.85 -6.21 -29.51
N ASN A 87 -17.39 -6.86 -30.59
CA ASN A 87 -17.24 -6.22 -31.88
C ASN A 87 -17.50 -7.25 -32.98
N HIS A 88 -18.59 -7.05 -33.73
CA HIS A 88 -19.06 -8.03 -34.70
C HIS A 88 -20.08 -7.38 -35.62
N PRO A 89 -20.06 -7.68 -36.95
CA PRO A 89 -20.99 -7.05 -37.89
C PRO A 89 -22.46 -7.00 -37.47
N PHE A 90 -22.93 -8.10 -36.86
CA PHE A 90 -24.34 -8.27 -36.55
C PHE A 90 -24.62 -8.01 -35.08
N ILE A 91 -23.75 -7.25 -34.41
CA ILE A 91 -24.02 -6.79 -33.06
C ILE A 91 -23.71 -5.30 -32.99
N VAL A 92 -24.49 -4.61 -32.15
CA VAL A 92 -24.29 -3.21 -31.85
C VAL A 92 -22.90 -3.01 -31.24
N LYS A 93 -22.25 -1.89 -31.61
CA LYS A 93 -20.95 -1.53 -31.08
C LYS A 93 -21.07 -0.26 -30.25
N LEU A 94 -20.62 -0.33 -28.99
CA LEU A 94 -20.45 0.85 -28.16
C LEU A 94 -19.32 1.69 -28.76
N HIS A 95 -19.68 2.83 -29.36
CA HIS A 95 -18.73 3.74 -29.99
C HIS A 95 -18.07 4.61 -28.93
N TYR A 96 -18.89 5.27 -28.09
CA TYR A 96 -18.40 6.09 -27.00
C TYR A 96 -19.19 5.79 -25.73
N ALA A 97 -18.74 6.38 -24.63
CA ALA A 97 -19.44 6.28 -23.35
C ALA A 97 -18.87 7.31 -22.37
N PHE A 98 -19.73 7.77 -21.44
CA PHE A 98 -19.37 8.77 -20.46
C PHE A 98 -20.47 8.87 -19.41
N GLN A 99 -20.09 9.05 -18.14
CA GLN A 99 -21.04 9.26 -17.06
C GLN A 99 -21.03 10.74 -16.69
N THR A 100 -22.15 11.23 -16.13
CA THR A 100 -22.33 12.66 -15.89
C THR A 100 -23.49 12.92 -14.94
N GLU A 101 -23.15 13.27 -13.69
CA GLU A 101 -24.10 13.67 -12.65
C GLU A 101 -25.20 12.61 -12.52
N GLY A 102 -24.79 11.41 -12.10
CA GLY A 102 -25.72 10.34 -11.79
C GLY A 102 -26.45 9.79 -13.02
N LYS A 103 -25.79 9.86 -14.20
CA LYS A 103 -26.30 9.29 -15.43
C LYS A 103 -25.15 8.80 -16.29
N LEU A 104 -25.29 7.58 -16.85
CA LEU A 104 -24.28 6.98 -17.71
C LEU A 104 -24.80 7.01 -19.16
N TYR A 105 -23.95 7.49 -20.08
CA TYR A 105 -24.35 7.77 -21.45
C TYR A 105 -23.62 6.85 -22.42
N LEU A 106 -24.34 5.90 -23.03
CA LEU A 106 -23.76 4.99 -24.01
C LEU A 106 -24.19 5.43 -25.41
N ILE A 107 -23.20 5.61 -26.30
CA ILE A 107 -23.47 5.94 -27.69
C ILE A 107 -23.31 4.67 -28.51
N LEU A 108 -24.35 4.29 -29.27
CA LEU A 108 -24.34 3.05 -30.02
C LEU A 108 -24.69 3.31 -31.48
N ASP A 109 -24.74 2.22 -32.26
CA ASP A 109 -25.13 2.27 -33.66
C ASP A 109 -26.58 2.72 -33.76
N PHE A 110 -26.87 3.52 -34.79
CA PHE A 110 -28.23 3.91 -35.10
C PHE A 110 -28.71 3.09 -36.29
N LEU A 111 -29.74 2.28 -36.06
CA LEU A 111 -30.26 1.38 -37.07
C LEU A 111 -31.65 1.87 -37.50
N ARG A 112 -31.87 1.95 -38.81
CA ARG A 112 -33.06 2.59 -39.34
C ARG A 112 -33.74 1.66 -40.35
N GLY A 113 -33.77 0.37 -40.00
CA GLY A 113 -34.58 -0.62 -40.70
C GLY A 113 -35.76 -1.10 -39.86
N GLY A 114 -35.75 -0.77 -38.56
CA GLY A 114 -36.80 -1.18 -37.64
C GLY A 114 -36.49 -2.54 -37.00
N ASP A 115 -37.43 -3.01 -36.17
CA ASP A 115 -37.30 -4.30 -35.52
C ASP A 115 -37.59 -5.40 -36.54
N LEU A 116 -37.32 -6.65 -36.15
CA LEU A 116 -37.78 -7.81 -36.90
C LEU A 116 -39.16 -8.22 -36.37
N PHE A 117 -39.52 -7.72 -35.19
CA PHE A 117 -40.84 -7.86 -34.62
C PHE A 117 -41.87 -7.20 -35.53
N THR A 118 -41.59 -5.94 -35.92
CA THR A 118 -42.49 -5.15 -36.72
C THR A 118 -42.78 -5.85 -38.05
N ARG A 119 -41.73 -6.32 -38.72
CA ARG A 119 -41.91 -6.97 -40.02
C ARG A 119 -42.69 -8.27 -39.84
N LEU A 120 -42.48 -8.97 -38.70
CA LEU A 120 -43.24 -10.18 -38.41
C LEU A 120 -44.72 -9.86 -38.23
N SER A 121 -45.01 -8.73 -37.59
CA SER A 121 -46.38 -8.29 -37.34
C SER A 121 -47.11 -8.09 -38.66
N LYS A 122 -46.40 -7.67 -39.70
CA LYS A 122 -47.00 -7.39 -41.01
C LYS A 122 -47.03 -8.67 -41.86
N GLU A 123 -45.85 -9.20 -42.20
CA GLU A 123 -45.75 -10.35 -43.09
C GLU A 123 -46.44 -11.56 -42.49
N VAL A 124 -46.52 -11.63 -41.15
CA VAL A 124 -47.13 -12.72 -40.40
C VAL A 124 -46.11 -13.85 -40.26
N MET A 125 -45.68 -14.41 -41.40
CA MET A 125 -44.64 -15.43 -41.41
C MET A 125 -43.68 -15.14 -42.57
N PHE A 126 -42.44 -15.58 -42.39
CA PHE A 126 -41.38 -15.32 -43.35
C PHE A 126 -41.14 -16.57 -44.19
N THR A 127 -40.64 -16.35 -45.41
CA THR A 127 -40.19 -17.43 -46.28
C THR A 127 -39.04 -18.15 -45.59
N GLU A 128 -38.92 -19.47 -45.84
CA GLU A 128 -37.90 -20.28 -45.18
C GLU A 128 -36.51 -19.73 -45.49
N GLU A 129 -36.35 -19.11 -46.68
CA GLU A 129 -35.09 -18.53 -47.09
C GLU A 129 -34.82 -17.23 -46.34
N ASP A 130 -35.88 -16.46 -46.07
CA ASP A 130 -35.75 -15.22 -45.33
C ASP A 130 -35.36 -15.53 -43.88
N VAL A 131 -35.90 -16.62 -43.34
CA VAL A 131 -35.63 -17.03 -41.97
C VAL A 131 -34.19 -17.54 -41.87
N LYS A 132 -33.83 -18.44 -42.79
CA LYS A 132 -32.49 -18.99 -42.90
C LYS A 132 -31.45 -17.87 -42.78
N PHE A 133 -31.73 -16.74 -43.42
CA PHE A 133 -30.82 -15.61 -43.47
C PHE A 133 -30.60 -15.03 -42.07
N TYR A 134 -31.69 -14.58 -41.44
CA TYR A 134 -31.61 -13.84 -40.17
C TYR A 134 -31.02 -14.73 -39.08
N LEU A 135 -31.46 -15.99 -39.05
CA LEU A 135 -30.98 -16.96 -38.08
C LEU A 135 -29.47 -17.15 -38.24
N ALA A 136 -29.00 -17.30 -39.48
CA ALA A 136 -27.59 -17.53 -39.77
C ALA A 136 -26.75 -16.37 -39.22
N GLU A 137 -27.17 -15.13 -39.49
CA GLU A 137 -26.46 -13.96 -38.99
C GLU A 137 -26.57 -13.88 -37.47
N LEU A 138 -27.72 -14.28 -36.92
CA LEU A 138 -27.91 -14.29 -35.47
C LEU A 138 -27.04 -15.38 -34.85
N ALA A 139 -26.83 -16.49 -35.58
CA ALA A 139 -25.98 -17.57 -35.13
C ALA A 139 -24.55 -17.06 -34.92
N LEU A 140 -24.05 -16.31 -35.90
CA LEU A 140 -22.71 -15.74 -35.82
C LEU A 140 -22.61 -14.78 -34.64
N ALA A 141 -23.66 -13.98 -34.45
CA ALA A 141 -23.71 -13.02 -33.36
C ALA A 141 -23.60 -13.74 -32.03
N LEU A 142 -24.46 -14.75 -31.84
CA LEU A 142 -24.53 -15.48 -30.58
C LEU A 142 -23.21 -16.18 -30.30
N ASP A 143 -22.54 -16.68 -31.36
CA ASP A 143 -21.28 -17.37 -31.19
C ASP A 143 -20.21 -16.41 -30.65
N HIS A 144 -20.14 -15.22 -31.26
CA HIS A 144 -19.22 -14.19 -30.85
C HIS A 144 -19.36 -13.91 -29.36
N LEU A 145 -20.60 -13.69 -28.90
CA LEU A 145 -20.89 -13.38 -27.51
C LEU A 145 -20.45 -14.53 -26.60
N HIS A 146 -20.69 -15.77 -27.05
CA HIS A 146 -20.32 -16.95 -26.30
C HIS A 146 -18.80 -17.10 -26.24
N SER A 147 -18.10 -16.57 -27.26
CA SER A 147 -16.65 -16.56 -27.27
C SER A 147 -16.11 -15.58 -26.24
N LEU A 148 -16.96 -14.68 -25.74
CA LEU A 148 -16.58 -13.71 -24.73
C LEU A 148 -17.19 -14.06 -23.37
N GLY A 149 -18.01 -15.12 -23.32
CA GLY A 149 -18.62 -15.58 -22.08
C GLY A 149 -19.90 -14.81 -21.76
N ILE A 150 -20.50 -14.18 -22.78
CA ILE A 150 -21.70 -13.38 -22.63
C ILE A 150 -22.89 -14.21 -23.10
N ILE A 151 -24.02 -14.08 -22.40
CA ILE A 151 -25.26 -14.72 -22.79
C ILE A 151 -26.31 -13.64 -23.04
N TYR A 152 -27.29 -13.96 -23.90
CA TYR A 152 -28.37 -13.05 -24.21
C TYR A 152 -29.61 -13.50 -23.45
N ARG A 153 -30.00 -12.74 -22.41
CA ARG A 153 -31.09 -13.14 -21.55
C ARG A 153 -32.38 -13.21 -22.36
N ASP A 154 -32.84 -12.07 -22.85
CA ASP A 154 -34.15 -11.98 -23.48
C ASP A 154 -33.94 -11.87 -24.99
N LEU A 155 -33.82 -13.04 -25.66
CA LEU A 155 -33.69 -13.08 -27.10
C LEU A 155 -35.09 -13.10 -27.72
N LYS A 156 -35.74 -11.93 -27.70
CA LYS A 156 -37.02 -11.71 -28.36
C LYS A 156 -36.76 -11.00 -29.68
N PRO A 157 -37.75 -10.95 -30.62
CA PRO A 157 -37.57 -10.25 -31.89
C PRO A 157 -37.44 -8.72 -31.84
N GLU A 158 -37.71 -8.11 -30.68
CA GLU A 158 -37.61 -6.66 -30.54
C GLU A 158 -36.15 -6.24 -30.39
N ASN A 159 -35.29 -7.20 -30.01
CA ASN A 159 -33.87 -6.93 -29.80
C ASN A 159 -33.09 -7.03 -31.10
N ILE A 160 -33.65 -7.72 -32.09
CA ILE A 160 -33.00 -7.86 -33.39
C ILE A 160 -33.47 -6.71 -34.27
N LEU A 161 -32.64 -5.68 -34.41
CA LEU A 161 -32.91 -4.55 -35.27
C LEU A 161 -32.34 -4.81 -36.67
N LEU A 162 -32.83 -4.04 -37.64
CA LEU A 162 -32.36 -4.12 -39.02
C LEU A 162 -31.69 -2.81 -39.39
N ASP A 163 -30.61 -2.89 -40.18
CA ASP A 163 -30.03 -1.73 -40.82
C ASP A 163 -30.72 -1.54 -42.18
N GLU A 164 -30.47 -0.37 -42.80
CA GLU A 164 -31.16 0.04 -44.01
C GLU A 164 -30.83 -0.92 -45.16
N GLU A 165 -29.66 -1.56 -45.10
CA GLU A 165 -29.29 -2.58 -46.07
C GLU A 165 -30.34 -3.71 -46.02
N GLY A 166 -30.59 -4.21 -44.81
CA GLY A 166 -31.43 -5.38 -44.62
C GLY A 166 -30.82 -6.39 -43.63
N HIS A 167 -29.53 -6.21 -43.32
CA HIS A 167 -28.82 -7.05 -42.36
C HIS A 167 -29.29 -6.71 -40.94
N ILE A 168 -28.97 -7.58 -39.99
CA ILE A 168 -29.48 -7.45 -38.63
C ILE A 168 -28.42 -6.79 -37.74
N LYS A 169 -28.85 -6.45 -36.52
CA LYS A 169 -27.95 -6.11 -35.43
C LYS A 169 -28.65 -6.40 -34.10
N LEU A 170 -28.09 -7.33 -33.33
CA LEU A 170 -28.52 -7.57 -31.95
C LEU A 170 -28.27 -6.31 -31.12
N THR A 171 -29.22 -5.97 -30.24
CA THR A 171 -29.04 -4.90 -29.30
C THR A 171 -28.31 -5.45 -28.07
N ASP A 172 -27.96 -4.56 -27.14
CA ASP A 172 -27.15 -4.93 -25.99
C ASP A 172 -28.03 -5.18 -24.77
N PHE A 173 -29.34 -4.97 -24.90
CA PHE A 173 -30.24 -4.99 -23.76
C PHE A 173 -30.13 -6.30 -23.00
N GLY A 174 -30.03 -7.42 -23.73
CA GLY A 174 -30.10 -8.75 -23.13
C GLY A 174 -28.75 -9.27 -22.66
N LEU A 175 -27.68 -8.51 -22.88
CA LEU A 175 -26.33 -8.99 -22.58
C LEU A 175 -26.14 -9.14 -21.07
N SER A 176 -25.41 -10.19 -20.69
CA SER A 176 -25.14 -10.51 -19.29
C SER A 176 -24.10 -11.63 -19.25
N LYS A 177 -23.20 -11.55 -18.27
CA LYS A 177 -22.13 -12.54 -18.17
C LYS A 177 -22.74 -13.87 -17.73
N GLU A 178 -22.10 -14.97 -18.15
CA GLU A 178 -22.61 -16.31 -17.88
C GLU A 178 -22.24 -16.73 -16.46
N SER A 179 -20.93 -16.74 -16.17
CA SER A 179 -20.37 -17.17 -14.90
C SER A 179 -21.45 -17.80 -14.00
N PHE A 189 -34.34 -12.44 -11.63
CA PHE A 189 -35.16 -13.18 -12.60
C PHE A 189 -36.16 -12.25 -13.28
N CYS A 190 -36.11 -12.18 -14.61
CA CYS A 190 -37.19 -11.64 -15.42
C CYS A 190 -36.89 -11.89 -16.90
N GLY A 191 -37.86 -11.55 -17.75
CA GLY A 191 -37.74 -11.74 -19.18
C GLY A 191 -39.00 -12.38 -19.77
N THR A 192 -39.28 -12.06 -21.03
CA THR A 192 -40.42 -12.61 -21.74
C THR A 192 -40.35 -14.14 -21.68
N VAL A 193 -41.38 -14.75 -21.07
CA VAL A 193 -41.33 -16.13 -20.64
C VAL A 193 -41.37 -17.09 -21.85
N GLU A 194 -41.93 -16.63 -22.97
CA GLU A 194 -42.13 -17.49 -24.13
C GLU A 194 -40.79 -17.89 -24.74
N TYR A 195 -39.80 -16.98 -24.72
CA TYR A 195 -38.50 -17.23 -25.32
C TYR A 195 -37.54 -17.87 -24.31
N MET A 196 -37.95 -17.95 -23.04
CA MET A 196 -37.15 -18.54 -21.98
C MET A 196 -37.05 -20.06 -22.18
N ALA A 197 -35.90 -20.62 -21.79
CA ALA A 197 -35.64 -22.04 -21.90
C ALA A 197 -36.00 -22.75 -20.60
N PRO A 198 -36.24 -24.08 -20.63
CA PRO A 198 -36.73 -24.82 -19.47
C PRO A 198 -35.92 -24.69 -18.18
N GLU A 199 -34.59 -24.66 -18.29
CA GLU A 199 -33.73 -24.55 -17.12
C GLU A 199 -33.88 -23.16 -16.52
N VAL A 200 -34.18 -22.16 -17.35
CA VAL A 200 -34.30 -20.77 -16.92
C VAL A 200 -35.63 -20.58 -16.19
N VAL A 201 -36.66 -21.33 -16.61
CA VAL A 201 -37.96 -21.29 -15.95
C VAL A 201 -37.81 -21.81 -14.53
N ASN A 202 -37.06 -22.90 -14.37
CA ASN A 202 -36.81 -23.50 -13.07
C ASN A 202 -35.66 -22.77 -12.36
N ARG A 203 -35.08 -21.77 -13.04
CA ARG A 203 -34.05 -20.93 -12.45
C ARG A 203 -32.86 -21.79 -12.05
N ARG A 204 -32.48 -22.71 -12.94
CA ARG A 204 -31.38 -23.63 -12.72
C ARG A 204 -30.09 -23.05 -13.29
N GLY A 205 -30.17 -21.87 -13.91
CA GLY A 205 -29.00 -21.17 -14.41
C GLY A 205 -29.05 -20.96 -15.92
N HIS A 206 -28.49 -19.83 -16.38
CA HIS A 206 -28.61 -19.41 -17.75
C HIS A 206 -27.31 -19.72 -18.51
N THR A 207 -27.15 -20.98 -18.89
CA THR A 207 -26.04 -21.43 -19.72
C THR A 207 -26.20 -20.82 -21.12
N GLN A 208 -25.20 -21.05 -21.97
CA GLN A 208 -25.26 -20.58 -23.35
C GLN A 208 -26.15 -21.51 -24.18
N SER A 209 -26.52 -22.66 -23.60
CA SER A 209 -27.43 -23.58 -24.25
C SER A 209 -28.84 -23.01 -24.28
N ALA A 210 -29.15 -22.14 -23.30
CA ALA A 210 -30.43 -21.46 -23.26
C ALA A 210 -30.61 -20.59 -24.49
N ASP A 211 -29.54 -19.92 -24.91
CA ASP A 211 -29.58 -19.00 -26.04
C ASP A 211 -29.99 -19.75 -27.31
N TRP A 212 -29.60 -21.02 -27.43
CA TRP A 212 -29.95 -21.80 -28.61
C TRP A 212 -31.40 -22.27 -28.55
N TRP A 213 -31.96 -22.35 -27.34
CA TRP A 213 -33.38 -22.63 -27.21
C TRP A 213 -34.20 -21.47 -27.78
N SER A 214 -33.85 -20.25 -27.35
CA SER A 214 -34.53 -19.06 -27.81
C SER A 214 -34.34 -18.90 -29.32
N PHE A 215 -33.16 -19.33 -29.80
CA PHE A 215 -32.89 -19.43 -31.23
C PHE A 215 -33.98 -20.29 -31.88
N GLY A 216 -34.27 -21.43 -31.24
CA GLY A 216 -35.34 -22.31 -31.68
C GLY A 216 -36.69 -21.61 -31.67
N VAL A 217 -36.96 -20.81 -30.63
CA VAL A 217 -38.24 -20.13 -30.49
C VAL A 217 -38.38 -19.12 -31.62
N LEU A 218 -37.39 -18.23 -31.75
CA LEU A 218 -37.38 -17.23 -32.80
C LEU A 218 -37.64 -17.88 -34.16
N MET A 219 -37.07 -19.07 -34.36
CA MET A 219 -37.19 -19.76 -35.64
C MET A 219 -38.62 -20.24 -35.82
N PHE A 220 -39.12 -21.00 -34.84
CA PHE A 220 -40.48 -21.50 -34.88
C PHE A 220 -41.45 -20.34 -35.13
N GLU A 221 -41.22 -19.22 -34.45
CA GLU A 221 -42.10 -18.06 -34.50
C GLU A 221 -42.08 -17.43 -35.88
N MET A 222 -40.89 -17.31 -36.49
CA MET A 222 -40.74 -16.64 -37.76
C MET A 222 -41.38 -17.46 -38.88
N LEU A 223 -41.47 -18.79 -38.68
CA LEU A 223 -41.98 -19.69 -39.70
C LEU A 223 -43.49 -19.87 -39.55
N THR A 224 -43.97 -19.93 -38.30
CA THR A 224 -45.37 -20.27 -38.02
C THR A 224 -46.19 -19.03 -37.68
N GLY A 225 -45.52 -17.91 -37.43
CA GLY A 225 -46.19 -16.71 -36.94
C GLY A 225 -46.88 -16.96 -35.60
N THR A 226 -46.32 -17.90 -34.82
CA THR A 226 -46.89 -18.31 -33.55
C THR A 226 -45.78 -18.82 -32.63
N LEU A 227 -45.95 -18.59 -31.32
CA LEU A 227 -44.99 -19.05 -30.33
C LEU A 227 -45.27 -20.52 -30.02
N PRO A 228 -44.22 -21.36 -29.87
CA PRO A 228 -44.42 -22.80 -29.72
C PRO A 228 -45.06 -23.17 -28.40
N PHE A 229 -44.79 -22.37 -27.37
CA PHE A 229 -45.39 -22.54 -26.06
C PHE A 229 -46.12 -21.26 -25.68
N GLN A 230 -47.45 -21.35 -25.51
CA GLN A 230 -48.26 -20.23 -25.08
C GLN A 230 -49.59 -20.74 -24.53
N GLY A 231 -49.99 -20.20 -23.38
CA GLY A 231 -51.23 -20.58 -22.73
C GLY A 231 -52.07 -19.36 -22.37
N LYS A 232 -52.94 -19.52 -21.35
CA LYS A 232 -53.85 -18.46 -20.91
C LYS A 232 -53.07 -17.34 -20.23
N ASP A 233 -51.97 -17.69 -19.56
CA ASP A 233 -51.23 -16.75 -18.73
C ASP A 233 -49.76 -17.14 -18.68
N ARG A 234 -48.95 -16.33 -18.00
CA ARG A 234 -47.52 -16.55 -17.91
C ARG A 234 -47.24 -17.85 -17.15
N LYS A 235 -48.14 -18.22 -16.24
CA LYS A 235 -47.97 -19.43 -15.45
C LYS A 235 -48.07 -20.65 -16.36
N GLU A 236 -49.16 -20.71 -17.13
CA GLU A 236 -49.48 -21.86 -17.97
C GLU A 236 -48.45 -22.00 -19.08
N THR A 237 -47.94 -20.87 -19.57
CA THR A 237 -46.94 -20.84 -20.63
C THR A 237 -45.63 -21.43 -20.12
N MET A 238 -45.22 -21.04 -18.91
CA MET A 238 -43.99 -21.55 -18.32
C MET A 238 -44.12 -23.05 -18.09
N THR A 239 -45.27 -23.46 -17.55
CA THR A 239 -45.56 -24.87 -17.28
C THR A 239 -45.40 -25.68 -18.56
N MET A 240 -45.89 -25.13 -19.67
CA MET A 240 -45.90 -25.82 -20.95
C MET A 240 -44.46 -25.99 -21.46
N ILE A 241 -43.61 -24.99 -21.23
CA ILE A 241 -42.22 -25.05 -21.63
C ILE A 241 -41.55 -26.26 -20.99
N LEU A 242 -41.98 -26.62 -19.77
CA LEU A 242 -41.30 -27.63 -18.97
C LEU A 242 -41.71 -29.04 -19.37
N LYS A 243 -43.01 -29.27 -19.66
CA LYS A 243 -43.48 -30.64 -19.88
C LYS A 243 -44.28 -30.80 -21.17
N ALA A 244 -44.90 -29.74 -21.69
CA ALA A 244 -45.86 -29.87 -22.78
C ALA A 244 -45.15 -30.27 -24.08
N LYS A 245 -45.55 -31.41 -24.64
CA LYS A 245 -45.01 -31.90 -25.89
C LYS A 245 -45.53 -31.03 -27.03
N LEU A 246 -44.64 -30.69 -27.97
CA LEU A 246 -44.97 -29.81 -29.09
C LEU A 246 -45.18 -30.65 -30.35
N GLY A 247 -46.26 -30.35 -31.08
CA GLY A 247 -46.53 -30.94 -32.37
C GLY A 247 -45.93 -30.10 -33.50
N MET A 248 -45.05 -30.71 -34.29
CA MET A 248 -44.41 -30.04 -35.40
C MET A 248 -45.47 -29.64 -36.42
N PRO A 249 -45.61 -28.34 -36.76
CA PRO A 249 -46.38 -27.94 -37.94
C PRO A 249 -45.76 -28.56 -39.19
N GLN A 250 -46.59 -29.20 -40.02
CA GLN A 250 -46.11 -30.06 -41.10
C GLN A 250 -46.03 -29.29 -42.42
N PHE A 251 -46.04 -27.95 -42.35
CA PHE A 251 -45.75 -27.14 -43.51
C PHE A 251 -44.28 -26.73 -43.51
N LEU A 252 -43.59 -27.00 -42.39
CA LEU A 252 -42.15 -26.78 -42.31
C LEU A 252 -41.43 -27.92 -43.02
N SER A 253 -40.32 -27.58 -43.70
CA SER A 253 -39.54 -28.56 -44.43
C SER A 253 -38.98 -29.61 -43.48
N PRO A 254 -38.48 -30.76 -43.99
CA PRO A 254 -37.78 -31.73 -43.14
C PRO A 254 -36.59 -31.16 -42.37
N GLU A 255 -35.87 -30.23 -43.02
CA GLU A 255 -34.69 -29.60 -42.44
C GLU A 255 -35.10 -28.74 -41.24
N ALA A 256 -36.03 -27.81 -41.48
CA ALA A 256 -36.51 -26.90 -40.45
C ALA A 256 -37.03 -27.68 -39.25
N GLN A 257 -37.82 -28.74 -39.52
CA GLN A 257 -38.32 -29.60 -38.46
C GLN A 257 -37.14 -30.21 -37.72
N SER A 258 -36.19 -30.80 -38.47
CA SER A 258 -35.02 -31.43 -37.88
C SER A 258 -34.36 -30.49 -36.88
N LEU A 259 -34.09 -29.25 -37.32
CA LEU A 259 -33.35 -28.28 -36.53
C LEU A 259 -34.12 -27.95 -35.25
N LEU A 260 -35.43 -27.74 -35.37
CA LEU A 260 -36.27 -27.38 -34.24
C LEU A 260 -36.26 -28.50 -33.21
N ARG A 261 -36.52 -29.73 -33.67
CA ARG A 261 -36.55 -30.89 -32.80
C ARG A 261 -35.26 -30.98 -31.98
N MET A 262 -34.13 -30.64 -32.60
CA MET A 262 -32.84 -30.73 -31.95
C MET A 262 -32.64 -29.56 -30.99
N LEU A 263 -33.12 -28.37 -31.38
CA LEU A 263 -32.96 -27.17 -30.57
C LEU A 263 -33.84 -27.27 -29.32
N PHE A 264 -35.07 -27.79 -29.50
CA PHE A 264 -36.00 -27.92 -28.39
C PHE A 264 -35.77 -29.24 -27.67
N LYS A 265 -34.76 -29.26 -26.79
CA LYS A 265 -34.53 -30.39 -25.92
C LYS A 265 -34.30 -29.88 -24.50
N ARG A 266 -35.01 -30.49 -23.56
CA ARG A 266 -35.20 -29.93 -22.23
C ARG A 266 -33.97 -30.17 -21.37
N ASN A 267 -33.09 -31.08 -21.81
CA ASN A 267 -31.76 -31.21 -21.25
C ASN A 267 -30.83 -30.28 -22.02
N PRO A 268 -30.25 -29.24 -21.37
CA PRO A 268 -29.38 -28.29 -22.07
C PRO A 268 -28.17 -28.93 -22.75
N ALA A 269 -27.67 -30.02 -22.18
CA ALA A 269 -26.46 -30.67 -22.66
C ALA A 269 -26.71 -31.44 -23.95
N ASN A 270 -27.99 -31.77 -24.22
CA ASN A 270 -28.36 -32.52 -25.41
C ASN A 270 -28.82 -31.60 -26.54
N ARG A 271 -28.98 -30.31 -26.25
CA ARG A 271 -29.37 -29.34 -27.27
C ARG A 271 -28.25 -29.18 -28.30
N LEU A 272 -28.66 -28.83 -29.52
CA LEU A 272 -27.72 -28.48 -30.57
C LEU A 272 -27.01 -27.19 -30.16
N GLY A 273 -25.70 -27.12 -30.43
CA GLY A 273 -24.90 -25.99 -29.99
C GLY A 273 -24.12 -26.33 -28.73
N ALA A 274 -24.81 -26.88 -27.74
CA ALA A 274 -24.17 -27.27 -26.48
C ALA A 274 -23.42 -28.59 -26.69
N GLY A 275 -22.21 -28.50 -27.25
CA GLY A 275 -21.41 -29.68 -27.54
C GLY A 275 -19.95 -29.32 -27.81
N PRO A 276 -19.13 -30.28 -28.30
CA PRO A 276 -17.72 -30.03 -28.60
C PRO A 276 -17.50 -28.94 -29.66
N ASP A 277 -18.17 -29.10 -30.81
CA ASP A 277 -18.01 -28.20 -31.94
C ASP A 277 -18.50 -26.80 -31.58
N GLY A 278 -19.64 -26.74 -30.88
CA GLY A 278 -20.28 -25.48 -30.55
C GLY A 278 -21.28 -25.06 -31.62
N VAL A 279 -21.05 -23.89 -32.22
CA VAL A 279 -21.96 -23.32 -33.19
C VAL A 279 -21.87 -24.09 -34.51
N GLU A 280 -20.75 -24.80 -34.74
CA GLU A 280 -20.58 -25.54 -35.98
C GLU A 280 -21.70 -26.56 -36.13
N GLU A 281 -22.20 -27.11 -35.02
CA GLU A 281 -23.34 -28.00 -35.05
C GLU A 281 -24.49 -27.33 -35.79
N ILE A 282 -24.84 -26.11 -35.35
CA ILE A 282 -25.88 -25.33 -35.97
C ILE A 282 -25.51 -25.07 -37.43
N LYS A 283 -24.26 -24.67 -37.68
CA LYS A 283 -23.82 -24.29 -39.00
C LYS A 283 -23.98 -25.43 -40.00
N ARG A 284 -23.53 -26.63 -39.64
CA ARG A 284 -23.45 -27.74 -40.59
C ARG A 284 -24.75 -28.54 -40.60
N HIS A 285 -25.90 -27.84 -40.66
CA HIS A 285 -27.20 -28.48 -40.63
C HIS A 285 -27.88 -28.27 -41.97
N SER A 286 -28.71 -29.26 -42.35
CA SER A 286 -29.39 -29.29 -43.64
C SER A 286 -30.10 -27.96 -43.90
N PHE A 287 -30.62 -27.34 -42.83
CA PHE A 287 -31.36 -26.09 -42.92
C PHE A 287 -30.50 -24.99 -43.52
N PHE A 288 -29.23 -24.93 -43.10
CA PHE A 288 -28.35 -23.83 -43.50
C PHE A 288 -27.47 -24.27 -44.67
N SER A 289 -27.84 -25.38 -45.33
CA SER A 289 -26.95 -26.02 -46.29
C SER A 289 -26.72 -25.16 -47.52
N THR A 290 -27.47 -24.06 -47.66
CA THR A 290 -27.32 -23.13 -48.77
C THR A 290 -26.46 -21.93 -48.36
N ILE A 291 -26.13 -21.81 -47.07
CA ILE A 291 -25.56 -20.59 -46.52
C ILE A 291 -24.04 -20.60 -46.67
N ASP A 292 -23.51 -19.54 -47.28
CA ASP A 292 -22.08 -19.31 -47.39
C ASP A 292 -21.64 -18.43 -46.22
N TRP A 293 -21.09 -19.05 -45.17
CA TRP A 293 -20.90 -18.36 -43.90
C TRP A 293 -19.82 -17.29 -43.99
N ASN A 294 -18.92 -17.40 -44.98
CA ASN A 294 -17.87 -16.42 -45.17
C ASN A 294 -18.42 -15.18 -45.88
N LYS A 295 -19.28 -15.40 -46.88
CA LYS A 295 -19.94 -14.31 -47.60
C LYS A 295 -20.97 -13.65 -46.70
N LEU A 296 -21.65 -14.46 -45.86
CA LEU A 296 -22.64 -13.95 -44.94
C LEU A 296 -21.98 -12.96 -43.98
N TYR A 297 -20.84 -13.37 -43.39
CA TYR A 297 -20.10 -12.54 -42.45
C TYR A 297 -19.75 -11.20 -43.09
N ARG A 298 -19.25 -11.24 -44.33
CA ARG A 298 -18.79 -10.03 -45.00
C ARG A 298 -19.96 -9.31 -45.69
N ARG A 299 -21.20 -9.70 -45.34
CA ARG A 299 -22.39 -8.98 -45.77
C ARG A 299 -22.45 -8.97 -47.29
N GLU A 300 -21.95 -10.06 -47.90
CA GLU A 300 -21.83 -10.16 -49.34
C GLU A 300 -23.05 -10.90 -49.90
N ILE A 301 -23.63 -11.82 -49.10
CA ILE A 301 -24.93 -12.36 -49.42
C ILE A 301 -25.93 -11.21 -49.27
N HIS A 302 -26.87 -11.12 -50.23
CA HIS A 302 -27.85 -10.04 -50.24
C HIS A 302 -28.98 -10.37 -49.27
N PRO A 303 -29.43 -9.39 -48.44
CA PRO A 303 -30.62 -9.57 -47.60
C PRO A 303 -31.90 -9.78 -48.40
N PRO A 304 -32.90 -10.50 -47.84
CA PRO A 304 -34.15 -10.77 -48.55
C PRO A 304 -35.07 -9.55 -48.66
N PHE A 305 -35.03 -8.69 -47.65
CA PHE A 305 -35.95 -7.57 -47.54
C PHE A 305 -35.19 -6.32 -47.14
N LYS A 306 -35.34 -5.26 -47.96
CA LYS A 306 -34.81 -3.94 -47.66
C LYS A 306 -35.89 -3.14 -46.94
N PRO A 307 -35.64 -2.69 -45.68
CA PRO A 307 -36.64 -1.94 -44.91
C PRO A 307 -36.74 -0.45 -45.23
N ALA A 308 -37.74 0.21 -44.64
CA ALA A 308 -38.01 1.63 -44.84
C ALA A 308 -37.29 2.45 -43.77
N THR A 309 -36.99 3.70 -44.11
CA THR A 309 -36.18 4.58 -43.27
C THR A 309 -36.91 5.91 -43.09
N GLY A 310 -36.55 6.63 -42.01
CA GLY A 310 -37.14 7.93 -41.74
C GLY A 310 -36.59 9.03 -42.65
N ARG A 311 -35.44 8.75 -43.28
CA ARG A 311 -34.81 9.69 -44.19
C ARG A 311 -35.78 10.05 -45.30
N PRO A 312 -35.64 11.25 -45.94
CA PRO A 312 -36.61 11.71 -46.93
C PRO A 312 -36.73 10.85 -48.18
N GLU A 313 -35.72 10.00 -48.42
CA GLU A 313 -35.65 9.17 -49.61
C GLU A 313 -36.81 8.18 -49.65
N ASP A 314 -37.15 7.60 -48.50
CA ASP A 314 -38.12 6.52 -48.42
C ASP A 314 -39.51 7.03 -48.06
N THR A 315 -39.63 8.31 -47.65
CA THR A 315 -40.88 8.86 -47.13
C THR A 315 -41.62 9.65 -48.21
N PHE A 316 -40.88 10.39 -49.05
CA PHE A 316 -41.49 11.27 -50.06
C PHE A 316 -42.14 10.46 -51.18
N TYR A 317 -43.16 11.06 -51.80
CA TYR A 317 -43.73 10.59 -53.06
C TYR A 317 -43.11 11.41 -54.18
N PHE A 318 -43.18 10.88 -55.41
CA PHE A 318 -42.44 11.45 -56.53
C PHE A 318 -43.31 11.49 -57.80
N ASP A 319 -43.16 12.59 -58.56
CA ASP A 319 -43.73 12.74 -59.89
C ASP A 319 -45.26 12.61 -59.82
N GLY B 20 5.84 -1.08 -0.26
CA GLY B 20 5.82 0.31 -0.77
C GLY B 20 4.43 0.93 -0.66
N HIS B 21 3.89 1.39 -1.80
CA HIS B 21 2.57 1.99 -1.82
C HIS B 21 1.53 0.89 -1.57
N GLU B 22 1.48 -0.10 -2.46
CA GLU B 22 0.76 -1.35 -2.21
C GLU B 22 1.77 -2.49 -2.13
N LYS B 23 1.31 -3.62 -1.59
CA LYS B 23 2.15 -4.79 -1.39
C LYS B 23 1.83 -5.81 -2.49
N ALA B 24 2.89 -6.45 -3.02
CA ALA B 24 2.77 -7.42 -4.09
C ALA B 24 4.04 -8.26 -4.16
N ASP B 25 4.03 -9.28 -5.04
CA ASP B 25 5.17 -10.18 -5.17
C ASP B 25 5.35 -10.54 -6.64
N PRO B 26 6.51 -11.13 -7.03
CA PRO B 26 6.80 -11.42 -8.44
C PRO B 26 5.76 -12.24 -9.20
N SER B 27 5.14 -13.20 -8.52
CA SER B 27 4.24 -14.13 -9.17
C SER B 27 2.88 -13.48 -9.47
N GLN B 28 2.79 -12.16 -9.29
CA GLN B 28 1.60 -11.40 -9.64
C GLN B 28 1.83 -10.57 -10.90
N PHE B 29 2.94 -10.84 -11.61
CA PHE B 29 3.30 -10.04 -12.78
C PHE B 29 3.84 -10.93 -13.90
N GLU B 30 3.69 -10.45 -15.13
CA GLU B 30 4.04 -11.17 -16.34
C GLU B 30 4.93 -10.27 -17.20
N LEU B 31 6.24 -10.52 -17.16
CA LEU B 31 7.23 -9.72 -17.87
C LEU B 31 7.04 -9.88 -19.37
N LEU B 32 6.98 -8.76 -20.10
CA LEU B 32 6.70 -8.76 -21.53
C LEU B 32 7.94 -8.34 -22.31
N LYS B 33 8.49 -7.16 -21.99
CA LYS B 33 9.66 -6.64 -22.68
C LYS B 33 10.58 -5.96 -21.69
N VAL B 34 11.76 -5.57 -22.17
CA VAL B 34 12.63 -4.65 -21.46
C VAL B 34 12.56 -3.31 -22.19
N LEU B 35 12.00 -2.30 -21.53
CA LEU B 35 11.75 -1.01 -22.15
C LEU B 35 13.07 -0.26 -22.33
N GLY B 36 14.03 -0.54 -21.45
CA GLY B 36 15.34 0.10 -21.49
C GLY B 36 16.18 -0.29 -20.28
N GLN B 37 17.40 0.25 -20.23
CA GLN B 37 18.39 -0.14 -19.23
C GLN B 37 19.34 1.03 -19.01
N GLY B 38 19.73 1.22 -17.74
CA GLY B 38 20.59 2.34 -17.36
C GLY B 38 21.37 2.05 -16.07
N SER B 39 21.99 3.11 -15.54
CA SER B 39 22.79 3.02 -14.33
C SER B 39 21.92 2.67 -13.14
N PHE B 40 20.82 3.43 -12.97
CA PHE B 40 19.84 3.22 -11.92
C PHE B 40 19.50 1.73 -11.79
N GLY B 41 19.19 1.08 -12.92
CA GLY B 41 18.73 -0.30 -12.91
C GLY B 41 18.24 -0.74 -14.29
N LYS B 42 16.99 -1.25 -14.32
CA LYS B 42 16.44 -1.87 -15.51
C LYS B 42 14.93 -1.67 -15.50
N VAL B 43 14.36 -1.42 -16.69
CA VAL B 43 12.94 -1.12 -16.82
C VAL B 43 12.28 -2.19 -17.68
N PHE B 44 11.22 -2.81 -17.13
CA PHE B 44 10.42 -3.78 -17.86
C PHE B 44 9.04 -3.21 -18.13
N LEU B 45 8.41 -3.72 -19.21
CA LEU B 45 6.97 -3.64 -19.41
C LEU B 45 6.34 -4.92 -18.87
N VAL B 46 5.41 -4.78 -17.92
CA VAL B 46 4.85 -5.92 -17.21
C VAL B 46 3.33 -5.88 -17.30
N LYS B 47 2.70 -7.00 -16.93
CA LYS B 47 1.25 -7.15 -16.97
C LYS B 47 0.79 -7.81 -15.67
N LYS B 48 -0.04 -7.10 -14.90
CA LYS B 48 -0.60 -7.61 -13.67
C LYS B 48 -1.51 -8.79 -13.99
N ILE B 49 -1.33 -9.90 -13.26
CA ILE B 49 -2.06 -11.14 -13.52
C ILE B 49 -2.88 -11.52 -12.28
N SER B 50 -3.46 -10.51 -11.61
CA SER B 50 -4.15 -10.72 -10.34
C SER B 50 -4.96 -9.48 -9.99
N GLY B 51 -5.73 -9.58 -8.89
CA GLY B 51 -6.39 -8.43 -8.29
C GLY B 51 -7.51 -7.87 -9.16
N SER B 52 -8.01 -6.69 -8.77
CA SER B 52 -9.06 -5.99 -9.51
C SER B 52 -8.50 -5.37 -10.79
N ASP B 53 -7.18 -5.16 -10.83
CA ASP B 53 -6.54 -4.44 -11.93
C ASP B 53 -5.76 -5.41 -12.81
N ALA B 54 -6.34 -6.60 -13.06
CA ALA B 54 -5.68 -7.61 -13.87
C ALA B 54 -5.67 -7.16 -15.32
N ARG B 55 -4.60 -7.53 -16.05
CA ARG B 55 -4.44 -7.22 -17.46
C ARG B 55 -3.95 -5.77 -17.67
N GLN B 56 -3.72 -5.05 -16.56
CA GLN B 56 -3.28 -3.67 -16.62
C GLN B 56 -1.77 -3.64 -16.82
N LEU B 57 -1.33 -3.10 -17.96
CA LEU B 57 0.09 -2.98 -18.27
C LEU B 57 0.74 -1.98 -17.32
N TYR B 58 1.99 -2.28 -16.93
CA TYR B 58 2.74 -1.46 -16.00
C TYR B 58 4.21 -1.41 -16.41
N ALA B 59 4.93 -0.42 -15.86
CA ALA B 59 6.38 -0.38 -15.94
C ALA B 59 6.96 -0.86 -14.62
N MET B 60 7.85 -1.86 -14.67
CA MET B 60 8.51 -2.38 -13.49
C MET B 60 9.97 -1.93 -13.53
N LYS B 61 10.38 -1.17 -12.52
CA LYS B 61 11.76 -0.71 -12.39
C LYS B 61 12.44 -1.52 -11.28
N VAL B 62 13.44 -2.32 -11.64
CA VAL B 62 14.14 -3.17 -10.70
C VAL B 62 15.52 -2.56 -10.46
N LEU B 63 15.81 -2.21 -9.21
CA LEU B 63 16.97 -1.42 -8.85
C LEU B 63 17.97 -2.28 -8.07
N LYS B 64 19.26 -2.06 -8.32
CA LYS B 64 20.33 -2.86 -7.73
C LYS B 64 20.68 -2.32 -6.34
N LYS B 65 19.79 -2.61 -5.37
CA LYS B 65 19.91 -2.11 -4.01
C LYS B 65 20.38 -0.65 -4.01
N GLU B 79 15.32 6.78 -2.49
CA GLU B 79 14.23 7.65 -2.00
C GLU B 79 12.88 7.15 -2.53
N ARG B 80 12.40 6.06 -1.92
CA ARG B 80 11.12 5.46 -2.29
C ARG B 80 10.02 6.03 -1.39
N ASP B 81 10.43 6.64 -0.27
CA ASP B 81 9.51 7.30 0.63
C ASP B 81 8.91 8.53 -0.04
N ILE B 82 9.69 9.16 -0.93
CA ILE B 82 9.22 10.31 -1.71
C ILE B 82 8.08 9.88 -2.62
N LEU B 83 8.34 8.89 -3.48
CA LEU B 83 7.40 8.51 -4.52
C LEU B 83 6.11 7.93 -3.92
N VAL B 84 6.21 7.38 -2.70
CA VAL B 84 5.05 6.91 -1.96
C VAL B 84 4.11 8.10 -1.69
N GLU B 85 4.70 9.22 -1.24
CA GLU B 85 3.94 10.40 -0.86
C GLU B 85 3.29 11.04 -2.10
N VAL B 86 4.02 11.02 -3.22
CA VAL B 86 3.60 11.71 -4.43
C VAL B 86 2.35 11.05 -4.99
N ASN B 87 1.37 11.88 -5.34
CA ASN B 87 0.12 11.41 -5.92
C ASN B 87 -0.58 12.57 -6.63
N HIS B 88 -0.57 12.54 -7.97
CA HIS B 88 -1.06 13.65 -8.77
C HIS B 88 -1.41 13.13 -10.16
N PRO B 89 -2.33 13.78 -10.91
CA PRO B 89 -2.61 13.39 -12.30
C PRO B 89 -1.46 13.52 -13.29
N PHE B 90 -0.45 14.36 -12.97
CA PHE B 90 0.63 14.65 -13.89
C PHE B 90 1.98 14.24 -13.31
N ILE B 91 1.96 13.22 -12.44
CA ILE B 91 3.18 12.62 -11.93
C ILE B 91 2.96 11.12 -11.81
N VAL B 92 3.98 10.35 -12.21
CA VAL B 92 3.90 8.90 -12.20
C VAL B 92 3.73 8.41 -10.77
N LYS B 93 2.73 7.56 -10.56
CA LYS B 93 2.39 7.03 -9.25
C LYS B 93 2.96 5.61 -9.12
N LEU B 94 3.65 5.35 -8.00
CA LEU B 94 4.06 4.01 -7.64
C LEU B 94 2.82 3.21 -7.25
N HIS B 95 2.54 2.15 -8.02
CA HIS B 95 1.41 1.27 -7.75
C HIS B 95 1.81 0.25 -6.68
N TYR B 96 2.82 -0.57 -7.00
CA TYR B 96 3.28 -1.63 -6.11
C TYR B 96 4.77 -1.46 -5.83
N ALA B 97 5.29 -2.25 -4.88
CA ALA B 97 6.72 -2.35 -4.63
C ALA B 97 7.02 -3.57 -3.77
N PHE B 98 8.20 -4.16 -4.00
CA PHE B 98 8.66 -5.35 -3.30
C PHE B 98 10.17 -5.52 -3.49
N GLN B 99 10.77 -6.42 -2.71
CA GLN B 99 12.19 -6.72 -2.80
C GLN B 99 12.40 -8.22 -3.01
N THR B 100 13.49 -8.58 -3.70
CA THR B 100 13.85 -9.97 -3.91
C THR B 100 15.31 -10.08 -4.35
N GLU B 101 16.13 -10.76 -3.54
CA GLU B 101 17.51 -11.10 -3.86
C GLU B 101 18.34 -9.84 -4.08
N GLY B 102 18.35 -8.96 -3.06
CA GLY B 102 19.18 -7.77 -3.06
C GLY B 102 18.80 -6.78 -4.17
N LYS B 103 17.52 -6.76 -4.55
CA LYS B 103 17.01 -5.91 -5.61
C LYS B 103 15.62 -5.42 -5.22
N LEU B 104 15.34 -4.14 -5.52
CA LEU B 104 14.07 -3.53 -5.20
C LEU B 104 13.26 -3.35 -6.48
N TYR B 105 11.99 -3.77 -6.45
CA TYR B 105 11.12 -3.69 -7.61
C TYR B 105 10.10 -2.58 -7.39
N LEU B 106 10.02 -1.63 -8.32
CA LEU B 106 9.01 -0.59 -8.33
C LEU B 106 8.11 -0.78 -9.55
N ILE B 107 6.81 -1.00 -9.31
CA ILE B 107 5.84 -1.07 -10.40
C ILE B 107 5.20 0.31 -10.54
N LEU B 108 5.36 0.92 -11.72
CA LEU B 108 4.84 2.26 -11.98
C LEU B 108 3.88 2.24 -13.16
N ASP B 109 3.25 3.40 -13.40
CA ASP B 109 2.37 3.61 -14.54
C ASP B 109 3.14 3.30 -15.82
N PHE B 110 2.41 2.78 -16.82
CA PHE B 110 2.95 2.69 -18.17
C PHE B 110 2.39 3.86 -18.97
N LEU B 111 3.27 4.51 -19.75
CA LEU B 111 2.93 5.71 -20.49
C LEU B 111 3.22 5.47 -21.97
N ARG B 112 2.18 5.62 -22.80
CA ARG B 112 2.20 5.09 -24.15
C ARG B 112 2.62 6.18 -25.16
N GLY B 113 2.53 7.45 -24.75
CA GLY B 113 2.77 8.56 -25.66
C GLY B 113 4.25 8.80 -25.94
N GLY B 114 5.11 8.30 -25.05
CA GLY B 114 6.56 8.48 -25.18
C GLY B 114 7.03 9.81 -24.61
N ASP B 115 8.26 10.19 -24.96
CA ASP B 115 8.87 11.43 -24.49
C ASP B 115 8.14 12.63 -25.10
N LEU B 116 8.39 13.80 -24.51
CA LEU B 116 8.10 15.07 -25.14
C LEU B 116 9.31 15.50 -25.96
N PHE B 117 10.48 14.96 -25.62
CA PHE B 117 11.73 15.16 -26.32
C PHE B 117 11.64 14.66 -27.76
N THR B 118 10.96 13.53 -27.97
CA THR B 118 10.87 12.90 -29.26
C THR B 118 10.00 13.73 -30.21
N ARG B 119 9.02 14.44 -29.64
CA ARG B 119 8.09 15.23 -30.45
C ARG B 119 8.74 16.50 -30.96
N LEU B 120 9.49 17.20 -30.10
CA LEU B 120 10.12 18.45 -30.48
C LEU B 120 11.31 18.19 -31.41
N SER B 121 11.84 16.95 -31.36
CA SER B 121 12.91 16.54 -32.25
C SER B 121 12.42 16.48 -33.70
N LYS B 122 11.15 16.06 -33.89
CA LYS B 122 10.59 15.91 -35.22
C LYS B 122 9.90 17.19 -35.67
N GLU B 123 9.48 18.04 -34.72
CA GLU B 123 8.73 19.24 -35.05
C GLU B 123 9.56 20.51 -34.85
N VAL B 124 10.78 20.37 -34.31
CA VAL B 124 11.69 21.49 -34.09
C VAL B 124 11.15 22.37 -32.96
N MET B 125 10.07 23.11 -33.23
CA MET B 125 9.48 24.04 -32.28
C MET B 125 7.97 23.85 -32.20
N PHE B 126 7.39 24.25 -31.07
CA PHE B 126 5.98 24.05 -30.79
C PHE B 126 5.24 25.39 -30.87
N THR B 127 3.91 25.30 -30.88
CA THR B 127 3.02 26.46 -30.87
C THR B 127 2.81 26.92 -29.43
N GLU B 128 2.69 28.24 -29.23
CA GLU B 128 2.52 28.81 -27.90
C GLU B 128 1.37 28.14 -27.17
N GLU B 129 0.28 27.84 -27.91
CA GLU B 129 -0.85 27.14 -27.35
C GLU B 129 -0.40 25.78 -26.84
N ASP B 130 0.37 25.06 -27.67
CA ASP B 130 0.79 23.71 -27.35
C ASP B 130 1.75 23.72 -26.16
N VAL B 131 2.61 24.73 -26.11
CA VAL B 131 3.56 24.88 -25.01
C VAL B 131 2.79 25.26 -23.75
N LYS B 132 1.82 26.17 -23.91
CA LYS B 132 1.02 26.66 -22.79
C LYS B 132 0.45 25.48 -22.02
N PHE B 133 -0.08 24.47 -22.74
CA PHE B 133 -0.71 23.31 -22.15
C PHE B 133 0.27 22.54 -21.28
N TYR B 134 1.43 22.18 -21.86
CA TYR B 134 2.41 21.35 -21.19
C TYR B 134 2.96 22.07 -19.96
N LEU B 135 3.29 23.35 -20.13
CA LEU B 135 3.79 24.16 -19.04
C LEU B 135 2.75 24.22 -17.91
N ALA B 136 1.48 24.40 -18.30
CA ALA B 136 0.40 24.50 -17.33
C ALA B 136 0.35 23.25 -16.45
N GLU B 137 0.31 22.08 -17.10
CA GLU B 137 0.26 20.81 -16.39
C GLU B 137 1.56 20.60 -15.61
N LEU B 138 2.69 21.04 -16.20
CA LEU B 138 3.99 20.90 -15.57
C LEU B 138 4.05 21.77 -14.30
N ALA B 139 3.38 22.92 -14.33
CA ALA B 139 3.35 23.81 -13.19
C ALA B 139 2.68 23.12 -12.00
N LEU B 140 1.46 22.63 -12.21
CA LEU B 140 0.71 21.92 -11.18
C LEU B 140 1.54 20.76 -10.63
N ALA B 141 2.18 20.02 -11.53
CA ALA B 141 3.02 18.90 -11.15
C ALA B 141 4.13 19.39 -10.23
N LEU B 142 4.94 20.33 -10.72
CA LEU B 142 6.04 20.89 -9.95
C LEU B 142 5.54 21.41 -8.60
N ASP B 143 4.38 22.08 -8.63
CA ASP B 143 3.82 22.71 -7.45
C ASP B 143 3.46 21.67 -6.38
N HIS B 144 2.89 20.55 -6.83
CA HIS B 144 2.54 19.45 -5.92
C HIS B 144 3.78 18.97 -5.18
N LEU B 145 4.86 18.73 -5.93
CA LEU B 145 6.11 18.26 -5.36
C LEU B 145 6.65 19.28 -4.36
N HIS B 146 6.51 20.57 -4.69
CA HIS B 146 6.98 21.66 -3.83
C HIS B 146 6.17 21.71 -2.54
N SER B 147 4.88 21.38 -2.62
CA SER B 147 4.01 21.35 -1.45
C SER B 147 4.42 20.21 -0.52
N LEU B 148 5.10 19.20 -1.06
CA LEU B 148 5.62 18.08 -0.28
C LEU B 148 7.07 18.30 0.09
N GLY B 149 7.69 19.37 -0.42
CA GLY B 149 9.09 19.65 -0.18
C GLY B 149 10.01 18.80 -1.05
N ILE B 150 9.50 18.38 -2.21
CA ILE B 150 10.26 17.58 -3.17
C ILE B 150 10.71 18.52 -4.28
N ILE B 151 11.88 18.21 -4.86
CA ILE B 151 12.54 19.12 -5.80
C ILE B 151 13.04 18.31 -6.99
N TYR B 152 12.71 18.74 -8.20
CA TYR B 152 13.08 18.00 -9.40
C TYR B 152 14.49 18.42 -9.80
N ARG B 153 15.45 17.52 -9.55
CA ARG B 153 16.87 17.82 -9.73
C ARG B 153 17.17 18.07 -11.20
N ASP B 154 16.83 17.10 -12.05
CA ASP B 154 17.14 17.18 -13.47
C ASP B 154 15.83 17.28 -14.25
N LEU B 155 15.35 18.52 -14.46
CA LEU B 155 14.16 18.76 -15.24
C LEU B 155 14.55 18.99 -16.70
N LYS B 156 14.51 17.91 -17.48
CA LYS B 156 14.77 17.93 -18.91
C LYS B 156 13.55 17.38 -19.64
N PRO B 157 13.44 17.56 -20.98
CA PRO B 157 12.30 17.04 -21.74
C PRO B 157 12.14 15.51 -21.75
N GLU B 158 13.22 14.79 -21.47
CA GLU B 158 13.20 13.33 -21.49
C GLU B 158 12.56 12.76 -20.23
N ASN B 159 12.27 13.62 -19.24
CA ASN B 159 11.60 13.20 -18.02
C ASN B 159 10.10 13.52 -18.06
N ILE B 160 9.65 14.13 -19.16
CA ILE B 160 8.24 14.47 -19.31
C ILE B 160 7.63 13.54 -20.36
N LEU B 161 7.05 12.43 -19.88
CA LEU B 161 6.44 11.42 -20.71
C LEU B 161 5.00 11.79 -21.02
N LEU B 162 4.53 11.43 -22.22
CA LEU B 162 3.16 11.65 -22.63
C LEU B 162 2.35 10.37 -22.44
N ASP B 163 1.03 10.52 -22.26
CA ASP B 163 0.11 9.40 -22.23
C ASP B 163 -0.70 9.41 -23.52
N GLU B 164 -1.56 8.41 -23.70
CA GLU B 164 -2.22 8.13 -24.96
C GLU B 164 -2.98 9.35 -25.48
N GLU B 165 -3.59 10.10 -24.55
CA GLU B 165 -4.45 11.22 -24.90
C GLU B 165 -3.61 12.43 -25.32
N GLY B 166 -2.43 12.59 -24.70
CA GLY B 166 -1.56 13.71 -24.96
C GLY B 166 -1.23 14.52 -23.72
N HIS B 167 -1.77 14.10 -22.56
CA HIS B 167 -1.43 14.69 -21.27
C HIS B 167 -0.04 14.22 -20.85
N ILE B 168 0.56 14.93 -19.88
CA ILE B 168 1.93 14.66 -19.47
C ILE B 168 1.93 13.82 -18.19
N LYS B 169 3.13 13.30 -17.86
CA LYS B 169 3.43 12.75 -16.56
C LYS B 169 4.94 12.84 -16.32
N LEU B 170 5.34 13.52 -15.25
CA LEU B 170 6.74 13.58 -14.86
C LEU B 170 7.20 12.20 -14.41
N THR B 171 8.46 11.87 -14.70
CA THR B 171 9.09 10.67 -14.17
C THR B 171 9.52 10.94 -12.74
N ASP B 172 9.98 9.89 -12.05
CA ASP B 172 10.38 9.99 -10.66
C ASP B 172 11.90 9.99 -10.54
N PHE B 173 12.60 10.19 -11.67
CA PHE B 173 14.06 10.14 -11.68
C PHE B 173 14.63 11.37 -10.99
N GLY B 174 13.99 12.53 -11.20
CA GLY B 174 14.52 13.81 -10.76
C GLY B 174 14.21 14.12 -9.29
N LEU B 175 13.28 13.38 -8.69
CA LEU B 175 12.78 13.67 -7.35
C LEU B 175 13.94 13.70 -6.35
N SER B 176 13.84 14.60 -5.37
CA SER B 176 14.81 14.73 -4.29
C SER B 176 14.26 15.67 -3.23
N LYS B 177 14.75 15.53 -1.99
CA LYS B 177 14.35 16.42 -0.90
C LYS B 177 15.02 17.77 -1.12
N GLU B 178 14.42 18.82 -0.53
CA GLU B 178 14.99 20.16 -0.55
C GLU B 178 15.71 20.41 0.77
N PHE B 189 26.87 16.02 -7.96
CA PHE B 189 26.77 16.97 -9.11
C PHE B 189 26.53 16.21 -10.41
N CYS B 190 25.25 16.05 -10.77
CA CYS B 190 24.86 15.30 -11.95
C CYS B 190 23.69 16.00 -12.65
N GLY B 191 23.53 15.70 -13.94
CA GLY B 191 22.43 16.22 -14.74
C GLY B 191 22.94 17.04 -15.92
N THR B 192 22.07 17.22 -16.93
CA THR B 192 22.38 18.09 -18.05
C THR B 192 22.50 19.53 -17.55
N VAL B 193 23.58 20.19 -17.99
CA VAL B 193 23.97 21.48 -17.44
C VAL B 193 23.15 22.61 -18.07
N GLU B 194 22.40 22.29 -19.13
CA GLU B 194 21.66 23.31 -19.88
C GLU B 194 20.40 23.71 -19.12
N TYR B 195 19.81 22.76 -18.38
CA TYR B 195 18.60 23.01 -17.61
C TYR B 195 18.94 23.32 -16.16
N MET B 196 20.21 23.65 -15.90
CA MET B 196 20.68 23.90 -14.55
C MET B 196 20.64 25.40 -14.26
N ALA B 197 20.12 25.75 -13.08
CA ALA B 197 19.99 27.13 -12.66
C ALA B 197 21.33 27.65 -12.17
N PRO B 198 21.53 28.99 -12.14
CA PRO B 198 22.81 29.59 -11.69
C PRO B 198 23.32 29.14 -10.33
N GLU B 199 22.40 28.89 -9.38
CA GLU B 199 22.78 28.47 -8.04
C GLU B 199 23.27 27.02 -8.08
N VAL B 200 22.72 26.21 -8.98
CA VAL B 200 23.08 24.80 -9.07
C VAL B 200 24.42 24.66 -9.76
N VAL B 201 24.71 25.59 -10.69
CA VAL B 201 25.99 25.64 -11.38
C VAL B 201 27.09 25.98 -10.38
N ASN B 202 26.85 27.00 -9.55
CA ASN B 202 27.78 27.41 -8.51
C ASN B 202 27.63 26.53 -7.27
N ARG B 203 26.65 25.61 -7.31
CA ARG B 203 26.52 24.56 -6.30
C ARG B 203 26.21 25.20 -4.95
N ARG B 204 25.17 26.03 -4.93
CA ARG B 204 24.80 26.79 -3.74
C ARG B 204 23.46 26.28 -3.23
N GLY B 205 23.20 24.97 -3.44
CA GLY B 205 21.97 24.34 -2.98
C GLY B 205 20.87 24.40 -4.04
N HIS B 206 20.03 23.36 -4.05
CA HIS B 206 18.93 23.26 -5.00
C HIS B 206 17.64 23.63 -4.28
N THR B 207 17.20 24.89 -4.46
CA THR B 207 15.93 25.35 -3.94
C THR B 207 14.84 25.03 -4.97
N GLN B 208 13.58 25.34 -4.63
CA GLN B 208 12.47 25.11 -5.54
C GLN B 208 12.50 26.15 -6.65
N SER B 209 13.16 27.28 -6.39
CA SER B 209 13.35 28.33 -7.37
C SER B 209 14.14 27.79 -8.57
N ALA B 210 15.09 26.88 -8.29
CA ALA B 210 15.88 26.25 -9.34
C ALA B 210 14.96 25.60 -10.37
N ASP B 211 13.93 24.89 -9.90
CA ASP B 211 13.03 24.17 -10.79
C ASP B 211 12.34 25.14 -11.74
N TRP B 212 12.00 26.34 -11.26
CA TRP B 212 11.28 27.32 -12.07
C TRP B 212 12.18 27.92 -13.14
N TRP B 213 13.50 27.93 -12.89
CA TRP B 213 14.46 28.24 -13.94
C TRP B 213 14.34 27.22 -15.06
N SER B 214 14.36 25.93 -14.69
CA SER B 214 14.27 24.83 -15.65
C SER B 214 12.95 24.89 -16.41
N PHE B 215 11.90 25.36 -15.73
CA PHE B 215 10.60 25.59 -16.34
C PHE B 215 10.74 26.63 -17.46
N GLY B 216 11.48 27.70 -17.18
CA GLY B 216 11.76 28.73 -18.16
C GLY B 216 12.63 28.22 -19.31
N VAL B 217 13.51 27.24 -19.02
CA VAL B 217 14.41 26.69 -20.03
C VAL B 217 13.60 25.84 -21.00
N LEU B 218 12.85 24.87 -20.47
CA LEU B 218 11.96 24.03 -21.26
C LEU B 218 11.09 24.89 -22.17
N MET B 219 10.53 25.97 -21.61
CA MET B 219 9.66 26.87 -22.35
C MET B 219 10.41 27.50 -23.52
N PHE B 220 11.60 28.04 -23.23
CA PHE B 220 12.43 28.67 -24.25
C PHE B 220 12.81 27.65 -25.33
N GLU B 221 13.06 26.40 -24.89
CA GLU B 221 13.46 25.33 -25.79
C GLU B 221 12.29 24.93 -26.69
N MET B 222 11.09 24.83 -26.12
CA MET B 222 9.91 24.36 -26.84
C MET B 222 9.47 25.40 -27.87
N LEU B 223 9.81 26.67 -27.65
CA LEU B 223 9.31 27.75 -28.48
C LEU B 223 10.31 28.11 -29.57
N THR B 224 11.60 28.14 -29.23
CA THR B 224 12.64 28.57 -30.15
C THR B 224 13.33 27.37 -30.81
N GLY B 225 13.10 26.17 -30.26
CA GLY B 225 13.73 24.95 -30.75
C GLY B 225 15.21 24.89 -30.39
N THR B 226 15.68 25.87 -29.61
CA THR B 226 17.08 26.03 -29.28
C THR B 226 17.18 26.33 -27.79
N LEU B 227 18.23 25.80 -27.14
CA LEU B 227 18.45 26.02 -25.72
C LEU B 227 19.01 27.42 -25.52
N PRO B 228 18.59 28.13 -24.45
CA PRO B 228 18.98 29.53 -24.24
C PRO B 228 20.48 29.66 -23.94
N PHE B 229 21.02 28.68 -23.22
CA PHE B 229 22.41 28.70 -22.79
C PHE B 229 23.13 27.49 -23.37
N GLN B 230 23.89 27.71 -24.46
CA GLN B 230 24.72 26.68 -25.08
C GLN B 230 26.05 27.28 -25.51
N GLY B 231 27.14 26.56 -25.23
CA GLY B 231 28.48 26.98 -25.60
C GLY B 231 29.25 25.87 -26.32
N LYS B 232 30.57 26.08 -26.46
CA LYS B 232 31.47 25.13 -27.08
C LYS B 232 31.51 23.84 -26.26
N ASP B 233 31.47 23.98 -24.93
CA ASP B 233 31.61 22.86 -24.02
C ASP B 233 30.63 23.04 -22.85
N ARG B 234 30.63 22.06 -21.94
CA ARG B 234 29.83 22.15 -20.72
C ARG B 234 30.32 23.32 -19.88
N LYS B 235 31.63 23.62 -19.99
CA LYS B 235 32.26 24.67 -19.21
C LYS B 235 31.66 26.02 -19.60
N GLU B 236 31.65 26.30 -20.91
CA GLU B 236 31.18 27.58 -21.44
C GLU B 236 29.69 27.73 -21.18
N THR B 237 28.94 26.64 -21.37
CA THR B 237 27.51 26.61 -21.07
C THR B 237 27.27 27.11 -19.64
N MET B 238 28.03 26.54 -18.69
CA MET B 238 27.88 26.86 -17.28
C MET B 238 28.32 28.31 -17.02
N THR B 239 29.34 28.75 -17.75
CA THR B 239 29.80 30.13 -17.70
C THR B 239 28.65 31.07 -18.10
N MET B 240 28.02 30.75 -19.23
CA MET B 240 27.00 31.59 -19.84
C MET B 240 25.80 31.73 -18.89
N ILE B 241 25.48 30.66 -18.15
CA ILE B 241 24.33 30.63 -17.27
C ILE B 241 24.49 31.66 -16.15
N LEU B 242 25.74 32.02 -15.80
CA LEU B 242 25.99 32.97 -14.74
C LEU B 242 26.21 34.38 -15.31
N LYS B 243 27.04 34.50 -16.35
CA LYS B 243 27.51 35.80 -16.80
C LYS B 243 26.74 36.28 -18.02
N ALA B 244 26.54 35.38 -19.00
CA ALA B 244 26.08 35.79 -20.32
C ALA B 244 24.58 36.04 -20.30
N LYS B 245 24.19 37.31 -20.47
CA LYS B 245 22.79 37.66 -20.68
C LYS B 245 22.43 37.33 -22.12
N LEU B 246 21.33 36.57 -22.31
CA LEU B 246 20.89 36.14 -23.62
C LEU B 246 19.62 36.90 -24.01
N GLY B 247 19.51 37.21 -25.31
CA GLY B 247 18.44 38.02 -25.84
C GLY B 247 17.22 37.17 -26.22
N MET B 248 16.03 37.72 -25.93
CA MET B 248 14.78 37.10 -26.30
C MET B 248 14.65 37.17 -27.83
N PRO B 249 14.40 36.04 -28.53
CA PRO B 249 13.96 36.09 -29.92
C PRO B 249 12.63 36.83 -30.03
N GLN B 250 12.48 37.62 -31.10
CA GLN B 250 11.33 38.52 -31.23
C GLN B 250 10.26 37.88 -32.11
N PHE B 251 10.12 36.55 -32.02
CA PHE B 251 8.99 35.85 -32.60
C PHE B 251 8.07 35.33 -31.49
N LEU B 252 8.57 35.36 -30.24
CA LEU B 252 7.76 35.02 -29.07
C LEU B 252 6.77 36.16 -28.81
N SER B 253 5.60 35.81 -28.24
CA SER B 253 4.62 36.80 -27.87
C SER B 253 5.17 37.67 -26.74
N PRO B 254 4.60 38.88 -26.51
CA PRO B 254 4.96 39.69 -25.35
C PRO B 254 4.81 38.95 -24.02
N GLU B 255 3.79 38.10 -23.93
CA GLU B 255 3.53 37.31 -22.72
C GLU B 255 4.66 36.30 -22.52
N ALA B 256 5.01 35.57 -23.60
CA ALA B 256 6.06 34.57 -23.55
C ALA B 256 7.40 35.20 -23.17
N GLN B 257 7.69 36.38 -23.74
CA GLN B 257 8.90 37.11 -23.40
C GLN B 257 8.86 37.54 -21.93
N SER B 258 7.67 38.00 -21.49
CA SER B 258 7.48 38.48 -20.14
C SER B 258 7.81 37.39 -19.13
N LEU B 259 7.27 36.18 -19.35
CA LEU B 259 7.39 35.09 -18.39
C LEU B 259 8.84 34.61 -18.33
N LEU B 260 9.48 34.52 -19.50
CA LEU B 260 10.87 34.05 -19.59
C LEU B 260 11.78 34.95 -18.76
N ARG B 261 11.61 36.27 -18.89
CA ARG B 261 12.47 37.22 -18.20
C ARG B 261 12.35 37.08 -16.68
N MET B 262 11.15 36.73 -16.21
CA MET B 262 10.89 36.63 -14.78
C MET B 262 11.36 35.28 -14.23
N LEU B 263 11.39 34.26 -15.10
CA LEU B 263 11.92 32.96 -14.73
C LEU B 263 13.45 32.97 -14.81
N PHE B 264 14.00 33.75 -15.75
CA PHE B 264 15.44 33.84 -15.94
C PHE B 264 15.99 35.03 -15.17
N LYS B 265 15.90 34.95 -13.84
CA LYS B 265 16.60 35.85 -12.94
C LYS B 265 17.59 35.02 -12.12
N ARG B 266 18.81 35.53 -12.00
CA ARG B 266 19.93 34.74 -11.49
C ARG B 266 19.92 34.75 -9.96
N ASN B 267 19.23 35.73 -9.36
CA ASN B 267 18.92 35.70 -7.94
C ASN B 267 17.63 34.90 -7.76
N PRO B 268 17.67 33.72 -7.09
CA PRO B 268 16.48 32.87 -6.95
C PRO B 268 15.31 33.50 -6.18
N ALA B 269 15.59 34.56 -5.43
CA ALA B 269 14.57 35.25 -4.63
C ALA B 269 13.66 36.07 -5.53
N ASN B 270 14.25 36.73 -6.54
CA ASN B 270 13.52 37.61 -7.45
C ASN B 270 12.86 36.80 -8.56
N ARG B 271 13.10 35.47 -8.56
CA ARG B 271 12.58 34.58 -9.60
C ARG B 271 11.10 34.35 -9.36
N LEU B 272 10.34 34.26 -10.46
CA LEU B 272 8.89 34.06 -10.38
C LEU B 272 8.63 32.67 -9.82
N GLY B 273 7.88 32.62 -8.71
CA GLY B 273 7.58 31.36 -8.04
C GLY B 273 8.10 31.33 -6.61
N ALA B 274 9.15 32.12 -6.34
CA ALA B 274 9.78 32.15 -5.03
C ALA B 274 9.12 33.19 -4.12
N GLY B 275 8.05 33.85 -4.61
CA GLY B 275 7.38 34.90 -3.85
C GLY B 275 6.48 34.33 -2.75
N PRO B 276 5.59 35.15 -2.15
CA PRO B 276 4.69 34.69 -1.09
C PRO B 276 3.69 33.64 -1.58
N ASP B 277 2.88 34.00 -2.58
CA ASP B 277 1.80 33.14 -3.07
C ASP B 277 2.37 32.00 -3.91
N GLY B 278 3.61 32.16 -4.38
CA GLY B 278 4.37 31.08 -4.98
C GLY B 278 3.93 30.80 -6.42
N VAL B 279 3.26 29.66 -6.63
CA VAL B 279 2.92 29.18 -7.95
C VAL B 279 1.80 30.02 -8.56
N GLU B 280 0.99 30.66 -7.70
CA GLU B 280 -0.08 31.53 -8.15
C GLU B 280 0.49 32.68 -8.99
N GLU B 281 1.75 33.07 -8.73
CA GLU B 281 2.42 34.06 -9.54
C GLU B 281 2.46 33.60 -11.00
N ILE B 282 2.86 32.34 -11.19
CA ILE B 282 2.98 31.75 -12.52
C ILE B 282 1.60 31.67 -13.16
N LYS B 283 0.60 31.21 -12.41
CA LYS B 283 -0.73 30.97 -12.96
C LYS B 283 -1.37 32.28 -13.39
N ARG B 284 -1.20 33.34 -12.59
CA ARG B 284 -1.85 34.62 -12.85
C ARG B 284 -1.06 35.46 -13.86
N HIS B 285 0.01 34.87 -14.41
CA HIS B 285 0.76 35.52 -15.47
C HIS B 285 -0.13 35.59 -16.73
N SER B 286 0.20 36.53 -17.62
CA SER B 286 -0.60 36.81 -18.80
C SER B 286 -0.50 35.66 -19.81
N PHE B 287 0.63 34.95 -19.79
CA PHE B 287 0.86 33.83 -20.71
C PHE B 287 -0.18 32.74 -20.51
N PHE B 288 -0.63 32.56 -19.25
CA PHE B 288 -1.59 31.52 -18.91
C PHE B 288 -2.98 32.10 -18.68
N SER B 289 -3.36 33.11 -19.49
CA SER B 289 -4.63 33.78 -19.31
C SER B 289 -5.78 32.88 -19.79
N THR B 290 -5.50 32.04 -20.79
CA THR B 290 -6.53 31.25 -21.44
C THR B 290 -6.77 29.95 -20.70
N ILE B 291 -5.91 29.63 -19.72
CA ILE B 291 -5.93 28.33 -19.06
C ILE B 291 -6.96 28.35 -17.93
N ASP B 292 -8.01 27.53 -18.07
CA ASP B 292 -8.90 27.22 -16.97
C ASP B 292 -8.23 26.13 -16.14
N TRP B 293 -7.63 26.52 -15.01
CA TRP B 293 -6.69 25.68 -14.28
C TRP B 293 -7.38 24.48 -13.61
N ASN B 294 -8.70 24.54 -13.44
CA ASN B 294 -9.44 23.46 -12.79
C ASN B 294 -9.79 22.37 -13.81
N LYS B 295 -10.19 22.78 -15.03
CA LYS B 295 -10.47 21.87 -16.12
C LYS B 295 -9.18 21.19 -16.57
N LEU B 296 -8.07 21.95 -16.56
CA LEU B 296 -6.77 21.39 -16.88
C LEU B 296 -6.44 20.27 -15.90
N TYR B 297 -6.61 20.55 -14.60
CA TYR B 297 -6.31 19.59 -13.54
C TYR B 297 -7.16 18.33 -13.71
N ARG B 298 -8.45 18.50 -13.98
CA ARG B 298 -9.35 17.36 -14.10
C ARG B 298 -9.27 16.76 -15.50
N ARG B 299 -8.25 17.15 -16.28
CA ARG B 299 -7.94 16.54 -17.56
C ARG B 299 -9.11 16.71 -18.52
N GLU B 300 -9.86 17.80 -18.37
CA GLU B 300 -11.02 18.08 -19.21
C GLU B 300 -10.57 18.83 -20.46
N ILE B 301 -9.46 19.56 -20.37
CA ILE B 301 -8.95 20.30 -21.51
C ILE B 301 -8.28 19.29 -22.45
N HIS B 302 -8.67 19.35 -23.72
CA HIS B 302 -8.19 18.44 -24.75
C HIS B 302 -6.74 18.77 -25.09
N PRO B 303 -5.81 17.78 -24.97
CA PRO B 303 -4.41 17.99 -25.38
C PRO B 303 -4.23 18.51 -26.80
N PRO B 304 -3.22 19.36 -27.06
CA PRO B 304 -2.99 19.94 -28.39
C PRO B 304 -2.49 18.95 -29.44
N PHE B 305 -1.88 17.86 -28.98
CA PHE B 305 -1.40 16.82 -29.88
C PHE B 305 -1.64 15.45 -29.25
N LYS B 306 -2.09 14.51 -30.09
CA LYS B 306 -2.35 13.13 -29.69
C LYS B 306 -1.15 12.28 -30.12
N PRO B 307 -0.36 11.70 -29.17
CA PRO B 307 0.84 10.95 -29.52
C PRO B 307 0.56 9.60 -30.19
N ALA B 308 1.49 9.15 -31.03
CA ALA B 308 1.44 7.82 -31.62
C ALA B 308 1.98 6.80 -30.61
N THR B 309 1.16 5.80 -30.30
CA THR B 309 1.47 4.81 -29.28
C THR B 309 1.95 3.53 -29.96
N GLY B 310 2.24 2.50 -29.14
CA GLY B 310 2.73 1.22 -29.64
C GLY B 310 1.61 0.25 -30.04
N ARG B 311 0.37 0.63 -29.73
CA ARG B 311 -0.79 -0.24 -29.97
C ARG B 311 -0.96 -0.46 -31.48
N PRO B 312 -1.62 -1.56 -31.89
CA PRO B 312 -1.83 -1.84 -33.32
C PRO B 312 -2.74 -0.85 -34.04
N GLU B 313 -3.52 -0.09 -33.27
CA GLU B 313 -4.46 0.89 -33.81
C GLU B 313 -3.70 2.07 -34.42
N ASP B 314 -2.48 2.34 -33.93
CA ASP B 314 -1.71 3.50 -34.34
C ASP B 314 -0.55 3.10 -35.25
N THR B 315 -0.38 1.79 -35.51
CA THR B 315 0.76 1.29 -36.24
C THR B 315 0.36 0.76 -37.62
N PHE B 316 -0.71 -0.06 -37.66
CA PHE B 316 -1.20 -0.64 -38.91
C PHE B 316 -1.64 0.46 -39.88
N TYR B 317 -1.41 0.23 -41.18
CA TYR B 317 -2.00 1.02 -42.24
C TYR B 317 -3.37 0.41 -42.57
N PHE B 318 -4.22 1.18 -43.28
CA PHE B 318 -5.62 0.78 -43.46
C PHE B 318 -6.04 0.93 -44.93
N ASP B 319 -7.00 0.09 -45.33
CA ASP B 319 -7.63 0.12 -46.64
C ASP B 319 -6.56 0.23 -47.74
N GLU C 22 13.19 2.30 22.64
CA GLU C 22 12.81 3.37 23.60
C GLU C 22 11.79 2.81 24.59
N LYS C 23 11.85 3.31 25.84
CA LYS C 23 11.03 2.79 26.92
C LYS C 23 9.61 3.33 26.81
N ALA C 24 8.74 2.89 27.73
CA ALA C 24 7.34 3.30 27.77
C ALA C 24 7.15 4.43 28.77
N ASP C 25 6.21 5.34 28.46
CA ASP C 25 5.92 6.48 29.30
C ASP C 25 4.60 7.10 28.84
N PRO C 26 3.64 7.39 29.75
CA PRO C 26 2.34 7.95 29.38
C PRO C 26 2.34 9.06 28.34
N SER C 27 3.37 9.92 28.38
CA SER C 27 3.42 11.13 27.56
C SER C 27 4.11 10.88 26.22
N GLN C 28 4.29 9.61 25.84
CA GLN C 28 4.81 9.27 24.53
C GLN C 28 3.68 8.76 23.64
N PHE C 29 2.45 8.79 24.15
CA PHE C 29 1.30 8.24 23.45
C PHE C 29 0.20 9.30 23.36
N GLU C 30 -0.65 9.17 22.32
CA GLU C 30 -1.79 10.03 22.14
C GLU C 30 -3.06 9.17 22.13
N LEU C 31 -3.93 9.36 23.14
CA LEU C 31 -5.23 8.70 23.19
C LEU C 31 -6.11 9.25 22.08
N LEU C 32 -6.86 8.35 21.41
CA LEU C 32 -7.73 8.74 20.30
C LEU C 32 -9.16 8.32 20.60
N LYS C 33 -9.38 7.02 20.79
CA LYS C 33 -10.70 6.48 21.06
C LYS C 33 -10.62 5.46 22.20
N VAL C 34 -11.79 5.06 22.69
CA VAL C 34 -11.93 3.90 23.54
C VAL C 34 -12.49 2.77 22.67
N LEU C 35 -11.78 1.64 22.63
CA LEU C 35 -12.15 0.53 21.77
C LEU C 35 -13.11 -0.41 22.50
N GLY C 36 -13.00 -0.45 23.83
CA GLY C 36 -13.93 -1.21 24.65
C GLY C 36 -13.62 -1.11 26.13
N GLN C 37 -14.50 -1.70 26.95
CA GLN C 37 -14.36 -1.71 28.40
C GLN C 37 -14.83 -3.06 28.92
N GLY C 38 -14.39 -3.41 30.14
CA GLY C 38 -14.79 -4.66 30.76
C GLY C 38 -14.32 -4.76 32.20
N SER C 39 -14.58 -5.93 32.81
CA SER C 39 -14.13 -6.21 34.16
C SER C 39 -12.60 -6.21 34.22
N PHE C 40 -11.98 -6.72 33.15
CA PHE C 40 -10.53 -6.73 33.02
C PHE C 40 -9.96 -5.32 33.22
N GLY C 41 -10.61 -4.33 32.60
CA GLY C 41 -10.12 -2.96 32.63
C GLY C 41 -10.68 -2.16 31.45
N LYS C 42 -9.81 -1.39 30.79
CA LYS C 42 -10.20 -0.58 29.63
C LYS C 42 -9.17 -0.75 28.53
N VAL C 43 -9.63 -0.65 27.28
CA VAL C 43 -8.76 -0.60 26.12
C VAL C 43 -8.98 0.73 25.42
N PHE C 44 -7.87 1.34 24.98
CA PHE C 44 -7.89 2.57 24.21
C PHE C 44 -7.21 2.34 22.87
N LEU C 45 -7.50 3.23 21.90
CA LEU C 45 -6.69 3.35 20.70
C LEU C 45 -5.70 4.50 20.91
N VAL C 46 -4.41 4.24 20.66
CA VAL C 46 -3.36 5.21 20.95
C VAL C 46 -2.38 5.29 19.77
N LYS C 47 -1.62 6.38 19.73
CA LYS C 47 -0.59 6.61 18.73
C LYS C 47 0.70 7.03 19.42
N LYS C 48 1.82 6.46 18.99
CA LYS C 48 3.15 6.85 19.46
C LYS C 48 3.50 8.19 18.84
N ILE C 49 3.83 9.19 19.68
CA ILE C 49 4.12 10.54 19.23
C ILE C 49 5.65 10.70 19.09
N SER C 50 6.40 10.22 20.08
CA SER C 50 7.83 10.44 20.16
C SER C 50 8.58 9.11 20.14
N GLY C 51 9.01 8.69 18.94
CA GLY C 51 9.77 7.46 18.76
C GLY C 51 10.05 7.18 17.29
N SER C 52 10.83 6.12 17.03
CA SER C 52 11.18 5.72 15.67
C SER C 52 9.99 5.09 14.95
N ASP C 53 9.01 4.61 15.73
CA ASP C 53 7.78 4.05 15.20
C ASP C 53 6.63 5.04 15.32
N ALA C 54 6.95 6.34 15.36
CA ALA C 54 5.94 7.38 15.53
C ALA C 54 4.93 7.29 14.40
N ARG C 55 3.67 7.64 14.72
CA ARG C 55 2.53 7.46 13.82
C ARG C 55 2.25 5.97 13.62
N GLN C 56 2.22 5.23 14.73
CA GLN C 56 1.82 3.83 14.72
C GLN C 56 0.71 3.63 15.75
N LEU C 57 -0.47 3.20 15.28
CA LEU C 57 -1.60 2.97 16.15
C LEU C 57 -1.34 1.71 16.97
N TYR C 58 -1.82 1.72 18.22
CA TYR C 58 -1.64 0.61 19.14
C TYR C 58 -2.88 0.42 20.01
N ALA C 59 -2.93 -0.73 20.70
CA ALA C 59 -3.94 -0.99 21.71
C ALA C 59 -3.29 -0.89 23.08
N MET C 60 -3.78 0.05 23.91
CA MET C 60 -3.35 0.15 25.29
C MET C 60 -4.40 -0.52 26.16
N LYS C 61 -3.98 -1.53 26.92
CA LYS C 61 -4.86 -2.21 27.87
C LYS C 61 -4.47 -1.77 29.28
N VAL C 62 -5.19 -0.77 29.80
CA VAL C 62 -4.99 -0.32 31.16
C VAL C 62 -5.85 -1.19 32.09
N LEU C 63 -5.19 -1.88 33.01
CA LEU C 63 -5.85 -2.79 33.94
C LEU C 63 -5.90 -2.13 35.32
N LYS C 64 -6.70 -2.71 36.23
CA LYS C 64 -6.95 -2.12 37.53
C LYS C 64 -5.64 -2.01 38.33
N ASP C 81 2.07 -13.39 34.93
CA ASP C 81 1.17 -12.77 33.91
C ASP C 81 1.97 -11.77 33.07
N ILE C 82 2.58 -12.28 31.99
CA ILE C 82 3.41 -11.48 31.10
C ILE C 82 3.29 -12.01 29.67
N LEU C 83 3.58 -11.11 28.71
CA LEU C 83 3.66 -11.45 27.30
C LEU C 83 5.07 -11.21 26.77
N VAL C 84 6.04 -11.09 27.70
CA VAL C 84 7.39 -10.68 27.35
C VAL C 84 8.06 -11.78 26.51
N GLU C 85 7.73 -13.04 26.81
CA GLU C 85 8.38 -14.17 26.17
C GLU C 85 7.67 -14.51 24.85
N VAL C 86 6.39 -14.15 24.74
CA VAL C 86 5.57 -14.56 23.61
C VAL C 86 5.95 -13.75 22.37
N ASN C 87 6.27 -14.46 21.28
CA ASN C 87 6.56 -13.82 20.00
C ASN C 87 6.26 -14.82 18.88
N HIS C 88 5.24 -14.49 18.07
CA HIS C 88 4.78 -15.36 17.01
C HIS C 88 3.95 -14.55 16.00
N PRO C 89 4.02 -14.87 14.69
CA PRO C 89 3.21 -14.16 13.68
C PRO C 89 1.72 -14.04 13.95
N PHE C 90 1.11 -15.07 14.56
CA PHE C 90 -0.33 -15.11 14.75
C PHE C 90 -0.70 -14.94 16.22
N ILE C 91 0.17 -14.25 16.97
CA ILE C 91 -0.13 -13.84 18.33
C ILE C 91 0.15 -12.35 18.47
N VAL C 92 -0.65 -11.68 19.29
CA VAL C 92 -0.49 -10.26 19.54
C VAL C 92 0.82 -10.04 20.30
N LYS C 93 1.65 -9.13 19.77
CA LYS C 93 2.91 -8.82 20.41
C LYS C 93 2.74 -7.61 21.33
N LEU C 94 3.45 -7.63 22.46
CA LEU C 94 3.50 -6.51 23.40
C LEU C 94 4.72 -5.66 23.07
N HIS C 95 4.48 -4.37 22.78
CA HIS C 95 5.54 -3.45 22.40
C HIS C 95 6.06 -2.74 23.65
N TYR C 96 5.15 -2.10 24.39
CA TYR C 96 5.50 -1.30 25.55
C TYR C 96 4.71 -1.78 26.76
N ALA C 97 5.17 -1.39 27.96
CA ALA C 97 4.50 -1.73 29.21
C ALA C 97 5.05 -0.85 30.34
N PHE C 98 4.14 -0.38 31.21
CA PHE C 98 4.51 0.51 32.31
C PHE C 98 3.40 0.51 33.35
N GLN C 99 3.64 1.20 34.48
CA GLN C 99 2.69 1.25 35.58
C GLN C 99 2.73 2.64 36.23
N THR C 100 1.56 3.27 36.33
CA THR C 100 1.38 4.51 37.06
C THR C 100 0.02 4.50 37.74
N GLU C 101 -0.06 5.11 38.94
CA GLU C 101 -1.30 5.23 39.70
C GLU C 101 -1.76 3.85 40.20
N GLY C 102 -0.84 2.88 40.28
CA GLY C 102 -1.18 1.52 40.66
C GLY C 102 -2.00 0.79 39.59
N LYS C 103 -1.82 1.19 38.32
CA LYS C 103 -2.48 0.57 37.18
C LYS C 103 -1.42 0.19 36.16
N LEU C 104 -1.38 -1.09 35.78
CA LEU C 104 -0.44 -1.54 34.76
C LEU C 104 -1.00 -1.23 33.38
N TYR C 105 -0.21 -0.52 32.57
CA TYR C 105 -0.56 -0.25 31.18
C TYR C 105 0.21 -1.21 30.28
N LEU C 106 -0.40 -1.57 29.15
CA LEU C 106 0.17 -2.52 28.21
C LEU C 106 -0.20 -2.10 26.78
N ILE C 107 0.82 -1.78 25.97
CA ILE C 107 0.59 -1.31 24.61
C ILE C 107 0.84 -2.48 23.66
N LEU C 108 -0.19 -2.86 22.89
CA LEU C 108 -0.12 -4.02 22.02
C LEU C 108 -0.41 -3.61 20.58
N ASP C 109 -0.32 -4.60 19.68
CA ASP C 109 -0.66 -4.43 18.27
C ASP C 109 -2.08 -3.87 18.15
N PHE C 110 -2.37 -3.27 16.99
CA PHE C 110 -3.72 -2.86 16.66
C PHE C 110 -4.19 -3.69 15.46
N LEU C 111 -5.03 -4.69 15.74
CA LEU C 111 -5.61 -5.54 14.72
C LEU C 111 -6.77 -4.79 14.09
N ARG C 112 -6.69 -4.56 12.78
CA ARG C 112 -7.58 -3.61 12.12
C ARG C 112 -8.75 -4.34 11.46
N GLY C 113 -8.66 -5.66 11.35
CA GLY C 113 -9.63 -6.45 10.60
C GLY C 113 -10.85 -6.86 11.42
N GLY C 114 -10.84 -6.56 12.73
CA GLY C 114 -11.92 -6.93 13.62
C GLY C 114 -11.71 -8.32 14.23
N ASP C 115 -12.78 -9.11 14.32
CA ASP C 115 -12.73 -10.44 14.91
C ASP C 115 -13.43 -11.45 14.00
N LEU C 116 -13.33 -12.73 14.36
CA LEU C 116 -13.85 -13.82 13.57
C LEU C 116 -15.26 -14.18 14.02
N PHE C 117 -15.71 -13.61 15.14
CA PHE C 117 -17.07 -13.78 15.64
C PHE C 117 -18.05 -12.99 14.77
N THR C 118 -17.65 -11.77 14.38
CA THR C 118 -18.45 -10.92 13.50
C THR C 118 -18.60 -11.59 12.13
N ARG C 119 -17.58 -12.36 11.72
CA ARG C 119 -17.59 -13.10 10.48
C ARG C 119 -18.54 -14.28 10.56
N LEU C 120 -18.49 -15.04 11.66
CA LEU C 120 -19.33 -16.21 11.84
C LEU C 120 -20.80 -15.80 11.88
N SER C 121 -21.10 -14.77 12.69
CA SER C 121 -22.46 -14.27 12.85
C SER C 121 -23.03 -13.85 11.49
N LYS C 122 -22.16 -13.41 10.57
CA LYS C 122 -22.57 -12.94 9.26
C LYS C 122 -22.68 -14.11 8.28
N GLU C 123 -21.56 -14.82 8.06
CA GLU C 123 -21.51 -15.87 7.03
C GLU C 123 -22.26 -17.13 7.47
N VAL C 124 -22.48 -17.29 8.78
CA VAL C 124 -23.17 -18.43 9.37
C VAL C 124 -22.25 -19.64 9.31
N MET C 125 -21.98 -20.15 8.09
CA MET C 125 -21.12 -21.30 7.89
C MET C 125 -19.88 -20.89 7.10
N PHE C 126 -18.76 -21.56 7.39
CA PHE C 126 -17.52 -21.36 6.65
C PHE C 126 -17.26 -22.57 5.76
N THR C 127 -16.59 -22.32 4.62
CA THR C 127 -16.10 -23.37 3.75
C THR C 127 -14.94 -24.08 4.44
N GLU C 128 -14.73 -25.36 4.11
CA GLU C 128 -13.67 -26.14 4.74
C GLU C 128 -12.32 -25.46 4.52
N GLU C 129 -12.09 -24.93 3.31
CA GLU C 129 -10.83 -24.29 2.97
C GLU C 129 -10.67 -23.00 3.78
N ASP C 130 -11.79 -22.30 4.03
CA ASP C 130 -11.77 -21.08 4.82
C ASP C 130 -11.46 -21.40 6.27
N VAL C 131 -12.07 -22.47 6.80
CA VAL C 131 -11.83 -22.92 8.16
C VAL C 131 -10.40 -23.45 8.26
N LYS C 132 -10.05 -24.34 7.33
CA LYS C 132 -8.76 -25.01 7.32
C LYS C 132 -7.63 -24.01 7.50
N PHE C 133 -7.74 -22.85 6.83
CA PHE C 133 -6.73 -21.81 6.90
C PHE C 133 -6.60 -21.26 8.32
N TYR C 134 -7.72 -20.80 8.89
CA TYR C 134 -7.74 -20.16 10.19
C TYR C 134 -7.27 -21.13 11.27
N LEU C 135 -7.69 -22.39 11.16
CA LEU C 135 -7.30 -23.43 12.10
C LEU C 135 -5.80 -23.69 12.02
N ALA C 136 -5.26 -23.67 10.80
CA ALA C 136 -3.85 -23.93 10.56
C ALA C 136 -2.98 -22.94 11.34
N GLU C 137 -3.29 -21.64 11.19
CA GLU C 137 -2.53 -20.58 11.83
C GLU C 137 -2.74 -20.61 13.34
N LEU C 138 -3.96 -20.99 13.77
CA LEU C 138 -4.28 -21.10 15.18
C LEU C 138 -3.50 -22.25 15.82
N ALA C 139 -3.36 -23.36 15.07
CA ALA C 139 -2.62 -24.52 15.54
C ALA C 139 -1.16 -24.14 15.83
N LEU C 140 -0.59 -23.28 14.98
CA LEU C 140 0.77 -22.81 15.15
C LEU C 140 0.89 -21.95 16.41
N ALA C 141 -0.09 -21.06 16.61
CA ALA C 141 -0.09 -20.14 17.73
C ALA C 141 -0.16 -20.91 19.06
N LEU C 142 -1.05 -21.90 19.10
CA LEU C 142 -1.26 -22.68 20.32
C LEU C 142 0.01 -23.49 20.65
N ASP C 143 0.75 -23.92 19.63
CA ASP C 143 1.93 -24.73 19.83
C ASP C 143 3.04 -23.90 20.48
N HIS C 144 3.15 -22.63 20.07
CA HIS C 144 4.17 -21.74 20.62
C HIS C 144 3.88 -21.50 22.10
N LEU C 145 2.63 -21.14 22.42
CA LEU C 145 2.20 -20.94 23.80
C LEU C 145 2.59 -22.16 24.62
N HIS C 146 2.34 -23.35 24.08
CA HIS C 146 2.65 -24.61 24.73
C HIS C 146 4.15 -24.79 24.90
N SER C 147 4.92 -24.30 23.91
CA SER C 147 6.38 -24.38 23.95
C SER C 147 6.92 -23.59 25.15
N LEU C 148 6.19 -22.54 25.55
CA LEU C 148 6.58 -21.68 26.66
C LEU C 148 5.84 -22.07 27.93
N GLY C 149 5.09 -23.18 27.90
CA GLY C 149 4.36 -23.68 29.06
C GLY C 149 3.07 -22.89 29.33
N ILE C 150 2.64 -22.08 28.35
CA ILE C 150 1.47 -21.22 28.50
C ILE C 150 0.24 -22.00 28.03
N ILE C 151 -0.92 -21.62 28.58
CA ILE C 151 -2.18 -22.27 28.24
C ILE C 151 -3.23 -21.20 27.98
N TYR C 152 -4.12 -21.46 27.00
CA TYR C 152 -5.20 -20.54 26.68
C TYR C 152 -6.48 -21.03 27.35
N ARG C 153 -7.01 -20.22 28.27
CA ARG C 153 -8.07 -20.68 29.17
C ARG C 153 -9.42 -20.66 28.46
N ASP C 154 -9.83 -19.47 28.00
CA ASP C 154 -11.11 -19.31 27.35
C ASP C 154 -10.86 -19.09 25.86
N LEU C 155 -10.67 -20.18 25.11
CA LEU C 155 -10.48 -20.09 23.67
C LEU C 155 -11.86 -20.02 23.00
N LYS C 156 -12.10 -18.91 22.30
CA LYS C 156 -13.37 -18.65 21.63
C LYS C 156 -13.09 -17.76 20.43
N PRO C 157 -14.05 -17.60 19.48
CA PRO C 157 -13.88 -16.68 18.36
C PRO C 157 -13.73 -15.20 18.71
N GLU C 158 -14.08 -14.81 19.94
CA GLU C 158 -13.99 -13.42 20.38
C GLU C 158 -12.54 -13.06 20.72
N ASN C 159 -11.69 -14.08 20.88
CA ASN C 159 -10.27 -13.87 21.15
C ASN C 159 -9.48 -13.91 19.84
N ILE C 160 -9.95 -14.69 18.86
CA ILE C 160 -9.31 -14.77 17.56
C ILE C 160 -9.74 -13.56 16.74
N LEU C 161 -8.83 -12.58 16.61
CA LEU C 161 -9.08 -11.38 15.81
C LEU C 161 -8.37 -11.50 14.46
N LEU C 162 -8.66 -10.54 13.57
CA LEU C 162 -8.10 -10.52 12.23
C LEU C 162 -7.31 -9.22 12.03
N ASP C 163 -6.21 -9.31 11.30
CA ASP C 163 -5.51 -8.14 10.80
C ASP C 163 -6.07 -7.79 9.43
N GLU C 164 -5.71 -6.62 8.90
CA GLU C 164 -6.28 -6.11 7.66
C GLU C 164 -5.90 -7.00 6.48
N GLU C 165 -4.75 -7.68 6.61
CA GLU C 165 -4.27 -8.60 5.59
C GLU C 165 -5.28 -9.74 5.43
N GLY C 166 -5.75 -10.28 6.55
CA GLY C 166 -6.67 -11.41 6.56
C GLY C 166 -6.16 -12.57 7.43
N HIS C 167 -4.94 -12.45 7.95
CA HIS C 167 -4.37 -13.42 8.86
C HIS C 167 -4.95 -13.20 10.26
N ILE C 168 -4.80 -14.20 11.13
CA ILE C 168 -5.39 -14.14 12.46
C ILE C 168 -4.37 -13.58 13.44
N LYS C 169 -4.88 -13.15 14.60
CA LYS C 169 -4.07 -12.70 15.72
C LYS C 169 -4.81 -13.07 17.00
N LEU C 170 -4.21 -13.98 17.80
CA LEU C 170 -4.82 -14.48 19.01
C LEU C 170 -4.50 -13.54 20.17
N THR C 171 -5.52 -13.16 20.95
CA THR C 171 -5.37 -12.17 22.01
C THR C 171 -4.65 -12.79 23.20
N ASP C 172 -4.51 -12.02 24.29
CA ASP C 172 -3.76 -12.45 25.45
C ASP C 172 -4.68 -12.54 26.67
N PHE C 173 -6.00 -12.57 26.45
CA PHE C 173 -6.96 -12.54 27.55
C PHE C 173 -6.94 -13.89 28.28
N GLY C 174 -6.65 -14.97 27.57
CA GLY C 174 -6.65 -16.31 28.13
C GLY C 174 -5.30 -16.71 28.71
N LEU C 175 -4.21 -16.24 28.08
CA LEU C 175 -2.85 -16.68 28.40
C LEU C 175 -2.68 -16.91 29.90
N SER C 176 -2.22 -18.11 30.25
CA SER C 176 -2.03 -18.51 31.63
C SER C 176 -1.02 -19.65 31.70
N LYS C 177 -0.25 -19.69 32.79
CA LYS C 177 0.77 -20.72 32.98
C LYS C 177 0.10 -21.99 33.50
N GLU C 178 0.64 -23.15 33.11
CA GLU C 178 0.07 -24.43 33.49
C GLU C 178 1.04 -25.13 34.47
N PHE C 189 -12.22 -20.81 37.93
CA PHE C 189 -13.32 -21.20 37.01
C PHE C 189 -14.11 -19.96 36.61
N CYS C 190 -13.74 -19.38 35.46
CA CYS C 190 -14.48 -18.28 34.86
C CYS C 190 -14.21 -18.27 33.36
N GLY C 191 -15.09 -18.96 32.60
CA GLY C 191 -14.92 -19.07 31.17
C GLY C 191 -16.21 -19.53 30.49
N THR C 192 -16.29 -19.26 29.18
CA THR C 192 -17.44 -19.63 28.37
C THR C 192 -17.45 -21.16 28.22
N VAL C 193 -18.50 -21.79 28.77
CA VAL C 193 -18.48 -23.21 29.05
C VAL C 193 -18.50 -24.04 27.77
N GLU C 194 -19.12 -23.51 26.70
CA GLU C 194 -19.34 -24.28 25.49
C GLU C 194 -18.00 -24.67 24.86
N TYR C 195 -16.95 -23.89 25.11
CA TYR C 195 -15.63 -24.17 24.58
C TYR C 195 -14.73 -24.80 25.64
N MET C 196 -15.32 -25.44 26.65
CA MET C 196 -14.56 -26.03 27.74
C MET C 196 -14.48 -27.54 27.55
N ALA C 197 -13.34 -28.12 27.94
CA ALA C 197 -13.09 -29.54 27.87
C ALA C 197 -13.67 -30.22 29.11
N PRO C 198 -13.90 -31.56 29.08
CA PRO C 198 -14.42 -32.28 30.24
C PRO C 198 -13.59 -32.10 31.51
N GLU C 199 -12.26 -32.05 31.34
CA GLU C 199 -11.32 -31.95 32.44
C GLU C 199 -11.45 -30.59 33.14
N VAL C 200 -11.87 -29.57 32.38
CA VAL C 200 -11.96 -28.21 32.89
C VAL C 200 -13.29 -28.01 33.62
N VAL C 201 -14.35 -28.63 33.09
CA VAL C 201 -15.67 -28.59 33.69
C VAL C 201 -15.62 -29.24 35.07
N ASN C 202 -14.90 -30.37 35.18
CA ASN C 202 -14.74 -31.10 36.43
C ASN C 202 -13.68 -30.45 37.31
N ARG C 203 -13.05 -29.37 36.81
CA ARG C 203 -12.02 -28.65 37.56
C ARG C 203 -10.87 -29.58 37.91
N ARG C 204 -10.54 -30.52 37.00
CA ARG C 204 -9.47 -31.47 37.24
C ARG C 204 -8.12 -30.79 37.02
N GLY C 205 -7.95 -30.17 35.84
CA GLY C 205 -6.73 -29.45 35.52
C GLY C 205 -6.68 -29.06 34.05
N HIS C 206 -6.06 -27.91 33.77
CA HIS C 206 -6.02 -27.37 32.42
C HIS C 206 -4.63 -27.64 31.82
N THR C 207 -4.59 -28.56 30.85
CA THR C 207 -3.36 -28.97 30.20
C THR C 207 -3.42 -28.59 28.72
N GLN C 208 -2.36 -28.93 27.98
CA GLN C 208 -2.26 -28.60 26.56
C GLN C 208 -3.41 -29.24 25.81
N SER C 209 -3.84 -30.43 26.27
CA SER C 209 -4.92 -31.18 25.65
C SER C 209 -6.23 -30.41 25.68
N ALA C 210 -6.42 -29.58 26.71
CA ALA C 210 -7.67 -28.86 26.91
C ALA C 210 -7.86 -27.78 25.86
N ASP C 211 -6.76 -27.26 25.31
CA ASP C 211 -6.81 -26.27 24.24
C ASP C 211 -7.22 -26.94 22.94
N TRP C 212 -6.80 -28.20 22.76
CA TRP C 212 -7.08 -28.94 21.53
C TRP C 212 -8.55 -29.35 21.48
N TRP C 213 -9.16 -29.51 22.66
CA TRP C 213 -10.60 -29.68 22.72
C TRP C 213 -11.28 -28.43 22.18
N SER C 214 -10.83 -27.26 22.65
CA SER C 214 -11.34 -25.99 22.20
C SER C 214 -11.09 -25.80 20.71
N PHE C 215 -9.92 -26.26 20.24
CA PHE C 215 -9.58 -26.23 18.82
C PHE C 215 -10.71 -26.84 18.01
N GLY C 216 -11.19 -28.01 18.46
CA GLY C 216 -12.25 -28.74 17.78
C GLY C 216 -13.60 -28.05 17.90
N VAL C 217 -13.83 -27.34 19.00
CA VAL C 217 -15.10 -26.66 19.21
C VAL C 217 -15.23 -25.51 18.21
N LEU C 218 -14.15 -24.74 18.05
CA LEU C 218 -14.08 -23.70 17.03
C LEU C 218 -14.37 -24.31 15.67
N MET C 219 -13.64 -25.38 15.34
CA MET C 219 -13.78 -26.08 14.08
C MET C 219 -15.24 -26.51 13.89
N PHE C 220 -15.83 -27.10 14.93
CA PHE C 220 -17.20 -27.62 14.83
C PHE C 220 -18.17 -26.46 14.67
N GLU C 221 -17.96 -25.37 15.42
CA GLU C 221 -18.80 -24.20 15.35
C GLU C 221 -18.69 -23.58 13.95
N MET C 222 -17.45 -23.46 13.46
CA MET C 222 -17.17 -22.80 12.20
C MET C 222 -17.86 -23.52 11.04
N LEU C 223 -17.83 -24.86 11.06
CA LEU C 223 -18.30 -25.66 9.94
C LEU C 223 -19.82 -25.85 10.00
N THR C 224 -20.37 -26.04 11.20
CA THR C 224 -21.78 -26.37 11.34
C THR C 224 -22.62 -25.12 11.60
N GLY C 225 -21.99 -24.07 12.13
CA GLY C 225 -22.70 -22.88 12.58
C GLY C 225 -23.46 -23.14 13.87
N THR C 226 -23.02 -24.17 14.62
CA THR C 226 -23.65 -24.58 15.86
C THR C 226 -22.58 -25.15 16.78
N LEU C 227 -22.68 -24.83 18.08
CA LEU C 227 -21.71 -25.31 19.07
C LEU C 227 -21.92 -26.80 19.31
N PRO C 228 -20.84 -27.56 19.58
CA PRO C 228 -20.90 -29.02 19.58
C PRO C 228 -21.71 -29.59 20.75
N PHE C 229 -21.49 -29.05 21.96
CA PHE C 229 -22.27 -29.41 23.12
C PHE C 229 -23.00 -28.17 23.63
N GLN C 230 -24.33 -28.24 23.69
CA GLN C 230 -25.14 -27.11 24.14
C GLN C 230 -26.52 -27.60 24.59
N GLY C 231 -27.02 -26.99 25.67
CA GLY C 231 -28.31 -27.36 26.25
C GLY C 231 -29.09 -26.13 26.71
N LYS C 232 -30.15 -26.37 27.49
CA LYS C 232 -31.08 -25.33 27.92
C LYS C 232 -30.37 -24.30 28.79
N ASP C 233 -29.57 -24.79 29.75
CA ASP C 233 -28.84 -23.94 30.67
C ASP C 233 -27.37 -24.37 30.70
N ARG C 234 -26.56 -23.59 31.41
CA ARG C 234 -25.15 -23.89 31.57
C ARG C 234 -24.99 -25.26 32.23
N LYS C 235 -25.88 -25.58 33.18
CA LYS C 235 -25.86 -26.86 33.88
C LYS C 235 -25.90 -28.01 32.87
N GLU C 236 -26.91 -27.98 31.99
CA GLU C 236 -27.16 -29.09 31.07
C GLU C 236 -26.01 -29.23 30.08
N THR C 237 -25.45 -28.09 29.64
CA THR C 237 -24.34 -28.08 28.70
C THR C 237 -23.13 -28.78 29.29
N MET C 238 -22.73 -28.35 30.50
CA MET C 238 -21.54 -28.84 31.17
C MET C 238 -21.67 -30.33 31.45
N THR C 239 -22.91 -30.80 31.64
CA THR C 239 -23.21 -32.21 31.80
C THR C 239 -22.97 -32.94 30.48
N MET C 240 -23.43 -32.34 29.38
CA MET C 240 -23.33 -32.93 28.05
C MET C 240 -21.87 -33.07 27.65
N ILE C 241 -21.06 -32.06 27.97
CA ILE C 241 -19.64 -32.08 27.65
C ILE C 241 -18.97 -33.27 28.34
N LEU C 242 -19.49 -33.67 29.50
CA LEU C 242 -18.87 -34.69 30.32
C LEU C 242 -19.24 -36.10 29.85
N LYS C 243 -20.50 -36.31 29.45
CA LYS C 243 -20.98 -37.67 29.23
C LYS C 243 -21.61 -37.83 27.85
N ALA C 244 -22.46 -36.87 27.45
CA ALA C 244 -23.26 -37.02 26.24
C ALA C 244 -22.38 -36.92 24.99
N LYS C 245 -21.99 -38.08 24.44
CA LYS C 245 -21.32 -38.13 23.15
C LYS C 245 -22.30 -37.65 22.08
N LEU C 246 -21.76 -36.96 21.07
CA LEU C 246 -22.60 -36.37 20.03
C LEU C 246 -22.02 -36.66 18.66
N GLY C 247 -22.90 -37.09 17.75
CA GLY C 247 -22.51 -37.61 16.45
C GLY C 247 -22.21 -36.49 15.45
N MET C 248 -21.41 -36.84 14.43
CA MET C 248 -20.96 -35.89 13.42
C MET C 248 -22.14 -35.51 12.52
N PRO C 249 -22.36 -34.20 12.27
CA PRO C 249 -23.17 -33.78 11.12
C PRO C 249 -22.52 -34.24 9.82
N GLN C 250 -23.35 -34.80 8.92
CA GLN C 250 -22.85 -35.57 7.80
C GLN C 250 -22.57 -34.69 6.57
N PHE C 251 -22.75 -33.37 6.72
CA PHE C 251 -22.41 -32.44 5.65
C PHE C 251 -20.94 -32.06 5.73
N LEU C 252 -20.26 -32.51 6.80
CA LEU C 252 -18.82 -32.40 6.90
C LEU C 252 -18.17 -33.39 5.93
N SER C 253 -16.88 -33.20 5.65
CA SER C 253 -16.12 -34.16 4.88
C SER C 253 -15.71 -35.32 5.80
N PRO C 254 -15.20 -36.44 5.25
CA PRO C 254 -14.61 -37.50 6.08
C PRO C 254 -13.38 -37.06 6.87
N GLU C 255 -12.58 -36.15 6.29
CA GLU C 255 -11.35 -35.67 6.91
C GLU C 255 -11.69 -34.80 8.11
N ALA C 256 -12.61 -33.84 7.89
CA ALA C 256 -13.03 -32.92 8.92
C ALA C 256 -13.67 -33.68 10.10
N GLN C 257 -14.45 -34.72 9.77
CA GLN C 257 -15.08 -35.55 10.79
C GLN C 257 -14.01 -36.31 11.58
N SER C 258 -12.99 -36.82 10.87
CA SER C 258 -11.94 -37.62 11.47
C SER C 258 -11.19 -36.81 12.53
N LEU C 259 -10.96 -35.52 12.24
CA LEU C 259 -10.19 -34.67 13.13
C LEU C 259 -10.98 -34.35 14.39
N LEU C 260 -12.31 -34.24 14.24
CA LEU C 260 -13.19 -33.91 15.36
C LEU C 260 -13.34 -35.10 16.30
N ARG C 261 -13.53 -36.30 15.73
CA ARG C 261 -13.69 -37.51 16.53
C ARG C 261 -12.37 -37.85 17.23
N MET C 262 -11.28 -37.21 16.81
CA MET C 262 -9.97 -37.38 17.44
C MET C 262 -9.73 -36.28 18.47
N LEU C 263 -10.21 -35.06 18.20
CA LEU C 263 -10.06 -33.94 19.12
C LEU C 263 -11.08 -34.02 20.25
N PHE C 264 -12.19 -34.74 20.04
CA PHE C 264 -13.27 -34.82 21.02
C PHE C 264 -13.25 -36.17 21.74
N LYS C 265 -12.06 -36.65 22.11
CA LYS C 265 -11.95 -37.76 23.04
C LYS C 265 -11.84 -37.18 24.45
N ARG C 266 -12.49 -37.84 25.42
CA ARG C 266 -12.73 -37.24 26.73
C ARG C 266 -11.50 -37.41 27.62
N ASN C 267 -10.73 -38.47 27.41
CA ASN C 267 -9.48 -38.67 28.15
C ASN C 267 -8.41 -37.78 27.52
N PRO C 268 -7.85 -36.80 28.27
CA PRO C 268 -6.89 -35.85 27.70
C PRO C 268 -5.65 -36.48 27.05
N ALA C 269 -5.27 -37.67 27.54
CA ALA C 269 -4.05 -38.32 27.10
C ALA C 269 -4.23 -38.97 25.72
N ASN C 270 -5.48 -39.37 25.40
CA ASN C 270 -5.80 -39.99 24.12
C ASN C 270 -6.10 -38.93 23.07
N ARG C 271 -6.34 -37.68 23.51
CA ARG C 271 -6.74 -36.61 22.61
C ARG C 271 -5.59 -36.25 21.68
N LEU C 272 -5.92 -35.91 20.43
CA LEU C 272 -4.93 -35.57 19.44
C LEU C 272 -4.23 -34.29 19.86
N GLY C 273 -2.90 -34.34 20.02
CA GLY C 273 -2.13 -33.19 20.45
C GLY C 273 -1.33 -33.46 21.72
N ALA C 274 -1.70 -34.53 22.45
CA ALA C 274 -1.05 -34.89 23.70
C ALA C 274 -0.01 -35.99 23.47
N GLY C 275 0.19 -36.40 22.20
CA GLY C 275 0.99 -37.56 21.88
C GLY C 275 2.49 -37.28 21.85
N PRO C 276 3.30 -38.18 21.23
CA PRO C 276 4.76 -38.02 21.18
C PRO C 276 5.21 -36.74 20.50
N ASP C 277 4.71 -36.50 19.28
CA ASP C 277 5.16 -35.38 18.46
C ASP C 277 4.25 -34.18 18.62
N GLY C 278 3.17 -34.33 19.40
CA GLY C 278 2.35 -33.20 19.82
C GLY C 278 1.51 -32.62 18.69
N VAL C 279 1.87 -31.40 18.25
CA VAL C 279 1.10 -30.65 17.28
C VAL C 279 1.23 -31.30 15.89
N GLU C 280 2.27 -32.11 15.71
CA GLU C 280 2.52 -32.76 14.43
C GLU C 280 1.37 -33.69 14.06
N GLU C 281 0.70 -34.25 15.07
CA GLU C 281 -0.47 -35.09 14.84
C GLU C 281 -1.54 -34.31 14.08
N ILE C 282 -1.82 -33.07 14.55
CA ILE C 282 -2.79 -32.19 13.92
C ILE C 282 -2.33 -31.88 12.51
N LYS C 283 -1.05 -31.50 12.35
CA LYS C 283 -0.50 -31.07 11.08
C LYS C 283 -0.61 -32.17 10.03
N ARG C 284 -0.19 -33.39 10.39
CA ARG C 284 -0.14 -34.49 9.46
C ARG C 284 -1.48 -35.23 9.41
N HIS C 285 -2.57 -34.46 9.32
CA HIS C 285 -3.90 -35.04 9.28
C HIS C 285 -4.54 -34.77 7.92
N SER C 286 -5.44 -35.68 7.52
CA SER C 286 -6.13 -35.64 6.24
C SER C 286 -6.73 -34.26 5.98
N PHE C 287 -7.26 -33.63 7.04
CA PHE C 287 -7.86 -32.31 6.94
C PHE C 287 -6.84 -31.32 6.40
N PHE C 288 -5.63 -31.33 6.96
CA PHE C 288 -4.63 -30.31 6.69
C PHE C 288 -3.61 -30.77 5.64
N SER C 289 -4.05 -31.60 4.68
CA SER C 289 -3.14 -32.15 3.68
C SER C 289 -2.76 -31.10 2.65
N THR C 290 -3.61 -30.08 2.47
CA THR C 290 -3.43 -29.06 1.46
C THR C 290 -2.51 -27.94 1.97
N ILE C 291 -2.37 -27.84 3.29
CA ILE C 291 -1.68 -26.71 3.92
C ILE C 291 -0.17 -26.91 3.82
N ASP C 292 0.52 -25.82 3.46
CA ASP C 292 1.99 -25.76 3.47
C ASP C 292 2.42 -24.96 4.69
N TRP C 293 2.87 -25.67 5.74
CA TRP C 293 3.02 -25.09 7.06
C TRP C 293 4.21 -24.14 7.14
N ASN C 294 5.00 -24.04 6.06
CA ASN C 294 6.12 -23.10 6.01
C ASN C 294 5.67 -21.80 5.34
N LYS C 295 4.94 -21.91 4.23
CA LYS C 295 4.39 -20.75 3.54
C LYS C 295 3.34 -20.07 4.41
N LEU C 296 2.68 -20.85 5.27
CA LEU C 296 1.65 -20.33 6.16
C LEU C 296 2.29 -19.41 7.19
N TYR C 297 3.37 -19.89 7.84
CA TYR C 297 4.07 -19.14 8.88
C TYR C 297 4.62 -17.85 8.30
N ARG C 298 5.17 -17.91 7.08
CA ARG C 298 5.76 -16.77 6.42
C ARG C 298 4.68 -15.92 5.73
N ARG C 299 3.41 -16.27 5.94
CA ARG C 299 2.27 -15.45 5.56
C ARG C 299 2.21 -15.30 4.04
N GLU C 300 2.76 -16.29 3.33
CA GLU C 300 2.84 -16.25 1.88
C GLU C 300 1.52 -16.77 1.30
N ILE C 301 0.90 -17.72 2.01
CA ILE C 301 -0.44 -18.18 1.68
C ILE C 301 -1.41 -17.03 1.93
N HIS C 302 -2.08 -16.58 0.86
CA HIS C 302 -3.04 -15.49 0.95
C HIS C 302 -4.28 -15.96 1.70
N PRO C 303 -4.79 -15.17 2.69
CA PRO C 303 -6.03 -15.51 3.38
C PRO C 303 -7.25 -15.62 2.45
N PRO C 304 -8.26 -16.45 2.80
CA PRO C 304 -9.45 -16.61 1.96
C PRO C 304 -10.44 -15.45 2.03
N PHE C 305 -10.29 -14.59 3.06
CA PHE C 305 -11.14 -13.42 3.22
C PHE C 305 -10.29 -12.26 3.75
N LYS C 306 -10.38 -11.11 3.07
CA LYS C 306 -9.77 -9.88 3.52
C LYS C 306 -10.84 -9.06 4.26
N PRO C 307 -10.64 -8.77 5.57
CA PRO C 307 -11.68 -8.11 6.37
C PRO C 307 -11.77 -6.60 6.15
N ALA C 308 -12.99 -6.06 6.30
CA ALA C 308 -13.23 -4.64 6.14
C ALA C 308 -12.61 -3.89 7.32
N THR C 309 -11.47 -3.23 7.06
CA THR C 309 -10.85 -2.35 8.05
C THR C 309 -11.60 -1.02 8.07
N GLY C 310 -11.50 -0.30 9.20
CA GLY C 310 -12.24 0.93 9.41
C GLY C 310 -11.43 2.17 9.03
N ARG C 311 -10.93 2.17 7.78
CA ARG C 311 -10.13 3.27 7.24
C ARG C 311 -10.79 3.78 5.96
N PRO C 312 -10.57 5.06 5.57
CA PRO C 312 -11.41 5.72 4.57
C PRO C 312 -11.60 4.93 3.27
N GLU C 313 -10.50 4.34 2.78
CA GLU C 313 -10.47 3.60 1.51
C GLU C 313 -11.53 2.51 1.47
N ASP C 314 -11.77 1.85 2.62
CA ASP C 314 -12.74 0.77 2.70
C ASP C 314 -14.14 1.32 2.99
N THR C 315 -14.22 2.31 3.89
CA THR C 315 -15.48 2.77 4.46
C THR C 315 -16.26 3.64 3.47
N PHE C 316 -15.56 4.33 2.55
CA PHE C 316 -16.20 5.21 1.59
C PHE C 316 -16.92 4.41 0.50
N TYR C 317 -17.85 5.09 -0.19
CA TYR C 317 -18.43 4.62 -1.44
C TYR C 317 -17.81 5.43 -2.58
N PHE C 318 -17.88 4.90 -3.81
CA PHE C 318 -17.17 5.47 -4.94
C PHE C 318 -18.04 5.49 -6.19
N ASP C 319 -17.77 6.45 -7.09
CA ASP C 319 -18.44 6.60 -8.38
C ASP C 319 -19.96 6.62 -8.19
N ALA D 24 26.75 -9.68 42.75
CA ALA D 24 27.39 -9.75 41.42
C ALA D 24 28.90 -9.93 41.57
N ASP D 25 29.41 -11.07 41.09
CA ASP D 25 30.80 -11.45 41.26
C ASP D 25 31.47 -11.45 39.88
N PRO D 26 32.81 -11.70 39.80
CA PRO D 26 33.53 -11.67 38.52
C PRO D 26 32.92 -12.50 37.38
N SER D 27 32.22 -13.58 37.73
CA SER D 27 31.72 -14.53 36.75
C SER D 27 30.28 -14.23 36.35
N GLN D 28 29.76 -13.04 36.70
CA GLN D 28 28.44 -12.61 36.26
C GLN D 28 28.54 -11.66 35.07
N PHE D 29 29.62 -11.80 34.28
CA PHE D 29 29.87 -10.89 33.17
C PHE D 29 30.49 -11.63 31.99
N GLU D 30 30.20 -11.12 30.79
CA GLU D 30 30.55 -11.76 29.54
C GLU D 30 31.49 -10.84 28.77
N LEU D 31 32.79 -11.15 28.80
CA LEU D 31 33.80 -10.34 28.13
C LEU D 31 33.63 -10.44 26.62
N LEU D 32 33.19 -9.34 25.98
CA LEU D 32 32.97 -9.31 24.55
C LEU D 32 34.27 -8.97 23.82
N LYS D 33 34.85 -7.81 24.17
CA LYS D 33 36.05 -7.30 23.50
C LYS D 33 36.90 -6.52 24.50
N VAL D 34 38.10 -6.13 24.07
CA VAL D 34 38.95 -5.21 24.81
C VAL D 34 38.90 -3.86 24.10
N LEU D 35 38.58 -2.79 24.85
CA LEU D 35 38.39 -1.47 24.28
C LEU D 35 39.70 -0.69 24.26
N GLY D 36 40.54 -0.89 25.28
CA GLY D 36 41.85 -0.25 25.31
C GLY D 36 42.69 -0.72 26.50
N GLN D 37 43.91 -0.20 26.59
CA GLN D 37 44.86 -0.60 27.61
C GLN D 37 45.85 0.55 27.86
N GLY D 38 46.31 0.65 29.11
CA GLY D 38 47.31 1.63 29.51
C GLY D 38 48.07 1.17 30.74
N SER D 39 48.68 2.12 31.45
CA SER D 39 49.50 1.81 32.62
C SER D 39 48.61 1.46 33.82
N PHE D 40 47.47 2.15 33.93
CA PHE D 40 46.48 1.94 34.98
C PHE D 40 46.10 0.46 35.11
N GLY D 41 45.86 -0.19 33.97
CA GLY D 41 45.31 -1.54 33.95
C GLY D 41 44.76 -1.89 32.56
N LYS D 42 43.51 -2.37 32.50
CA LYS D 42 42.92 -2.80 31.24
C LYS D 42 41.41 -2.55 31.28
N VAL D 43 40.86 -2.22 30.10
CA VAL D 43 39.45 -1.86 29.96
C VAL D 43 38.79 -2.85 29.00
N PHE D 44 37.72 -3.51 29.47
CA PHE D 44 36.94 -4.42 28.64
C PHE D 44 35.51 -3.92 28.50
N LEU D 45 34.92 -4.19 27.34
CA LEU D 45 33.47 -4.19 27.17
C LEU D 45 32.94 -5.49 27.79
N VAL D 46 31.87 -5.39 28.59
CA VAL D 46 31.28 -6.56 29.22
C VAL D 46 29.75 -6.46 29.12
N LYS D 47 29.08 -7.61 29.29
CA LYS D 47 27.64 -7.70 29.24
C LYS D 47 27.17 -8.56 30.41
N LYS D 48 26.32 -7.98 31.28
CA LYS D 48 25.78 -8.69 32.42
C LYS D 48 25.00 -9.91 31.93
N ILE D 49 25.13 -11.02 32.65
CA ILE D 49 24.48 -12.27 32.29
C ILE D 49 23.25 -12.49 33.19
N SER D 50 23.45 -12.41 34.51
CA SER D 50 22.42 -12.79 35.47
C SER D 50 22.07 -11.62 36.37
N GLY D 51 20.88 -11.04 36.14
CA GLY D 51 20.39 -9.92 36.94
C GLY D 51 19.19 -9.25 36.29
N SER D 52 18.64 -8.24 36.99
CA SER D 52 17.55 -7.42 36.47
C SER D 52 18.05 -6.51 35.35
N ASP D 53 19.38 -6.31 35.30
CA ASP D 53 20.04 -5.60 34.22
C ASP D 53 20.85 -6.58 33.38
N ALA D 54 20.27 -7.76 33.10
CA ALA D 54 20.92 -8.75 32.26
C ALA D 54 20.83 -8.32 30.80
N ARG D 55 21.91 -8.55 30.06
CA ARG D 55 22.03 -8.20 28.63
C ARG D 55 22.37 -6.71 28.47
N GLN D 56 22.66 -6.03 29.59
CA GLN D 56 23.06 -4.63 29.57
C GLN D 56 24.58 -4.57 29.46
N LEU D 57 25.08 -3.73 28.54
CA LEU D 57 26.50 -3.64 28.26
C LEU D 57 27.13 -2.66 29.25
N TYR D 58 28.37 -2.96 29.68
CA TYR D 58 29.12 -2.11 30.59
C TYR D 58 30.58 -2.04 30.16
N ALA D 59 31.32 -1.10 30.76
CA ALA D 59 32.77 -1.04 30.65
C ALA D 59 33.37 -1.55 31.96
N MET D 60 34.38 -2.41 31.85
CA MET D 60 34.97 -3.05 33.01
C MET D 60 36.47 -2.75 33.05
N LYS D 61 36.92 -2.12 34.15
CA LYS D 61 38.30 -1.70 34.28
C LYS D 61 38.99 -2.52 35.37
N VAL D 62 39.83 -3.48 34.93
CA VAL D 62 40.57 -4.35 35.83
C VAL D 62 41.84 -3.63 36.28
N LEU D 63 41.69 -2.78 37.29
CA LEU D 63 42.83 -2.04 37.84
C LEU D 63 43.66 -2.99 38.69
N LYS D 64 44.98 -2.94 38.53
CA LYS D 64 45.87 -3.79 39.31
C LYS D 64 45.94 -3.28 40.75
N ASP D 81 34.12 4.68 48.48
CA ASP D 81 34.12 6.17 48.58
C ASP D 81 34.45 6.77 47.21
N ILE D 82 35.56 6.34 46.61
CA ILE D 82 35.97 6.79 45.28
C ILE D 82 34.90 6.40 44.27
N LEU D 83 34.43 7.39 43.49
CA LEU D 83 33.46 7.20 42.41
C LEU D 83 32.06 6.95 42.96
N VAL D 84 31.95 6.62 44.26
CA VAL D 84 30.67 6.23 44.84
C VAL D 84 29.79 7.47 44.96
N GLU D 85 30.38 8.56 45.47
CA GLU D 85 29.66 9.80 45.70
C GLU D 85 29.32 10.49 44.39
N VAL D 86 30.02 10.12 43.30
CA VAL D 86 29.95 10.86 42.05
C VAL D 86 28.72 10.43 41.27
N ASN D 87 27.54 10.88 41.72
CA ASN D 87 26.29 10.63 41.04
C ASN D 87 25.88 11.90 40.28
N HIS D 88 25.99 11.86 38.95
CA HIS D 88 25.60 13.00 38.14
C HIS D 88 25.37 12.56 36.70
N PRO D 89 24.34 13.12 36.01
CA PRO D 89 24.09 12.80 34.61
C PRO D 89 25.25 12.97 33.62
N PHE D 90 26.27 13.73 34.01
CA PHE D 90 27.38 14.04 33.11
C PHE D 90 28.69 13.54 33.71
N ILE D 91 28.60 12.49 34.55
CA ILE D 91 29.77 11.77 35.04
C ILE D 91 29.45 10.28 35.08
N VAL D 92 30.43 9.46 34.69
CA VAL D 92 30.27 8.01 34.74
C VAL D 92 30.00 7.60 36.18
N LYS D 93 29.19 6.54 36.32
CA LYS D 93 28.83 6.02 37.64
C LYS D 93 29.36 4.60 37.77
N LEU D 94 29.70 4.22 39.01
CA LEU D 94 30.23 2.91 39.32
C LEU D 94 29.07 1.99 39.71
N HIS D 95 28.70 1.10 38.78
CA HIS D 95 27.60 0.17 38.98
C HIS D 95 28.02 -0.96 39.93
N TYR D 96 29.24 -1.47 39.76
CA TYR D 96 29.75 -2.58 40.55
C TYR D 96 31.24 -2.40 40.82
N ALA D 97 31.72 -3.04 41.90
CA ALA D 97 33.14 -3.06 42.23
C ALA D 97 33.42 -4.26 43.13
N PHE D 98 34.50 -4.98 42.81
CA PHE D 98 34.89 -6.18 43.55
C PHE D 98 36.37 -6.46 43.33
N GLN D 99 37.13 -6.62 44.42
CA GLN D 99 38.55 -6.91 44.35
C GLN D 99 38.74 -8.42 44.21
N THR D 100 39.76 -8.81 43.43
CA THR D 100 40.05 -10.21 43.16
C THR D 100 41.52 -10.38 42.82
N GLU D 101 42.25 -11.15 43.65
CA GLU D 101 43.61 -11.56 43.38
C GLU D 101 44.56 -10.37 43.36
N GLY D 102 44.29 -9.38 44.22
CA GLY D 102 45.12 -8.18 44.30
C GLY D 102 44.91 -7.24 43.12
N LYS D 103 43.71 -7.29 42.53
CA LYS D 103 43.36 -6.51 41.34
C LYS D 103 41.91 -6.03 41.50
N LEU D 104 41.71 -4.72 41.55
CA LEU D 104 40.39 -4.15 41.75
C LEU D 104 39.66 -4.05 40.41
N TYR D 105 38.48 -4.69 40.34
CA TYR D 105 37.63 -4.62 39.17
C TYR D 105 36.61 -3.49 39.37
N LEU D 106 36.28 -2.79 38.28
CA LEU D 106 35.35 -1.67 38.33
C LEU D 106 34.47 -1.72 37.07
N ILE D 107 33.16 -1.85 37.27
CA ILE D 107 32.19 -1.84 36.18
C ILE D 107 31.59 -0.44 36.09
N LEU D 108 31.55 0.12 34.87
CA LEU D 108 31.09 1.48 34.65
C LEU D 108 30.18 1.53 33.43
N ASP D 109 29.63 2.72 33.16
CA ASP D 109 28.73 2.94 32.04
C ASP D 109 29.51 2.78 30.74
N PHE D 110 29.00 1.95 29.84
CA PHE D 110 29.52 1.89 28.48
C PHE D 110 28.93 3.04 27.68
N LEU D 111 29.81 3.89 27.15
CA LEU D 111 29.41 5.09 26.41
C LEU D 111 29.66 4.85 24.94
N ARG D 112 28.57 4.68 24.17
CA ARG D 112 28.64 4.11 22.84
C ARG D 112 28.80 5.21 21.80
N GLY D 113 28.88 6.48 22.24
CA GLY D 113 28.94 7.62 21.33
C GLY D 113 30.36 7.98 20.92
N GLY D 114 31.36 7.37 21.57
CA GLY D 114 32.76 7.67 21.29
C GLY D 114 33.32 8.67 22.31
N ASP D 115 34.10 9.64 21.81
CA ASP D 115 34.71 10.65 22.66
C ASP D 115 34.78 11.98 21.92
N LEU D 116 35.02 13.06 22.67
CA LEU D 116 34.92 14.41 22.17
C LEU D 116 36.19 14.77 21.39
N PHE D 117 37.31 14.15 21.74
CA PHE D 117 38.57 14.33 21.02
C PHE D 117 38.43 13.88 19.57
N THR D 118 37.78 12.73 19.36
CA THR D 118 37.58 12.17 18.03
C THR D 118 36.73 13.14 17.21
N ARG D 119 35.58 13.55 17.75
CA ARG D 119 34.69 14.49 17.09
C ARG D 119 35.48 15.67 16.55
N LEU D 120 36.40 16.21 17.37
CA LEU D 120 37.24 17.33 16.98
C LEU D 120 38.07 16.98 15.75
N SER D 121 38.75 15.82 15.79
CA SER D 121 39.68 15.43 14.75
C SER D 121 39.04 15.54 13.37
N LYS D 122 37.77 15.13 13.26
CA LYS D 122 37.03 15.27 12.01
C LYS D 122 36.63 16.73 11.81
N GLU D 123 35.83 17.26 12.75
CA GLU D 123 35.14 18.54 12.56
C GLU D 123 36.11 19.71 12.61
N VAL D 124 37.32 19.48 13.11
CA VAL D 124 38.37 20.50 13.21
C VAL D 124 38.03 21.42 14.38
N MET D 125 36.88 22.11 14.28
CA MET D 125 36.42 23.01 15.34
C MET D 125 34.89 22.99 15.35
N PHE D 126 34.32 23.26 16.52
CA PHE D 126 32.89 23.19 16.73
C PHE D 126 32.26 24.58 16.66
N THR D 127 30.95 24.62 16.43
CA THR D 127 30.17 25.85 16.50
C THR D 127 30.01 26.25 17.95
N GLU D 128 29.76 27.54 18.21
CA GLU D 128 29.60 28.02 19.57
C GLU D 128 28.46 27.27 20.25
N GLU D 129 27.35 27.04 19.52
CA GLU D 129 26.24 26.26 20.06
C GLU D 129 26.75 24.88 20.49
N ASP D 130 27.59 24.26 19.66
CA ASP D 130 28.13 22.94 19.96
C ASP D 130 28.98 23.02 21.23
N VAL D 131 29.94 23.96 21.23
CA VAL D 131 30.83 24.17 22.37
C VAL D 131 29.99 24.49 23.61
N LYS D 132 29.12 25.49 23.47
CA LYS D 132 28.30 25.99 24.55
C LYS D 132 27.54 24.84 25.20
N PHE D 133 27.01 23.92 24.39
CA PHE D 133 26.29 22.77 24.90
C PHE D 133 27.22 21.94 25.80
N TYR D 134 28.38 21.56 25.25
CA TYR D 134 29.28 20.62 25.91
C TYR D 134 29.85 21.22 27.19
N LEU D 135 30.25 22.50 27.12
CA LEU D 135 30.82 23.20 28.27
C LEU D 135 29.80 23.28 29.40
N ALA D 136 28.56 23.66 29.05
CA ALA D 136 27.49 23.78 30.03
C ALA D 136 27.41 22.50 30.87
N GLU D 137 27.26 21.35 30.20
CA GLU D 137 27.09 20.06 30.88
C GLU D 137 28.36 19.71 31.65
N LEU D 138 29.52 20.11 31.10
CA LEU D 138 30.79 19.90 31.78
C LEU D 138 30.82 20.70 33.07
N ALA D 139 30.35 21.96 33.00
CA ALA D 139 30.34 22.85 34.15
C ALA D 139 29.58 22.23 35.31
N LEU D 140 28.41 21.65 35.01
CA LEU D 140 27.58 20.99 36.01
C LEU D 140 28.33 19.80 36.60
N ALA D 141 29.04 19.08 35.74
CA ALA D 141 29.81 17.90 36.14
C ALA D 141 30.91 18.32 37.11
N LEU D 142 31.67 19.36 36.72
CA LEU D 142 32.77 19.84 37.54
C LEU D 142 32.24 20.45 38.84
N ASP D 143 31.06 21.06 38.79
CA ASP D 143 30.47 21.70 39.96
C ASP D 143 30.09 20.65 41.00
N HIS D 144 29.59 19.50 40.53
CA HIS D 144 29.24 18.39 41.40
C HIS D 144 30.50 17.89 42.14
N LEU D 145 31.58 17.69 41.38
CA LEU D 145 32.84 17.18 41.91
C LEU D 145 33.37 18.14 42.98
N HIS D 146 33.31 19.43 42.67
CA HIS D 146 33.82 20.48 43.54
C HIS D 146 33.08 20.48 44.88
N SER D 147 31.77 20.20 44.84
CA SER D 147 30.95 20.20 46.04
C SER D 147 31.32 19.05 46.97
N LEU D 148 31.94 18.00 46.40
CA LEU D 148 32.40 16.85 47.17
C LEU D 148 33.86 17.01 47.55
N GLY D 149 34.51 18.06 47.04
CA GLY D 149 35.91 18.33 47.29
C GLY D 149 36.83 17.64 46.29
N ILE D 150 36.29 17.34 45.11
CA ILE D 150 36.98 16.55 44.10
C ILE D 150 37.46 17.50 43.00
N ILE D 151 38.76 17.42 42.69
CA ILE D 151 39.38 18.17 41.59
C ILE D 151 39.58 17.22 40.42
N TYR D 152 39.57 17.78 39.20
CA TYR D 152 39.84 16.99 38.01
C TYR D 152 41.20 17.40 37.45
N ARG D 153 42.19 16.50 37.62
CA ARG D 153 43.52 16.72 37.08
C ARG D 153 43.53 16.36 35.59
N ASP D 154 44.35 17.08 34.83
CA ASP D 154 44.61 16.73 33.44
C ASP D 154 43.28 16.61 32.70
N LEU D 155 42.48 17.68 32.74
CA LEU D 155 41.18 17.69 32.09
C LEU D 155 41.39 17.91 30.60
N LYS D 156 41.21 16.85 29.81
CA LYS D 156 41.44 16.88 28.37
C LYS D 156 40.21 16.32 27.66
N PRO D 157 40.04 16.58 26.34
CA PRO D 157 38.88 16.06 25.59
C PRO D 157 38.76 14.54 25.52
N GLU D 158 39.88 13.83 25.76
CA GLU D 158 39.88 12.38 25.77
C GLU D 158 39.15 11.85 27.01
N ASN D 159 39.08 12.67 28.07
CA ASN D 159 38.43 12.28 29.30
C ASN D 159 36.93 12.55 29.26
N ILE D 160 36.46 13.22 28.21
CA ILE D 160 35.04 13.53 28.06
C ILE D 160 34.46 12.66 26.94
N LEU D 161 33.73 11.61 27.32
CA LEU D 161 33.11 10.70 26.36
C LEU D 161 31.66 11.10 26.11
N LEU D 162 31.07 10.52 25.05
CA LEU D 162 29.71 10.79 24.64
C LEU D 162 28.87 9.52 24.77
N ASP D 163 27.54 9.69 24.91
CA ASP D 163 26.61 8.58 24.90
C ASP D 163 25.82 8.61 23.59
N GLU D 164 25.01 7.57 23.35
CA GLU D 164 24.36 7.37 22.06
C GLU D 164 23.54 8.59 21.66
N GLU D 165 22.92 9.26 22.64
CA GLU D 165 22.03 10.37 22.38
C GLU D 165 22.82 11.63 22.03
N GLY D 166 24.03 11.76 22.60
CA GLY D 166 24.92 12.86 22.29
C GLY D 166 25.41 13.62 23.52
N HIS D 167 24.87 13.27 24.71
CA HIS D 167 25.24 13.93 25.95
C HIS D 167 26.61 13.44 26.43
N ILE D 168 27.28 14.25 27.26
CA ILE D 168 28.64 13.98 27.67
C ILE D 168 28.61 13.06 28.90
N LYS D 169 29.82 12.67 29.33
CA LYS D 169 30.04 11.80 30.47
C LYS D 169 31.52 11.87 30.84
N LEU D 170 31.84 12.55 31.95
CA LEU D 170 33.22 12.65 32.41
C LEU D 170 33.71 11.30 32.93
N THR D 171 34.99 11.02 32.66
CA THR D 171 35.63 9.80 33.11
C THR D 171 36.17 10.00 34.52
N ASP D 172 36.62 8.91 35.14
CA ASP D 172 37.04 8.93 36.54
C ASP D 172 38.56 9.02 36.64
N PHE D 173 39.23 9.17 35.49
CA PHE D 173 40.69 9.10 35.44
C PHE D 173 41.30 10.26 36.20
N GLY D 174 40.81 11.47 35.94
CA GLY D 174 41.35 12.67 36.58
C GLY D 174 41.03 12.75 38.07
N LEU D 175 39.78 12.38 38.43
CA LEU D 175 39.24 12.52 39.77
C LEU D 175 40.33 12.28 40.83
N SER D 176 40.61 13.32 41.60
CA SER D 176 41.42 13.25 42.81
C SER D 176 40.83 14.21 43.85
N LYS D 177 41.46 14.34 45.01
CA LYS D 177 40.97 15.23 46.05
C LYS D 177 41.86 16.47 46.12
N GLU D 178 41.36 17.49 46.84
CA GLU D 178 41.87 18.85 46.76
C GLU D 178 42.92 19.09 47.85
N PHE D 189 53.49 14.64 39.80
CA PHE D 189 53.49 15.66 38.71
C PHE D 189 53.49 14.97 37.34
N CYS D 190 52.33 14.99 36.67
CA CYS D 190 52.22 14.42 35.34
C CYS D 190 50.98 14.99 34.64
N GLY D 191 50.72 14.51 33.42
CA GLY D 191 49.60 14.96 32.61
C GLY D 191 50.04 15.94 31.53
N THR D 192 49.23 16.06 30.48
CA THR D 192 49.54 16.96 29.38
C THR D 192 49.57 18.39 29.88
N VAL D 193 50.63 19.12 29.50
CA VAL D 193 50.95 20.40 30.10
C VAL D 193 50.03 21.49 29.54
N GLU D 194 49.44 21.27 28.36
CA GLU D 194 48.70 22.30 27.67
C GLU D 194 47.41 22.64 28.42
N TYR D 195 46.87 21.68 29.19
CA TYR D 195 45.66 21.87 29.96
C TYR D 195 45.99 22.21 31.42
N MET D 196 47.28 22.37 31.73
CA MET D 196 47.71 22.69 33.07
C MET D 196 47.60 24.19 33.30
N ALA D 197 47.16 24.57 34.50
CA ALA D 197 47.03 25.96 34.88
C ALA D 197 48.37 26.46 35.42
N PRO D 198 48.62 27.79 35.40
CA PRO D 198 49.90 28.35 35.84
C PRO D 198 50.36 27.89 37.22
N GLU D 199 49.41 27.77 38.16
CA GLU D 199 49.74 27.37 39.51
C GLU D 199 50.19 25.90 39.53
N VAL D 200 49.65 25.10 38.61
CA VAL D 200 49.96 23.67 38.54
C VAL D 200 51.34 23.48 37.92
N VAL D 201 51.71 24.38 36.99
CA VAL D 201 53.01 24.35 36.35
C VAL D 201 54.10 24.62 37.40
N ASN D 202 53.87 25.65 38.23
CA ASN D 202 54.79 26.02 39.29
C ASN D 202 54.68 25.06 40.46
N ARG D 203 53.72 24.12 40.39
CA ARG D 203 53.52 23.08 41.39
C ARG D 203 52.97 23.67 42.69
N ARG D 204 52.30 24.83 42.59
CA ARG D 204 51.81 25.54 43.76
C ARG D 204 50.68 24.75 44.42
N GLY D 205 49.69 24.34 43.61
CA GLY D 205 48.59 23.54 44.12
C GLY D 205 47.39 23.52 43.17
N HIS D 206 46.79 22.33 43.01
CA HIS D 206 45.67 22.13 42.10
C HIS D 206 44.36 22.38 42.85
N THR D 207 43.97 23.66 42.91
CA THR D 207 42.68 24.08 43.44
C THR D 207 41.59 23.74 42.43
N GLN D 208 40.33 24.04 42.78
CA GLN D 208 39.22 23.87 41.85
C GLN D 208 39.23 25.02 40.84
N SER D 209 39.93 26.09 41.16
CA SER D 209 40.18 27.18 40.23
C SER D 209 41.04 26.70 39.07
N ALA D 210 41.92 25.73 39.35
CA ALA D 210 42.79 25.16 38.33
C ALA D 210 41.95 24.48 37.24
N ASP D 211 40.85 23.85 37.65
CA ASP D 211 39.96 23.17 36.71
C ASP D 211 39.40 24.18 35.73
N TRP D 212 39.00 25.35 36.23
CA TRP D 212 38.36 26.36 35.41
C TRP D 212 39.31 26.88 34.34
N TRP D 213 40.63 26.86 34.64
CA TRP D 213 41.63 27.12 33.61
C TRP D 213 41.46 26.11 32.48
N SER D 214 41.52 24.83 32.84
CA SER D 214 41.32 23.74 31.90
C SER D 214 40.00 23.93 31.16
N PHE D 215 38.93 24.22 31.91
CA PHE D 215 37.63 24.54 31.33
C PHE D 215 37.83 25.53 30.18
N GLY D 216 38.58 26.60 30.45
CA GLY D 216 38.90 27.61 29.46
C GLY D 216 39.73 27.06 28.30
N VAL D 217 40.65 26.13 28.60
CA VAL D 217 41.49 25.54 27.57
C VAL D 217 40.60 24.73 26.63
N LEU D 218 39.85 23.77 27.18
CA LEU D 218 38.94 22.95 26.40
C LEU D 218 38.13 23.85 25.47
N MET D 219 37.51 24.89 26.06
CA MET D 219 36.68 25.80 25.31
C MET D 219 37.48 26.33 24.11
N PHE D 220 38.68 26.86 24.40
CA PHE D 220 39.50 27.49 23.38
C PHE D 220 39.85 26.49 22.28
N GLU D 221 40.21 25.28 22.69
CA GLU D 221 40.56 24.22 21.75
C GLU D 221 39.40 23.95 20.80
N MET D 222 38.21 23.81 21.38
CA MET D 222 37.03 23.35 20.64
C MET D 222 36.56 24.43 19.65
N LEU D 223 36.89 25.70 19.92
CA LEU D 223 36.49 26.79 19.03
C LEU D 223 37.54 27.02 17.96
N THR D 224 38.82 26.97 18.34
CA THR D 224 39.93 27.33 17.46
C THR D 224 40.50 26.10 16.76
N GLY D 225 40.33 24.93 17.38
CA GLY D 225 40.99 23.71 16.92
C GLY D 225 42.46 23.66 17.32
N THR D 226 42.91 24.69 18.06
CA THR D 226 44.30 24.79 18.51
C THR D 226 44.30 25.00 20.03
N LEU D 227 45.44 24.71 20.66
CA LEU D 227 45.61 24.95 22.08
C LEU D 227 46.12 26.37 22.29
N PRO D 228 45.76 27.05 23.40
CA PRO D 228 46.05 28.48 23.56
C PRO D 228 47.50 28.80 23.91
N PHE D 229 48.14 27.88 24.64
CA PHE D 229 49.54 28.00 25.01
C PHE D 229 50.29 26.77 24.51
N GLN D 230 51.11 26.94 23.47
CA GLN D 230 51.87 25.84 22.90
C GLN D 230 53.07 26.37 22.12
N GLY D 231 54.24 25.82 22.39
CA GLY D 231 55.48 26.18 21.71
C GLY D 231 56.11 24.97 21.01
N LYS D 232 57.43 25.02 20.84
CA LYS D 232 58.18 23.99 20.15
C LYS D 232 58.27 22.73 21.03
N ASP D 233 58.41 22.93 22.34
CA ASP D 233 58.64 21.83 23.27
C ASP D 233 57.81 22.07 24.53
N ARG D 234 57.82 21.08 25.44
CA ARG D 234 56.99 21.10 26.62
C ARG D 234 57.46 22.22 27.56
N LYS D 235 58.78 22.47 27.60
CA LYS D 235 59.35 23.50 28.44
C LYS D 235 58.78 24.87 28.05
N GLU D 236 58.77 25.14 26.73
CA GLU D 236 58.36 26.44 26.21
C GLU D 236 56.85 26.64 26.41
N THR D 237 56.08 25.55 26.31
CA THR D 237 54.64 25.58 26.53
C THR D 237 54.36 26.02 27.97
N MET D 238 55.04 25.36 28.92
CA MET D 238 54.89 25.65 30.34
C MET D 238 55.33 27.09 30.61
N THR D 239 56.40 27.53 29.94
CA THR D 239 56.85 28.91 30.01
C THR D 239 55.71 29.85 29.62
N MET D 240 55.09 29.57 28.46
CA MET D 240 54.06 30.42 27.91
C MET D 240 52.85 30.48 28.84
N ILE D 241 52.50 29.33 29.44
CA ILE D 241 51.40 29.25 30.39
C ILE D 241 51.63 30.23 31.54
N LEU D 242 52.88 30.34 31.99
CA LEU D 242 53.20 31.15 33.16
C LEU D 242 53.17 32.64 32.81
N LYS D 243 53.64 33.01 31.61
CA LYS D 243 53.80 34.43 31.29
C LYS D 243 53.06 34.77 30.00
N ALA D 244 53.39 34.09 28.89
CA ALA D 244 52.99 34.54 27.56
C ALA D 244 51.49 34.87 27.55
N LYS D 245 51.18 36.15 27.28
CA LYS D 245 49.82 36.63 27.31
C LYS D 245 49.11 36.10 26.06
N LEU D 246 47.88 35.59 26.24
CA LEU D 246 47.17 34.91 25.17
C LEU D 246 46.54 35.95 24.25
N GLY D 247 46.99 35.98 22.99
CA GLY D 247 46.41 36.80 21.96
C GLY D 247 45.12 36.16 21.42
N MET D 248 44.05 36.96 21.37
CA MET D 248 42.72 36.45 21.08
C MET D 248 42.57 36.17 19.59
N PRO D 249 41.94 35.03 19.20
CA PRO D 249 41.40 34.85 17.87
C PRO D 249 40.25 35.83 17.63
N GLN D 250 40.08 36.27 16.38
CA GLN D 250 39.16 37.34 16.05
C GLN D 250 37.87 36.79 15.43
N PHE D 251 37.77 35.45 15.32
CA PHE D 251 36.58 34.82 14.75
C PHE D 251 35.69 34.29 15.86
N LEU D 252 36.02 34.63 17.12
CA LEU D 252 35.20 34.27 18.27
C LEU D 252 34.22 35.40 18.57
N SER D 253 32.99 35.05 18.97
CA SER D 253 32.03 36.05 19.38
C SER D 253 32.56 36.76 20.62
N PRO D 254 32.20 38.04 20.85
CA PRO D 254 32.68 38.77 22.03
C PRO D 254 32.36 38.06 23.35
N GLU D 255 31.26 37.31 23.37
CA GLU D 255 30.86 36.53 24.54
C GLU D 255 31.94 35.50 24.87
N ALA D 256 32.36 34.75 23.85
CA ALA D 256 33.34 33.68 24.02
C ALA D 256 34.68 34.24 24.47
N GLN D 257 35.11 35.34 23.85
CA GLN D 257 36.39 35.97 24.15
C GLN D 257 36.41 36.46 25.60
N SER D 258 35.27 37.00 26.04
CA SER D 258 35.12 37.53 27.39
C SER D 258 35.31 36.42 28.42
N LEU D 259 34.71 35.25 28.16
CA LEU D 259 34.77 34.13 29.09
C LEU D 259 36.21 33.62 29.20
N LEU D 260 36.94 33.63 28.08
CA LEU D 260 38.31 33.14 28.05
C LEU D 260 39.22 34.07 28.85
N ARG D 261 39.02 35.39 28.72
CA ARG D 261 39.83 36.36 29.44
C ARG D 261 39.66 36.18 30.95
N MET D 262 38.45 35.79 31.37
CA MET D 262 38.12 35.67 32.78
C MET D 262 38.59 34.32 33.33
N LEU D 263 38.62 33.29 32.48
CA LEU D 263 39.07 31.97 32.87
C LEU D 263 40.59 31.87 32.79
N PHE D 264 41.20 32.61 31.86
CA PHE D 264 42.65 32.62 31.72
C PHE D 264 43.23 33.79 32.50
N LYS D 265 43.21 33.67 33.84
CA LYS D 265 43.88 34.64 34.70
C LYS D 265 44.85 33.90 35.60
N ARG D 266 46.06 34.47 35.72
CA ARG D 266 47.22 33.77 36.26
C ARG D 266 47.02 33.53 37.75
N ASN D 267 46.46 34.52 38.46
CA ASN D 267 46.13 34.39 39.87
C ASN D 267 44.77 33.71 39.99
N PRO D 268 44.67 32.52 40.62
CA PRO D 268 43.40 31.78 40.69
C PRO D 268 42.24 32.49 41.37
N ALA D 269 42.52 33.58 42.09
CA ALA D 269 41.53 34.28 42.87
C ALA D 269 40.75 35.29 42.03
N ASN D 270 41.27 35.62 40.84
CA ASN D 270 40.58 36.50 39.91
C ASN D 270 39.91 35.67 38.81
N ARG D 271 40.05 34.34 38.90
CA ARG D 271 39.58 33.44 37.87
C ARG D 271 38.09 33.19 38.07
N LEU D 272 37.33 33.20 36.97
CA LEU D 272 35.88 33.03 37.03
C LEU D 272 35.56 31.63 37.56
N GLY D 273 34.85 31.59 38.68
CA GLY D 273 34.46 30.33 39.32
C GLY D 273 35.02 30.19 40.73
N ALA D 274 36.02 31.03 41.06
CA ALA D 274 36.68 30.97 42.35
C ALA D 274 36.01 31.91 43.35
N GLY D 275 35.11 32.78 42.87
CA GLY D 275 34.54 33.85 43.68
C GLY D 275 33.48 33.35 44.66
N PRO D 276 32.69 34.28 45.25
CA PRO D 276 31.69 33.93 46.26
C PRO D 276 30.62 32.94 45.79
N ASP D 277 29.99 33.24 44.65
CA ASP D 277 28.86 32.46 44.16
C ASP D 277 29.34 31.27 43.33
N GLY D 278 30.66 31.15 43.13
CA GLY D 278 31.25 29.95 42.58
C GLY D 278 30.87 29.73 41.11
N VAL D 279 30.28 28.57 40.82
CA VAL D 279 29.98 28.16 39.45
C VAL D 279 29.01 29.13 38.79
N GLU D 280 28.16 29.78 39.59
CA GLU D 280 27.13 30.68 39.08
C GLU D 280 27.75 31.78 38.24
N GLU D 281 29.00 32.16 38.55
CA GLU D 281 29.76 33.09 37.73
C GLU D 281 29.79 32.61 36.29
N ILE D 282 30.12 31.32 36.10
CA ILE D 282 30.20 30.73 34.78
C ILE D 282 28.80 30.72 34.16
N LYS D 283 27.79 30.27 34.93
CA LYS D 283 26.44 30.12 34.42
C LYS D 283 25.87 31.46 33.97
N ARG D 284 26.15 32.52 34.73
CA ARG D 284 25.58 33.84 34.45
C ARG D 284 26.53 34.63 33.57
N HIS D 285 27.06 34.00 32.51
CA HIS D 285 27.87 34.71 31.54
C HIS D 285 27.13 34.79 30.22
N SER D 286 27.48 35.80 29.41
CA SER D 286 26.79 36.11 28.17
C SER D 286 26.95 34.96 27.17
N PHE D 287 27.98 34.15 27.34
CA PHE D 287 28.20 32.96 26.52
C PHE D 287 27.06 31.97 26.70
N PHE D 288 26.54 31.87 27.94
CA PHE D 288 25.58 30.83 28.30
C PHE D 288 24.17 31.41 28.45
N SER D 289 23.93 32.59 27.90
CA SER D 289 22.63 33.24 28.06
C SER D 289 21.53 32.43 27.37
N THR D 290 21.89 31.66 26.34
CA THR D 290 20.93 30.89 25.57
C THR D 290 20.54 29.61 26.31
N ILE D 291 21.40 29.15 27.23
CA ILE D 291 21.23 27.84 27.84
C ILE D 291 20.20 27.92 28.97
N ASP D 292 19.29 26.94 29.00
CA ASP D 292 18.40 26.68 30.12
C ASP D 292 18.99 25.54 30.93
N TRP D 293 19.47 25.85 32.14
CA TRP D 293 20.31 24.94 32.90
C TRP D 293 19.52 23.80 33.54
N ASN D 294 18.19 23.98 33.65
CA ASN D 294 17.34 22.95 34.22
C ASN D 294 17.05 21.89 33.17
N LYS D 295 16.74 22.33 31.94
CA LYS D 295 16.48 21.42 30.83
C LYS D 295 17.77 20.75 30.36
N LEU D 296 18.92 21.37 30.63
CA LEU D 296 20.21 20.77 30.32
C LEU D 296 20.47 19.59 31.24
N TYR D 297 20.28 19.80 32.55
CA TYR D 297 20.49 18.75 33.55
C TYR D 297 19.55 17.57 33.26
N ARG D 298 18.31 17.88 32.85
CA ARG D 298 17.31 16.86 32.62
C ARG D 298 17.42 16.28 31.20
N ARG D 299 18.47 16.65 30.47
CA ARG D 299 18.71 16.12 29.13
C ARG D 299 17.51 16.41 28.22
N GLU D 300 16.88 17.57 28.41
CA GLU D 300 15.74 17.98 27.61
C GLU D 300 16.20 18.89 26.47
N ILE D 301 17.52 19.08 26.33
CA ILE D 301 18.08 19.81 25.20
C ILE D 301 18.73 18.80 24.26
N HIS D 302 18.44 18.94 22.96
CA HIS D 302 19.00 18.06 21.94
C HIS D 302 20.49 18.35 21.77
N PRO D 303 21.39 17.34 21.87
CA PRO D 303 22.81 17.52 21.57
C PRO D 303 23.07 18.01 20.14
N PRO D 304 24.25 18.60 19.87
CA PRO D 304 24.56 19.13 18.54
C PRO D 304 24.59 18.04 17.48
N PHE D 305 25.15 16.89 17.84
CA PHE D 305 25.31 15.76 16.95
C PHE D 305 25.00 14.48 17.72
N LYS D 306 24.13 13.64 17.15
CA LYS D 306 23.84 12.32 17.70
C LYS D 306 24.82 11.31 17.09
N PRO D 307 25.78 10.77 17.88
CA PRO D 307 26.82 9.89 17.33
C PRO D 307 26.35 8.49 16.93
N ALA D 308 25.13 8.14 17.32
CA ALA D 308 24.51 6.87 16.93
C ALA D 308 24.38 6.78 15.42
N THR D 309 24.16 7.94 14.77
CA THR D 309 24.00 8.02 13.33
C THR D 309 25.26 7.51 12.63
N ASP E 25 29.50 7.74 69.71
CA ASP E 25 30.05 6.51 70.35
C ASP E 25 28.88 5.66 70.90
N PRO E 26 28.06 6.16 71.86
CA PRO E 26 27.00 5.33 72.44
C PRO E 26 25.90 4.94 71.45
N SER E 27 25.24 5.95 70.85
CA SER E 27 24.10 5.72 69.98
C SER E 27 24.53 5.80 68.51
N GLN E 28 24.58 4.63 67.85
CA GLN E 28 24.99 4.53 66.45
C GLN E 28 23.88 3.88 65.63
N PHE E 29 22.62 4.06 66.05
CA PHE E 29 21.51 3.30 65.50
C PHE E 29 20.24 4.16 65.43
N GLU E 30 19.34 3.76 64.52
CA GLU E 30 18.13 4.50 64.19
C GLU E 30 16.91 3.60 64.40
N LEU E 31 16.16 3.85 65.49
CA LEU E 31 14.97 3.08 65.81
C LEU E 31 13.88 3.37 64.79
N LEU E 32 13.28 2.31 64.23
CA LEU E 32 12.30 2.44 63.16
C LEU E 32 10.93 1.95 63.66
N LYS E 33 10.89 0.71 64.15
CA LYS E 33 9.67 0.08 64.65
C LYS E 33 10.00 -0.80 65.85
N VAL E 34 9.02 -0.98 66.75
CA VAL E 34 9.12 -1.96 67.82
C VAL E 34 8.52 -3.27 67.30
N LEU E 35 9.37 -4.29 67.15
CA LEU E 35 8.99 -5.53 66.48
C LEU E 35 8.16 -6.41 67.41
N GLY E 36 8.47 -6.37 68.71
CA GLY E 36 7.71 -7.14 69.69
C GLY E 36 8.13 -6.82 71.11
N GLN E 37 7.53 -7.53 72.08
CA GLN E 37 7.76 -7.27 73.50
C GLN E 37 7.51 -8.55 74.31
N GLY E 38 8.16 -8.62 75.48
CA GLY E 38 7.99 -9.73 76.40
C GLY E 38 8.66 -9.45 77.74
N SER E 39 8.73 -10.47 78.60
CA SER E 39 9.33 -10.36 79.92
C SER E 39 10.81 -10.03 79.79
N PHE E 40 11.48 -10.67 78.83
CA PHE E 40 12.88 -10.43 78.51
C PHE E 40 13.11 -8.94 78.25
N GLY E 41 12.19 -8.30 77.50
CA GLY E 41 12.30 -6.91 77.12
C GLY E 41 11.68 -6.64 75.75
N LYS E 42 12.21 -5.63 75.06
CA LYS E 42 11.68 -5.23 73.76
C LYS E 42 12.61 -5.67 72.64
N VAL E 43 12.05 -5.80 71.44
CA VAL E 43 12.81 -6.03 70.23
C VAL E 43 12.53 -4.87 69.27
N PHE E 44 13.61 -4.28 68.72
CA PHE E 44 13.52 -3.13 67.86
C PHE E 44 14.04 -3.47 66.46
N LEU E 45 13.57 -2.70 65.46
CA LEU E 45 14.13 -2.72 64.12
C LEU E 45 14.95 -1.45 63.92
N VAL E 46 16.27 -1.63 63.72
CA VAL E 46 17.20 -0.51 63.71
C VAL E 46 17.97 -0.49 62.40
N LYS E 47 18.58 0.66 62.10
CA LYS E 47 19.41 0.86 60.92
C LYS E 47 20.69 1.56 61.33
N LYS E 48 21.82 1.17 60.73
CA LYS E 48 23.12 1.74 61.03
C LYS E 48 23.70 2.38 59.77
N ILE E 49 24.22 3.61 59.91
CA ILE E 49 24.94 4.28 58.84
C ILE E 49 26.31 4.76 59.35
N SER E 50 26.76 4.19 60.48
CA SER E 50 28.06 4.48 61.06
C SER E 50 28.95 3.23 60.96
N GLY E 51 30.16 3.31 61.51
CA GLY E 51 31.07 2.17 61.54
C GLY E 51 31.40 1.67 60.14
N SER E 52 31.20 0.36 59.92
CA SER E 52 31.37 -0.25 58.61
C SER E 52 30.03 -0.32 57.88
N ASP E 53 28.95 -0.57 58.63
CA ASP E 53 27.65 -0.87 58.07
C ASP E 53 26.97 0.43 57.63
N ALA E 54 26.30 0.38 56.47
CA ALA E 54 25.57 1.53 55.95
C ALA E 54 24.20 1.08 55.45
N ARG E 55 23.13 1.65 56.03
CA ARG E 55 21.76 1.38 55.62
C ARG E 55 21.42 -0.10 55.86
N GLN E 56 22.06 -0.69 56.88
CA GLN E 56 21.90 -2.11 57.19
C GLN E 56 20.88 -2.26 58.32
N LEU E 57 19.89 -3.13 58.09
CA LEU E 57 18.85 -3.41 59.08
C LEU E 57 19.36 -4.47 60.07
N TYR E 58 18.90 -4.33 61.33
CA TYR E 58 19.25 -5.26 62.39
C TYR E 58 18.07 -5.42 63.35
N ALA E 59 18.23 -6.30 64.34
CA ALA E 59 17.25 -6.48 65.40
C ALA E 59 17.92 -6.18 66.74
N MET E 60 17.55 -5.07 67.37
CA MET E 60 18.10 -4.68 68.65
C MET E 60 17.18 -5.20 69.76
N LYS E 61 17.73 -6.06 70.63
CA LYS E 61 16.99 -6.66 71.72
C LYS E 61 17.44 -6.05 73.04
N VAL E 62 16.73 -5.01 73.50
CA VAL E 62 17.04 -4.36 74.75
C VAL E 62 16.56 -5.25 75.90
N LEU E 63 17.50 -5.60 76.79
CA LEU E 63 17.20 -6.48 77.91
C LEU E 63 17.07 -5.64 79.18
N LYS E 64 16.49 -6.26 80.22
CA LYS E 64 16.15 -5.58 81.45
C LYS E 64 17.02 -6.13 82.60
N LYS E 65 17.93 -5.29 83.10
CA LYS E 65 18.75 -5.61 84.25
C LYS E 65 18.54 -4.54 85.33
N ASP E 81 25.85 -13.83 76.18
CA ASP E 81 27.30 -14.13 76.03
C ASP E 81 27.51 -15.46 75.29
N ILE E 82 26.44 -16.25 75.12
CA ILE E 82 26.54 -17.52 74.43
C ILE E 82 26.69 -17.29 72.94
N LEU E 83 26.12 -16.19 72.43
CA LEU E 83 26.09 -15.91 71.00
C LEU E 83 27.47 -15.53 70.46
N VAL E 84 28.46 -15.35 71.35
CA VAL E 84 29.79 -14.95 70.93
C VAL E 84 30.58 -16.19 70.48
N GLU E 85 30.26 -17.36 71.06
CA GLU E 85 30.91 -18.60 70.70
C GLU E 85 30.13 -19.29 69.55
N VAL E 86 28.89 -18.86 69.35
CA VAL E 86 28.04 -19.39 68.28
C VAL E 86 28.39 -18.70 66.97
N ASN E 87 28.47 -19.49 65.90
CA ASN E 87 28.61 -18.98 64.55
C ASN E 87 28.22 -20.09 63.57
N HIS E 88 27.02 -19.96 62.99
CA HIS E 88 26.51 -20.96 62.04
C HIS E 88 25.56 -20.29 61.06
N PRO E 89 25.52 -20.72 59.78
CA PRO E 89 24.59 -20.16 58.79
C PRO E 89 23.10 -20.24 59.11
N PHE E 90 22.72 -21.21 59.95
CA PHE E 90 21.32 -21.43 60.27
C PHE E 90 21.08 -21.10 61.76
N ILE E 91 21.86 -20.15 62.28
CA ILE E 91 21.67 -19.63 63.62
C ILE E 91 21.89 -18.12 63.58
N VAL E 92 21.17 -17.40 64.46
CA VAL E 92 21.26 -15.96 64.54
C VAL E 92 22.63 -15.58 65.10
N LYS E 93 23.26 -14.58 64.47
CA LYS E 93 24.59 -14.14 64.82
C LYS E 93 24.52 -12.82 65.58
N LEU E 94 25.31 -12.70 66.65
CA LEU E 94 25.43 -11.48 67.41
C LEU E 94 26.48 -10.58 66.77
N HIS E 95 26.06 -9.39 66.33
CA HIS E 95 26.97 -8.41 65.73
C HIS E 95 27.52 -7.49 66.82
N TYR E 96 26.61 -6.80 67.52
CA TYR E 96 26.99 -5.82 68.53
C TYR E 96 26.30 -6.15 69.85
N ALA E 97 26.92 -5.77 70.97
CA ALA E 97 26.36 -5.99 72.29
C ALA E 97 26.99 -5.04 73.30
N PHE E 98 26.17 -4.22 73.96
CA PHE E 98 26.67 -3.18 74.86
C PHE E 98 25.75 -3.03 76.07
N GLN E 99 26.37 -2.65 77.21
CA GLN E 99 25.69 -2.47 78.49
C GLN E 99 25.47 -0.98 78.74
N THR E 100 24.31 -0.62 79.32
CA THR E 100 23.97 0.78 79.59
C THR E 100 22.97 0.88 80.73
N GLU E 101 23.48 1.10 81.95
CA GLU E 101 22.66 1.44 83.12
C GLU E 101 21.64 0.34 83.39
N GLY E 102 22.10 -0.92 83.35
CA GLY E 102 21.24 -2.08 83.56
C GLY E 102 20.30 -2.33 82.38
N LYS E 103 20.81 -2.15 81.15
CA LYS E 103 20.06 -2.41 79.94
C LYS E 103 21.02 -2.95 78.87
N LEU E 104 21.15 -4.27 78.80
CA LEU E 104 22.04 -4.91 77.85
C LEU E 104 21.37 -4.96 76.48
N TYR E 105 21.86 -4.14 75.55
CA TYR E 105 21.39 -4.14 74.17
C TYR E 105 22.18 -5.18 73.38
N LEU E 106 21.47 -6.02 72.62
CA LEU E 106 22.07 -6.96 71.69
C LEU E 106 21.57 -6.65 70.28
N ILE E 107 22.49 -6.50 69.33
CA ILE E 107 22.14 -6.28 67.94
C ILE E 107 22.33 -7.60 67.19
N LEU E 108 21.26 -8.10 66.55
CA LEU E 108 21.27 -9.39 65.89
C LEU E 108 20.73 -9.24 64.47
N ASP E 109 20.82 -10.32 63.68
CA ASP E 109 20.38 -10.31 62.30
C ASP E 109 18.90 -9.97 62.24
N PHE E 110 18.50 -9.25 61.18
CA PHE E 110 17.09 -9.00 60.91
C PHE E 110 16.62 -9.97 59.82
N LEU E 111 15.71 -10.87 60.21
CA LEU E 111 15.21 -11.90 59.32
C LEU E 111 13.81 -11.51 58.84
N ARG E 112 13.71 -11.16 57.55
CA ARG E 112 12.51 -10.55 57.00
C ARG E 112 11.84 -11.53 56.03
N GLY E 113 11.60 -12.75 56.50
CA GLY E 113 10.87 -13.76 55.74
C GLY E 113 9.91 -14.57 56.60
N GLY E 114 9.53 -14.02 57.77
CA GLY E 114 8.57 -14.63 58.66
C GLY E 114 9.17 -15.79 59.46
N ASP E 115 8.45 -16.21 60.50
CA ASP E 115 8.79 -17.41 61.27
C ASP E 115 8.15 -18.61 60.60
N LEU E 116 8.48 -19.81 61.09
CA LEU E 116 8.01 -21.06 60.50
C LEU E 116 6.65 -21.44 61.09
N PHE E 117 6.27 -20.78 62.20
CA PHE E 117 4.94 -20.92 62.78
C PHE E 117 3.90 -20.38 61.80
N THR E 118 4.10 -19.12 61.37
CA THR E 118 3.16 -18.42 60.50
C THR E 118 2.91 -19.22 59.23
N ARG E 119 3.99 -19.74 58.62
CA ARG E 119 3.87 -20.40 57.33
C ARG E 119 3.06 -21.69 57.48
N LEU E 120 3.12 -22.31 58.66
CA LEU E 120 2.41 -23.55 58.92
C LEU E 120 0.91 -23.28 59.15
N SER E 121 0.56 -22.01 59.36
CA SER E 121 -0.85 -21.62 59.53
C SER E 121 -1.57 -21.66 58.18
N LYS E 122 -0.95 -21.04 57.16
CA LYS E 122 -1.51 -21.00 55.81
C LYS E 122 -1.40 -22.40 55.18
N GLU E 123 -0.19 -22.97 55.22
CA GLU E 123 0.11 -24.22 54.53
C GLU E 123 -0.61 -25.39 55.19
N VAL E 124 -0.85 -25.30 56.51
CA VAL E 124 -1.53 -26.33 57.29
C VAL E 124 -0.55 -27.46 57.58
N MET E 125 -0.06 -28.11 56.51
CA MET E 125 0.99 -29.11 56.63
C MET E 125 1.97 -28.91 55.47
N PHE E 126 3.27 -29.01 55.78
CA PHE E 126 4.32 -28.83 54.79
C PHE E 126 4.49 -30.10 53.98
N THR E 127 5.06 -29.95 52.78
CA THR E 127 5.43 -31.07 51.93
C THR E 127 6.59 -31.83 52.58
N GLU E 128 6.73 -33.12 52.27
CA GLU E 128 7.75 -33.95 52.88
C GLU E 128 9.12 -33.39 52.53
N GLU E 129 9.28 -32.89 51.29
CA GLU E 129 10.49 -32.21 50.88
C GLU E 129 10.68 -30.94 51.70
N ASP E 130 9.62 -30.13 51.84
CA ASP E 130 9.69 -28.86 52.55
C ASP E 130 10.16 -29.11 53.99
N VAL E 131 9.54 -30.09 54.65
CA VAL E 131 9.91 -30.45 56.01
C VAL E 131 11.38 -30.87 56.04
N LYS E 132 11.73 -31.78 55.14
CA LYS E 132 13.05 -32.39 55.09
C LYS E 132 14.14 -31.34 54.93
N PHE E 133 13.83 -30.27 54.18
CA PHE E 133 14.77 -29.18 53.97
C PHE E 133 15.03 -28.44 55.29
N TYR E 134 13.95 -28.05 55.98
CA TYR E 134 14.05 -27.23 57.19
C TYR E 134 14.71 -28.02 58.31
N LEU E 135 14.30 -29.29 58.45
CA LEU E 135 14.86 -30.19 59.44
C LEU E 135 16.36 -30.37 59.18
N ALA E 136 16.74 -30.57 57.92
CA ALA E 136 18.13 -30.77 57.55
C ALA E 136 18.98 -29.62 58.08
N GLU E 137 18.56 -28.39 57.82
CA GLU E 137 19.30 -27.22 58.25
C GLU E 137 19.28 -27.10 59.77
N LEU E 138 18.14 -27.43 60.38
CA LEU E 138 17.97 -27.34 61.83
C LEU E 138 18.92 -28.33 62.51
N ALA E 139 19.04 -29.53 61.94
CA ALA E 139 19.94 -30.55 62.46
C ALA E 139 21.35 -29.98 62.58
N LEU E 140 21.81 -29.31 61.51
CA LEU E 140 23.12 -28.69 61.48
C LEU E 140 23.22 -27.64 62.59
N ALA E 141 22.14 -26.86 62.76
CA ALA E 141 22.08 -25.84 63.78
C ALA E 141 22.19 -26.47 65.16
N LEU E 142 21.44 -27.54 65.38
CA LEU E 142 21.44 -28.23 66.66
C LEU E 142 22.82 -28.85 66.92
N ASP E 143 23.38 -29.52 65.91
CA ASP E 143 24.64 -30.25 66.07
C ASP E 143 25.78 -29.28 66.36
N HIS E 144 25.72 -28.09 65.75
CA HIS E 144 26.71 -27.04 66.03
C HIS E 144 26.60 -26.60 67.48
N LEU E 145 25.37 -26.34 67.94
CA LEU E 145 25.12 -25.92 69.32
C LEU E 145 25.59 -26.99 70.29
N HIS E 146 25.30 -28.26 69.97
CA HIS E 146 25.70 -29.38 70.79
C HIS E 146 27.22 -29.45 70.91
N SER E 147 27.92 -29.17 69.81
CA SER E 147 29.37 -29.24 69.75
C SER E 147 30.00 -28.25 70.74
N LEU E 148 29.36 -27.08 70.87
CA LEU E 148 29.80 -26.08 71.83
C LEU E 148 29.45 -26.54 73.25
N GLY E 149 28.36 -27.30 73.38
CA GLY E 149 27.86 -27.75 74.66
C GLY E 149 26.64 -26.95 75.09
N ILE E 150 25.75 -26.71 74.12
CA ILE E 150 24.62 -25.81 74.30
C ILE E 150 23.34 -26.60 74.04
N ILE E 151 22.25 -26.16 74.68
CA ILE E 151 20.96 -26.82 74.61
C ILE E 151 19.92 -25.81 74.10
N TYR E 152 18.89 -26.31 73.42
CA TYR E 152 17.73 -25.51 73.07
C TYR E 152 16.55 -25.96 73.94
N ARG E 153 16.13 -25.09 74.86
CA ARG E 153 15.17 -25.44 75.89
C ARG E 153 13.74 -25.43 75.35
N ASP E 154 13.48 -24.55 74.38
CA ASP E 154 12.11 -24.31 73.94
C ASP E 154 12.07 -24.35 72.41
N LEU E 155 12.31 -25.54 71.85
CA LEU E 155 12.43 -25.71 70.41
C LEU E 155 11.04 -25.85 69.79
N LYS E 156 10.38 -24.71 69.55
CA LYS E 156 9.06 -24.67 68.92
C LYS E 156 9.21 -24.07 67.52
N PRO E 157 8.18 -24.14 66.64
CA PRO E 157 8.22 -23.53 65.31
C PRO E 157 8.33 -22.00 65.29
N GLU E 158 8.08 -21.36 66.45
CA GLU E 158 8.09 -19.91 66.55
C GLU E 158 9.52 -19.40 66.72
N ASN E 159 10.45 -20.29 67.11
CA ASN E 159 11.83 -19.91 67.40
C ASN E 159 12.73 -20.08 66.18
N ILE E 160 12.21 -20.71 65.12
CA ILE E 160 12.95 -20.85 63.88
C ILE E 160 12.43 -19.79 62.91
N LEU E 161 13.30 -18.87 62.47
CA LEU E 161 12.90 -17.80 61.58
C LEU E 161 13.52 -18.00 60.20
N LEU E 162 12.92 -17.36 59.18
CA LEU E 162 13.36 -17.46 57.80
C LEU E 162 14.00 -16.14 57.37
N ASP E 163 15.09 -16.23 56.60
CA ASP E 163 15.70 -15.07 55.96
C ASP E 163 15.07 -14.88 54.59
N GLU E 164 15.46 -13.80 53.89
CA GLU E 164 14.75 -13.34 52.71
C GLU E 164 14.84 -14.34 51.55
N GLU E 165 15.87 -15.20 51.56
CA GLU E 165 16.09 -16.13 50.47
C GLU E 165 15.25 -17.40 50.68
N GLY E 166 15.03 -17.80 51.95
CA GLY E 166 14.15 -18.90 52.27
C GLY E 166 14.79 -19.98 53.15
N HIS E 167 16.06 -19.77 53.54
CA HIS E 167 16.75 -20.62 54.50
C HIS E 167 16.31 -20.28 55.91
N ILE E 168 16.66 -21.14 56.88
CA ILE E 168 16.24 -20.96 58.26
C ILE E 168 17.33 -20.22 59.03
N LYS E 169 17.04 -19.93 60.31
CA LYS E 169 17.98 -19.30 61.22
C LYS E 169 17.37 -19.34 62.63
N LEU E 170 17.96 -20.15 63.52
CA LEU E 170 17.45 -20.34 64.87
C LEU E 170 17.63 -19.07 65.69
N THR E 171 16.64 -18.76 66.54
CA THR E 171 16.71 -17.65 67.47
C THR E 171 17.55 -18.06 68.68
N ASP E 172 17.82 -17.09 69.57
CA ASP E 172 18.75 -17.28 70.67
C ASP E 172 18.00 -17.46 71.98
N PHE E 173 16.66 -17.53 71.90
CA PHE E 173 15.82 -17.54 73.09
C PHE E 173 16.02 -18.86 73.85
N GLY E 174 16.19 -19.95 73.10
CA GLY E 174 16.38 -21.27 73.70
C GLY E 174 17.79 -21.48 74.25
N LEU E 175 18.78 -20.86 73.62
CA LEU E 175 20.18 -21.12 73.90
C LEU E 175 20.42 -21.16 75.41
N SER E 176 21.01 -22.26 75.88
CA SER E 176 21.23 -22.48 77.30
C SER E 176 22.29 -23.56 77.50
N LYS E 177 23.26 -23.28 78.39
CA LYS E 177 24.31 -24.23 78.72
C LYS E 177 23.70 -25.57 79.16
N GLU E 178 24.33 -26.68 78.76
CA GLU E 178 23.87 -28.00 79.16
C GLU E 178 24.38 -28.29 80.57
N SER E 179 25.70 -28.23 80.75
CA SER E 179 26.35 -28.42 82.03
C SER E 179 25.59 -29.44 82.89
N PHE E 189 11.79 -24.69 85.80
CA PHE E 189 10.78 -25.33 84.93
C PHE E 189 10.07 -24.28 84.09
N CYS E 190 10.09 -24.46 82.76
CA CYS E 190 9.48 -23.50 81.85
C CYS E 190 9.45 -24.07 80.43
N GLY E 191 8.52 -23.55 79.62
CA GLY E 191 8.41 -23.90 78.21
C GLY E 191 7.08 -24.56 77.88
N THR E 192 6.68 -24.46 76.61
CA THR E 192 5.57 -25.23 76.08
C THR E 192 5.83 -26.71 76.32
N VAL E 193 4.84 -27.40 76.92
CA VAL E 193 5.01 -28.77 77.35
C VAL E 193 4.89 -29.73 76.16
N GLU E 194 4.28 -29.27 75.05
CA GLU E 194 4.00 -30.14 73.92
C GLU E 194 5.30 -30.53 73.20
N TYR E 195 6.35 -29.72 73.37
CA TYR E 195 7.64 -29.96 72.74
C TYR E 195 8.65 -30.52 73.75
N MET E 196 8.20 -30.82 74.96
CA MET E 196 9.08 -31.30 76.01
C MET E 196 9.21 -32.82 75.92
N ALA E 197 10.39 -33.32 76.30
CA ALA E 197 10.71 -34.75 76.24
C ALA E 197 10.46 -35.40 77.60
N PRO E 198 10.24 -36.72 77.66
CA PRO E 198 9.87 -37.41 78.91
C PRO E 198 10.79 -37.11 80.10
N GLU E 199 12.09 -36.95 79.82
CA GLU E 199 13.07 -36.66 80.85
C GLU E 199 12.90 -35.23 81.37
N VAL E 200 12.41 -34.33 80.49
CA VAL E 200 12.22 -32.93 80.86
C VAL E 200 10.98 -32.81 81.74
N VAL E 201 9.94 -33.58 81.41
CA VAL E 201 8.67 -33.56 82.13
C VAL E 201 8.91 -33.95 83.58
N ASN E 202 9.50 -35.14 83.78
CA ASN E 202 9.79 -35.67 85.10
C ASN E 202 10.87 -34.82 85.78
N ARG E 203 11.53 -33.95 85.01
CA ARG E 203 12.54 -33.03 85.51
C ARG E 203 13.80 -33.82 85.84
N ARG E 204 14.19 -34.72 84.93
CA ARG E 204 15.35 -35.58 85.13
C ARG E 204 16.61 -34.86 84.67
N GLY E 205 16.57 -34.30 83.45
CA GLY E 205 17.70 -33.56 82.91
C GLY E 205 17.51 -33.26 81.43
N HIS E 206 17.94 -32.06 81.01
CA HIS E 206 17.81 -31.62 79.63
C HIS E 206 19.09 -31.94 78.87
N THR E 207 19.33 -33.23 78.67
CA THR E 207 20.43 -33.73 77.86
C THR E 207 20.23 -33.29 76.41
N GLN E 208 21.25 -33.50 75.58
CA GLN E 208 21.19 -33.14 74.17
C GLN E 208 20.28 -34.11 73.42
N SER E 209 19.97 -35.25 74.06
CA SER E 209 19.01 -36.20 73.53
C SER E 209 17.60 -35.60 73.52
N ALA E 210 17.35 -34.66 74.44
CA ALA E 210 16.06 -34.00 74.53
C ALA E 210 15.78 -33.21 73.24
N ASP E 211 16.78 -32.48 72.75
CA ASP E 211 16.63 -31.66 71.56
C ASP E 211 16.09 -32.49 70.40
N TRP E 212 16.55 -33.75 70.30
CA TRP E 212 16.15 -34.62 69.21
C TRP E 212 14.71 -35.10 69.35
N TRP E 213 14.20 -35.11 70.59
CA TRP E 213 12.78 -35.35 70.81
C TRP E 213 11.98 -34.18 70.23
N SER E 214 12.39 -32.95 70.58
CA SER E 214 11.79 -31.74 70.05
C SER E 214 11.88 -31.71 68.54
N PHE E 215 13.06 -32.10 68.01
CA PHE E 215 13.30 -32.23 66.59
C PHE E 215 12.21 -33.09 65.96
N GLY E 216 11.86 -34.19 66.65
CA GLY E 216 10.82 -35.10 66.20
C GLY E 216 9.43 -34.47 66.28
N VAL E 217 9.16 -33.70 67.34
CA VAL E 217 7.87 -33.06 67.51
C VAL E 217 7.65 -32.06 66.38
N LEU E 218 8.66 -31.21 66.13
CA LEU E 218 8.61 -30.26 65.03
C LEU E 218 8.30 -31.01 63.73
N MET E 219 9.07 -32.07 63.48
CA MET E 219 8.92 -32.87 62.27
C MET E 219 7.46 -33.31 62.14
N PHE E 220 6.90 -33.80 63.25
CA PHE E 220 5.57 -34.37 63.25
C PHE E 220 4.52 -33.28 63.06
N GLU E 221 4.75 -32.12 63.68
CA GLU E 221 3.82 -31.00 63.59
C GLU E 221 3.75 -30.51 62.15
N MET E 222 4.91 -30.44 61.49
CA MET E 222 5.02 -29.88 60.16
C MET E 222 4.35 -30.80 59.13
N LEU E 223 4.39 -32.11 59.38
CA LEU E 223 3.85 -33.08 58.45
C LEU E 223 2.34 -33.22 58.64
N THR E 224 1.88 -33.27 59.89
CA THR E 224 0.50 -33.60 60.20
C THR E 224 -0.34 -32.36 60.49
N GLY E 225 0.32 -31.24 60.80
CA GLY E 225 -0.37 -30.04 61.25
C GLY E 225 -0.94 -30.21 62.66
N THR E 226 -0.53 -31.29 63.33
CA THR E 226 -1.00 -31.62 64.68
C THR E 226 0.18 -32.06 65.52
N LEU E 227 0.06 -31.90 66.84
CA LEU E 227 1.13 -32.31 67.75
C LEU E 227 0.98 -33.80 68.05
N PRO E 228 2.11 -34.49 68.32
CA PRO E 228 2.08 -35.94 68.54
C PRO E 228 1.44 -36.33 69.86
N PHE E 229 1.66 -35.50 70.89
CA PHE E 229 1.09 -35.73 72.20
C PHE E 229 0.32 -34.47 72.61
N GLN E 230 -0.99 -34.64 72.89
CA GLN E 230 -1.86 -33.53 73.20
C GLN E 230 -3.18 -34.04 73.79
N GLY E 231 -3.61 -33.41 74.88
CA GLY E 231 -4.85 -33.76 75.55
C GLY E 231 -5.65 -32.52 75.95
N LYS E 232 -6.59 -32.70 76.90
CA LYS E 232 -7.46 -31.63 77.34
C LYS E 232 -6.64 -30.49 77.93
N ASP E 233 -5.85 -30.81 78.95
CA ASP E 233 -5.09 -29.82 79.69
C ASP E 233 -3.60 -30.18 79.62
N ARG E 234 -2.77 -29.32 80.20
CA ARG E 234 -1.33 -29.50 80.14
C ARG E 234 -0.91 -30.74 80.93
N LYS E 235 -1.69 -31.07 81.97
CA LYS E 235 -1.41 -32.23 82.81
C LYS E 235 -1.43 -33.49 81.94
N GLU E 236 -2.53 -33.65 81.19
CA GLU E 236 -2.78 -34.86 80.42
C GLU E 236 -1.70 -35.06 79.36
N THR E 237 -1.28 -33.95 78.73
CA THR E 237 -0.27 -33.99 77.68
C THR E 237 1.02 -34.61 78.22
N MET E 238 1.49 -34.08 79.34
CA MET E 238 2.71 -34.56 79.99
C MET E 238 2.57 -36.03 80.32
N THR E 239 1.37 -36.45 80.74
CA THR E 239 1.09 -37.85 81.02
C THR E 239 1.23 -38.68 79.74
N MET E 240 0.74 -38.13 78.63
CA MET E 240 0.81 -38.81 77.35
C MET E 240 2.26 -38.87 76.88
N ILE E 241 3.04 -37.83 77.17
CA ILE E 241 4.45 -37.78 76.80
C ILE E 241 5.19 -38.93 77.47
N LEU E 242 4.93 -39.14 78.76
CA LEU E 242 5.62 -40.16 79.54
C LEU E 242 5.11 -41.56 79.15
N LYS E 243 3.82 -41.66 78.84
CA LYS E 243 3.14 -42.94 78.75
C LYS E 243 2.77 -43.25 77.29
N ALA E 244 1.82 -42.48 76.75
CA ALA E 244 1.06 -42.84 75.55
C ALA E 244 1.99 -43.22 74.39
N LYS E 245 1.62 -44.28 73.68
CA LYS E 245 2.30 -44.68 72.46
C LYS E 245 1.79 -43.83 71.30
N LEU E 246 2.71 -43.29 70.51
CA LEU E 246 2.36 -42.46 69.37
C LEU E 246 1.82 -43.34 68.25
N GLY E 247 0.61 -43.00 67.77
CA GLY E 247 0.01 -43.67 66.63
C GLY E 247 0.41 -42.98 65.32
N MET E 248 1.17 -43.68 64.49
CA MET E 248 1.70 -43.12 63.26
C MET E 248 0.54 -42.71 62.35
N PRO E 249 0.51 -41.45 61.86
CA PRO E 249 -0.37 -41.08 60.76
C PRO E 249 0.06 -41.86 59.51
N GLN E 250 -0.91 -42.52 58.86
CA GLN E 250 -0.63 -43.49 57.82
C GLN E 250 -0.38 -42.80 56.47
N PHE E 251 -0.46 -41.47 56.45
CA PHE E 251 -0.13 -40.72 55.24
C PHE E 251 1.34 -40.29 55.27
N LEU E 252 2.05 -40.57 56.38
CA LEU E 252 3.48 -40.34 56.45
C LEU E 252 4.22 -41.48 55.76
N SER E 253 5.22 -41.12 54.93
CA SER E 253 6.00 -42.10 54.20
C SER E 253 6.69 -43.05 55.17
N PRO E 254 7.13 -44.26 54.73
CA PRO E 254 7.82 -45.20 55.61
C PRO E 254 9.07 -44.60 56.25
N GLU E 255 9.73 -43.71 55.51
CA GLU E 255 10.94 -43.05 55.97
C GLU E 255 10.58 -42.09 57.10
N ALA E 256 9.52 -41.30 56.88
CA ALA E 256 9.02 -40.36 57.87
C ALA E 256 8.67 -41.07 59.16
N GLN E 257 8.01 -42.24 59.04
CA GLN E 257 7.60 -43.02 60.19
C GLN E 257 8.81 -43.59 60.91
N SER E 258 9.83 -43.98 60.14
CA SER E 258 11.01 -44.64 60.70
C SER E 258 11.81 -43.69 61.58
N LEU E 259 11.92 -42.42 61.17
CA LEU E 259 12.71 -41.45 61.91
C LEU E 259 11.99 -41.05 63.20
N LEU E 260 10.67 -40.86 63.13
CA LEU E 260 9.88 -40.46 64.27
C LEU E 260 9.90 -41.55 65.34
N ARG E 261 9.89 -42.82 64.92
CA ARG E 261 9.91 -43.93 65.87
C ARG E 261 11.23 -43.93 66.64
N MET E 262 12.32 -43.56 65.95
CA MET E 262 13.65 -43.57 66.56
C MET E 262 13.87 -42.31 67.39
N LEU E 263 13.18 -41.22 67.04
CA LEU E 263 13.29 -39.96 67.76
C LEU E 263 12.40 -39.96 69.00
N PHE E 264 11.33 -40.76 69.00
CA PHE E 264 10.37 -40.75 70.09
C PHE E 264 10.56 -41.98 70.97
N LYS E 265 11.76 -42.13 71.53
CA LYS E 265 12.04 -43.19 72.48
C LYS E 265 12.20 -42.55 73.86
N ARG E 266 11.55 -43.16 74.87
CA ARG E 266 11.46 -42.59 76.20
C ARG E 266 12.84 -42.49 76.85
N ASN E 267 13.68 -43.51 76.66
CA ASN E 267 15.02 -43.54 77.23
C ASN E 267 15.95 -42.71 76.33
N PRO E 268 16.60 -41.64 76.84
CA PRO E 268 17.40 -40.76 75.99
C PRO E 268 18.56 -41.46 75.27
N ALA E 269 19.12 -42.48 75.91
CA ALA E 269 20.30 -43.17 75.40
C ALA E 269 19.96 -44.01 74.16
N ASN E 270 18.71 -44.47 74.07
CA ASN E 270 18.24 -45.28 72.95
C ASN E 270 17.78 -44.39 71.79
N ARG E 271 17.61 -43.09 72.06
CA ARG E 271 17.04 -42.17 71.09
C ARG E 271 18.11 -41.81 70.06
N LEU E 272 17.67 -41.61 68.81
CA LEU E 272 18.59 -41.36 67.71
C LEU E 272 19.28 -40.02 67.93
N GLY E 273 20.61 -40.01 67.73
CA GLY E 273 21.43 -38.84 68.01
C GLY E 273 22.01 -38.86 69.42
N ALA E 274 21.96 -40.04 70.06
CA ALA E 274 22.53 -40.22 71.39
C ALA E 274 23.76 -41.13 71.32
N GLY E 275 23.91 -41.88 70.21
CA GLY E 275 24.96 -42.88 70.08
C GLY E 275 26.34 -42.25 69.88
N PRO E 276 27.35 -43.06 69.48
CA PRO E 276 28.72 -42.57 69.27
C PRO E 276 28.83 -41.66 68.06
N ASP E 277 27.93 -41.86 67.09
CA ASP E 277 27.99 -41.20 65.81
C ASP E 277 27.36 -39.80 65.91
N GLY E 278 26.36 -39.67 66.79
CA GLY E 278 25.71 -38.39 67.02
C GLY E 278 24.71 -38.06 65.93
N VAL E 279 24.83 -36.86 65.36
CA VAL E 279 23.88 -36.36 64.38
C VAL E 279 23.95 -37.18 63.09
N GLU E 280 25.11 -37.79 62.84
CA GLU E 280 25.35 -38.55 61.61
C GLU E 280 24.26 -39.61 61.44
N GLU E 281 23.78 -40.18 62.54
CA GLU E 281 22.67 -41.12 62.53
C GLU E 281 21.46 -40.48 61.86
N ILE E 282 21.10 -39.27 62.32
CA ILE E 282 19.99 -38.52 61.75
C ILE E 282 20.29 -38.26 60.27
N LYS E 283 21.53 -37.88 59.97
CA LYS E 283 21.92 -37.53 58.61
C LYS E 283 21.81 -38.75 57.69
N ARG E 284 22.31 -39.90 58.14
CA ARG E 284 22.39 -41.09 57.30
C ARG E 284 21.09 -41.87 57.32
N HIS E 285 20.01 -41.29 57.87
CA HIS E 285 18.72 -41.98 57.90
C HIS E 285 18.07 -41.92 56.52
N SER E 286 17.18 -42.89 56.27
CA SER E 286 16.54 -43.05 54.98
C SER E 286 15.84 -41.76 54.55
N PHE E 287 15.19 -41.09 55.50
CA PHE E 287 14.44 -39.86 55.26
C PHE E 287 15.30 -38.83 54.54
N PHE E 288 16.53 -38.64 55.03
CA PHE E 288 17.38 -37.54 54.60
C PHE E 288 18.35 -37.97 53.51
N SER E 289 17.95 -38.93 52.66
CA SER E 289 18.85 -39.49 51.66
C SER E 289 19.00 -38.55 50.47
N THR E 290 18.07 -37.62 50.30
CA THR E 290 18.07 -36.71 49.16
C THR E 290 18.60 -35.34 49.58
N ILE E 291 19.54 -35.30 50.52
CA ILE E 291 20.06 -34.05 51.06
C ILE E 291 21.58 -34.11 51.01
N ASP E 292 22.17 -33.32 50.10
CA ASP E 292 23.61 -33.08 50.08
C ASP E 292 23.92 -32.07 51.18
N TRP E 293 24.47 -32.56 52.31
CA TRP E 293 24.63 -31.75 53.50
C TRP E 293 25.73 -30.71 53.31
N ASN E 294 26.56 -30.91 52.29
CA ASN E 294 27.62 -29.97 51.95
C ASN E 294 27.01 -28.79 51.20
N LYS E 295 26.16 -29.08 50.21
CA LYS E 295 25.51 -28.03 49.41
C LYS E 295 24.43 -27.33 50.20
N LEU E 296 23.85 -28.02 51.21
CA LEU E 296 22.88 -27.41 52.11
C LEU E 296 23.56 -26.36 52.97
N TYR E 297 24.69 -26.74 53.59
CA TYR E 297 25.46 -25.84 54.45
C TYR E 297 25.87 -24.58 53.68
N ARG E 298 26.19 -24.76 52.39
CA ARG E 298 26.64 -23.66 51.54
C ARG E 298 25.45 -22.90 50.95
N ARG E 299 24.23 -23.21 51.43
CA ARG E 299 23.01 -22.53 51.02
C ARG E 299 22.84 -22.58 49.50
N GLU E 300 23.19 -23.71 48.89
CA GLU E 300 23.10 -23.89 47.45
C GLU E 300 21.82 -24.62 47.08
N ILE E 301 21.22 -25.33 48.04
CA ILE E 301 19.96 -26.03 47.80
C ILE E 301 18.83 -25.00 47.79
N HIS E 302 18.12 -24.93 46.67
CA HIS E 302 17.09 -23.92 46.45
C HIS E 302 15.98 -24.09 47.48
N PRO E 303 15.71 -23.09 48.34
CA PRO E 303 14.64 -23.17 49.33
C PRO E 303 13.29 -23.57 48.73
N PRO E 304 12.48 -24.40 49.44
CA PRO E 304 11.12 -24.71 48.99
C PRO E 304 10.19 -23.50 49.02
N PHE E 305 10.41 -22.61 49.98
CA PHE E 305 9.57 -21.42 50.16
C PHE E 305 10.39 -20.15 49.91
N LYS E 306 10.02 -19.43 48.85
CA LYS E 306 10.56 -18.12 48.55
C LYS E 306 9.74 -17.07 49.30
N PRO E 307 10.33 -16.32 50.27
CA PRO E 307 9.62 -15.23 50.95
C PRO E 307 9.11 -14.14 50.00
N ALA E 308 8.25 -13.26 50.54
CA ALA E 308 7.51 -12.28 49.76
C ALA E 308 6.49 -12.99 48.88
N THR E 309 5.59 -13.73 49.53
CA THR E 309 4.53 -14.48 48.85
C THR E 309 3.17 -13.80 49.11
N ALA F 24 38.93 69.09 -46.95
CA ALA F 24 38.02 68.45 -45.97
C ALA F 24 37.40 69.52 -45.08
N ASP F 25 36.55 70.37 -45.67
CA ASP F 25 35.98 71.52 -44.98
C ASP F 25 34.55 71.74 -45.46
N PRO F 26 33.59 72.04 -44.54
CA PRO F 26 32.21 72.37 -44.92
C PRO F 26 32.07 73.44 -46.00
N SER F 27 33.04 74.36 -46.08
CA SER F 27 33.00 75.48 -47.00
C SER F 27 33.20 75.03 -48.45
N GLN F 28 33.78 73.84 -48.64
CA GLN F 28 34.14 73.37 -49.96
C GLN F 28 32.95 72.68 -50.66
N PHE F 29 31.75 72.77 -50.08
CA PHE F 29 30.60 72.04 -50.58
C PHE F 29 29.35 72.94 -50.60
N GLU F 30 28.62 72.87 -51.72
CA GLU F 30 27.47 73.72 -51.99
C GLU F 30 26.19 72.90 -51.83
N LEU F 31 25.35 73.26 -50.85
CA LEU F 31 24.14 72.52 -50.53
C LEU F 31 23.09 72.77 -51.62
N LEU F 32 22.64 71.69 -52.27
CA LEU F 32 21.67 71.79 -53.35
C LEU F 32 20.29 71.35 -52.86
N LYS F 33 20.19 70.09 -52.43
CA LYS F 33 18.91 69.51 -52.01
C LYS F 33 19.16 68.53 -50.86
N VAL F 34 18.17 68.44 -49.96
CA VAL F 34 18.13 67.40 -48.95
C VAL F 34 17.49 66.17 -49.60
N LEU F 35 18.22 65.05 -49.63
CA LEU F 35 17.75 63.87 -50.36
C LEU F 35 16.85 63.02 -49.47
N GLY F 36 17.17 62.93 -48.18
CA GLY F 36 16.36 62.15 -47.25
C GLY F 36 16.75 62.38 -45.80
N GLN F 37 16.08 61.67 -44.89
CA GLN F 37 16.27 61.83 -43.47
C GLN F 37 15.93 60.52 -42.75
N GLY F 38 16.51 60.35 -41.56
CA GLY F 38 16.22 59.22 -40.69
C GLY F 38 16.70 59.49 -39.27
N SER F 39 16.82 58.42 -38.49
CA SER F 39 17.41 58.50 -37.16
C SER F 39 18.93 58.65 -37.28
N PHE F 40 19.50 57.92 -38.25
CA PHE F 40 20.94 57.96 -38.54
C PHE F 40 21.41 59.39 -38.71
N GLY F 41 20.58 60.23 -39.34
CA GLY F 41 20.89 61.64 -39.52
C GLY F 41 20.17 62.23 -40.73
N LYS F 42 20.93 62.86 -41.62
CA LYS F 42 20.37 63.58 -42.75
C LYS F 42 21.34 63.48 -43.93
N VAL F 43 20.77 63.34 -45.14
CA VAL F 43 21.56 63.21 -46.35
C VAL F 43 21.27 64.41 -47.25
N PHE F 44 22.35 65.00 -47.80
CA PHE F 44 22.24 66.13 -48.71
C PHE F 44 22.88 65.78 -50.04
N LEU F 45 22.39 66.44 -51.10
CA LEU F 45 23.10 66.50 -52.37
C LEU F 45 23.95 67.77 -52.37
N VAL F 46 25.28 67.61 -52.55
CA VAL F 46 26.19 68.74 -52.54
C VAL F 46 26.93 68.80 -53.86
N LYS F 47 27.60 69.95 -54.10
CA LYS F 47 28.49 70.13 -55.23
C LYS F 47 29.80 70.73 -54.73
N LYS F 48 30.92 70.15 -55.17
CA LYS F 48 32.24 70.60 -54.77
C LYS F 48 32.49 72.00 -55.36
N ILE F 49 32.95 72.92 -54.51
CA ILE F 49 33.18 74.30 -54.91
C ILE F 49 34.63 74.42 -55.39
N SER F 50 35.59 74.01 -54.56
CA SER F 50 37.01 74.24 -54.80
C SER F 50 37.76 72.92 -54.96
N GLY F 51 38.51 72.79 -56.06
CA GLY F 51 39.39 71.65 -56.27
C GLY F 51 39.36 71.15 -57.72
N SER F 52 40.10 70.07 -57.97
CA SER F 52 40.15 69.43 -59.28
C SER F 52 38.83 68.73 -59.58
N ASP F 53 38.10 68.36 -58.51
CA ASP F 53 36.81 67.70 -58.63
C ASP F 53 35.69 68.72 -58.44
N ALA F 54 35.88 69.95 -58.92
CA ALA F 54 34.86 70.98 -58.84
C ALA F 54 33.71 70.61 -59.77
N ARG F 55 32.49 71.02 -59.38
CA ARG F 55 31.27 70.76 -60.14
C ARG F 55 30.95 69.26 -60.14
N GLN F 56 31.32 68.58 -59.05
CA GLN F 56 31.10 67.15 -58.88
C GLN F 56 30.01 66.93 -57.83
N LEU F 57 28.94 66.23 -58.21
CA LEU F 57 27.84 65.95 -57.29
C LEU F 57 28.28 64.89 -56.30
N TYR F 58 27.86 65.07 -55.03
CA TYR F 58 28.14 64.11 -53.97
C TYR F 58 26.92 63.97 -53.06
N ALA F 59 26.86 62.84 -52.34
CA ALA F 59 25.91 62.64 -51.28
C ALA F 59 26.60 62.90 -49.95
N MET F 60 26.09 63.89 -49.20
CA MET F 60 26.70 64.28 -47.93
C MET F 60 25.81 63.83 -46.78
N LYS F 61 26.29 62.83 -46.02
CA LYS F 61 25.57 62.29 -44.89
C LYS F 61 26.12 62.90 -43.61
N VAL F 62 25.38 63.84 -43.02
CA VAL F 62 25.72 64.40 -41.73
C VAL F 62 25.14 63.47 -40.65
N LEU F 63 26.02 62.89 -39.85
CA LEU F 63 25.63 61.98 -38.79
C LEU F 63 25.62 62.73 -37.47
N LYS F 64 24.50 62.63 -36.74
CA LYS F 64 24.35 63.26 -35.43
C LYS F 64 25.25 62.54 -34.43
N ILE F 82 34.67 53.22 -41.59
CA ILE F 82 34.50 51.78 -41.99
C ILE F 82 34.67 51.67 -43.51
N LEU F 83 34.22 52.68 -44.26
CA LEU F 83 34.40 52.75 -45.69
C LEU F 83 35.86 53.05 -46.05
N VAL F 84 36.71 53.19 -45.02
CA VAL F 84 38.13 53.49 -45.21
C VAL F 84 38.80 52.37 -45.99
N GLU F 85 38.46 51.11 -45.68
CA GLU F 85 39.04 49.95 -46.35
C GLU F 85 38.21 49.57 -47.57
N VAL F 86 36.88 49.65 -47.43
CA VAL F 86 35.96 49.18 -48.45
C VAL F 86 36.19 49.98 -49.73
N ASN F 87 36.65 49.27 -50.77
CA ASN F 87 36.93 49.88 -52.06
C ASN F 87 36.72 48.83 -53.15
N HIS F 88 35.53 48.85 -53.75
CA HIS F 88 35.16 47.95 -54.83
C HIS F 88 34.31 48.74 -55.83
N PRO F 89 34.41 48.47 -57.15
CA PRO F 89 33.55 49.13 -58.14
C PRO F 89 32.07 49.20 -57.78
N PHE F 90 31.53 48.12 -57.19
CA PHE F 90 30.10 48.01 -56.93
C PHE F 90 29.79 48.20 -55.44
N ILE F 91 30.56 49.07 -54.77
CA ILE F 91 30.23 49.53 -53.43
C ILE F 91 30.50 51.03 -53.35
N VAL F 92 29.69 51.73 -52.54
CA VAL F 92 29.77 53.18 -52.44
C VAL F 92 31.12 53.57 -51.82
N LYS F 93 31.71 54.65 -52.34
CA LYS F 93 33.07 55.05 -52.02
C LYS F 93 33.04 56.35 -51.22
N LEU F 94 33.70 56.33 -50.05
CA LEU F 94 33.82 57.49 -49.19
C LEU F 94 34.97 58.37 -49.67
N HIS F 95 34.65 59.54 -50.24
CA HIS F 95 35.65 60.45 -50.78
C HIS F 95 36.23 61.31 -49.65
N TYR F 96 35.36 62.09 -48.99
CA TYR F 96 35.77 63.01 -47.95
C TYR F 96 35.05 62.65 -46.65
N ALA F 97 35.60 63.10 -45.53
CA ALA F 97 35.01 62.86 -44.22
C ALA F 97 35.63 63.81 -43.20
N PHE F 98 34.80 64.72 -42.66
CA PHE F 98 35.26 65.73 -41.72
C PHE F 98 34.26 65.85 -40.57
N GLN F 99 34.80 65.99 -39.34
CA GLN F 99 33.99 66.15 -38.14
C GLN F 99 34.06 67.60 -37.69
N THR F 100 32.89 68.26 -37.63
CA THR F 100 32.77 69.67 -37.30
C THR F 100 31.49 69.89 -36.51
N GLU F 101 31.49 70.87 -35.59
CA GLU F 101 30.30 71.28 -34.86
C GLU F 101 29.76 70.14 -33.99
N GLY F 102 30.57 69.09 -33.78
CA GLY F 102 30.10 67.88 -33.13
C GLY F 102 29.17 67.06 -34.03
N LYS F 103 29.54 66.94 -35.31
CA LYS F 103 28.81 66.16 -36.29
C LYS F 103 29.79 65.60 -37.31
N LEU F 104 29.72 64.29 -37.58
CA LEU F 104 30.57 63.66 -38.58
C LEU F 104 29.90 63.79 -39.95
N TYR F 105 30.60 64.45 -40.88
CA TYR F 105 30.11 64.60 -42.24
C TYR F 105 30.82 63.55 -43.11
N LEU F 106 30.02 62.76 -43.84
CA LEU F 106 30.54 61.83 -44.82
C LEU F 106 30.12 62.29 -46.21
N ILE F 107 31.08 62.28 -47.15
CA ILE F 107 30.81 62.59 -48.55
C ILE F 107 31.04 61.32 -49.35
N LEU F 108 30.01 60.85 -50.07
CA LEU F 108 30.09 59.61 -50.81
C LEU F 108 29.73 59.85 -52.28
N ASP F 109 29.81 58.79 -53.08
CA ASP F 109 29.35 58.81 -54.46
C ASP F 109 27.89 59.26 -54.50
N PHE F 110 27.51 59.92 -55.61
CA PHE F 110 26.13 60.21 -55.89
C PHE F 110 25.69 59.39 -57.11
N LEU F 111 24.60 58.64 -56.95
CA LEU F 111 24.08 57.79 -58.01
C LEU F 111 22.76 58.35 -58.53
N ARG F 112 22.66 58.45 -59.86
CA ARG F 112 21.57 59.16 -60.52
C ARG F 112 20.53 58.17 -61.05
N GLY F 113 20.79 56.87 -60.88
CA GLY F 113 20.00 55.83 -61.53
C GLY F 113 19.01 55.14 -60.58
N GLY F 114 18.82 55.70 -59.39
CA GLY F 114 17.82 55.22 -58.45
C GLY F 114 18.26 53.95 -57.73
N ASP F 115 17.33 53.39 -56.94
CA ASP F 115 17.58 52.18 -56.16
C ASP F 115 16.85 51.01 -56.80
N LEU F 116 17.15 49.79 -56.32
CA LEU F 116 16.67 48.56 -56.93
C LEU F 116 15.28 48.21 -56.39
N PHE F 117 14.85 48.91 -55.33
CA PHE F 117 13.52 48.77 -54.78
C PHE F 117 12.47 49.32 -55.75
N THR F 118 12.75 50.50 -56.32
CA THR F 118 11.79 51.25 -57.11
C THR F 118 11.57 50.60 -58.48
N ARG F 119 12.63 49.99 -59.04
CA ARG F 119 12.56 49.39 -60.36
C ARG F 119 11.77 48.09 -60.31
N LEU F 120 11.77 47.43 -59.13
CA LEU F 120 10.92 46.27 -58.89
C LEU F 120 9.46 46.69 -58.86
N SER F 121 9.15 47.75 -58.09
CA SER F 121 7.80 48.25 -57.96
C SER F 121 7.18 48.52 -59.33
N LYS F 122 7.99 49.05 -60.25
CA LYS F 122 7.52 49.39 -61.58
C LYS F 122 7.38 48.13 -62.44
N GLU F 123 8.45 47.32 -62.50
CA GLU F 123 8.50 46.22 -63.45
C GLU F 123 7.98 44.93 -62.83
N VAL F 124 7.65 44.96 -61.52
CA VAL F 124 7.03 43.84 -60.81
C VAL F 124 8.06 42.74 -60.58
N MET F 125 8.59 42.17 -61.67
CA MET F 125 9.62 41.14 -61.57
C MET F 125 10.57 41.26 -62.76
N PHE F 126 11.80 40.76 -62.59
CA PHE F 126 12.86 40.94 -63.56
C PHE F 126 13.07 39.66 -64.36
N THR F 127 13.77 39.79 -65.49
CA THR F 127 14.24 38.66 -66.28
C THR F 127 15.48 38.07 -65.61
N GLU F 128 15.66 36.75 -65.72
CA GLU F 128 16.81 36.07 -65.15
C GLU F 128 18.09 36.80 -65.57
N GLU F 129 18.19 37.11 -66.87
CA GLU F 129 19.31 37.88 -67.39
C GLU F 129 19.58 39.07 -66.48
N ASP F 130 18.53 39.87 -66.22
CA ASP F 130 18.68 41.11 -65.46
C ASP F 130 19.06 40.80 -64.02
N VAL F 131 18.57 39.67 -63.49
CA VAL F 131 18.85 39.28 -62.11
C VAL F 131 20.26 38.73 -62.00
N LYS F 132 20.66 37.85 -62.95
CA LYS F 132 22.01 37.32 -62.99
C LYS F 132 23.02 38.46 -62.92
N PHE F 133 22.76 39.52 -63.69
CA PHE F 133 23.62 40.67 -63.74
C PHE F 133 23.78 41.26 -62.33
N TYR F 134 22.65 41.68 -61.73
CA TYR F 134 22.66 42.39 -60.46
C TYR F 134 23.27 41.54 -59.35
N LEU F 135 22.86 40.26 -59.29
CA LEU F 135 23.34 39.34 -58.28
C LEU F 135 24.84 39.10 -58.42
N ALA F 136 25.30 38.99 -59.66
CA ALA F 136 26.71 38.73 -59.94
C ALA F 136 27.56 39.86 -59.35
N GLU F 137 27.20 41.10 -59.67
CA GLU F 137 27.95 42.26 -59.22
C GLU F 137 27.85 42.39 -57.70
N LEU F 138 26.67 42.04 -57.15
CA LEU F 138 26.45 42.11 -55.72
C LEU F 138 27.31 41.07 -55.01
N ALA F 139 27.47 39.90 -55.63
CA ALA F 139 28.25 38.81 -55.07
C ALA F 139 29.71 39.23 -54.93
N LEU F 140 30.23 39.88 -55.98
CA LEU F 140 31.58 40.42 -55.97
C LEU F 140 31.72 41.40 -54.81
N ALA F 141 30.72 42.29 -54.66
CA ALA F 141 30.71 43.27 -53.59
C ALA F 141 30.70 42.57 -52.24
N LEU F 142 29.82 41.58 -52.07
CA LEU F 142 29.71 40.85 -50.82
C LEU F 142 31.00 40.08 -50.56
N ASP F 143 31.63 39.58 -51.62
CA ASP F 143 32.87 38.83 -51.51
C ASP F 143 33.99 39.72 -50.98
N HIS F 144 34.08 40.93 -51.53
CA HIS F 144 35.08 41.89 -51.13
C HIS F 144 34.89 42.27 -49.66
N LEU F 145 33.64 42.57 -49.27
CA LEU F 145 33.30 42.89 -47.89
C LEU F 145 33.74 41.75 -46.97
N HIS F 146 33.54 40.50 -47.42
CA HIS F 146 33.85 39.32 -46.64
C HIS F 146 35.36 39.17 -46.46
N SER F 147 36.14 39.53 -47.49
CA SER F 147 37.59 39.42 -47.45
C SER F 147 38.16 40.31 -46.34
N LEU F 148 37.52 41.45 -46.10
CA LEU F 148 37.96 42.41 -45.09
C LEU F 148 37.43 42.01 -43.71
N GLY F 149 36.38 41.18 -43.68
CA GLY F 149 35.76 40.72 -42.44
C GLY F 149 34.53 41.54 -42.08
N ILE F 150 33.85 42.06 -43.11
CA ILE F 150 32.69 42.93 -42.94
C ILE F 150 31.47 42.18 -43.46
N ILE F 151 30.31 42.39 -42.82
CA ILE F 151 29.07 41.73 -43.21
C ILE F 151 27.99 42.80 -43.38
N TYR F 152 26.96 42.46 -44.17
CA TYR F 152 25.84 43.35 -44.40
C TYR F 152 24.68 42.89 -43.52
N ARG F 153 24.29 43.76 -42.58
CA ARG F 153 23.29 43.41 -41.57
C ARG F 153 21.92 43.24 -42.22
N ASP F 154 21.53 44.22 -43.05
CA ASP F 154 20.20 44.21 -43.64
C ASP F 154 20.32 44.39 -45.14
N LEU F 155 20.55 43.26 -45.84
CA LEU F 155 20.76 43.27 -47.28
C LEU F 155 19.40 43.25 -47.98
N LYS F 156 18.80 44.44 -48.11
CA LYS F 156 17.53 44.61 -48.80
C LYS F 156 17.79 45.35 -50.11
N PRO F 157 16.84 45.33 -51.08
CA PRO F 157 17.00 46.03 -52.35
C PRO F 157 17.13 47.56 -52.23
N GLU F 158 16.63 48.10 -51.12
CA GLU F 158 16.71 49.54 -50.85
C GLU F 158 18.16 49.97 -50.72
N ASN F 159 19.02 49.06 -50.21
CA ASN F 159 20.41 49.36 -49.98
C ASN F 159 21.21 49.32 -51.28
N ILE F 160 20.73 48.57 -52.27
CA ILE F 160 21.42 48.47 -53.55
C ILE F 160 20.93 49.58 -54.48
N LEU F 161 21.81 50.54 -54.76
CA LEU F 161 21.51 51.66 -55.64
C LEU F 161 22.12 51.42 -57.02
N LEU F 162 21.60 52.14 -58.03
CA LEU F 162 22.03 52.03 -59.41
C LEU F 162 22.58 53.36 -59.88
N ASP F 163 23.74 53.33 -60.56
CA ASP F 163 24.30 54.52 -61.18
C ASP F 163 23.62 54.73 -62.54
N GLU F 164 23.96 55.83 -63.22
CA GLU F 164 23.32 56.20 -64.48
C GLU F 164 23.72 55.23 -65.60
N GLU F 165 24.91 54.64 -65.49
CA GLU F 165 25.40 53.70 -66.49
C GLU F 165 24.55 52.44 -66.44
N GLY F 166 24.21 52.00 -65.22
CA GLY F 166 23.33 50.86 -65.01
C GLY F 166 23.90 49.83 -64.03
N HIS F 167 25.19 49.98 -63.69
CA HIS F 167 25.83 49.13 -62.70
C HIS F 167 25.32 49.52 -61.32
N ILE F 168 25.65 48.71 -60.30
CA ILE F 168 25.08 48.84 -58.98
C ILE F 168 26.11 49.44 -58.02
N LYS F 169 25.65 49.74 -56.80
CA LYS F 169 26.51 50.14 -55.70
C LYS F 169 25.78 49.91 -54.38
N LEU F 170 26.35 49.04 -53.54
CA LEU F 170 25.90 48.87 -52.17
C LEU F 170 26.11 50.18 -51.39
N THR F 171 25.27 50.39 -50.36
CA THR F 171 25.42 51.51 -49.46
C THR F 171 26.20 51.05 -48.23
N ASP F 172 26.40 51.95 -47.27
CA ASP F 172 27.21 51.69 -46.10
C ASP F 172 26.32 51.55 -44.86
N PHE F 173 25.00 51.50 -45.05
CA PHE F 173 24.05 51.42 -43.95
C PHE F 173 24.14 50.05 -43.27
N GLY F 174 24.27 48.99 -44.08
CA GLY F 174 24.30 47.63 -43.58
C GLY F 174 25.65 47.25 -42.98
N LEU F 175 26.73 47.86 -43.47
CA LEU F 175 28.09 47.41 -43.18
C LEU F 175 28.32 47.31 -41.68
N SER F 176 29.04 46.26 -41.28
CA SER F 176 29.27 45.94 -39.88
C SER F 176 30.33 44.84 -39.78
N LYS F 177 30.95 44.70 -38.62
CA LYS F 177 32.03 43.76 -38.42
C LYS F 177 31.45 42.34 -38.25
N PHE F 189 19.84 44.17 -32.58
CA PHE F 189 18.91 43.32 -33.37
C PHE F 189 17.79 44.18 -33.96
N CYS F 190 17.89 44.46 -35.26
CA CYS F 190 16.83 45.15 -35.99
C CYS F 190 16.99 44.90 -37.49
N GLY F 191 16.01 45.37 -38.26
CA GLY F 191 16.04 45.25 -39.72
C GLY F 191 14.92 44.35 -40.23
N THR F 192 14.59 44.49 -41.53
CA THR F 192 13.54 43.72 -42.17
C THR F 192 13.80 42.22 -41.97
N VAL F 193 12.85 41.55 -41.31
CA VAL F 193 13.01 40.16 -40.90
C VAL F 193 12.88 39.23 -42.10
N GLU F 194 12.31 39.72 -43.22
CA GLU F 194 12.06 38.86 -44.37
C GLU F 194 13.37 38.50 -45.07
N TYR F 195 14.47 39.23 -44.79
CA TYR F 195 15.75 38.95 -45.38
C TYR F 195 16.71 38.33 -44.36
N MET F 196 16.18 38.03 -43.17
CA MET F 196 17.01 37.53 -42.07
C MET F 196 17.25 36.04 -42.24
N ALA F 197 18.51 35.63 -42.06
CA ALA F 197 18.86 34.22 -42.01
C ALA F 197 18.35 33.62 -40.70
N PRO F 198 18.02 32.30 -40.67
CA PRO F 198 17.46 31.66 -39.48
C PRO F 198 18.29 31.81 -38.19
N GLU F 199 19.62 31.78 -38.32
CA GLU F 199 20.50 31.96 -37.17
C GLU F 199 20.33 33.37 -36.61
N VAL F 200 20.11 34.35 -37.50
CA VAL F 200 19.97 35.74 -37.10
C VAL F 200 18.62 35.93 -36.40
N VAL F 201 17.62 35.16 -36.82
CA VAL F 201 16.31 35.20 -36.20
C VAL F 201 16.40 34.69 -34.76
N ASN F 202 17.27 33.70 -34.52
CA ASN F 202 17.41 33.10 -33.20
C ASN F 202 18.47 33.83 -32.38
N ARG F 203 19.08 34.87 -32.96
CA ARG F 203 20.13 35.68 -32.32
C ARG F 203 21.34 34.82 -31.97
N ARG F 204 21.64 33.83 -32.83
CA ARG F 204 22.75 32.92 -32.61
C ARG F 204 24.02 33.46 -33.27
N GLY F 205 23.88 34.55 -34.04
CA GLY F 205 25.02 35.20 -34.66
C GLY F 205 24.77 35.47 -36.15
N HIS F 206 25.60 36.36 -36.71
CA HIS F 206 25.41 36.86 -38.06
C HIS F 206 26.72 36.70 -38.82
N THR F 207 27.04 35.44 -39.15
CA THR F 207 28.23 35.10 -39.92
C THR F 207 28.07 35.56 -41.37
N GLN F 208 29.11 35.38 -42.18
CA GLN F 208 29.07 35.80 -43.57
C GLN F 208 28.13 34.89 -44.36
N SER F 209 27.90 33.67 -43.84
CA SER F 209 26.95 32.75 -44.43
C SER F 209 25.53 33.30 -44.35
N ALA F 210 25.29 34.21 -43.41
CA ALA F 210 23.99 34.88 -43.31
C ALA F 210 23.76 35.75 -44.54
N ASP F 211 24.83 36.39 -45.04
CA ASP F 211 24.71 37.29 -46.18
C ASP F 211 24.26 36.53 -47.42
N TRP F 212 24.63 35.26 -47.50
CA TRP F 212 24.30 34.44 -48.66
C TRP F 212 22.85 33.97 -48.59
N TRP F 213 22.29 33.86 -47.39
CA TRP F 213 20.86 33.65 -47.23
C TRP F 213 20.11 34.86 -47.76
N SER F 214 20.48 36.04 -47.26
CA SER F 214 19.88 37.29 -47.68
C SER F 214 20.07 37.47 -49.19
N PHE F 215 21.26 37.09 -49.68
CA PHE F 215 21.52 37.07 -51.12
C PHE F 215 20.43 36.27 -51.83
N GLY F 216 20.12 35.10 -51.27
CA GLY F 216 19.09 34.22 -51.81
C GLY F 216 17.70 34.86 -51.78
N VAL F 217 17.40 35.63 -50.73
CA VAL F 217 16.11 36.27 -50.59
C VAL F 217 15.95 37.35 -51.66
N LEU F 218 17.03 38.07 -51.95
CA LEU F 218 17.04 39.06 -53.02
C LEU F 218 16.74 38.36 -54.34
N MET F 219 17.45 37.25 -54.59
CA MET F 219 17.30 36.49 -55.82
C MET F 219 15.83 36.13 -56.01
N PHE F 220 15.22 35.57 -54.95
CA PHE F 220 13.84 35.13 -55.00
C PHE F 220 12.93 36.31 -55.31
N GLU F 221 13.02 37.36 -54.49
CA GLU F 221 12.14 38.52 -54.59
C GLU F 221 12.18 39.10 -56.00
N MET F 222 13.39 39.17 -56.57
CA MET F 222 13.60 39.84 -57.85
C MET F 222 12.99 39.05 -58.99
N LEU F 223 12.87 37.73 -58.80
CA LEU F 223 12.35 36.83 -59.84
C LEU F 223 10.87 36.57 -59.66
N THR F 224 10.40 36.48 -58.40
CA THR F 224 9.02 36.13 -58.10
C THR F 224 8.16 37.37 -57.91
N GLY F 225 8.78 38.49 -57.53
CA GLY F 225 8.07 39.69 -57.11
C GLY F 225 7.44 39.52 -55.73
N THR F 226 7.95 38.53 -54.97
CA THR F 226 7.40 38.17 -53.68
C THR F 226 8.52 37.64 -52.79
N LEU F 227 8.29 37.65 -51.47
CA LEU F 227 9.27 37.18 -50.51
C LEU F 227 9.07 35.68 -50.27
N PRO F 228 10.15 34.93 -49.96
CA PRO F 228 10.07 33.47 -49.86
C PRO F 228 9.37 32.96 -48.60
N PHE F 229 9.51 33.72 -47.51
CA PHE F 229 8.85 33.41 -46.25
C PHE F 229 8.16 34.67 -45.75
N GLN F 230 6.82 34.63 -45.65
CA GLN F 230 6.04 35.81 -45.34
C GLN F 230 4.67 35.41 -44.81
N GLY F 231 4.43 35.71 -43.52
CA GLY F 231 3.17 35.39 -42.86
C GLY F 231 2.30 36.63 -42.70
N LYS F 232 1.31 36.53 -41.80
CA LYS F 232 0.38 37.62 -41.55
C LYS F 232 1.04 38.70 -40.71
N ASP F 233 2.02 38.30 -39.89
CA ASP F 233 2.72 39.21 -39.00
C ASP F 233 4.22 38.91 -39.04
N ARG F 234 5.00 39.71 -38.32
CA ARG F 234 6.46 39.56 -38.31
C ARG F 234 6.85 38.27 -37.59
N LYS F 235 6.02 37.84 -36.63
CA LYS F 235 6.32 36.67 -35.81
C LYS F 235 6.24 35.40 -36.66
N GLU F 236 5.18 35.29 -37.48
CA GLU F 236 4.95 34.10 -38.28
C GLU F 236 6.02 33.97 -39.36
N THR F 237 6.42 35.12 -39.93
CA THR F 237 7.48 35.18 -40.92
C THR F 237 8.77 34.60 -40.35
N MET F 238 9.09 35.00 -39.11
CA MET F 238 10.27 34.55 -38.41
C MET F 238 10.14 33.06 -38.11
N THR F 239 8.94 32.65 -37.68
CA THR F 239 8.64 31.26 -37.40
C THR F 239 8.77 30.43 -38.68
N MET F 240 8.41 31.03 -39.82
CA MET F 240 8.44 30.35 -41.10
C MET F 240 9.88 30.14 -41.56
N ILE F 241 10.69 31.20 -41.46
CA ILE F 241 12.10 31.14 -41.82
C ILE F 241 12.74 29.94 -41.13
N LEU F 242 12.54 29.83 -39.82
CA LEU F 242 13.13 28.77 -39.01
C LEU F 242 12.57 27.42 -39.45
N LYS F 243 11.24 27.28 -39.37
CA LYS F 243 10.57 26.02 -39.58
C LYS F 243 9.61 26.13 -40.76
N ALA F 244 10.16 26.12 -41.98
CA ALA F 244 9.36 25.97 -43.19
C ALA F 244 10.27 25.62 -44.37
N LYS F 245 9.86 24.61 -45.13
CA LYS F 245 10.43 24.36 -46.43
C LYS F 245 9.89 25.42 -47.39
N LEU F 246 10.65 25.70 -48.44
CA LEU F 246 10.23 26.67 -49.44
C LEU F 246 9.71 25.94 -50.68
N GLY F 247 8.49 26.29 -51.10
CA GLY F 247 7.90 25.76 -52.31
C GLY F 247 8.32 26.57 -53.54
N MET F 248 9.10 25.93 -54.43
CA MET F 248 9.64 26.60 -55.60
C MET F 248 8.52 26.92 -56.57
N PRO F 249 8.35 28.19 -57.00
CA PRO F 249 7.53 28.51 -58.17
C PRO F 249 8.09 27.86 -59.44
N GLN F 250 7.19 27.33 -60.28
CA GLN F 250 7.57 26.51 -61.41
C GLN F 250 7.80 27.36 -62.67
N PHE F 251 7.84 28.68 -62.50
CA PHE F 251 8.21 29.57 -63.60
C PHE F 251 9.68 29.95 -63.48
N LEU F 252 10.33 29.50 -62.40
CA LEU F 252 11.76 29.66 -62.22
C LEU F 252 12.49 28.54 -62.97
N SER F 253 13.62 28.89 -63.61
CA SER F 253 14.38 27.93 -64.39
C SER F 253 15.01 26.89 -63.47
N PRO F 254 15.41 25.70 -63.98
CA PRO F 254 16.06 24.68 -63.15
C PRO F 254 17.32 25.19 -62.46
N GLU F 255 18.00 26.12 -63.12
CA GLU F 255 19.25 26.69 -62.62
C GLU F 255 18.97 27.57 -61.41
N ALA F 256 17.97 28.45 -61.54
CA ALA F 256 17.59 29.39 -60.50
C ALA F 256 17.10 28.66 -59.25
N GLN F 257 16.37 27.55 -59.45
CA GLN F 257 15.81 26.78 -58.35
C GLN F 257 16.92 26.05 -57.59
N SER F 258 17.92 25.58 -58.34
CA SER F 258 19.05 24.86 -57.77
C SER F 258 19.80 25.74 -56.78
N LEU F 259 20.01 27.01 -57.16
CA LEU F 259 20.81 27.96 -56.39
C LEU F 259 20.05 28.34 -55.10
N LEU F 260 18.73 28.49 -55.22
CA LEU F 260 17.90 28.92 -54.10
C LEU F 260 17.83 27.81 -53.05
N ARG F 261 17.83 26.55 -53.49
CA ARG F 261 17.82 25.41 -52.58
C ARG F 261 19.11 25.34 -51.77
N MET F 262 20.22 25.73 -52.41
CA MET F 262 21.53 25.64 -51.80
C MET F 262 21.79 26.88 -50.95
N LEU F 263 21.25 28.03 -51.36
CA LEU F 263 21.36 29.26 -50.59
C LEU F 263 20.48 29.19 -49.35
N PHE F 264 19.25 28.68 -49.52
CA PHE F 264 18.32 28.55 -48.41
C PHE F 264 18.55 27.21 -47.73
N LYS F 265 19.49 27.17 -46.79
CA LYS F 265 19.69 26.04 -45.90
C LYS F 265 19.81 26.59 -44.48
N ARG F 266 19.15 25.92 -43.52
CA ARG F 266 19.07 26.46 -42.17
C ARG F 266 20.45 26.44 -41.51
N ASN F 267 21.24 25.39 -41.79
CA ASN F 267 22.57 25.27 -41.22
C ASN F 267 23.55 26.11 -42.04
N PRO F 268 24.17 27.17 -41.46
CA PRO F 268 25.09 28.03 -42.21
C PRO F 268 26.27 27.29 -42.83
N ALA F 269 26.67 26.17 -42.22
CA ALA F 269 27.83 25.42 -42.65
C ALA F 269 27.60 24.75 -44.00
N ASN F 270 26.35 24.40 -44.30
CA ASN F 270 26.02 23.68 -45.52
C ASN F 270 25.72 24.65 -46.66
N ARG F 271 25.52 25.94 -46.34
CA ARG F 271 25.07 26.91 -47.33
C ARG F 271 26.13 27.12 -48.40
N LEU F 272 25.66 27.58 -49.57
CA LEU F 272 26.53 27.89 -50.68
C LEU F 272 27.23 29.22 -50.40
N GLY F 273 28.56 29.22 -50.50
CA GLY F 273 29.37 30.38 -50.13
C GLY F 273 30.00 30.21 -48.76
N ALA F 274 29.78 29.05 -48.14
CA ALA F 274 30.28 28.76 -46.82
C ALA F 274 31.01 27.42 -46.84
N GLY F 275 32.10 27.35 -47.62
CA GLY F 275 32.90 26.14 -47.71
C GLY F 275 34.37 26.47 -48.00
N PRO F 276 35.13 25.51 -48.57
CA PRO F 276 36.52 25.75 -48.97
C PRO F 276 36.69 26.88 -49.98
N ASP F 277 35.91 26.82 -51.07
CA ASP F 277 36.01 27.82 -52.14
C ASP F 277 35.55 29.18 -51.63
N GLY F 278 34.32 29.22 -51.08
CA GLY F 278 33.67 30.47 -50.72
C GLY F 278 32.79 30.97 -51.86
N VAL F 279 33.11 32.14 -52.40
CA VAL F 279 32.30 32.80 -53.41
C VAL F 279 32.28 31.97 -54.69
N GLU F 280 33.36 31.21 -54.95
CA GLU F 280 33.48 30.46 -56.18
C GLU F 280 32.32 29.47 -56.32
N GLU F 281 31.83 28.94 -55.20
CA GLU F 281 30.66 28.07 -55.19
C GLU F 281 29.49 28.76 -55.90
N ILE F 282 29.22 30.02 -55.51
CA ILE F 282 28.16 30.80 -56.13
C ILE F 282 28.51 31.03 -57.59
N LYS F 283 29.75 31.47 -57.85
CA LYS F 283 30.19 31.83 -59.19
C LYS F 283 30.09 30.63 -60.15
N ARG F 284 30.61 29.48 -59.71
CA ARG F 284 30.57 28.27 -60.50
C ARG F 284 29.23 27.57 -60.28
N HIS F 285 28.19 28.06 -60.97
CA HIS F 285 26.85 27.50 -60.86
C HIS F 285 26.12 27.74 -62.17
N SER F 286 25.19 26.83 -62.51
CA SER F 286 24.49 26.84 -63.78
C SER F 286 23.87 28.22 -64.05
N PHE F 287 23.43 28.90 -62.98
CA PHE F 287 22.80 30.20 -63.09
C PHE F 287 23.78 31.24 -63.63
N PHE F 288 25.03 31.18 -63.16
CA PHE F 288 26.05 32.15 -63.52
C PHE F 288 27.03 31.56 -64.53
N SER F 289 26.51 30.84 -65.54
CA SER F 289 27.34 30.21 -66.56
C SER F 289 27.54 31.15 -67.75
N THR F 290 26.60 32.10 -67.91
CA THR F 290 26.62 33.02 -69.04
C THR F 290 27.45 34.25 -68.70
N ILE F 291 27.78 34.43 -67.41
CA ILE F 291 28.45 35.63 -66.92
C ILE F 291 29.94 35.55 -67.23
N ASP F 292 30.56 36.73 -67.41
CA ASP F 292 32.00 36.86 -67.56
C ASP F 292 32.51 37.79 -66.46
N TRP F 293 33.05 37.19 -65.39
CA TRP F 293 33.31 37.88 -64.13
C TRP F 293 34.40 38.95 -64.27
N ASN F 294 35.33 38.72 -65.21
CA ASN F 294 36.40 39.67 -65.46
C ASN F 294 35.84 40.88 -66.22
N LYS F 295 34.95 40.64 -67.18
CA LYS F 295 34.26 41.71 -67.89
C LYS F 295 33.29 42.42 -66.95
N LEU F 296 32.68 41.67 -66.03
CA LEU F 296 31.71 42.21 -65.10
C LEU F 296 32.40 43.18 -64.14
N TYR F 297 33.52 42.75 -63.55
CA TYR F 297 34.32 43.62 -62.69
C TYR F 297 34.74 44.86 -63.47
N ARG F 298 35.13 44.67 -64.73
CA ARG F 298 35.60 45.75 -65.58
C ARG F 298 34.44 46.47 -66.26
N ARG F 299 33.20 46.05 -65.95
CA ARG F 299 32.00 46.80 -66.32
C ARG F 299 31.85 46.84 -67.84
N GLU F 300 32.45 45.86 -68.54
CA GLU F 300 32.36 45.78 -69.98
C GLU F 300 31.01 45.18 -70.36
N ILE F 301 30.45 44.39 -69.45
CA ILE F 301 29.12 43.82 -69.65
C ILE F 301 28.11 44.96 -69.62
N HIS F 302 27.41 45.15 -70.74
CA HIS F 302 26.45 46.23 -70.90
C HIS F 302 25.32 46.04 -69.88
N PRO F 303 25.06 47.04 -69.01
CA PRO F 303 23.98 46.94 -68.02
C PRO F 303 22.60 46.62 -68.59
N PRO F 304 21.62 46.23 -67.73
CA PRO F 304 20.29 45.85 -68.21
C PRO F 304 19.46 47.03 -68.72
N PHE F 305 19.55 48.15 -68.01
CA PHE F 305 18.83 49.36 -68.38
C PHE F 305 19.57 50.56 -67.77
N LYS F 306 19.51 51.71 -68.46
CA LYS F 306 20.16 52.93 -68.00
C LYS F 306 19.68 53.26 -66.59
N GLY G 20 -28.09 -65.78 66.90
CA GLY G 20 -28.28 -64.45 66.32
C GLY G 20 -29.72 -63.96 66.45
N HIS G 21 -30.41 -63.83 65.30
CA HIS G 21 -31.80 -63.38 65.28
C HIS G 21 -32.72 -64.59 65.48
N GLU G 22 -32.47 -65.66 64.72
CA GLU G 22 -33.22 -66.90 64.85
C GLU G 22 -32.25 -68.08 64.84
N LYS G 23 -32.47 -69.01 65.78
CA LYS G 23 -31.68 -70.23 65.85
C LYS G 23 -31.98 -71.09 64.63
N ALA G 24 -30.93 -71.67 64.04
CA ALA G 24 -31.07 -72.44 62.81
C ALA G 24 -29.94 -73.45 62.66
N ASP G 25 -30.13 -74.39 61.72
CA ASP G 25 -29.18 -75.44 61.42
C ASP G 25 -28.78 -75.29 59.95
N PRO G 26 -27.59 -75.78 59.52
CA PRO G 26 -27.25 -75.82 58.09
C PRO G 26 -28.20 -76.64 57.24
N SER G 27 -28.80 -77.68 57.83
CA SER G 27 -29.68 -78.59 57.11
C SER G 27 -31.09 -77.99 56.99
N GLN G 28 -31.23 -76.68 57.23
CA GLN G 28 -32.46 -75.96 56.93
C GLN G 28 -32.28 -75.08 55.70
N PHE G 29 -31.15 -75.23 55.01
CA PHE G 29 -30.80 -74.38 53.88
C PHE G 29 -30.17 -75.21 52.77
N GLU G 30 -30.47 -74.82 51.51
CA GLU G 30 -30.01 -75.53 50.33
C GLU G 30 -29.09 -74.61 49.53
N LEU G 31 -27.79 -74.93 49.51
CA LEU G 31 -26.78 -74.10 48.87
C LEU G 31 -26.90 -74.22 47.35
N LEU G 32 -27.07 -73.08 46.67
CA LEU G 32 -27.28 -73.06 45.22
C LEU G 32 -26.00 -72.62 44.52
N LYS G 33 -25.53 -71.41 44.82
CA LYS G 33 -24.40 -70.82 44.12
C LYS G 33 -23.51 -70.09 45.12
N VAL G 34 -22.29 -69.77 44.68
CA VAL G 34 -21.41 -68.87 45.42
C VAL G 34 -21.39 -67.54 44.68
N LEU G 35 -21.78 -66.48 45.39
CA LEU G 35 -22.00 -65.17 44.77
C LEU G 35 -20.68 -64.40 44.69
N GLY G 36 -19.86 -64.54 45.74
CA GLY G 36 -18.57 -63.89 45.79
C GLY G 36 -17.72 -64.43 46.94
N GLN G 37 -16.50 -63.90 47.08
CA GLN G 37 -15.57 -64.36 48.08
C GLN G 37 -14.51 -63.29 48.32
N GLY G 38 -13.97 -63.24 49.55
CA GLY G 38 -12.96 -62.26 49.91
C GLY G 38 -12.40 -62.50 51.30
N SER G 39 -11.75 -61.46 51.85
CA SER G 39 -11.14 -61.53 53.17
C SER G 39 -12.19 -61.87 54.22
N PHE G 40 -13.31 -61.13 54.19
CA PHE G 40 -14.44 -61.35 55.09
C PHE G 40 -14.73 -62.84 55.24
N GLY G 41 -14.86 -63.55 54.11
CA GLY G 41 -15.32 -64.93 54.10
C GLY G 41 -15.83 -65.35 52.73
N LYS G 42 -17.12 -65.70 52.66
CA LYS G 42 -17.70 -66.28 51.46
C LYS G 42 -19.22 -66.11 51.51
N VAL G 43 -19.80 -65.51 50.45
CA VAL G 43 -21.23 -65.34 50.34
C VAL G 43 -21.79 -66.46 49.47
N PHE G 44 -22.94 -67.01 49.90
CA PHE G 44 -23.62 -68.06 49.16
C PHE G 44 -25.06 -67.65 48.88
N LEU G 45 -25.65 -68.20 47.81
CA LEU G 45 -27.08 -68.13 47.57
C LEU G 45 -27.72 -69.40 48.12
N VAL G 46 -28.67 -69.23 49.04
CA VAL G 46 -29.30 -70.35 49.73
C VAL G 46 -30.81 -70.23 49.61
N LYS G 47 -31.50 -71.34 49.91
CA LYS G 47 -32.95 -71.41 49.89
C LYS G 47 -33.40 -72.14 51.14
N LYS G 48 -34.37 -71.54 51.86
CA LYS G 48 -34.94 -72.17 53.04
C LYS G 48 -35.82 -73.35 52.59
N ILE G 49 -35.69 -74.49 53.28
CA ILE G 49 -36.34 -75.72 52.86
C ILE G 49 -37.33 -76.18 53.94
N SER G 50 -37.78 -75.24 54.78
CA SER G 50 -38.63 -75.58 55.91
C SER G 50 -39.28 -74.31 56.47
N GLY G 51 -40.29 -74.51 57.33
CA GLY G 51 -41.00 -73.41 57.97
C GLY G 51 -41.87 -72.64 56.99
N SER G 52 -42.22 -71.41 57.37
CA SER G 52 -43.05 -70.53 56.56
C SER G 52 -42.19 -69.68 55.63
N ASP G 53 -40.86 -69.88 55.69
CA ASP G 53 -39.92 -69.17 54.85
C ASP G 53 -39.48 -70.04 53.66
N ALA G 54 -40.05 -71.24 53.56
CA ALA G 54 -39.59 -72.24 52.61
C ALA G 54 -39.60 -71.68 51.19
N ARG G 55 -38.53 -71.98 50.43
CA ARG G 55 -38.39 -71.66 49.02
C ARG G 55 -37.90 -70.23 48.82
N GLN G 56 -37.68 -69.48 49.91
CA GLN G 56 -37.28 -68.09 49.82
C GLN G 56 -35.76 -67.99 49.69
N LEU G 57 -35.30 -67.18 48.73
CA LEU G 57 -33.87 -67.00 48.49
C LEU G 57 -33.28 -66.03 49.52
N TYR G 58 -32.12 -66.41 50.05
CA TYR G 58 -31.38 -65.59 51.01
C TYR G 58 -29.93 -65.48 50.57
N ALA G 59 -29.14 -64.69 51.32
CA ALA G 59 -27.70 -64.66 51.18
C ALA G 59 -27.07 -65.15 52.49
N MET G 60 -26.18 -66.15 52.37
CA MET G 60 -25.52 -66.72 53.54
C MET G 60 -24.04 -66.31 53.50
N LYS G 61 -23.65 -65.43 54.44
CA LYS G 61 -22.26 -65.05 54.60
C LYS G 61 -21.63 -65.90 55.70
N VAL G 62 -20.73 -66.81 55.31
CA VAL G 62 -20.03 -67.66 56.26
C VAL G 62 -18.67 -67.03 56.55
N LEU G 63 -18.34 -66.92 57.84
CA LEU G 63 -17.19 -66.16 58.30
C LEU G 63 -16.31 -67.08 59.16
N LYS G 64 -15.00 -67.09 58.86
CA LYS G 64 -14.04 -67.84 59.65
C LYS G 64 -13.78 -67.08 60.95
N LYS G 65 -13.10 -67.74 61.89
CA LYS G 65 -12.72 -67.11 63.15
C LYS G 65 -11.53 -66.18 62.90
N ALA G 66 -11.79 -64.87 63.04
CA ALA G 66 -10.84 -63.81 62.71
C ALA G 66 -10.46 -63.90 61.24
N LYS G 69 -12.23 -62.19 66.25
CA LYS G 69 -11.35 -61.36 67.11
C LYS G 69 -11.68 -61.60 68.59
N VAL G 70 -10.65 -61.96 69.37
CA VAL G 70 -10.80 -62.31 70.77
C VAL G 70 -10.77 -61.02 71.60
N ARG G 71 -11.71 -60.91 72.55
CA ARG G 71 -11.84 -59.76 73.43
C ARG G 71 -11.98 -60.23 74.86
N ASP G 72 -10.89 -60.10 75.64
CA ASP G 72 -10.87 -60.51 77.04
C ASP G 72 -11.05 -62.03 77.12
N ARG G 73 -10.30 -62.75 76.28
CA ARG G 73 -10.28 -64.21 76.24
C ARG G 73 -11.62 -64.76 75.75
N VAL G 74 -12.37 -63.97 74.97
CA VAL G 74 -13.67 -64.37 74.46
C VAL G 74 -13.73 -64.02 72.98
N ARG G 75 -14.06 -65.01 72.12
CA ARG G 75 -14.22 -64.77 70.70
C ARG G 75 -15.54 -64.02 70.46
N THR G 76 -15.41 -62.76 70.04
CA THR G 76 -16.56 -61.90 69.80
C THR G 76 -17.19 -62.26 68.46
N LYS G 77 -18.51 -62.05 68.37
CA LYS G 77 -19.24 -62.17 67.11
C LYS G 77 -20.02 -60.88 66.89
N MET G 78 -19.29 -59.80 66.60
CA MET G 78 -19.89 -58.49 66.37
C MET G 78 -20.56 -58.47 65.00
N GLU G 79 -20.24 -59.45 64.15
CA GLU G 79 -20.78 -59.52 62.80
C GLU G 79 -22.30 -59.68 62.87
N ARG G 80 -22.77 -60.53 63.80
CA ARG G 80 -24.18 -60.80 63.98
C ARG G 80 -24.78 -59.93 65.08
N ASP G 81 -23.97 -59.59 66.10
CA ASP G 81 -24.47 -58.95 67.31
C ASP G 81 -24.82 -57.49 67.03
N ILE G 82 -24.28 -56.93 65.93
CA ILE G 82 -24.64 -55.58 65.51
C ILE G 82 -25.99 -55.61 64.78
N LEU G 83 -26.29 -56.73 64.10
CA LEU G 83 -27.50 -56.83 63.28
C LEU G 83 -28.70 -57.29 64.09
N VAL G 84 -28.55 -57.44 65.42
CA VAL G 84 -29.66 -57.85 66.26
C VAL G 84 -30.66 -56.71 66.37
N GLU G 85 -30.17 -55.47 66.33
CA GLU G 85 -30.98 -54.30 66.61
C GLU G 85 -31.49 -53.66 65.32
N VAL G 86 -30.70 -53.72 64.23
CA VAL G 86 -31.03 -53.01 63.00
C VAL G 86 -32.26 -53.65 62.37
N ASN G 87 -33.25 -52.81 62.06
CA ASN G 87 -34.50 -53.24 61.46
C ASN G 87 -35.05 -52.10 60.63
N HIS G 88 -34.56 -51.97 59.39
CA HIS G 88 -34.87 -50.82 58.55
C HIS G 88 -35.11 -51.27 57.11
N PRO G 89 -36.00 -50.59 56.34
CA PRO G 89 -36.27 -50.95 54.95
C PRO G 89 -35.11 -50.73 53.97
N PHE G 90 -34.13 -49.91 54.35
CA PHE G 90 -33.01 -49.58 53.48
C PHE G 90 -31.69 -50.08 54.07
N ILE G 91 -31.78 -51.10 54.94
CA ILE G 91 -30.61 -51.80 55.46
C ILE G 91 -30.90 -53.30 55.41
N VAL G 92 -29.85 -54.10 55.23
CA VAL G 92 -29.97 -55.54 55.22
C VAL G 92 -30.28 -56.03 56.63
N LYS G 93 -31.22 -56.97 56.72
CA LYS G 93 -31.66 -57.53 58.00
C LYS G 93 -31.16 -58.95 58.15
N LEU G 94 -30.63 -59.28 59.34
CA LEU G 94 -30.23 -60.63 59.67
C LEU G 94 -31.48 -61.46 60.01
N HIS G 95 -31.73 -62.50 59.19
CA HIS G 95 -32.89 -63.35 59.35
C HIS G 95 -32.59 -64.49 60.31
N TYR G 96 -31.44 -65.16 60.10
CA TYR G 96 -31.00 -66.26 60.96
C TYR G 96 -29.48 -66.17 61.11
N ALA G 97 -28.94 -66.92 62.07
CA ALA G 97 -27.50 -67.02 62.27
C ALA G 97 -27.16 -68.24 63.11
N PHE G 98 -26.30 -69.12 62.57
CA PHE G 98 -25.78 -70.28 63.30
C PHE G 98 -24.26 -70.20 63.34
N GLN G 99 -23.65 -71.05 64.17
CA GLN G 99 -22.24 -70.98 64.46
C GLN G 99 -21.65 -72.39 64.46
N THR G 100 -21.08 -72.80 63.31
CA THR G 100 -20.41 -74.09 63.18
C THR G 100 -19.02 -74.01 63.83
N GLU G 101 -18.41 -75.18 64.03
CA GLU G 101 -17.00 -75.28 64.36
C GLU G 101 -16.18 -74.50 63.33
N GLY G 102 -15.60 -73.38 63.78
CA GLY G 102 -14.63 -72.62 62.99
C GLY G 102 -15.28 -71.62 62.04
N LYS G 103 -16.62 -71.64 61.94
CA LYS G 103 -17.32 -70.79 60.98
C LYS G 103 -18.59 -70.22 61.61
N LEU G 104 -18.81 -68.92 61.41
CA LEU G 104 -20.01 -68.22 61.85
C LEU G 104 -20.86 -67.90 60.63
N TYR G 105 -22.10 -68.41 60.60
CA TYR G 105 -22.98 -68.27 59.45
C TYR G 105 -24.00 -67.18 59.74
N LEU G 106 -24.20 -66.28 58.77
CA LEU G 106 -25.19 -65.23 58.83
C LEU G 106 -26.10 -65.35 57.60
N ILE G 107 -27.41 -65.45 57.82
CA ILE G 107 -28.37 -65.48 56.73
C ILE G 107 -28.99 -64.09 56.61
N LEU G 108 -28.83 -63.47 55.43
CA LEU G 108 -29.32 -62.11 55.21
C LEU G 108 -30.16 -62.07 53.93
N ASP G 109 -30.67 -60.87 53.62
CA ASP G 109 -31.54 -60.66 52.47
C ASP G 109 -30.77 -61.03 51.19
N PHE G 110 -31.51 -61.27 50.11
CA PHE G 110 -30.90 -61.47 48.80
C PHE G 110 -31.37 -60.37 47.86
N LEU G 111 -30.45 -59.47 47.52
CA LEU G 111 -30.73 -58.28 46.74
C LEU G 111 -30.30 -58.53 45.30
N ARG G 112 -31.28 -58.53 44.39
CA ARG G 112 -31.07 -59.03 43.03
C ARG G 112 -31.22 -57.88 42.03
N GLY G 113 -30.62 -56.73 42.34
CA GLY G 113 -30.65 -55.58 41.46
C GLY G 113 -29.30 -54.86 41.38
N GLY G 114 -28.21 -55.59 41.67
CA GLY G 114 -26.87 -55.04 41.59
C GLY G 114 -26.58 -54.01 42.68
N ASP G 115 -25.63 -53.10 42.40
CA ASP G 115 -25.22 -52.08 43.35
C ASP G 115 -25.04 -50.76 42.61
N LEU G 116 -24.61 -49.72 43.34
CA LEU G 116 -24.40 -48.40 42.77
C LEU G 116 -23.08 -48.37 41.99
N PHE G 117 -22.01 -48.93 42.56
CA PHE G 117 -20.72 -48.99 41.90
C PHE G 117 -20.90 -49.39 40.44
N THR G 118 -21.70 -50.44 40.21
CA THR G 118 -21.93 -50.99 38.88
C THR G 118 -22.77 -50.02 38.05
N ARG G 119 -23.90 -49.57 38.58
CA ARG G 119 -24.82 -48.71 37.84
C ARG G 119 -24.16 -47.35 37.58
N LEU G 120 -23.31 -46.91 38.51
CA LEU G 120 -22.64 -45.62 38.42
C LEU G 120 -21.61 -45.63 37.28
N SER G 121 -21.06 -46.81 36.96
CA SER G 121 -20.13 -46.95 35.84
C SER G 121 -20.90 -46.82 34.52
N LYS G 122 -21.93 -47.65 34.36
CA LYS G 122 -22.79 -47.64 33.19
C LYS G 122 -23.25 -46.22 32.86
N GLU G 123 -23.76 -45.52 33.89
CA GLU G 123 -24.38 -44.21 33.72
C GLU G 123 -23.32 -43.10 33.69
N VAL G 124 -22.18 -43.33 34.36
CA VAL G 124 -21.09 -42.36 34.45
C VAL G 124 -21.42 -41.31 35.51
N MET G 125 -22.52 -40.56 35.30
CA MET G 125 -22.97 -39.54 36.23
C MET G 125 -24.48 -39.66 36.42
N PHE G 126 -24.93 -39.66 37.68
CA PHE G 126 -26.34 -39.70 37.99
C PHE G 126 -26.92 -38.29 37.92
N THR G 127 -28.22 -38.20 37.60
CA THR G 127 -28.94 -36.95 37.60
C THR G 127 -29.32 -36.62 39.04
N GLU G 128 -29.60 -35.35 39.33
CA GLU G 128 -29.84 -34.90 40.69
C GLU G 128 -31.08 -35.57 41.28
N GLU G 129 -32.09 -35.84 40.46
CA GLU G 129 -33.33 -36.43 40.94
C GLU G 129 -33.08 -37.90 41.30
N ASP G 130 -32.09 -38.52 40.65
CA ASP G 130 -31.69 -39.88 40.98
C ASP G 130 -30.90 -39.90 42.28
N VAL G 131 -30.00 -38.92 42.45
CA VAL G 131 -29.12 -38.86 43.61
C VAL G 131 -29.92 -38.51 44.85
N LYS G 132 -30.90 -37.59 44.71
CA LYS G 132 -31.80 -37.26 45.80
C LYS G 132 -32.43 -38.53 46.37
N PHE G 133 -32.86 -39.44 45.48
CA PHE G 133 -33.57 -40.63 45.90
C PHE G 133 -32.67 -41.53 46.74
N TYR G 134 -31.43 -41.74 46.27
CA TYR G 134 -30.52 -42.68 46.89
C TYR G 134 -29.98 -42.13 48.21
N LEU G 135 -29.81 -40.80 48.28
CA LEU G 135 -29.22 -40.16 49.45
C LEU G 135 -30.27 -39.96 50.54
N ALA G 136 -31.53 -39.79 50.13
CA ALA G 136 -32.61 -39.68 51.10
C ALA G 136 -32.76 -40.98 51.87
N GLU G 137 -32.97 -42.09 51.13
CA GLU G 137 -33.16 -43.40 51.73
C GLU G 137 -31.94 -43.80 52.56
N LEU G 138 -30.76 -43.35 52.12
CA LEU G 138 -29.51 -43.65 52.81
C LEU G 138 -29.45 -42.91 54.15
N ALA G 139 -29.93 -41.66 54.18
CA ALA G 139 -29.91 -40.87 55.40
C ALA G 139 -30.79 -41.53 56.46
N LEU G 140 -32.00 -41.92 56.05
CA LEU G 140 -32.90 -42.65 56.93
C LEU G 140 -32.18 -43.86 57.51
N ALA G 141 -31.48 -44.60 56.64
CA ALA G 141 -30.70 -45.76 57.04
C ALA G 141 -29.58 -45.34 57.99
N LEU G 142 -28.84 -44.29 57.64
CA LEU G 142 -27.70 -43.86 58.44
C LEU G 142 -28.15 -43.45 59.84
N ASP G 143 -29.25 -42.70 59.94
CA ASP G 143 -29.72 -42.21 61.23
C ASP G 143 -30.16 -43.38 62.11
N HIS G 144 -30.89 -44.33 61.50
CA HIS G 144 -31.32 -45.53 62.20
C HIS G 144 -30.12 -46.18 62.92
N LEU G 145 -28.97 -46.24 62.23
CA LEU G 145 -27.76 -46.83 62.77
C LEU G 145 -27.18 -45.95 63.86
N HIS G 146 -27.34 -44.63 63.71
CA HIS G 146 -26.83 -43.67 64.69
C HIS G 146 -27.62 -43.76 65.99
N SER G 147 -28.92 -44.05 65.90
CA SER G 147 -29.80 -44.15 67.05
C SER G 147 -29.44 -45.36 67.91
N LEU G 148 -28.85 -46.38 67.28
CA LEU G 148 -28.38 -47.57 67.98
C LEU G 148 -26.92 -47.40 68.40
N GLY G 149 -26.25 -46.38 67.86
CA GLY G 149 -24.86 -46.09 68.19
C GLY G 149 -23.88 -46.83 67.29
N ILE G 150 -24.36 -47.22 66.10
CA ILE G 150 -23.53 -47.90 65.10
C ILE G 150 -23.12 -46.86 64.06
N ILE G 151 -21.94 -47.05 63.46
CA ILE G 151 -21.42 -46.13 62.46
C ILE G 151 -20.76 -46.93 61.35
N TYR G 152 -20.93 -46.46 60.11
CA TYR G 152 -20.50 -47.18 58.92
C TYR G 152 -19.07 -46.74 58.57
N ARG G 153 -18.12 -47.66 58.76
CA ARG G 153 -16.70 -47.33 58.71
C ARG G 153 -16.14 -47.42 57.30
N ASP G 154 -16.96 -47.84 56.33
CA ASP G 154 -16.49 -47.95 54.95
C ASP G 154 -17.66 -47.73 54.00
N LEU G 155 -18.25 -46.53 54.07
CA LEU G 155 -19.38 -46.16 53.22
C LEU G 155 -18.88 -45.91 51.80
N LYS G 156 -19.18 -46.86 50.90
CA LYS G 156 -18.83 -46.76 49.49
C LYS G 156 -20.02 -47.25 48.67
N PRO G 157 -20.02 -47.07 47.32
CA PRO G 157 -21.09 -47.61 46.47
C PRO G 157 -21.13 -49.14 46.39
N GLU G 158 -20.04 -49.80 46.77
CA GLU G 158 -19.97 -51.26 46.78
C GLU G 158 -20.66 -51.83 48.01
N ASN G 159 -21.17 -50.96 48.89
CA ASN G 159 -21.91 -51.38 50.07
C ASN G 159 -23.41 -51.11 49.92
N ILE G 160 -23.79 -50.33 48.90
CA ILE G 160 -25.17 -49.94 48.70
C ILE G 160 -25.75 -50.76 47.56
N LEU G 161 -26.33 -51.91 47.91
CA LEU G 161 -26.98 -52.78 46.93
C LEU G 161 -28.38 -52.26 46.64
N LEU G 162 -29.01 -52.83 45.62
CA LEU G 162 -30.36 -52.46 45.20
C LEU G 162 -31.20 -53.72 45.11
N ASP G 163 -32.53 -53.57 45.24
CA ASP G 163 -33.45 -54.69 45.08
C ASP G 163 -34.18 -54.51 43.76
N GLU G 164 -34.91 -55.56 43.35
CA GLU G 164 -35.54 -55.61 42.04
C GLU G 164 -36.41 -54.37 41.81
N GLU G 165 -36.98 -53.80 42.88
CA GLU G 165 -37.82 -52.63 42.78
C GLU G 165 -36.98 -51.40 42.40
N GLY G 166 -35.80 -51.27 43.01
CA GLY G 166 -34.88 -50.18 42.71
C GLY G 166 -34.47 -49.37 43.94
N HIS G 167 -35.03 -49.72 45.11
CA HIS G 167 -34.66 -49.09 46.37
C HIS G 167 -33.26 -49.55 46.78
N ILE G 168 -32.68 -48.87 47.78
CA ILE G 168 -31.33 -49.17 48.24
C ILE G 168 -31.41 -50.07 49.48
N LYS G 169 -30.24 -50.63 49.82
CA LYS G 169 -30.08 -51.53 50.95
C LYS G 169 -28.61 -51.53 51.35
N LEU G 170 -28.30 -50.91 52.50
CA LEU G 170 -26.95 -50.92 53.04
C LEU G 170 -26.61 -52.32 53.55
N THR G 171 -25.39 -52.78 53.20
CA THR G 171 -24.86 -54.04 53.70
C THR G 171 -24.36 -53.84 55.14
N ASP G 172 -23.91 -54.94 55.76
CA ASP G 172 -23.55 -54.93 57.16
C ASP G 172 -22.04 -54.79 57.32
N PHE G 173 -21.32 -54.68 56.20
CA PHE G 173 -19.88 -54.82 56.19
C PHE G 173 -19.24 -53.72 57.04
N GLY G 174 -19.77 -52.50 56.94
CA GLY G 174 -19.15 -51.35 57.57
C GLY G 174 -19.51 -51.21 59.06
N LEU G 175 -20.60 -51.86 59.47
CA LEU G 175 -21.21 -51.60 60.77
C LEU G 175 -20.18 -51.85 61.88
N SER G 176 -20.11 -50.89 62.82
CA SER G 176 -19.21 -50.97 63.95
C SER G 176 -19.64 -49.96 65.02
N LYS G 177 -19.26 -50.23 66.27
CA LYS G 177 -19.67 -49.40 67.40
C LYS G 177 -18.97 -48.05 67.36
N GLU G 178 -19.50 -47.10 68.13
CA GLU G 178 -18.90 -45.78 68.29
C GLU G 178 -18.29 -45.70 69.70
N PHE G 189 -6.62 -50.07 60.67
CA PHE G 189 -6.82 -48.81 59.91
C PHE G 189 -7.45 -49.10 58.55
N CYS G 190 -8.32 -50.12 58.48
CA CYS G 190 -8.93 -50.53 57.24
C CYS G 190 -9.93 -49.48 56.77
N GLY G 191 -10.22 -49.48 55.47
CA GLY G 191 -11.15 -48.53 54.86
C GLY G 191 -10.54 -47.86 53.64
N THR G 192 -11.40 -47.57 52.65
CA THR G 192 -10.99 -46.85 51.46
C THR G 192 -10.77 -45.39 51.83
N VAL G 193 -9.58 -44.88 51.49
CA VAL G 193 -9.12 -43.58 51.99
C VAL G 193 -9.97 -42.45 51.42
N GLU G 194 -10.51 -42.62 50.20
CA GLU G 194 -11.20 -41.54 49.50
C GLU G 194 -12.46 -41.12 50.25
N TYR G 195 -13.19 -42.09 50.78
CA TYR G 195 -14.45 -41.82 51.46
C TYR G 195 -14.19 -41.39 52.90
N MET G 196 -12.96 -41.53 53.38
CA MET G 196 -12.63 -41.32 54.78
C MET G 196 -12.60 -39.82 55.11
N ALA G 197 -13.12 -39.48 56.29
CA ALA G 197 -13.24 -38.11 56.74
C ALA G 197 -11.92 -37.65 57.36
N PRO G 198 -11.68 -36.32 57.49
CA PRO G 198 -10.42 -35.81 58.03
C PRO G 198 -10.03 -36.41 59.37
N GLU G 199 -11.00 -36.49 60.28
CA GLU G 199 -10.77 -37.00 61.63
C GLU G 199 -10.36 -38.48 61.56
N VAL G 200 -10.83 -39.21 60.54
CA VAL G 200 -10.52 -40.62 60.40
C VAL G 200 -9.11 -40.76 59.82
N VAL G 201 -8.73 -39.82 58.94
CA VAL G 201 -7.40 -39.81 58.35
C VAL G 201 -6.37 -39.52 59.43
N ASN G 202 -6.68 -38.58 60.32
CA ASN G 202 -5.80 -38.24 61.43
C ASN G 202 -6.00 -39.20 62.60
N ARG G 203 -6.99 -40.08 62.50
CA ARG G 203 -7.19 -41.19 63.42
C ARG G 203 -7.52 -40.67 64.81
N ARG G 204 -8.70 -40.06 64.95
CA ARG G 204 -9.14 -39.51 66.22
C ARG G 204 -10.66 -39.62 66.34
N GLY G 205 -11.15 -40.86 66.23
CA GLY G 205 -12.53 -41.19 66.55
C GLY G 205 -13.43 -41.15 65.31
N HIS G 206 -14.01 -42.30 64.97
CA HIS G 206 -14.97 -42.41 63.88
C HIS G 206 -16.37 -42.13 64.44
N THR G 207 -16.69 -40.83 64.59
CA THR G 207 -17.96 -40.40 65.12
C THR G 207 -19.06 -40.54 64.06
N GLN G 208 -20.27 -40.10 64.40
CA GLN G 208 -21.41 -40.17 63.48
C GLN G 208 -21.37 -38.98 62.51
N SER G 209 -20.62 -37.93 62.88
CA SER G 209 -20.37 -36.81 61.98
C SER G 209 -19.60 -37.28 60.76
N ALA G 210 -18.64 -38.20 60.98
CA ALA G 210 -17.81 -38.76 59.94
C ALA G 210 -18.67 -39.40 58.85
N ASP G 211 -19.74 -40.09 59.26
CA ASP G 211 -20.62 -40.76 58.31
C ASP G 211 -21.20 -39.76 57.32
N TRP G 212 -21.46 -38.53 57.75
CA TRP G 212 -22.06 -37.52 56.88
C TRP G 212 -21.07 -36.99 55.86
N TRP G 213 -19.77 -37.04 56.20
CA TRP G 213 -18.74 -36.70 55.23
C TRP G 213 -18.78 -37.70 54.07
N SER G 214 -18.66 -38.99 54.40
CA SER G 214 -18.77 -40.06 53.41
C SER G 214 -20.06 -39.90 52.62
N PHE G 215 -21.15 -39.60 53.32
CA PHE G 215 -22.43 -39.30 52.71
C PHE G 215 -22.24 -38.23 51.64
N GLY G 216 -21.49 -37.17 51.98
CA GLY G 216 -21.16 -36.11 51.04
C GLY G 216 -20.33 -36.61 49.88
N VAL G 217 -19.35 -37.49 50.16
CA VAL G 217 -18.44 -37.98 49.15
C VAL G 217 -19.25 -38.75 48.10
N LEU G 218 -19.99 -39.77 48.56
CA LEU G 218 -20.91 -40.50 47.70
C LEU G 218 -21.67 -39.53 46.78
N MET G 219 -22.22 -38.47 47.38
CA MET G 219 -23.02 -37.50 46.66
C MET G 219 -22.17 -36.89 45.54
N PHE G 220 -20.97 -36.40 45.89
CA PHE G 220 -20.11 -35.72 44.94
C PHE G 220 -19.71 -36.67 43.81
N GLU G 221 -19.49 -37.94 44.15
CA GLU G 221 -19.07 -38.94 43.18
C GLU G 221 -20.22 -39.25 42.21
N MET G 222 -21.44 -39.35 42.75
CA MET G 222 -22.60 -39.76 41.97
C MET G 222 -23.03 -38.63 41.03
N LEU G 223 -22.78 -37.39 41.43
CA LEU G 223 -23.17 -36.24 40.64
C LEU G 223 -22.10 -35.94 39.60
N THR G 224 -20.82 -36.04 39.99
CA THR G 224 -19.72 -35.57 39.16
C THR G 224 -18.99 -36.73 38.46
N GLY G 225 -19.23 -37.97 38.91
CA GLY G 225 -18.55 -39.13 38.35
C GLY G 225 -17.07 -39.18 38.73
N THR G 226 -16.66 -38.32 39.67
CA THR G 226 -15.28 -38.21 40.11
C THR G 226 -15.25 -37.89 41.60
N LEU G 227 -14.22 -38.39 42.28
CA LEU G 227 -14.09 -38.21 43.72
C LEU G 227 -13.48 -36.84 44.01
N PRO G 228 -13.90 -36.18 45.11
CA PRO G 228 -13.49 -34.81 45.39
C PRO G 228 -12.00 -34.70 45.70
N PHE G 229 -11.53 -35.64 46.54
CA PHE G 229 -10.13 -35.71 46.93
C PHE G 229 -9.57 -37.02 46.42
N GLN G 230 -8.70 -36.93 45.41
CA GLN G 230 -8.04 -38.07 44.80
C GLN G 230 -6.76 -37.58 44.13
N GLY G 231 -5.66 -38.33 44.29
CA GLY G 231 -4.36 -37.86 43.83
C GLY G 231 -3.47 -39.00 43.34
N LYS G 232 -2.16 -38.71 43.32
CA LYS G 232 -1.13 -39.65 42.91
C LYS G 232 -1.31 -40.99 43.61
N ASP G 233 -1.21 -40.96 44.95
CA ASP G 233 -1.24 -42.17 45.76
C ASP G 233 -2.22 -41.97 46.91
N ARG G 234 -2.41 -43.02 47.71
CA ARG G 234 -3.29 -42.98 48.86
C ARG G 234 -2.86 -41.87 49.81
N LYS G 235 -1.54 -41.61 49.87
CA LYS G 235 -1.00 -40.66 50.82
C LYS G 235 -1.39 -39.24 50.41
N GLU G 236 -1.23 -38.90 49.13
CA GLU G 236 -1.60 -37.58 48.65
C GLU G 236 -3.07 -37.32 48.93
N THR G 237 -3.91 -38.32 48.60
CA THR G 237 -5.33 -38.28 48.89
C THR G 237 -5.57 -37.82 50.32
N MET G 238 -4.98 -38.54 51.28
CA MET G 238 -5.19 -38.29 52.70
C MET G 238 -4.75 -36.86 53.03
N THR G 239 -3.60 -36.44 52.49
CA THR G 239 -3.16 -35.06 52.60
C THR G 239 -4.25 -34.13 52.08
N MET G 240 -4.77 -34.46 50.90
CA MET G 240 -5.74 -33.62 50.20
C MET G 240 -7.03 -33.49 51.01
N ILE G 241 -7.39 -34.56 51.75
CA ILE G 241 -8.58 -34.55 52.57
C ILE G 241 -8.40 -33.59 53.75
N LEU G 242 -7.17 -33.48 54.27
CA LEU G 242 -6.89 -32.68 55.45
C LEU G 242 -6.67 -31.22 55.08
N LYS G 243 -6.31 -30.94 53.82
CA LYS G 243 -5.82 -29.64 53.43
C LYS G 243 -6.61 -29.10 52.23
N ALA G 244 -6.50 -29.79 51.08
CA ALA G 244 -6.87 -29.24 49.79
C ALA G 244 -8.31 -28.73 49.79
N LYS G 245 -8.48 -27.45 49.46
CA LYS G 245 -9.80 -26.84 49.32
C LYS G 245 -10.46 -27.39 48.05
N LEU G 246 -11.75 -27.76 48.17
CA LEU G 246 -12.46 -28.41 47.09
C LEU G 246 -12.98 -27.37 46.11
N GLY G 247 -12.52 -27.46 44.85
CA GLY G 247 -13.15 -26.74 43.75
C GLY G 247 -14.52 -27.33 43.45
N MET G 248 -15.51 -26.47 43.22
CA MET G 248 -16.89 -26.89 43.11
C MET G 248 -17.30 -27.00 41.64
N PRO G 249 -17.62 -28.22 41.13
CA PRO G 249 -18.19 -28.36 39.79
C PRO G 249 -19.47 -27.55 39.68
N GLN G 250 -19.52 -26.68 38.66
CA GLN G 250 -20.53 -25.63 38.56
C GLN G 250 -21.77 -26.11 37.82
N PHE G 251 -21.75 -27.37 37.36
CA PHE G 251 -22.96 -27.98 36.79
C PHE G 251 -23.88 -28.47 37.91
N LEU G 252 -23.41 -28.36 39.17
CA LEU G 252 -24.22 -28.72 40.31
C LEU G 252 -25.15 -27.56 40.66
N SER G 253 -26.40 -27.87 41.04
CA SER G 253 -27.37 -26.85 41.42
C SER G 253 -26.92 -26.19 42.71
N PRO G 254 -27.36 -24.94 43.01
CA PRO G 254 -26.91 -24.23 44.21
C PRO G 254 -27.30 -24.93 45.50
N GLU G 255 -28.40 -25.69 45.45
CA GLU G 255 -28.85 -26.52 46.56
C GLU G 255 -27.78 -27.57 46.84
N ALA G 256 -27.42 -28.33 45.79
CA ALA G 256 -26.48 -29.44 45.88
C ALA G 256 -25.11 -28.95 46.30
N GLN G 257 -24.71 -27.77 45.81
CA GLN G 257 -23.45 -27.17 46.21
C GLN G 257 -23.48 -26.82 47.69
N SER G 258 -24.61 -26.27 48.15
CA SER G 258 -24.74 -25.84 49.52
C SER G 258 -24.54 -27.01 50.47
N LEU G 259 -25.19 -28.15 50.17
CA LEU G 259 -25.11 -29.30 51.04
C LEU G 259 -23.68 -29.83 51.08
N LEU G 260 -23.04 -29.91 49.91
CA LEU G 260 -21.71 -30.47 49.81
C LEU G 260 -20.71 -29.62 50.59
N ARG G 261 -20.89 -28.30 50.55
CA ARG G 261 -20.05 -27.41 51.34
C ARG G 261 -20.25 -27.69 52.83
N MET G 262 -21.52 -27.80 53.23
CA MET G 262 -21.89 -27.99 54.62
C MET G 262 -21.44 -29.37 55.11
N LEU G 263 -21.50 -30.37 54.23
CA LEU G 263 -21.09 -31.73 54.58
C LEU G 263 -19.57 -31.82 54.67
N PHE G 264 -18.84 -30.88 54.05
CA PHE G 264 -17.40 -30.97 53.95
C PHE G 264 -16.72 -29.95 54.86
N LYS G 265 -17.31 -29.68 56.02
CA LYS G 265 -16.59 -29.02 57.10
C LYS G 265 -15.59 -30.01 57.70
N ARG G 266 -14.37 -29.54 57.95
CA ARG G 266 -13.30 -30.42 58.44
C ARG G 266 -13.41 -30.58 59.95
N ASN G 267 -14.00 -29.59 60.63
CA ASN G 267 -14.35 -29.73 62.03
C ASN G 267 -15.68 -30.49 62.12
N PRO G 268 -15.71 -31.71 62.72
CA PRO G 268 -16.94 -32.52 62.75
C PRO G 268 -18.12 -31.87 63.47
N ALA G 269 -17.83 -30.98 64.43
CA ALA G 269 -18.86 -30.32 65.21
C ALA G 269 -19.65 -29.33 64.35
N ASN G 270 -19.00 -28.77 63.32
CA ASN G 270 -19.63 -27.79 62.45
C ASN G 270 -20.28 -28.47 61.24
N ARG G 271 -19.95 -29.75 61.01
CA ARG G 271 -20.44 -30.48 59.86
C ARG G 271 -21.94 -30.70 60.02
N LEU G 272 -22.66 -30.68 58.89
CA LEU G 272 -24.12 -30.74 58.92
C LEU G 272 -24.55 -32.11 59.44
N GLY G 273 -25.66 -32.12 60.20
CA GLY G 273 -26.16 -33.32 60.83
C GLY G 273 -25.33 -33.74 62.03
N ALA G 274 -24.66 -32.77 62.67
CA ALA G 274 -23.88 -33.02 63.87
C ALA G 274 -24.33 -32.08 64.98
N GLY G 275 -25.61 -31.73 64.96
CA GLY G 275 -26.20 -30.81 65.92
C GLY G 275 -27.36 -31.44 66.68
N PRO G 276 -28.12 -30.65 67.47
CA PRO G 276 -29.30 -31.15 68.16
C PRO G 276 -30.33 -31.78 67.22
N ASP G 277 -30.56 -31.11 66.10
CA ASP G 277 -31.58 -31.50 65.14
C ASP G 277 -31.23 -32.88 64.58
N GLY G 278 -29.92 -33.15 64.42
CA GLY G 278 -29.44 -34.44 63.97
C GLY G 278 -29.59 -34.60 62.45
N VAL G 279 -30.18 -35.72 62.04
CA VAL G 279 -30.40 -36.00 60.62
C VAL G 279 -31.40 -35.01 60.04
N GLU G 280 -32.32 -34.50 60.87
CA GLU G 280 -33.35 -33.57 60.41
C GLU G 280 -32.71 -32.36 59.73
N GLU G 281 -31.51 -31.97 60.18
CA GLU G 281 -30.79 -30.83 59.62
C GLU G 281 -30.43 -31.10 58.16
N ILE G 282 -30.28 -32.38 57.80
CA ILE G 282 -30.01 -32.81 56.45
C ILE G 282 -31.32 -33.02 55.69
N LYS G 283 -32.36 -33.48 56.39
CA LYS G 283 -33.63 -33.80 55.78
C LYS G 283 -34.36 -32.52 55.35
N ARG G 284 -34.04 -31.40 56.00
CA ARG G 284 -34.72 -30.14 55.75
C ARG G 284 -33.91 -29.24 54.82
N HIS G 285 -32.84 -29.78 54.22
CA HIS G 285 -31.97 -28.96 53.38
C HIS G 285 -32.64 -28.72 52.03
N SER G 286 -32.26 -27.59 51.40
CA SER G 286 -32.80 -27.14 50.13
C SER G 286 -32.77 -28.26 49.09
N PHE G 287 -31.67 -29.03 49.06
CA PHE G 287 -31.50 -30.10 48.10
C PHE G 287 -32.64 -31.12 48.21
N PHE G 288 -33.01 -31.50 49.44
CA PHE G 288 -33.96 -32.56 49.69
C PHE G 288 -35.37 -31.99 49.92
N SER G 289 -35.67 -30.85 49.29
CA SER G 289 -36.95 -30.18 49.47
C SER G 289 -38.07 -30.95 48.77
N THR G 290 -37.72 -31.70 47.71
CA THR G 290 -38.69 -32.39 46.88
C THR G 290 -38.90 -33.82 47.37
N ILE G 291 -38.61 -34.09 48.66
CA ILE G 291 -38.68 -35.43 49.21
C ILE G 291 -39.65 -35.45 50.38
N ASP G 292 -40.77 -36.18 50.20
CA ASP G 292 -41.67 -36.53 51.28
C ASP G 292 -41.10 -37.77 51.96
N TRP G 293 -40.60 -37.59 53.19
CA TRP G 293 -39.80 -38.62 53.85
C TRP G 293 -40.67 -39.77 54.34
N ASN G 294 -41.97 -39.52 54.54
CA ASN G 294 -42.87 -40.55 55.02
C ASN G 294 -43.23 -41.49 53.86
N LYS G 295 -43.44 -40.91 52.67
CA LYS G 295 -43.71 -41.69 51.46
C LYS G 295 -42.46 -42.48 51.06
N LEU G 296 -41.29 -41.87 51.26
CA LEU G 296 -40.02 -42.50 50.93
C LEU G 296 -39.84 -43.77 51.77
N TYR G 297 -40.01 -43.63 53.09
CA TYR G 297 -39.86 -44.75 54.02
C TYR G 297 -40.84 -45.86 53.68
N ARG G 298 -42.08 -45.49 53.33
CA ARG G 298 -43.13 -46.46 53.00
C ARG G 298 -42.92 -47.02 51.58
N ARG G 299 -41.82 -46.64 50.92
CA ARG G 299 -41.44 -47.20 49.63
C ARG G 299 -42.53 -46.88 48.61
N GLU G 300 -43.17 -45.70 48.77
CA GLU G 300 -44.22 -45.25 47.87
C GLU G 300 -43.60 -44.48 46.71
N ILE G 301 -42.50 -43.75 46.98
CA ILE G 301 -41.78 -43.01 45.96
C ILE G 301 -41.13 -44.01 45.01
N HIS G 302 -41.48 -43.92 43.72
CA HIS G 302 -40.99 -44.84 42.70
C HIS G 302 -39.50 -44.62 42.47
N PRO G 303 -38.65 -45.67 42.46
CA PRO G 303 -37.22 -45.52 42.20
C PRO G 303 -36.94 -44.97 40.80
N PRO G 304 -35.82 -44.25 40.60
CA PRO G 304 -35.50 -43.65 39.30
C PRO G 304 -35.02 -44.66 38.26
N PHE G 305 -34.40 -45.75 38.72
CA PHE G 305 -33.91 -46.80 37.85
C PHE G 305 -34.21 -48.17 38.47
N LYS G 306 -35.17 -48.87 37.89
CA LYS G 306 -35.56 -50.20 38.33
C LYS G 306 -34.70 -51.24 37.61
N PRO G 307 -33.92 -52.08 38.34
CA PRO G 307 -33.11 -53.12 37.72
C PRO G 307 -33.95 -54.27 37.15
N GLY H 20 -19.71 4.47 -52.00
CA GLY H 20 -20.05 5.49 -53.02
C GLY H 20 -21.35 6.21 -52.70
N HIS H 21 -22.02 6.72 -53.74
CA HIS H 21 -23.35 7.28 -53.59
C HIS H 21 -24.32 6.14 -53.27
N GLU H 22 -24.32 5.11 -54.13
CA GLU H 22 -25.06 3.88 -53.89
C GLU H 22 -24.09 2.70 -53.96
N LYS H 23 -24.24 1.77 -53.01
CA LYS H 23 -23.35 0.62 -52.89
C LYS H 23 -23.73 -0.41 -53.95
N ALA H 24 -22.74 -0.78 -54.77
CA ALA H 24 -22.89 -1.79 -55.80
C ALA H 24 -21.61 -2.63 -55.88
N ASP H 25 -21.56 -3.57 -56.82
CA ASP H 25 -20.42 -4.47 -56.94
C ASP H 25 -20.17 -4.78 -58.41
N PRO H 26 -18.99 -5.34 -58.77
CA PRO H 26 -18.63 -5.59 -60.17
C PRO H 26 -19.67 -6.34 -60.99
N SER H 27 -20.29 -7.34 -60.36
CA SER H 27 -21.18 -8.26 -61.06
C SER H 27 -22.46 -7.56 -61.54
N GLN H 28 -22.69 -6.31 -61.08
CA GLN H 28 -23.87 -5.55 -61.48
C GLN H 28 -23.58 -4.67 -62.68
N PHE H 29 -22.46 -4.90 -63.38
CA PHE H 29 -22.04 -4.04 -64.48
C PHE H 29 -21.42 -4.88 -65.59
N GLU H 30 -21.51 -4.35 -66.83
CA GLU H 30 -21.17 -5.09 -68.03
C GLU H 30 -20.30 -4.22 -68.95
N LEU H 31 -19.03 -4.59 -69.10
CA LEU H 31 -18.05 -3.78 -69.80
C LEU H 31 -18.23 -3.91 -71.31
N LEU H 32 -18.38 -2.77 -72.01
CA LEU H 32 -18.60 -2.74 -73.44
C LEU H 32 -17.30 -2.37 -74.16
N LYS H 33 -16.72 -1.21 -73.80
CA LYS H 33 -15.52 -0.71 -74.44
C LYS H 33 -14.61 -0.08 -73.39
N VAL H 34 -13.42 0.36 -73.82
CA VAL H 34 -12.63 1.31 -73.07
C VAL H 34 -12.68 2.63 -73.83
N LEU H 35 -13.27 3.65 -73.20
CA LEU H 35 -13.48 4.94 -73.84
C LEU H 35 -12.18 5.73 -73.88
N GLY H 36 -11.41 5.63 -72.79
CA GLY H 36 -10.13 6.31 -72.70
C GLY H 36 -9.25 5.71 -71.61
N GLN H 37 -8.02 6.23 -71.52
CA GLN H 37 -7.02 5.75 -70.59
C GLN H 37 -6.00 6.86 -70.39
N GLY H 38 -5.31 6.83 -69.25
CA GLY H 38 -4.27 7.80 -68.96
C GLY H 38 -3.79 7.67 -67.52
N SER H 39 -3.28 8.79 -66.98
CA SER H 39 -2.90 8.85 -65.58
C SER H 39 -4.12 9.18 -64.72
N PHE H 40 -5.30 9.29 -65.37
CA PHE H 40 -6.57 9.51 -64.69
C PHE H 40 -7.34 8.20 -64.64
N GLY H 41 -6.66 7.13 -64.19
CA GLY H 41 -7.25 5.80 -64.07
C GLY H 41 -7.48 5.14 -65.43
N LYS H 42 -8.73 4.70 -65.65
CA LYS H 42 -9.12 4.04 -66.89
C LYS H 42 -10.64 4.10 -66.98
N VAL H 43 -11.17 4.50 -68.15
CA VAL H 43 -12.59 4.76 -68.29
C VAL H 43 -13.20 3.72 -69.22
N PHE H 44 -14.33 3.15 -68.78
CA PHE H 44 -15.08 2.18 -69.56
C PHE H 44 -16.46 2.73 -69.88
N LEU H 45 -17.08 2.20 -70.95
CA LEU H 45 -18.51 2.27 -71.15
C LEU H 45 -19.13 0.97 -70.63
N VAL H 46 -20.14 1.09 -69.75
CA VAL H 46 -20.71 -0.05 -69.06
C VAL H 46 -22.23 0.02 -69.21
N LYS H 47 -22.89 -1.09 -68.82
CA LYS H 47 -24.34 -1.15 -68.78
C LYS H 47 -24.74 -1.79 -67.45
N LYS H 48 -25.68 -1.14 -66.76
CA LYS H 48 -26.22 -1.67 -65.52
C LYS H 48 -27.05 -2.90 -65.84
N ILE H 49 -26.87 -3.98 -65.06
CA ILE H 49 -27.53 -5.24 -65.30
C ILE H 49 -28.27 -5.68 -64.04
N SER H 50 -28.90 -4.72 -63.36
CA SER H 50 -29.60 -4.96 -62.10
C SER H 50 -30.44 -3.74 -61.76
N GLY H 51 -31.42 -3.94 -60.86
CA GLY H 51 -32.17 -2.83 -60.29
C GLY H 51 -33.05 -2.13 -61.32
N SER H 52 -33.53 -0.94 -60.95
CA SER H 52 -34.54 -0.21 -61.70
C SER H 52 -33.93 0.65 -62.80
N ASP H 53 -32.58 0.74 -62.83
CA ASP H 53 -31.90 1.49 -63.86
C ASP H 53 -31.14 0.52 -64.78
N ALA H 54 -31.71 -0.67 -65.00
CA ALA H 54 -31.10 -1.68 -65.85
C ALA H 54 -31.02 -1.16 -67.27
N ARG H 55 -30.02 -1.65 -68.03
CA ARG H 55 -29.82 -1.32 -69.43
C ARG H 55 -29.30 0.11 -69.59
N GLN H 56 -29.09 0.84 -68.48
CA GLN H 56 -28.67 2.23 -68.53
C GLN H 56 -27.15 2.28 -68.64
N LEU H 57 -26.66 3.02 -69.64
CA LEU H 57 -25.23 3.13 -69.89
C LEU H 57 -24.62 4.12 -68.89
N TYR H 58 -23.39 3.83 -68.48
CA TYR H 58 -22.64 4.70 -67.59
C TYR H 58 -21.20 4.78 -68.05
N ALA H 59 -20.45 5.69 -67.45
CA ALA H 59 -18.99 5.72 -67.60
C ALA H 59 -18.37 5.24 -66.30
N MET H 60 -17.71 4.09 -66.35
CA MET H 60 -17.02 3.55 -65.19
C MET H 60 -15.58 4.04 -65.19
N LYS H 61 -15.18 4.67 -64.09
CA LYS H 61 -13.84 5.21 -63.91
C LYS H 61 -13.16 4.41 -62.80
N VAL H 62 -12.06 3.71 -63.16
CA VAL H 62 -11.38 2.83 -62.23
C VAL H 62 -9.97 3.37 -62.01
N LEU H 63 -9.69 3.79 -60.76
CA LEU H 63 -8.42 4.36 -60.40
C LEU H 63 -7.61 3.34 -59.60
N LYS H 64 -6.29 3.36 -59.80
CA LYS H 64 -5.36 2.56 -59.03
C LYS H 64 -5.02 3.30 -57.74
N LYS H 65 -5.07 2.59 -56.61
CA LYS H 65 -4.91 3.22 -55.30
C LYS H 65 -3.56 3.91 -55.21
N ALA H 66 -3.58 5.21 -54.89
CA ALA H 66 -2.38 6.04 -54.87
C ALA H 66 -2.62 7.29 -54.03
N THR H 67 -2.74 7.10 -52.71
CA THR H 67 -2.76 8.18 -51.72
C THR H 67 -2.95 7.59 -50.33
N LEU H 68 -2.64 8.37 -49.28
CA LEU H 68 -2.69 7.91 -47.90
C LEU H 68 -2.65 9.10 -46.93
N LYS H 69 -3.15 8.90 -45.71
CA LYS H 69 -3.03 9.89 -44.64
C LYS H 69 -2.34 9.28 -43.42
N VAL H 70 -3.08 8.48 -42.63
CA VAL H 70 -2.64 8.08 -41.30
C VAL H 70 -2.33 6.58 -41.31
N ARG H 71 -1.37 6.19 -40.46
CA ARG H 71 -0.88 4.82 -40.39
C ARG H 71 -1.42 4.16 -39.12
N ARG H 75 -4.31 4.93 -43.82
CA ARG H 75 -5.70 5.07 -44.34
C ARG H 75 -5.63 5.65 -45.77
N THR H 76 -6.01 4.83 -46.75
CA THR H 76 -5.98 5.23 -48.16
C THR H 76 -7.08 6.27 -48.41
N LYS H 77 -6.68 7.55 -48.53
CA LYS H 77 -7.60 8.64 -48.75
C LYS H 77 -8.41 8.39 -50.00
N MET H 78 -9.73 8.28 -49.84
CA MET H 78 -10.64 8.08 -50.96
C MET H 78 -11.20 9.44 -51.36
N GLU H 79 -10.43 10.19 -52.16
CA GLU H 79 -10.96 11.36 -52.84
C GLU H 79 -11.81 10.87 -54.00
N ARG H 80 -12.70 11.71 -54.51
CA ARG H 80 -13.83 11.27 -55.33
C ARG H 80 -14.87 10.67 -54.39
N ASP H 81 -14.66 10.91 -53.09
CA ASP H 81 -15.68 10.86 -52.06
C ASP H 81 -16.18 12.29 -51.85
N ILE H 82 -15.70 13.20 -52.71
CA ILE H 82 -16.11 14.59 -52.71
C ILE H 82 -17.35 14.76 -53.59
N LEU H 83 -17.74 13.69 -54.29
CA LEU H 83 -18.88 13.70 -55.19
C LEU H 83 -20.16 13.34 -54.46
N VAL H 84 -20.08 13.20 -53.13
CA VAL H 84 -21.22 12.73 -52.34
C VAL H 84 -22.31 13.79 -52.33
N GLU H 85 -21.92 15.06 -52.14
CA GLU H 85 -22.90 16.14 -52.03
C GLU H 85 -23.07 16.85 -53.39
N VAL H 86 -22.11 16.66 -54.30
CA VAL H 86 -22.18 17.25 -55.63
C VAL H 86 -23.35 16.63 -56.38
N ASN H 87 -24.43 17.41 -56.51
CA ASN H 87 -25.60 17.02 -57.28
C ASN H 87 -26.15 18.25 -57.97
N HIS H 88 -26.01 18.30 -59.30
CA HIS H 88 -26.34 19.48 -60.07
C HIS H 88 -26.63 19.08 -61.52
N PRO H 89 -27.51 19.80 -62.25
CA PRO H 89 -27.79 19.50 -63.66
C PRO H 89 -26.60 19.56 -64.62
N PHE H 90 -25.60 20.39 -64.28
CA PHE H 90 -24.48 20.63 -65.17
C PHE H 90 -23.17 20.13 -64.55
N ILE H 91 -23.28 19.22 -63.57
CA ILE H 91 -22.10 18.53 -63.04
C ILE H 91 -22.38 17.03 -63.03
N VAL H 92 -21.40 16.27 -63.51
CA VAL H 92 -21.46 14.81 -63.50
C VAL H 92 -21.80 14.33 -62.09
N LYS H 93 -22.75 13.39 -62.02
CA LYS H 93 -23.16 12.80 -60.74
C LYS H 93 -22.54 11.42 -60.59
N LEU H 94 -21.99 11.14 -59.40
CA LEU H 94 -21.60 9.79 -59.04
C LEU H 94 -22.85 8.99 -58.70
N HIS H 95 -23.10 7.92 -59.48
CA HIS H 95 -24.25 7.07 -59.26
C HIS H 95 -23.89 5.93 -58.30
N TYR H 96 -22.74 5.30 -58.54
CA TYR H 96 -22.27 4.19 -57.72
C TYR H 96 -20.76 4.28 -57.53
N ALA H 97 -20.25 3.60 -56.49
CA ALA H 97 -18.84 3.40 -56.31
C ALA H 97 -18.60 2.13 -55.49
N PHE H 98 -17.46 1.48 -55.77
CA PHE H 98 -16.99 0.31 -55.03
C PHE H 98 -15.47 0.24 -55.19
N GLN H 99 -14.82 -0.67 -54.45
CA GLN H 99 -13.38 -0.82 -54.57
C GLN H 99 -13.00 -2.29 -54.43
N THR H 100 -11.87 -2.66 -55.05
CA THR H 100 -11.50 -4.06 -55.25
C THR H 100 -9.99 -4.23 -55.34
N GLU H 101 -9.37 -4.59 -54.20
CA GLU H 101 -8.05 -5.21 -54.16
C GLU H 101 -6.96 -4.26 -54.64
N GLY H 102 -7.21 -2.94 -54.56
CA GLY H 102 -6.30 -1.96 -55.13
C GLY H 102 -6.83 -1.32 -56.41
N LYS H 103 -8.17 -1.23 -56.52
CA LYS H 103 -8.82 -0.46 -57.56
C LYS H 103 -10.11 0.14 -56.98
N LEU H 104 -10.34 1.43 -57.28
CA LEU H 104 -11.53 2.14 -56.85
C LEU H 104 -12.39 2.46 -58.07
N TYR H 105 -13.56 1.83 -58.18
CA TYR H 105 -14.42 1.96 -59.33
C TYR H 105 -15.49 3.02 -59.07
N LEU H 106 -15.61 4.00 -59.98
CA LEU H 106 -16.62 5.03 -59.90
C LEU H 106 -17.50 4.95 -61.15
N ILE H 107 -18.82 4.97 -60.94
CA ILE H 107 -19.78 4.95 -62.04
C ILE H 107 -20.38 6.35 -62.17
N LEU H 108 -20.31 6.93 -63.37
CA LEU H 108 -20.79 8.29 -63.59
C LEU H 108 -21.58 8.35 -64.89
N ASP H 109 -22.19 9.50 -65.16
CA ASP H 109 -23.05 9.69 -66.32
C ASP H 109 -22.24 9.44 -67.59
N PHE H 110 -22.91 8.96 -68.64
CA PHE H 110 -22.28 8.79 -69.94
C PHE H 110 -22.80 9.85 -70.88
N LEU H 111 -21.89 10.70 -71.37
CA LEU H 111 -22.23 11.89 -72.13
C LEU H 111 -21.83 11.69 -73.58
N ARG H 112 -22.83 11.67 -74.47
CA ARG H 112 -22.65 11.25 -75.85
C ARG H 112 -22.41 12.47 -76.75
N GLY H 113 -22.37 13.66 -76.16
CA GLY H 113 -22.26 14.90 -76.92
C GLY H 113 -20.81 15.36 -77.12
N GLY H 114 -19.86 14.60 -76.60
CA GLY H 114 -18.45 14.95 -76.70
C GLY H 114 -18.06 16.01 -75.67
N ASP H 115 -17.05 16.82 -76.01
CA ASP H 115 -16.51 17.82 -75.11
C ASP H 115 -16.41 19.16 -75.85
N LEU H 116 -16.18 20.22 -75.08
CA LEU H 116 -16.25 21.59 -75.56
C LEU H 116 -14.92 21.98 -76.22
N PHE H 117 -13.86 21.24 -75.88
CA PHE H 117 -12.57 21.36 -76.58
C PHE H 117 -12.79 21.07 -78.06
N THR H 118 -13.40 19.90 -78.34
CA THR H 118 -13.53 19.39 -79.69
C THR H 118 -14.33 20.37 -80.56
N ARG H 119 -15.45 20.88 -80.02
CA ARG H 119 -16.31 21.75 -80.80
C ARG H 119 -15.60 23.06 -81.11
N LEU H 120 -14.75 23.51 -80.17
CA LEU H 120 -14.00 24.76 -80.34
C LEU H 120 -12.87 24.56 -81.34
N SER H 121 -12.30 23.34 -81.40
CA SER H 121 -11.26 23.03 -82.36
C SER H 121 -11.81 23.10 -83.78
N LYS H 122 -13.07 22.70 -83.95
CA LYS H 122 -13.74 22.75 -85.24
C LYS H 122 -14.12 24.19 -85.57
N GLU H 123 -14.90 24.82 -84.69
CA GLU H 123 -15.53 26.10 -84.97
C GLU H 123 -14.51 27.23 -84.87
N VAL H 124 -13.42 27.00 -84.13
CA VAL H 124 -12.34 27.96 -83.93
C VAL H 124 -12.71 28.91 -82.79
N MET H 125 -13.86 29.58 -82.91
CA MET H 125 -14.35 30.47 -81.87
C MET H 125 -15.88 30.49 -81.91
N PHE H 126 -16.50 30.53 -80.73
CA PHE H 126 -17.94 30.46 -80.61
C PHE H 126 -18.55 31.85 -80.65
N THR H 127 -19.85 31.89 -80.95
CA THR H 127 -20.64 33.12 -80.94
C THR H 127 -20.86 33.54 -79.48
N GLU H 128 -21.17 34.83 -79.28
CA GLU H 128 -21.43 35.33 -77.93
C GLU H 128 -22.59 34.56 -77.30
N GLU H 129 -23.68 34.36 -78.06
CA GLU H 129 -24.84 33.68 -77.51
C GLU H 129 -24.47 32.25 -77.15
N ASP H 130 -23.56 31.64 -77.93
CA ASP H 130 -23.12 30.28 -77.68
C ASP H 130 -22.28 30.24 -76.40
N VAL H 131 -21.31 31.13 -76.29
CA VAL H 131 -20.43 31.23 -75.13
C VAL H 131 -21.26 31.57 -73.89
N LYS H 132 -22.20 32.50 -74.06
CA LYS H 132 -23.00 33.05 -72.98
C LYS H 132 -23.85 31.94 -72.35
N PHE H 133 -24.32 31.01 -73.19
CA PHE H 133 -25.10 29.87 -72.72
C PHE H 133 -24.21 28.91 -71.94
N TYR H 134 -23.03 28.59 -72.50
CA TYR H 134 -22.12 27.66 -71.87
C TYR H 134 -21.60 28.23 -70.55
N LEU H 135 -21.26 29.52 -70.55
CA LEU H 135 -20.66 30.16 -69.38
C LEU H 135 -21.72 30.39 -68.30
N ALA H 136 -22.98 30.51 -68.69
CA ALA H 136 -24.06 30.66 -67.72
C ALA H 136 -24.20 29.37 -66.91
N GLU H 137 -24.40 28.25 -67.62
CA GLU H 137 -24.54 26.95 -66.97
C GLU H 137 -23.32 26.66 -66.11
N LEU H 138 -22.13 26.90 -66.66
CA LEU H 138 -20.89 26.63 -65.95
C LEU H 138 -20.82 27.45 -64.65
N ALA H 139 -21.36 28.68 -64.69
CA ALA H 139 -21.32 29.56 -63.53
C ALA H 139 -22.14 28.95 -62.39
N LEU H 140 -23.31 28.43 -62.74
CA LEU H 140 -24.15 27.72 -61.78
C LEU H 140 -23.37 26.53 -61.24
N ALA H 141 -22.72 25.79 -62.15
CA ALA H 141 -21.95 24.62 -61.80
C ALA H 141 -20.88 24.98 -60.78
N LEU H 142 -20.21 26.12 -60.96
CA LEU H 142 -19.10 26.48 -60.09
C LEU H 142 -19.63 26.99 -58.75
N ASP H 143 -20.81 27.64 -58.75
CA ASP H 143 -21.38 28.17 -57.52
C ASP H 143 -21.79 27.04 -56.58
N HIS H 144 -22.41 26.00 -57.16
CA HIS H 144 -22.78 24.80 -56.43
C HIS H 144 -21.55 24.21 -55.74
N LEU H 145 -20.47 24.01 -56.51
CA LEU H 145 -19.23 23.48 -55.99
C LEU H 145 -18.69 24.36 -54.88
N HIS H 146 -18.78 25.68 -55.06
CA HIS H 146 -18.28 26.64 -54.10
C HIS H 146 -19.06 26.55 -52.78
N SER H 147 -20.37 26.25 -52.88
CA SER H 147 -21.22 26.15 -51.71
C SER H 147 -20.87 24.92 -50.87
N LEU H 148 -20.08 24.00 -51.44
CA LEU H 148 -19.68 22.79 -50.76
C LEU H 148 -18.19 22.84 -50.40
N GLY H 149 -17.55 24.00 -50.59
CA GLY H 149 -16.12 24.15 -50.31
C GLY H 149 -15.25 23.36 -51.29
N ILE H 150 -15.67 23.33 -52.56
CA ILE H 150 -14.98 22.59 -53.60
C ILE H 150 -14.58 23.58 -54.69
N ILE H 151 -13.40 23.36 -55.28
CA ILE H 151 -12.86 24.20 -56.34
C ILE H 151 -12.47 23.31 -57.51
N TYR H 152 -12.15 23.94 -58.65
CA TYR H 152 -11.73 23.22 -59.84
C TYR H 152 -10.28 23.59 -60.12
N ARG H 153 -9.36 22.64 -59.88
CA ARG H 153 -7.93 22.91 -59.94
C ARG H 153 -7.42 22.91 -61.38
N ASP H 154 -8.28 22.60 -62.36
CA ASP H 154 -7.88 22.73 -63.75
C ASP H 154 -9.13 22.83 -64.61
N LEU H 155 -9.63 24.06 -64.75
CA LEU H 155 -10.83 24.31 -65.54
C LEU H 155 -10.43 24.59 -66.99
N LYS H 156 -10.19 23.50 -67.73
CA LYS H 156 -9.92 23.56 -69.16
C LYS H 156 -11.18 23.09 -69.90
N PRO H 157 -11.26 23.23 -71.24
CA PRO H 157 -12.43 22.74 -72.00
C PRO H 157 -12.54 21.22 -72.15
N GLU H 158 -11.47 20.50 -71.82
CA GLU H 158 -11.48 19.03 -71.82
C GLU H 158 -12.37 18.50 -70.70
N ASN H 159 -12.60 19.31 -69.65
CA ASN H 159 -13.35 18.88 -68.49
C ASN H 159 -14.84 19.21 -68.61
N ILE H 160 -15.21 19.98 -69.64
CA ILE H 160 -16.60 20.36 -69.84
C ILE H 160 -17.16 19.54 -71.00
N LEU H 161 -17.87 18.47 -70.66
CA LEU H 161 -18.48 17.60 -71.66
C LEU H 161 -19.90 18.09 -71.97
N LEU H 162 -20.46 17.53 -73.04
CA LEU H 162 -21.82 17.83 -73.46
C LEU H 162 -22.65 16.55 -73.43
N ASP H 163 -23.97 16.70 -73.31
CA ASP H 163 -24.92 15.60 -73.52
C ASP H 163 -25.51 15.76 -74.93
N GLU H 164 -26.27 14.75 -75.38
CA GLU H 164 -26.77 14.72 -76.75
C GLU H 164 -27.75 15.86 -76.98
N GLU H 165 -28.31 16.42 -75.89
CA GLU H 165 -29.20 17.57 -75.98
C GLU H 165 -28.38 18.79 -76.39
N GLY H 166 -27.31 19.08 -75.63
CA GLY H 166 -26.45 20.23 -75.89
C GLY H 166 -25.99 20.94 -74.62
N HIS H 167 -26.64 20.64 -73.49
CA HIS H 167 -26.27 21.19 -72.20
C HIS H 167 -24.92 20.63 -71.76
N ILE H 168 -24.24 21.33 -70.84
CA ILE H 168 -22.89 20.95 -70.43
C ILE H 168 -22.98 20.04 -69.21
N LYS H 169 -21.87 19.35 -68.96
CA LYS H 169 -21.69 18.50 -67.79
C LYS H 169 -20.21 18.53 -67.40
N LEU H 170 -19.91 19.26 -66.32
CA LEU H 170 -18.54 19.41 -65.85
C LEU H 170 -18.08 18.13 -65.16
N THR H 171 -16.86 17.68 -65.48
CA THR H 171 -16.33 16.42 -64.98
C THR H 171 -15.87 16.58 -63.54
N ASP H 172 -15.35 15.48 -62.97
CA ASP H 172 -14.93 15.45 -61.57
C ASP H 172 -13.41 15.60 -61.44
N PHE H 173 -12.70 15.74 -62.57
CA PHE H 173 -11.25 15.67 -62.59
C PHE H 173 -10.65 16.78 -61.72
N GLY H 174 -11.22 18.00 -61.83
CA GLY H 174 -10.65 19.17 -61.19
C GLY H 174 -11.00 19.28 -59.70
N LEU H 175 -12.03 18.56 -59.25
CA LEU H 175 -12.57 18.74 -57.91
C LEU H 175 -11.47 18.61 -56.88
N SER H 176 -11.52 19.49 -55.87
CA SER H 176 -10.51 19.57 -54.82
C SER H 176 -10.98 20.52 -53.73
N LYS H 177 -10.62 20.22 -52.48
CA LYS H 177 -10.98 21.05 -51.34
C LYS H 177 -10.12 22.32 -51.33
N GLU H 178 -10.73 23.43 -50.89
CA GLU H 178 -10.09 24.74 -50.89
C GLU H 178 -9.06 24.81 -49.76
N PHE H 189 1.53 20.56 -57.17
CA PHE H 189 1.43 21.45 -58.35
C PHE H 189 1.20 20.60 -59.60
N CYS H 190 0.16 20.96 -60.37
CA CYS H 190 -0.25 20.19 -61.54
C CYS H 190 -1.27 20.98 -62.36
N GLY H 191 -1.51 20.54 -63.59
CA GLY H 191 -2.55 21.09 -64.44
C GLY H 191 -1.98 22.12 -65.42
N THR H 192 -2.72 22.35 -66.51
CA THR H 192 -2.31 23.29 -67.55
C THR H 192 -2.19 24.70 -66.95
N VAL H 193 -1.13 25.41 -67.36
CA VAL H 193 -0.72 26.64 -66.70
C VAL H 193 -1.43 27.84 -67.34
N GLU H 194 -2.02 27.66 -68.52
CA GLU H 194 -2.65 28.76 -69.23
C GLU H 194 -3.93 29.18 -68.51
N TYR H 195 -4.59 28.21 -67.83
CA TYR H 195 -5.86 28.46 -67.16
C TYR H 195 -5.61 28.74 -65.67
N MET H 196 -4.34 28.84 -65.27
CA MET H 196 -4.01 29.04 -63.87
C MET H 196 -4.11 30.52 -63.51
N ALA H 197 -4.55 30.78 -62.28
CA ALA H 197 -4.71 32.13 -61.77
C ALA H 197 -3.39 32.60 -61.16
N PRO H 198 -3.10 33.92 -61.18
CA PRO H 198 -1.84 34.45 -60.67
C PRO H 198 -1.40 33.90 -59.31
N GLU H 199 -2.30 33.95 -58.32
CA GLU H 199 -1.98 33.51 -56.97
C GLU H 199 -1.61 32.03 -57.01
N VAL H 200 -2.27 31.25 -57.88
CA VAL H 200 -2.03 29.82 -58.01
C VAL H 200 -0.66 29.61 -58.65
N VAL H 201 -0.25 30.53 -59.53
CA VAL H 201 1.03 30.46 -60.20
C VAL H 201 2.15 30.78 -59.22
N ASN H 202 1.90 31.71 -58.29
CA ASN H 202 2.84 32.00 -57.21
C ASN H 202 2.64 31.03 -56.06
N ARG H 203 1.66 30.11 -56.21
CA ARG H 203 1.45 28.99 -55.29
C ARG H 203 0.94 29.53 -53.95
N ARG H 204 0.01 30.49 -54.01
CA ARG H 204 -0.47 31.19 -52.84
C ARG H 204 -1.93 30.80 -52.56
N GLY H 205 -2.21 29.50 -52.62
CA GLY H 205 -3.50 28.98 -52.19
C GLY H 205 -4.58 29.13 -53.26
N HIS H 206 -5.27 28.02 -53.55
CA HIS H 206 -6.30 27.97 -54.57
C HIS H 206 -7.65 28.30 -53.93
N THR H 207 -8.01 29.58 -53.98
CA THR H 207 -9.28 30.07 -53.46
C THR H 207 -10.36 29.83 -54.51
N GLN H 208 -11.61 30.19 -54.19
CA GLN H 208 -12.71 30.02 -55.15
C GLN H 208 -12.62 31.13 -56.20
N SER H 209 -11.93 32.22 -55.85
CA SER H 209 -11.71 33.34 -56.76
C SER H 209 -10.90 32.89 -57.97
N ALA H 210 -9.97 31.96 -57.75
CA ALA H 210 -9.12 31.43 -58.81
C ALA H 210 -9.97 30.81 -59.92
N ASP H 211 -11.05 30.12 -59.54
CA ASP H 211 -11.93 29.49 -60.51
C ASP H 211 -12.45 30.55 -61.48
N TRP H 212 -12.83 31.71 -60.94
CA TRP H 212 -13.43 32.77 -61.76
C TRP H 212 -12.41 33.36 -62.72
N TRP H 213 -11.13 33.32 -62.35
CA TRP H 213 -10.06 33.66 -63.29
C TRP H 213 -10.12 32.70 -64.48
N SER H 214 -10.16 31.40 -64.19
CA SER H 214 -10.21 30.37 -65.23
C SER H 214 -11.49 30.52 -66.04
N PHE H 215 -12.60 30.77 -65.35
CA PHE H 215 -13.85 31.10 -65.99
C PHE H 215 -13.60 32.13 -67.08
N GLY H 216 -12.83 33.17 -66.74
CA GLY H 216 -12.45 34.20 -67.69
C GLY H 216 -11.60 33.65 -68.84
N VAL H 217 -10.66 32.76 -68.51
CA VAL H 217 -9.75 32.20 -69.51
C VAL H 217 -10.56 31.41 -70.53
N LEU H 218 -11.50 30.59 -70.05
CA LEU H 218 -12.41 29.87 -70.93
C LEU H 218 -13.15 30.84 -71.83
N MET H 219 -13.67 31.90 -71.21
CA MET H 219 -14.46 32.90 -71.91
C MET H 219 -13.61 33.54 -73.00
N PHE H 220 -12.37 33.91 -72.67
CA PHE H 220 -11.47 34.56 -73.61
C PHE H 220 -11.14 33.62 -74.77
N GLU H 221 -10.90 32.35 -74.45
CA GLU H 221 -10.52 31.34 -75.42
C GLU H 221 -11.68 31.06 -76.39
N MET H 222 -12.89 30.95 -75.84
CA MET H 222 -14.05 30.52 -76.62
C MET H 222 -14.50 31.62 -77.59
N LEU H 223 -14.19 32.88 -77.27
CA LEU H 223 -14.57 34.00 -78.11
C LEU H 223 -13.45 34.34 -79.10
N THR H 224 -12.19 34.33 -78.65
CA THR H 224 -11.07 34.75 -79.48
C THR H 224 -10.46 33.59 -80.25
N GLY H 225 -10.68 32.36 -79.76
CA GLY H 225 -10.05 31.18 -80.31
C GLY H 225 -8.56 31.13 -79.96
N THR H 226 -8.19 31.80 -78.86
CA THR H 226 -6.80 31.93 -78.45
C THR H 226 -6.74 32.25 -76.96
N LEU H 227 -5.67 31.77 -76.31
CA LEU H 227 -5.48 31.94 -74.88
C LEU H 227 -4.95 33.34 -74.60
N PRO H 228 -5.34 33.96 -73.46
CA PRO H 228 -4.92 35.33 -73.16
C PRO H 228 -3.43 35.43 -72.83
N PHE H 229 -2.96 34.53 -71.96
CA PHE H 229 -1.57 34.50 -71.53
C PHE H 229 -0.94 33.20 -72.03
N GLN H 230 0.02 33.33 -72.96
CA GLN H 230 0.68 32.19 -73.55
C GLN H 230 1.98 32.65 -74.22
N GLY H 231 3.10 32.13 -73.71
CA GLY H 231 4.41 32.37 -74.31
C GLY H 231 4.88 31.14 -75.07
N LYS H 232 6.19 31.10 -75.37
CA LYS H 232 6.77 30.02 -76.16
C LYS H 232 7.11 28.84 -75.26
N ASP H 233 7.13 29.06 -73.94
CA ASP H 233 7.32 27.99 -72.98
C ASP H 233 6.34 28.20 -71.81
N ARG H 234 6.28 27.20 -70.92
CA ARG H 234 5.34 27.20 -69.80
C ARG H 234 5.68 28.34 -68.85
N LYS H 235 6.97 28.69 -68.77
CA LYS H 235 7.45 29.68 -67.82
C LYS H 235 7.07 31.08 -68.30
N GLU H 236 7.41 31.39 -69.55
CA GLU H 236 7.05 32.67 -70.15
C GLU H 236 5.55 32.91 -69.96
N THR H 237 4.76 31.87 -70.23
CA THR H 237 3.33 31.87 -69.99
C THR H 237 3.06 32.30 -68.56
N MET H 238 3.55 31.49 -67.61
CA MET H 238 3.31 31.69 -66.19
C MET H 238 3.71 33.11 -65.78
N THR H 239 4.81 33.60 -66.34
CA THR H 239 5.30 34.95 -66.09
C THR H 239 4.28 35.99 -66.57
N MET H 240 3.70 35.73 -67.75
CA MET H 240 2.78 36.67 -68.38
C MET H 240 1.52 36.81 -67.54
N ILE H 241 1.14 35.74 -66.84
CA ILE H 241 -0.04 35.75 -65.99
C ILE H 241 0.18 36.73 -64.84
N LEU H 242 1.41 36.78 -64.32
CA LEU H 242 1.72 37.54 -63.12
C LEU H 242 1.84 39.04 -63.43
N LYS H 243 2.31 39.41 -64.62
CA LYS H 243 2.54 40.82 -64.94
C LYS H 243 1.96 41.22 -66.29
N ALA H 244 2.31 40.48 -67.36
CA ALA H 244 2.12 40.96 -68.73
C ALA H 244 0.67 41.34 -68.98
N LYS H 245 0.40 42.66 -69.01
CA LYS H 245 -0.93 43.19 -69.25
C LYS H 245 -1.27 43.00 -70.73
N LEU H 246 -2.43 42.34 -70.98
CA LEU H 246 -2.82 41.96 -72.32
C LEU H 246 -3.84 42.94 -72.88
N GLY H 247 -3.67 43.27 -74.16
CA GLY H 247 -4.59 44.15 -74.87
C GLY H 247 -5.88 43.42 -75.24
N MET H 248 -6.99 44.17 -75.21
CA MET H 248 -8.31 43.62 -75.49
C MET H 248 -8.49 43.48 -77.00
N PRO H 249 -8.94 42.31 -77.50
CA PRO H 249 -9.43 42.19 -78.87
C PRO H 249 -10.73 42.99 -79.01
N GLN H 250 -10.81 43.82 -80.05
CA GLN H 250 -11.90 44.78 -80.20
C GLN H 250 -12.97 44.23 -81.14
N PHE H 251 -13.13 42.91 -81.18
CA PHE H 251 -14.28 42.30 -81.82
C PHE H 251 -15.25 41.77 -80.76
N LEU H 252 -14.80 41.80 -79.50
CA LEU H 252 -15.64 41.46 -78.36
C LEU H 252 -16.59 42.62 -78.10
N SER H 253 -17.80 42.31 -77.61
CA SER H 253 -18.78 43.34 -77.28
C SER H 253 -18.31 44.09 -76.03
N PRO H 254 -18.88 45.30 -75.75
CA PRO H 254 -18.53 46.03 -74.53
C PRO H 254 -18.84 45.25 -73.25
N GLU H 255 -19.83 44.36 -73.34
CA GLU H 255 -20.23 43.54 -72.20
C GLU H 255 -19.14 42.51 -71.93
N ALA H 256 -18.77 41.76 -72.98
CA ALA H 256 -17.77 40.72 -72.88
C ALA H 256 -16.44 41.31 -72.42
N GLN H 257 -16.07 42.45 -73.01
CA GLN H 257 -14.86 43.16 -72.61
C GLN H 257 -14.95 43.54 -71.14
N SER H 258 -16.10 44.07 -70.73
CA SER H 258 -16.32 44.48 -69.35
C SER H 258 -16.06 43.31 -68.40
N LEU H 259 -16.62 42.14 -68.71
CA LEU H 259 -16.57 41.00 -67.80
C LEU H 259 -15.14 40.50 -67.67
N LEU H 260 -14.42 40.43 -68.80
CA LEU H 260 -13.06 39.91 -68.82
C LEU H 260 -12.16 40.77 -67.93
N ARG H 261 -12.36 42.10 -67.98
CA ARG H 261 -11.57 43.03 -67.19
C ARG H 261 -11.77 42.75 -65.69
N MET H 262 -13.02 42.51 -65.31
CA MET H 262 -13.38 42.30 -63.92
C MET H 262 -12.94 40.92 -63.44
N LEU H 263 -13.02 39.93 -64.35
CA LEU H 263 -12.63 38.57 -64.04
C LEU H 263 -11.10 38.49 -63.92
N PHE H 264 -10.39 39.05 -64.91
CA PHE H 264 -8.94 39.08 -64.88
C PHE H 264 -8.46 40.21 -63.98
N LYS H 265 -8.18 39.87 -62.71
CA LYS H 265 -7.61 40.82 -61.77
C LYS H 265 -6.70 40.06 -60.81
N ARG H 266 -5.46 40.53 -60.71
CA ARG H 266 -4.38 39.76 -60.12
C ARG H 266 -4.50 39.75 -58.59
N ASN H 267 -5.30 40.68 -58.04
CA ASN H 267 -5.73 40.58 -56.66
C ASN H 267 -7.03 39.78 -56.62
N PRO H 268 -7.06 38.60 -55.96
CA PRO H 268 -8.23 37.72 -55.98
C PRO H 268 -9.46 38.31 -55.32
N ALA H 269 -9.24 39.28 -54.42
CA ALA H 269 -10.31 39.92 -53.67
C ALA H 269 -11.07 40.91 -54.56
N ASN H 270 -10.44 41.38 -55.63
CA ASN H 270 -11.05 42.39 -56.49
C ASN H 270 -11.75 41.74 -57.68
N ARG H 271 -11.58 40.42 -57.87
CA ARG H 271 -12.22 39.70 -58.96
C ARG H 271 -13.71 39.61 -58.71
N LEU H 272 -14.46 39.47 -59.82
CA LEU H 272 -15.89 39.25 -59.77
C LEU H 272 -16.14 37.89 -59.12
N GLY H 273 -17.12 37.82 -58.22
CA GLY H 273 -17.44 36.60 -57.51
C GLY H 273 -16.54 36.37 -56.30
N ALA H 274 -15.88 37.45 -55.85
CA ALA H 274 -15.03 37.40 -54.67
C ALA H 274 -15.54 38.40 -53.64
N GLY H 275 -16.87 38.56 -53.58
CA GLY H 275 -17.50 39.57 -52.77
C GLY H 275 -18.64 39.01 -51.92
N PRO H 276 -19.58 39.86 -51.45
CA PRO H 276 -20.69 39.40 -50.62
C PRO H 276 -21.65 38.50 -51.40
N ASP H 277 -21.91 38.89 -52.65
CA ASP H 277 -22.96 38.27 -53.46
C ASP H 277 -22.50 36.90 -53.95
N GLY H 278 -21.18 36.75 -54.15
CA GLY H 278 -20.64 35.54 -54.76
C GLY H 278 -20.97 35.51 -56.26
N VAL H 279 -21.70 34.47 -56.67
CA VAL H 279 -21.98 34.23 -58.07
C VAL H 279 -22.94 35.29 -58.62
N GLU H 280 -23.76 35.87 -57.73
CA GLU H 280 -24.75 36.86 -58.14
C GLU H 280 -24.06 37.99 -58.93
N GLU H 281 -22.85 38.37 -58.53
CA GLU H 281 -22.08 39.38 -59.26
C GLU H 281 -21.97 39.00 -60.73
N ILE H 282 -21.59 37.74 -61.00
CA ILE H 282 -21.45 37.24 -62.36
C ILE H 282 -22.81 37.30 -63.06
N LYS H 283 -23.88 36.92 -62.35
CA LYS H 283 -25.19 36.78 -62.94
C LYS H 283 -25.76 38.13 -63.40
N ARG H 284 -25.55 39.18 -62.60
CA ARG H 284 -26.21 40.46 -62.83
C ARG H 284 -25.45 41.30 -63.86
N HIS H 285 -24.27 40.82 -64.29
CA HIS H 285 -23.45 41.55 -65.23
C HIS H 285 -24.14 41.65 -66.58
N SER H 286 -23.79 42.71 -67.32
CA SER H 286 -24.42 43.04 -68.60
C SER H 286 -24.36 41.86 -69.58
N PHE H 287 -23.24 41.12 -69.56
CA PHE H 287 -23.03 40.03 -70.50
C PHE H 287 -24.19 39.03 -70.44
N PHE H 288 -24.61 38.69 -69.22
CA PHE H 288 -25.63 37.67 -68.99
C PHE H 288 -26.99 38.31 -68.75
N SER H 289 -27.31 39.38 -69.49
CA SER H 289 -28.56 40.10 -69.30
C SER H 289 -29.72 39.35 -69.96
N THR H 290 -29.42 38.57 -71.01
CA THR H 290 -30.44 37.89 -71.79
C THR H 290 -30.65 36.46 -71.30
N ILE H 291 -30.24 36.16 -70.05
CA ILE H 291 -30.27 34.81 -69.52
C ILE H 291 -31.25 34.74 -68.36
N ASP H 292 -32.19 33.78 -68.43
CA ASP H 292 -33.10 33.48 -67.34
C ASP H 292 -32.55 32.25 -66.61
N TRP H 293 -32.03 32.47 -65.38
CA TRP H 293 -31.24 31.47 -64.68
C TRP H 293 -32.09 30.35 -64.10
N ASN H 294 -33.42 30.57 -64.01
CA ASN H 294 -34.34 29.55 -63.56
C ASN H 294 -34.73 28.68 -64.75
N LYS H 295 -34.92 29.33 -65.90
CA LYS H 295 -35.18 28.68 -67.17
C LYS H 295 -33.99 27.81 -67.57
N LEU H 296 -32.77 28.36 -67.37
CA LEU H 296 -31.54 27.68 -67.74
C LEU H 296 -31.31 26.46 -66.87
N TYR H 297 -31.50 26.61 -65.55
CA TYR H 297 -31.32 25.52 -64.61
C TYR H 297 -32.26 24.37 -64.94
N ARG H 298 -33.52 24.70 -65.28
CA ARG H 298 -34.52 23.70 -65.60
C ARG H 298 -34.30 23.15 -67.01
N ARG H 299 -33.29 23.67 -67.72
CA ARG H 299 -32.90 23.17 -69.03
C ARG H 299 -34.01 23.44 -70.03
N GLU H 300 -34.77 24.52 -69.79
CA GLU H 300 -35.89 24.89 -70.64
C GLU H 300 -35.41 25.84 -71.74
N ILE H 301 -34.21 26.40 -71.57
CA ILE H 301 -33.55 27.14 -72.63
C ILE H 301 -32.98 26.12 -73.62
N HIS H 302 -32.95 26.51 -74.91
CA HIS H 302 -32.51 25.62 -75.96
C HIS H 302 -31.01 25.79 -76.18
N PRO H 303 -30.18 24.73 -76.01
CA PRO H 303 -28.75 24.80 -76.31
C PRO H 303 -28.44 25.33 -77.70
N PRO H 304 -27.26 25.95 -77.93
CA PRO H 304 -26.92 26.51 -79.24
C PRO H 304 -26.62 25.41 -80.25
N PHE H 305 -25.69 24.51 -79.87
CA PHE H 305 -25.32 23.38 -80.69
C PHE H 305 -25.95 22.11 -80.11
N LYS H 306 -26.56 21.29 -80.97
CA LYS H 306 -27.02 19.96 -80.59
C LYS H 306 -26.03 18.94 -81.12
N PRO H 307 -25.16 18.35 -80.26
CA PRO H 307 -24.19 17.36 -80.70
C PRO H 307 -24.79 15.95 -80.72
N ALA H 308 -25.48 15.63 -81.82
CA ALA H 308 -25.99 14.28 -82.03
C ALA H 308 -24.80 13.34 -82.25
N THR H 309 -24.84 12.19 -81.53
CA THR H 309 -23.74 11.23 -81.52
C THR H 309 -23.23 11.00 -82.95
N ALA I 24 -54.10 -63.97 15.25
CA ALA I 24 -54.06 -64.91 14.10
C ALA I 24 -52.64 -65.38 13.84
N ASP I 25 -52.51 -66.41 13.00
CA ASP I 25 -51.24 -67.06 12.73
C ASP I 25 -51.03 -67.14 11.21
N PRO I 26 -49.80 -67.44 10.73
CA PRO I 26 -49.49 -67.39 9.29
C PRO I 26 -50.34 -68.23 8.35
N SER I 27 -50.92 -69.33 8.86
CA SER I 27 -51.64 -70.29 8.05
C SER I 27 -52.93 -69.70 7.48
N GLN I 28 -53.43 -68.62 8.10
CA GLN I 28 -54.73 -68.05 7.74
C GLN I 28 -54.66 -67.26 6.43
N PHE I 29 -53.44 -67.02 5.91
CA PHE I 29 -53.25 -66.31 4.66
C PHE I 29 -52.43 -67.17 3.70
N GLU I 30 -52.45 -66.82 2.41
CA GLU I 30 -51.64 -67.49 1.41
C GLU I 30 -50.80 -66.46 0.65
N LEU I 31 -49.64 -66.89 0.15
CA LEU I 31 -48.69 -66.03 -0.52
C LEU I 31 -48.91 -66.09 -2.04
N LEU I 32 -49.17 -64.93 -2.65
CA LEU I 32 -49.49 -64.86 -4.07
C LEU I 32 -48.28 -64.40 -4.88
N LYS I 33 -47.66 -63.29 -4.45
CA LYS I 33 -46.50 -62.73 -5.14
C LYS I 33 -45.67 -61.91 -4.16
N VAL I 34 -44.37 -61.82 -4.42
CA VAL I 34 -43.47 -60.98 -3.64
C VAL I 34 -43.44 -59.60 -4.30
N LEU I 35 -43.60 -58.55 -3.48
CA LEU I 35 -43.75 -57.19 -3.96
C LEU I 35 -42.41 -56.45 -3.96
N GLY I 36 -41.57 -56.73 -2.96
CA GLY I 36 -40.22 -56.17 -2.93
C GLY I 36 -39.44 -56.59 -1.70
N GLN I 37 -38.16 -56.21 -1.65
CA GLN I 37 -37.34 -56.36 -0.46
C GLN I 37 -36.60 -55.07 -0.14
N GLY I 38 -36.10 -54.98 1.08
CA GLY I 38 -35.10 -54.01 1.49
C GLY I 38 -34.31 -54.55 2.68
N SER I 39 -33.51 -53.67 3.31
CA SER I 39 -32.75 -54.06 4.49
C SER I 39 -33.69 -54.19 5.69
N PHE I 40 -34.89 -53.60 5.58
CA PHE I 40 -35.94 -53.72 6.60
C PHE I 40 -36.40 -55.18 6.72
N GLY I 41 -36.66 -55.82 5.58
CA GLY I 41 -37.23 -57.15 5.56
C GLY I 41 -37.80 -57.50 4.18
N LYS I 42 -38.97 -58.16 4.17
CA LYS I 42 -39.59 -58.64 2.94
C LYS I 42 -41.06 -58.22 2.91
N VAL I 43 -41.59 -57.99 1.71
CA VAL I 43 -42.98 -57.62 1.53
C VAL I 43 -43.64 -58.64 0.60
N PHE I 44 -44.84 -59.10 0.97
CA PHE I 44 -45.57 -60.10 0.22
C PHE I 44 -47.01 -59.64 0.00
N LEU I 45 -47.54 -59.92 -1.19
CA LEU I 45 -48.98 -59.87 -1.43
C LEU I 45 -49.58 -61.17 -0.89
N VAL I 46 -50.51 -61.05 0.06
CA VAL I 46 -51.14 -62.19 0.69
C VAL I 46 -52.65 -62.03 0.62
N LYS I 47 -53.36 -63.17 0.62
CA LYS I 47 -54.81 -63.21 0.60
C LYS I 47 -55.32 -63.96 1.83
N LYS I 48 -56.18 -63.30 2.61
CA LYS I 48 -56.84 -63.93 3.75
C LYS I 48 -57.84 -64.95 3.20
N ILE I 49 -57.69 -66.21 3.65
CA ILE I 49 -58.59 -67.30 3.25
C ILE I 49 -59.50 -67.66 4.41
N SER I 50 -58.99 -67.55 5.65
CA SER I 50 -59.78 -67.79 6.85
C SER I 50 -60.62 -66.56 7.17
N GLY I 51 -61.40 -66.65 8.27
CA GLY I 51 -62.08 -65.51 8.85
C GLY I 51 -63.21 -64.98 7.96
N SER I 52 -63.82 -63.87 8.42
CA SER I 52 -64.93 -63.24 7.72
C SER I 52 -64.43 -62.59 6.44
N ASP I 53 -63.33 -61.86 6.54
CA ASP I 53 -62.70 -61.21 5.39
C ASP I 53 -61.92 -62.25 4.60
N ALA I 54 -62.64 -63.12 3.88
CA ALA I 54 -62.04 -64.08 2.98
C ALA I 54 -61.98 -63.45 1.58
N ARG I 55 -61.02 -63.92 0.77
CA ARG I 55 -60.84 -63.43 -0.59
C ARG I 55 -60.53 -61.93 -0.57
N GLN I 56 -59.62 -61.54 0.34
CA GLN I 56 -59.29 -60.14 0.58
C GLN I 56 -57.77 -59.98 0.54
N LEU I 57 -57.29 -59.17 -0.41
CA LEU I 57 -55.86 -59.01 -0.63
C LEU I 57 -55.28 -58.05 0.43
N TYR I 58 -54.08 -58.41 0.92
CA TYR I 58 -53.37 -57.63 1.91
C TYR I 58 -51.90 -57.53 1.51
N ALA I 59 -51.16 -56.65 2.22
CA ALA I 59 -49.72 -56.57 2.08
C ALA I 59 -49.07 -57.01 3.39
N MET I 60 -48.24 -58.06 3.32
CA MET I 60 -47.62 -58.62 4.51
C MET I 60 -46.14 -58.23 4.54
N LYS I 61 -45.74 -57.50 5.58
CA LYS I 61 -44.36 -57.10 5.76
C LYS I 61 -43.73 -57.90 6.90
N VAL I 62 -42.63 -58.60 6.60
CA VAL I 62 -41.98 -59.46 7.58
C VAL I 62 -40.61 -58.88 7.89
N LEU I 63 -40.46 -58.40 9.14
CA LEU I 63 -39.24 -57.73 9.59
C LEU I 63 -38.41 -58.69 10.43
N LYS I 64 -37.08 -58.59 10.29
CA LYS I 64 -36.16 -59.35 11.13
C LYS I 64 -35.97 -58.62 12.46
N ASP I 81 -44.53 -51.09 17.87
CA ASP I 81 -45.89 -51.47 17.36
C ASP I 81 -46.80 -50.24 17.41
N ILE I 82 -46.30 -49.12 16.85
CA ILE I 82 -47.02 -47.86 16.83
C ILE I 82 -48.23 -47.95 15.91
N LEU I 83 -48.19 -48.91 14.97
CA LEU I 83 -49.20 -49.04 13.93
C LEU I 83 -50.58 -49.29 14.53
N VAL I 84 -50.62 -49.92 15.72
CA VAL I 84 -51.86 -50.36 16.33
C VAL I 84 -52.77 -49.17 16.64
N GLU I 85 -52.20 -48.09 17.21
CA GLU I 85 -52.98 -46.97 17.70
C GLU I 85 -53.32 -46.02 16.55
N VAL I 86 -52.47 -46.01 15.50
CA VAL I 86 -52.70 -45.17 14.34
C VAL I 86 -53.91 -45.70 13.58
N ASN I 87 -54.91 -44.83 13.39
CA ASN I 87 -56.06 -45.14 12.58
C ASN I 87 -56.61 -43.85 11.96
N HIS I 88 -56.62 -43.80 10.62
CA HIS I 88 -57.03 -42.62 9.88
C HIS I 88 -57.21 -42.99 8.41
N PRO I 89 -58.19 -42.41 7.68
CA PRO I 89 -58.43 -42.76 6.29
C PRO I 89 -57.21 -42.75 5.36
N PHE I 90 -56.29 -41.81 5.59
CA PHE I 90 -55.20 -41.54 4.67
C PHE I 90 -53.87 -41.99 5.26
N ILE I 91 -53.92 -42.98 6.16
CA ILE I 91 -52.73 -43.68 6.63
C ILE I 91 -53.02 -45.18 6.56
N VAL I 92 -51.98 -45.96 6.28
CA VAL I 92 -52.09 -47.41 6.18
C VAL I 92 -52.37 -47.96 7.58
N LYS I 93 -53.32 -48.91 7.65
CA LYS I 93 -53.79 -49.47 8.90
C LYS I 93 -53.26 -50.90 9.06
N LEU I 94 -52.88 -51.25 10.28
CA LEU I 94 -52.47 -52.61 10.60
C LEU I 94 -53.72 -53.44 10.92
N HIS I 95 -53.84 -54.60 10.26
CA HIS I 95 -54.97 -55.50 10.45
C HIS I 95 -54.57 -56.68 11.34
N TYR I 96 -53.37 -57.23 11.13
CA TYR I 96 -52.91 -58.40 11.87
C TYR I 96 -51.42 -58.26 12.18
N ALA I 97 -51.03 -58.69 13.37
CA ALA I 97 -49.63 -58.72 13.78
C ALA I 97 -49.37 -59.96 14.65
N PHE I 98 -48.31 -60.70 14.30
CA PHE I 98 -47.93 -61.92 15.01
C PHE I 98 -46.42 -62.07 14.97
N GLN I 99 -45.82 -62.31 16.15
CA GLN I 99 -44.38 -62.42 16.29
C GLN I 99 -44.00 -63.90 16.31
N THR I 100 -43.50 -64.40 15.17
CA THR I 100 -43.18 -65.81 14.98
C THR I 100 -41.78 -65.92 14.36
N GLU I 101 -41.13 -67.09 14.55
CA GLU I 101 -39.90 -67.45 13.86
C GLU I 101 -38.76 -66.49 14.21
N GLY I 102 -38.87 -65.78 15.34
CA GLY I 102 -37.92 -64.72 15.68
C GLY I 102 -38.01 -63.56 14.69
N LYS I 103 -39.23 -63.23 14.27
CA LYS I 103 -39.51 -62.15 13.34
C LYS I 103 -40.86 -61.53 13.67
N LEU I 104 -41.09 -60.30 13.22
CA LEU I 104 -42.39 -59.66 13.34
C LEU I 104 -43.08 -59.67 11.98
N TYR I 105 -44.35 -60.09 11.98
CA TYR I 105 -45.16 -60.11 10.76
C TYR I 105 -46.24 -59.05 10.89
N LEU I 106 -46.38 -58.22 9.84
CA LEU I 106 -47.37 -57.15 9.80
C LEU I 106 -48.19 -57.30 8.53
N ILE I 107 -49.52 -57.41 8.68
CA ILE I 107 -50.43 -57.43 7.56
C ILE I 107 -51.09 -56.06 7.47
N LEU I 108 -50.95 -55.41 6.31
CA LEU I 108 -51.44 -54.06 6.12
C LEU I 108 -52.29 -54.00 4.84
N ASP I 109 -52.79 -52.80 4.53
CA ASP I 109 -53.69 -52.59 3.40
C ASP I 109 -52.94 -52.87 2.10
N PHE I 110 -53.66 -53.33 1.07
CA PHE I 110 -53.09 -53.51 -0.25
C PHE I 110 -53.60 -52.41 -1.20
N LEU I 111 -52.67 -51.58 -1.67
CA LEU I 111 -53.00 -50.40 -2.47
C LEU I 111 -52.62 -50.63 -3.93
N ARG I 112 -53.63 -50.61 -4.80
CA ARG I 112 -53.48 -50.96 -6.20
C ARG I 112 -53.04 -49.75 -7.02
N GLY I 113 -53.28 -48.55 -6.49
CA GLY I 113 -53.19 -47.31 -7.26
C GLY I 113 -51.76 -46.86 -7.54
N GLY I 114 -50.78 -47.49 -6.88
CA GLY I 114 -49.37 -47.16 -7.07
C GLY I 114 -48.88 -46.19 -6.00
N ASP I 115 -48.03 -45.23 -6.42
CA ASP I 115 -47.48 -44.23 -5.51
C ASP I 115 -47.16 -42.96 -6.30
N LEU I 116 -46.83 -41.88 -5.57
CA LEU I 116 -46.67 -40.56 -6.16
C LEU I 116 -45.32 -40.45 -6.88
N PHE I 117 -44.31 -41.19 -6.41
CA PHE I 117 -43.00 -41.19 -7.06
C PHE I 117 -43.15 -41.64 -8.51
N THR I 118 -44.00 -42.64 -8.75
CA THR I 118 -44.21 -43.19 -10.08
C THR I 118 -45.02 -42.23 -10.95
N ARG I 119 -45.97 -41.52 -10.34
CA ARG I 119 -46.87 -40.65 -11.10
C ARG I 119 -46.20 -39.31 -11.39
N LEU I 120 -45.30 -38.84 -10.50
CA LEU I 120 -44.49 -37.66 -10.78
C LEU I 120 -43.59 -37.91 -11.97
N SER I 121 -42.82 -39.00 -11.90
CA SER I 121 -41.87 -39.36 -12.95
C SER I 121 -42.58 -39.52 -14.29
N LYS I 122 -43.85 -39.91 -14.26
CA LYS I 122 -44.61 -40.13 -15.48
C LYS I 122 -44.92 -38.80 -16.18
N GLU I 123 -45.35 -37.78 -15.41
CA GLU I 123 -45.83 -36.55 -16.01
C GLU I 123 -45.20 -35.32 -15.35
N VAL I 124 -43.96 -35.47 -14.87
CA VAL I 124 -43.07 -34.37 -14.56
C VAL I 124 -43.57 -33.58 -13.34
N MET I 125 -44.71 -32.89 -13.50
CA MET I 125 -45.18 -31.94 -12.50
C MET I 125 -46.72 -31.99 -12.45
N PHE I 126 -47.26 -31.82 -11.23
CA PHE I 126 -48.69 -31.93 -11.00
C PHE I 126 -49.36 -30.58 -11.16
N THR I 127 -50.69 -30.62 -11.33
CA THR I 127 -51.54 -29.44 -11.29
C THR I 127 -51.58 -28.94 -9.85
N GLU I 128 -51.97 -27.67 -9.66
CA GLU I 128 -52.19 -27.14 -8.32
C GLU I 128 -53.39 -27.85 -7.68
N GLU I 129 -54.44 -28.12 -8.48
CA GLU I 129 -55.61 -28.82 -7.97
C GLU I 129 -55.20 -30.22 -7.52
N ASP I 130 -54.32 -30.88 -8.28
CA ASP I 130 -53.90 -32.23 -7.98
C ASP I 130 -52.98 -32.23 -6.77
N VAL I 131 -52.13 -31.21 -6.65
CA VAL I 131 -51.24 -31.05 -5.50
C VAL I 131 -52.04 -30.62 -4.26
N LYS I 132 -53.00 -29.72 -4.47
CA LYS I 132 -53.86 -29.20 -3.42
C LYS I 132 -54.61 -30.36 -2.76
N PHE I 133 -55.01 -31.35 -3.57
CA PHE I 133 -55.69 -32.53 -3.09
C PHE I 133 -54.76 -33.37 -2.21
N TYR I 134 -53.60 -33.76 -2.77
CA TYR I 134 -52.71 -34.71 -2.13
C TYR I 134 -52.13 -34.13 -0.85
N LEU I 135 -51.80 -32.84 -0.86
CA LEU I 135 -51.26 -32.16 0.31
C LEU I 135 -52.32 -32.02 1.39
N ALA I 136 -53.58 -31.81 0.98
CA ALA I 136 -54.69 -31.63 1.92
C ALA I 136 -54.89 -32.89 2.75
N GLU I 137 -54.93 -34.04 2.08
CA GLU I 137 -55.10 -35.32 2.76
C GLU I 137 -53.85 -35.67 3.57
N LEU I 138 -52.67 -35.29 3.06
CA LEU I 138 -51.41 -35.60 3.73
C LEU I 138 -51.35 -34.86 5.07
N ALA I 139 -51.92 -33.66 5.11
CA ALA I 139 -51.89 -32.82 6.29
C ALA I 139 -52.69 -33.48 7.42
N LEU I 140 -53.90 -33.94 7.08
CA LEU I 140 -54.76 -34.66 8.01
C LEU I 140 -53.99 -35.86 8.57
N ALA I 141 -53.29 -36.57 7.67
CA ALA I 141 -52.48 -37.71 8.05
C ALA I 141 -51.39 -37.27 9.03
N LEU I 142 -50.61 -36.26 8.62
CA LEU I 142 -49.49 -35.80 9.42
C LEU I 142 -49.97 -35.17 10.72
N ASP I 143 -51.16 -34.58 10.72
CA ASP I 143 -51.75 -34.02 11.93
C ASP I 143 -52.14 -35.14 12.89
N HIS I 144 -52.81 -36.17 12.35
CA HIS I 144 -53.22 -37.32 13.13
C HIS I 144 -52.01 -37.98 13.78
N LEU I 145 -50.88 -38.02 13.05
CA LEU I 145 -49.64 -38.54 13.59
C LEU I 145 -49.17 -37.65 14.75
N HIS I 146 -49.16 -36.33 14.53
CA HIS I 146 -48.68 -35.36 15.51
C HIS I 146 -49.53 -35.41 16.78
N SER I 147 -50.80 -35.81 16.63
CA SER I 147 -51.72 -35.88 17.76
C SER I 147 -51.33 -36.98 18.73
N LEU I 148 -50.52 -37.93 18.25
CA LEU I 148 -50.08 -39.06 19.07
C LEU I 148 -48.57 -38.96 19.36
N GLY I 149 -47.97 -37.80 19.07
CA GLY I 149 -46.54 -37.59 19.27
C GLY I 149 -45.70 -38.47 18.36
N ILE I 150 -46.08 -38.53 17.07
CA ILE I 150 -45.42 -39.36 16.09
C ILE I 150 -44.77 -38.46 15.04
N ILE I 151 -43.64 -38.91 14.51
CA ILE I 151 -42.89 -38.19 13.48
C ILE I 151 -42.76 -39.10 12.25
N TYR I 152 -42.67 -38.47 11.07
CA TYR I 152 -42.43 -39.20 9.84
C TYR I 152 -41.03 -38.85 9.33
N ARG I 153 -40.07 -39.74 9.63
CA ARG I 153 -38.71 -39.59 9.11
C ARG I 153 -38.73 -39.85 7.61
N ASP I 154 -38.06 -38.98 6.85
CA ASP I 154 -37.83 -39.21 5.43
C ASP I 154 -39.17 -39.30 4.71
N LEU I 155 -39.95 -38.21 4.79
CA LEU I 155 -41.19 -38.09 4.06
C LEU I 155 -40.88 -37.81 2.60
N LYS I 156 -41.17 -38.80 1.73
CA LYS I 156 -40.88 -38.70 0.31
C LYS I 156 -42.09 -39.22 -0.47
N PRO I 157 -42.16 -39.00 -1.81
CA PRO I 157 -43.26 -39.52 -2.62
C PRO I 157 -43.37 -41.05 -2.69
N GLU I 158 -42.29 -41.73 -2.31
CA GLU I 158 -42.24 -43.18 -2.31
C GLU I 158 -43.12 -43.73 -1.18
N ASN I 159 -43.22 -42.98 -0.08
CA ASN I 159 -43.93 -43.42 1.12
C ASN I 159 -45.42 -43.12 1.02
N ILE I 160 -45.85 -42.34 0.03
CA ILE I 160 -47.25 -41.99 -0.13
C ILE I 160 -47.84 -42.84 -1.26
N LEU I 161 -48.60 -43.87 -0.90
CA LEU I 161 -49.23 -44.75 -1.88
C LEU I 161 -50.62 -44.22 -2.22
N LEU I 162 -51.24 -44.84 -3.23
CA LEU I 162 -52.55 -44.44 -3.72
C LEU I 162 -53.47 -45.67 -3.76
N ASP I 163 -54.75 -45.46 -3.42
CA ASP I 163 -55.75 -46.52 -3.55
C ASP I 163 -56.45 -46.38 -4.90
N GLU I 164 -57.17 -47.43 -5.29
CA GLU I 164 -57.72 -47.56 -6.64
C GLU I 164 -58.63 -46.38 -6.99
N GLU I 165 -59.24 -45.77 -5.97
CA GLU I 165 -60.11 -44.62 -6.18
C GLU I 165 -59.27 -43.36 -6.44
N GLY I 166 -58.10 -43.27 -5.77
CA GLY I 166 -57.16 -42.20 -6.04
C GLY I 166 -56.68 -41.47 -4.78
N HIS I 167 -57.34 -41.73 -3.64
CA HIS I 167 -56.95 -41.15 -2.37
C HIS I 167 -55.56 -41.68 -1.98
N ILE I 168 -54.95 -41.07 -0.96
CA ILE I 168 -53.60 -41.43 -0.56
C ILE I 168 -53.65 -42.31 0.69
N LYS I 169 -52.49 -42.88 1.01
CA LYS I 169 -52.26 -43.62 2.24
C LYS I 169 -50.78 -43.55 2.60
N LEU I 170 -50.45 -42.86 3.69
CA LEU I 170 -49.09 -42.85 4.21
C LEU I 170 -48.68 -44.27 4.63
N THR I 171 -47.45 -44.65 4.28
CA THR I 171 -46.89 -45.91 4.76
C THR I 171 -46.37 -45.70 6.18
N ASP I 172 -45.85 -46.77 6.79
CA ASP I 172 -45.46 -46.76 8.18
C ASP I 172 -43.93 -46.76 8.31
N PHE I 173 -43.24 -46.67 7.18
CA PHE I 173 -41.79 -46.78 7.16
C PHE I 173 -41.17 -45.63 7.97
N GLY I 174 -41.76 -44.44 7.85
CA GLY I 174 -41.28 -43.26 8.56
C GLY I 174 -41.68 -43.27 10.04
N LEU I 175 -42.91 -43.73 10.32
CA LEU I 175 -43.51 -43.60 11.63
C LEU I 175 -42.47 -43.79 12.73
N SER I 176 -42.39 -42.81 13.63
CA SER I 176 -41.43 -42.84 14.73
C SER I 176 -41.87 -41.88 15.84
N LYS I 177 -41.43 -42.17 17.06
CA LYS I 177 -41.76 -41.35 18.22
C LYS I 177 -40.90 -40.08 18.21
N GLU I 178 -41.33 -39.09 19.00
CA GLU I 178 -40.62 -37.81 19.09
C GLU I 178 -39.86 -37.75 20.42
N PHE I 189 -28.19 -42.23 11.41
CA PHE I 189 -28.56 -41.08 10.53
C PHE I 189 -28.95 -41.60 9.15
N CYS I 190 -30.26 -41.64 8.89
CA CYS I 190 -30.78 -42.19 7.64
C CYS I 190 -31.74 -41.20 6.98
N GLY I 191 -32.08 -41.50 5.72
CA GLY I 191 -33.11 -40.80 4.99
C GLY I 191 -32.52 -39.84 3.96
N THR I 192 -33.18 -39.75 2.80
CA THR I 192 -32.81 -38.79 1.77
C THR I 192 -32.73 -37.40 2.38
N VAL I 193 -31.61 -36.71 2.09
CA VAL I 193 -31.27 -35.45 2.73
C VAL I 193 -32.08 -34.31 2.12
N GLU I 194 -32.60 -34.51 0.90
CA GLU I 194 -33.29 -33.46 0.17
C GLU I 194 -34.56 -33.05 0.92
N TYR I 195 -35.19 -34.01 1.62
CA TYR I 195 -36.45 -33.78 2.31
C TYR I 195 -36.22 -33.51 3.79
N MET I 196 -34.95 -33.47 4.22
CA MET I 196 -34.63 -33.26 5.63
C MET I 196 -34.63 -31.77 5.94
N ALA I 197 -35.14 -31.43 7.13
CA ALA I 197 -35.25 -30.05 7.56
C ALA I 197 -33.93 -29.58 8.16
N PRO I 198 -33.66 -28.26 8.25
CA PRO I 198 -32.38 -27.75 8.73
C PRO I 198 -31.91 -28.32 10.06
N GLU I 199 -32.83 -28.40 11.04
CA GLU I 199 -32.50 -28.90 12.37
C GLU I 199 -32.09 -30.36 12.28
N VAL I 200 -32.68 -31.12 11.36
CA VAL I 200 -32.40 -32.54 11.20
C VAL I 200 -30.99 -32.73 10.63
N VAL I 201 -30.63 -31.88 9.66
CA VAL I 201 -29.31 -31.91 9.05
C VAL I 201 -28.25 -31.66 10.12
N ASN I 202 -28.53 -30.74 11.04
CA ASN I 202 -27.61 -30.38 12.11
C ASN I 202 -27.66 -31.41 13.24
N ARG I 203 -28.51 -32.43 13.11
CA ARG I 203 -28.72 -33.42 14.16
C ARG I 203 -29.15 -32.70 15.44
N ARG I 204 -30.30 -32.02 15.38
CA ARG I 204 -30.81 -31.24 16.51
C ARG I 204 -32.28 -31.58 16.72
N GLY I 205 -32.60 -32.88 16.67
CA GLY I 205 -33.93 -33.36 17.02
C GLY I 205 -34.92 -33.23 15.86
N HIS I 206 -35.73 -34.28 15.67
CA HIS I 206 -36.75 -34.31 14.64
C HIS I 206 -38.10 -33.99 15.28
N THR I 207 -38.40 -32.70 15.40
CA THR I 207 -39.66 -32.23 15.97
C THR I 207 -40.77 -32.38 14.93
N GLN I 208 -42.00 -31.99 15.31
CA GLN I 208 -43.17 -32.13 14.44
C GLN I 208 -43.20 -30.99 13.42
N SER I 209 -42.47 -29.91 13.71
CA SER I 209 -42.35 -28.79 12.79
C SER I 209 -41.54 -29.21 11.56
N ALA I 210 -40.60 -30.14 11.75
CA ALA I 210 -39.76 -30.62 10.66
C ALA I 210 -40.57 -31.39 9.62
N ASP I 211 -41.68 -31.99 10.05
CA ASP I 211 -42.55 -32.70 9.12
C ASP I 211 -43.16 -31.70 8.13
N TRP I 212 -43.40 -30.47 8.59
CA TRP I 212 -44.01 -29.44 7.75
C TRP I 212 -43.00 -28.87 6.77
N TRP I 213 -41.70 -28.99 7.10
CA TRP I 213 -40.67 -28.69 6.13
C TRP I 213 -40.77 -29.66 4.97
N SER I 214 -40.74 -30.97 5.29
CA SER I 214 -40.86 -32.03 4.30
C SER I 214 -42.16 -31.87 3.51
N PHE I 215 -43.23 -31.49 4.20
CA PHE I 215 -44.50 -31.17 3.57
C PHE I 215 -44.24 -30.22 2.40
N GLY I 216 -43.49 -29.15 2.67
CA GLY I 216 -43.17 -28.15 1.67
C GLY I 216 -42.31 -28.70 0.53
N VAL I 217 -41.33 -29.53 0.86
CA VAL I 217 -40.43 -30.07 -0.14
C VAL I 217 -41.23 -30.90 -1.15
N LEU I 218 -42.14 -31.74 -0.64
CA LEU I 218 -43.05 -32.50 -1.48
C LEU I 218 -43.86 -31.54 -2.35
N MET I 219 -44.47 -30.54 -1.70
CA MET I 219 -45.27 -29.55 -2.39
C MET I 219 -44.45 -28.94 -3.53
N PHE I 220 -43.17 -28.66 -3.24
CA PHE I 220 -42.29 -28.01 -4.21
C PHE I 220 -41.93 -29.00 -5.33
N GLU I 221 -41.67 -30.25 -4.96
CA GLU I 221 -41.30 -31.28 -5.91
C GLU I 221 -42.47 -31.56 -6.86
N MET I 222 -43.67 -31.64 -6.28
CA MET I 222 -44.86 -32.05 -7.03
C MET I 222 -45.25 -30.97 -8.03
N LEU I 223 -44.97 -29.70 -7.70
CA LEU I 223 -45.39 -28.57 -8.52
C LEU I 223 -44.34 -28.28 -9.60
N THR I 224 -43.05 -28.42 -9.27
CA THR I 224 -41.98 -28.02 -10.16
C THR I 224 -41.35 -29.22 -10.88
N GLY I 225 -41.47 -30.41 -10.27
CA GLY I 225 -40.76 -31.59 -10.76
C GLY I 225 -39.28 -31.54 -10.38
N THR I 226 -38.94 -30.71 -9.39
CA THR I 226 -37.57 -30.54 -8.94
C THR I 226 -37.55 -30.29 -7.44
N LEU I 227 -36.52 -30.82 -6.77
CA LEU I 227 -36.33 -30.63 -5.34
C LEU I 227 -35.75 -29.24 -5.10
N PRO I 228 -36.17 -28.52 -4.03
CA PRO I 228 -35.82 -27.12 -3.84
C PRO I 228 -34.35 -26.91 -3.47
N PHE I 229 -33.82 -27.78 -2.61
CA PHE I 229 -32.43 -27.72 -2.18
C PHE I 229 -31.68 -28.92 -2.73
N GLN I 230 -30.63 -28.68 -3.54
CA GLN I 230 -29.92 -29.74 -4.22
C GLN I 230 -28.61 -29.22 -4.80
N GLY I 231 -27.55 -30.04 -4.73
CA GLY I 231 -26.23 -29.70 -5.23
C GLY I 231 -25.59 -30.84 -6.00
N LYS I 232 -24.26 -30.78 -6.18
CA LYS I 232 -23.53 -31.80 -6.90
C LYS I 232 -23.39 -33.05 -6.03
N ASP I 233 -23.17 -32.83 -4.72
CA ASP I 233 -23.04 -33.89 -3.75
C ASP I 233 -24.09 -33.70 -2.66
N ARG I 234 -24.14 -34.65 -1.72
CA ARG I 234 -25.07 -34.59 -0.60
C ARG I 234 -24.68 -33.45 0.34
N LYS I 235 -23.37 -33.20 0.47
CA LYS I 235 -22.85 -32.19 1.37
C LYS I 235 -23.43 -30.82 1.00
N GLU I 236 -23.36 -30.49 -0.29
CA GLU I 236 -23.78 -29.19 -0.80
C GLU I 236 -25.27 -29.01 -0.60
N THR I 237 -26.05 -30.08 -0.86
CA THR I 237 -27.47 -30.11 -0.60
C THR I 237 -27.74 -29.74 0.86
N MET I 238 -27.11 -30.48 1.77
CA MET I 238 -27.31 -30.29 3.20
C MET I 238 -26.89 -28.88 3.60
N THR I 239 -25.80 -28.39 3.01
CA THR I 239 -25.30 -27.05 3.28
C THR I 239 -26.28 -26.00 2.75
N MET I 240 -26.88 -26.29 1.59
CA MET I 240 -27.85 -25.40 0.96
C MET I 240 -29.12 -25.35 1.81
N ILE I 241 -29.47 -26.47 2.43
CA ILE I 241 -30.65 -26.54 3.29
C ILE I 241 -30.46 -25.60 4.49
N LEU I 242 -29.28 -25.69 5.13
CA LEU I 242 -28.99 -24.91 6.32
C LEU I 242 -28.90 -23.41 6.01
N LYS I 243 -28.27 -23.08 4.87
CA LYS I 243 -27.80 -21.73 4.63
C LYS I 243 -28.63 -21.08 3.53
N ALA I 244 -28.48 -21.59 2.31
CA ALA I 244 -28.91 -20.88 1.10
C ALA I 244 -30.44 -20.82 1.00
N LYS I 245 -30.99 -19.62 1.24
CA LYS I 245 -32.37 -19.33 0.87
C LYS I 245 -32.47 -19.41 -0.65
N LEU I 246 -33.54 -20.05 -1.15
CA LEU I 246 -33.69 -20.28 -2.59
C LEU I 246 -35.05 -19.77 -3.05
N GLY I 247 -35.05 -19.17 -4.25
CA GLY I 247 -36.15 -18.36 -4.74
C GLY I 247 -37.21 -19.19 -5.46
N MET I 248 -38.45 -18.70 -5.38
CA MET I 248 -39.60 -19.38 -5.94
C MET I 248 -39.49 -19.39 -7.46
N PRO I 249 -39.78 -20.53 -8.12
CA PRO I 249 -40.16 -20.51 -9.53
C PRO I 249 -41.42 -19.68 -9.70
N GLN I 250 -41.43 -18.82 -10.73
CA GLN I 250 -42.46 -17.80 -10.87
C GLN I 250 -43.68 -18.34 -11.63
N PHE I 251 -43.73 -19.65 -11.86
CA PHE I 251 -44.94 -20.28 -12.41
C PHE I 251 -45.82 -20.78 -11.29
N LEU I 252 -45.29 -20.80 -10.05
CA LEU I 252 -46.08 -21.11 -8.87
C LEU I 252 -46.98 -19.91 -8.55
N SER I 253 -48.26 -20.18 -8.28
CA SER I 253 -49.22 -19.12 -7.98
C SER I 253 -48.78 -18.38 -6.71
N PRO I 254 -49.33 -17.17 -6.45
CA PRO I 254 -49.02 -16.43 -5.22
C PRO I 254 -49.28 -17.23 -3.95
N GLU I 255 -50.33 -18.05 -3.97
CA GLU I 255 -50.74 -18.83 -2.81
C GLU I 255 -49.71 -19.93 -2.55
N ALA I 256 -49.37 -20.68 -3.60
CA ALA I 256 -48.39 -21.76 -3.50
C ALA I 256 -47.06 -21.22 -3.02
N GLN I 257 -46.66 -20.05 -3.54
CA GLN I 257 -45.43 -19.39 -3.14
C GLN I 257 -45.50 -19.02 -1.65
N SER I 258 -46.64 -18.46 -1.24
CA SER I 258 -46.83 -17.96 0.11
C SER I 258 -46.65 -19.08 1.14
N LEU I 259 -47.20 -20.26 0.84
CA LEU I 259 -47.14 -21.38 1.77
C LEU I 259 -45.71 -21.87 1.90
N LEU I 260 -45.03 -22.03 0.75
CA LEU I 260 -43.67 -22.55 0.71
C LEU I 260 -42.73 -21.65 1.51
N ARG I 261 -42.91 -20.33 1.40
CA ARG I 261 -42.11 -19.37 2.15
C ARG I 261 -42.28 -19.62 3.65
N MET I 262 -43.52 -19.94 4.05
CA MET I 262 -43.86 -20.07 5.46
C MET I 262 -43.46 -21.45 5.97
N LEU I 263 -43.44 -22.45 5.07
CA LEU I 263 -43.04 -23.80 5.42
C LEU I 263 -41.52 -23.93 5.47
N PHE I 264 -40.81 -23.06 4.74
CA PHE I 264 -39.36 -23.18 4.59
C PHE I 264 -38.64 -22.17 5.46
N LYS I 265 -39.13 -21.96 6.69
CA LYS I 265 -38.43 -21.14 7.66
C LYS I 265 -37.47 -22.04 8.43
N ARG I 266 -36.31 -21.47 8.80
CA ARG I 266 -35.19 -22.28 9.25
C ARG I 266 -35.26 -22.48 10.76
N ASN I 267 -35.85 -21.51 11.48
CA ASN I 267 -36.14 -21.70 12.90
C ASN I 267 -37.51 -22.37 13.02
N PRO I 268 -37.60 -23.63 13.53
CA PRO I 268 -38.84 -24.41 13.46
C PRO I 268 -40.00 -23.88 14.31
N ALA I 269 -39.70 -22.93 15.20
CA ALA I 269 -40.73 -22.31 16.02
C ALA I 269 -41.54 -21.31 15.21
N ASN I 270 -40.91 -20.71 14.19
CA ASN I 270 -41.56 -19.75 13.32
C ASN I 270 -42.33 -20.46 12.20
N ARG I 271 -41.93 -21.71 11.91
CA ARG I 271 -42.43 -22.45 10.77
C ARG I 271 -43.92 -22.72 10.95
N LEU I 272 -44.69 -22.63 9.85
CA LEU I 272 -46.13 -22.81 9.89
C LEU I 272 -46.44 -24.23 10.33
N GLY I 273 -47.39 -24.38 11.26
CA GLY I 273 -47.69 -25.66 11.87
C GLY I 273 -47.21 -25.77 13.31
N ALA I 274 -46.26 -24.91 13.69
CA ALA I 274 -45.69 -24.92 15.03
C ALA I 274 -46.19 -23.70 15.82
N GLY I 275 -47.52 -23.50 15.81
CA GLY I 275 -48.13 -22.36 16.46
C GLY I 275 -49.30 -22.77 17.36
N PRO I 276 -50.02 -21.80 17.97
CA PRO I 276 -51.15 -22.10 18.86
C PRO I 276 -52.25 -22.97 18.24
N ASP I 277 -52.51 -22.78 16.94
CA ASP I 277 -53.57 -23.48 16.24
C ASP I 277 -53.12 -24.90 15.89
N GLY I 278 -51.87 -25.02 15.44
CA GLY I 278 -51.34 -26.28 14.93
C GLY I 278 -51.52 -26.38 13.42
N VAL I 279 -52.14 -27.47 12.96
CA VAL I 279 -52.31 -27.71 11.54
C VAL I 279 -53.27 -26.70 10.93
N GLU I 280 -54.11 -26.08 11.77
CA GLU I 280 -55.16 -25.20 11.28
C GLU I 280 -54.57 -24.02 10.50
N GLU I 281 -53.34 -23.64 10.84
CA GLU I 281 -52.61 -22.63 10.09
C GLU I 281 -52.45 -23.07 8.64
N ILE I 282 -52.07 -24.34 8.43
CA ILE I 282 -51.90 -24.90 7.10
C ILE I 282 -53.26 -24.95 6.41
N LYS I 283 -54.30 -25.37 7.14
CA LYS I 283 -55.63 -25.54 6.59
C LYS I 283 -56.19 -24.19 6.14
N ARG I 284 -56.08 -23.18 7.02
CA ARG I 284 -56.62 -21.85 6.75
C ARG I 284 -55.57 -21.01 6.04
N HIS I 285 -55.22 -21.41 4.82
CA HIS I 285 -54.24 -20.69 4.01
C HIS I 285 -54.76 -20.60 2.58
N SER I 286 -54.39 -19.50 1.90
CA SER I 286 -54.91 -19.17 0.59
C SER I 286 -54.92 -20.42 -0.30
N PHE I 287 -53.80 -21.14 -0.32
CA PHE I 287 -53.63 -22.30 -1.17
C PHE I 287 -54.80 -23.26 -1.04
N PHE I 288 -55.20 -23.55 0.22
CA PHE I 288 -56.18 -24.59 0.52
C PHE I 288 -57.58 -24.01 0.71
N SER I 289 -57.88 -22.88 0.06
CA SER I 289 -59.15 -22.20 0.29
C SER I 289 -60.29 -22.89 -0.45
N THR I 290 -59.96 -23.75 -1.42
CA THR I 290 -60.95 -24.42 -2.24
C THR I 290 -61.16 -25.87 -1.77
N ILE I 291 -60.79 -26.16 -0.52
CA ILE I 291 -60.82 -27.51 0.01
C ILE I 291 -61.77 -27.56 1.21
N ASP I 292 -62.87 -28.30 1.05
CA ASP I 292 -63.76 -28.65 2.14
C ASP I 292 -63.13 -29.83 2.89
N TRP I 293 -62.66 -29.58 4.11
CA TRP I 293 -61.86 -30.55 4.87
C TRP I 293 -62.72 -31.71 5.34
N ASN I 294 -64.02 -31.47 5.52
CA ASN I 294 -64.95 -32.51 5.92
C ASN I 294 -65.24 -33.41 4.71
N LYS I 295 -65.57 -32.78 3.58
CA LYS I 295 -65.85 -33.46 2.33
C LYS I 295 -64.64 -34.34 1.95
N LEU I 296 -63.45 -33.76 2.08
CA LEU I 296 -62.19 -34.43 1.78
C LEU I 296 -62.02 -35.66 2.66
N TYR I 297 -62.18 -35.46 3.98
CA TYR I 297 -62.02 -36.52 4.96
C TYR I 297 -63.04 -37.63 4.70
N ARG I 298 -64.25 -37.25 4.27
CA ARG I 298 -65.32 -38.21 4.01
C ARG I 298 -65.15 -38.86 2.63
N ARG I 299 -64.02 -38.58 1.95
CA ARG I 299 -63.64 -39.25 0.72
C ARG I 299 -64.69 -38.96 -0.37
N GLU I 300 -65.30 -37.78 -0.31
CA GLU I 300 -66.35 -37.38 -1.25
C GLU I 300 -65.74 -36.58 -2.41
N ILE I 301 -64.66 -35.84 -2.12
CA ILE I 301 -63.99 -35.03 -3.13
C ILE I 301 -63.35 -35.97 -4.16
N HIS I 302 -63.87 -35.94 -5.39
CA HIS I 302 -63.43 -36.81 -6.47
C HIS I 302 -61.92 -36.67 -6.67
N PRO I 303 -61.11 -37.72 -6.38
CA PRO I 303 -59.66 -37.67 -6.59
C PRO I 303 -59.25 -37.22 -8.00
N PRO I 304 -58.06 -36.62 -8.17
CA PRO I 304 -57.67 -36.04 -9.46
C PRO I 304 -57.40 -37.10 -10.51
N PHE I 305 -56.57 -38.09 -10.17
CA PHE I 305 -56.21 -39.17 -11.07
C PHE I 305 -56.84 -40.47 -10.58
N LYS I 306 -57.57 -41.14 -11.49
CA LYS I 306 -58.19 -42.42 -11.22
C LYS I 306 -57.24 -43.53 -11.65
N PRO I 307 -56.48 -44.17 -10.72
CA PRO I 307 -55.51 -45.20 -11.09
C PRO I 307 -56.14 -46.56 -11.38
N ALA I 308 -57.46 -46.67 -11.23
CA ALA I 308 -58.19 -47.89 -11.56
C ALA I 308 -58.19 -48.13 -13.06
N THR I 309 -58.09 -47.04 -13.85
CA THR I 309 -57.98 -47.13 -15.30
C THR I 309 -56.63 -46.57 -15.75
N PRO J 26 58.40 70.73 -4.61
CA PRO J 26 56.96 70.48 -4.53
C PRO J 26 56.14 71.45 -5.37
N SER J 27 56.83 72.42 -5.98
CA SER J 27 56.19 73.49 -6.74
C SER J 27 56.21 73.17 -8.23
N GLN J 28 56.67 71.96 -8.59
CA GLN J 28 56.85 71.60 -9.98
C GLN J 28 55.60 70.91 -10.53
N PHE J 29 54.49 70.92 -9.77
CA PHE J 29 53.33 70.10 -10.08
C PHE J 29 52.06 70.93 -10.10
N GLU J 30 51.19 70.64 -11.08
CA GLU J 30 49.89 71.28 -11.22
C GLU J 30 48.80 70.31 -10.79
N LEU J 31 48.01 70.69 -9.77
CA LEU J 31 46.94 69.85 -9.25
C LEU J 31 45.70 70.02 -10.12
N LEU J 32 45.28 68.92 -10.76
CA LEU J 32 44.14 68.92 -11.65
C LEU J 32 42.87 68.55 -10.88
N LYS J 33 42.84 67.32 -10.36
CA LYS J 33 41.65 66.76 -9.73
C LYS J 33 42.04 65.95 -8.51
N VAL J 34 41.03 65.56 -7.72
CA VAL J 34 41.20 64.64 -6.60
C VAL J 34 40.65 63.28 -7.03
N LEU J 35 41.53 62.28 -7.15
CA LEU J 35 41.14 60.96 -7.62
C LEU J 35 40.35 60.23 -6.55
N GLY J 36 40.92 60.19 -5.33
CA GLY J 36 40.29 59.52 -4.21
C GLY J 36 40.77 60.05 -2.86
N GLN J 37 40.23 59.45 -1.79
CA GLN J 37 40.54 59.86 -0.43
C GLN J 37 40.21 58.70 0.51
N GLY J 38 41.01 58.57 1.58
CA GLY J 38 40.82 57.50 2.55
C GLY J 38 41.59 57.77 3.85
N SER J 39 41.78 56.72 4.63
CA SER J 39 42.44 56.82 5.92
C SER J 39 43.90 57.26 5.74
N PHE J 40 44.54 56.73 4.68
CA PHE J 40 45.91 57.06 4.32
C PHE J 40 46.06 58.56 4.04
N GLY J 41 45.11 59.15 3.31
CA GLY J 41 45.16 60.56 2.97
C GLY J 41 44.38 60.89 1.70
N LYS J 42 45.06 61.51 0.73
CA LYS J 42 44.44 62.01 -0.49
C LYS J 42 45.29 61.62 -1.69
N VAL J 43 44.62 61.23 -2.79
CA VAL J 43 45.27 60.97 -4.06
C VAL J 43 44.88 62.09 -5.02
N PHE J 44 45.86 62.56 -5.81
CA PHE J 44 45.65 63.64 -6.76
C PHE J 44 46.12 63.22 -8.14
N LEU J 45 45.60 63.91 -9.17
CA LEU J 45 46.11 63.86 -10.52
C LEU J 45 46.95 65.11 -10.77
N VAL J 46 48.19 64.93 -11.24
CA VAL J 46 49.14 66.04 -11.31
C VAL J 46 49.91 65.98 -12.64
N LYS J 47 50.53 67.11 -12.99
CA LYS J 47 51.41 67.22 -14.16
C LYS J 47 52.67 67.98 -13.77
N LYS J 48 53.84 67.51 -14.26
CA LYS J 48 55.12 68.12 -13.94
C LYS J 48 55.21 69.47 -14.63
N ILE J 49 56.24 70.26 -14.28
CA ILE J 49 56.44 71.59 -14.84
C ILE J 49 57.65 71.58 -15.77
N SER J 50 58.05 70.38 -16.21
CA SER J 50 59.29 70.18 -16.96
C SER J 50 60.51 70.38 -16.06
N GLY J 51 60.32 70.19 -14.75
CA GLY J 51 61.43 70.17 -13.80
C GLY J 51 62.36 68.99 -14.07
N SER J 52 61.77 67.89 -14.54
CA SER J 52 62.51 66.69 -14.94
C SER J 52 61.70 65.88 -15.96
N ASP J 53 60.44 65.57 -15.59
CA ASP J 53 59.51 64.87 -16.47
C ASP J 53 58.65 65.89 -17.22
N ALA J 54 58.24 65.54 -18.44
CA ALA J 54 57.58 66.48 -19.35
C ALA J 54 56.08 66.51 -19.09
N ARG J 55 55.67 67.31 -18.10
CA ARG J 55 54.28 67.45 -17.69
C ARG J 55 53.52 66.14 -17.92
N GLN J 56 54.01 65.09 -17.25
CA GLN J 56 53.47 63.75 -17.41
C GLN J 56 52.48 63.47 -16.28
N LEU J 57 51.31 62.94 -16.64
CA LEU J 57 50.22 62.71 -15.71
C LEU J 57 50.64 61.67 -14.66
N TYR J 58 50.63 62.08 -13.38
CA TYR J 58 51.06 61.24 -12.27
C TYR J 58 49.99 61.21 -11.19
N ALA J 59 50.16 60.28 -10.24
CA ALA J 59 49.34 60.20 -9.04
C ALA J 59 50.15 60.69 -7.84
N MET J 60 49.47 61.22 -6.83
CA MET J 60 50.14 61.88 -5.71
C MET J 60 49.42 61.56 -4.40
N LYS J 61 50.01 60.65 -3.62
CA LYS J 61 49.54 60.33 -2.28
C LYS J 61 50.08 61.36 -1.30
N VAL J 62 49.16 62.19 -0.77
CA VAL J 62 49.49 63.13 0.30
C VAL J 62 49.07 62.48 1.62
N LEU J 63 50.04 62.31 2.53
CA LEU J 63 49.81 61.60 3.78
C LEU J 63 49.98 62.58 4.95
N ARG J 80 56.79 53.58 2.09
CA ARG J 80 57.55 54.84 1.85
C ARG J 80 58.87 54.52 1.15
N ASP J 81 59.81 53.92 1.90
CA ASP J 81 61.14 53.62 1.40
C ASP J 81 61.17 52.23 0.78
N ILE J 82 60.07 51.47 0.95
CA ILE J 82 59.94 50.15 0.35
C ILE J 82 59.59 50.28 -1.14
N LEU J 83 59.17 51.48 -1.57
CA LEU J 83 58.90 51.75 -2.97
C LEU J 83 60.21 51.97 -3.72
N VAL J 84 61.23 52.45 -2.99
CA VAL J 84 62.49 52.88 -3.57
C VAL J 84 63.28 51.67 -4.06
N GLU J 85 63.24 50.57 -3.28
CA GLU J 85 63.97 49.36 -3.60
C GLU J 85 63.26 48.55 -4.68
N VAL J 86 61.94 48.79 -4.86
CA VAL J 86 61.14 48.09 -5.84
C VAL J 86 61.33 48.72 -7.20
N ASN J 87 61.49 47.89 -8.24
CA ASN J 87 61.38 48.34 -9.62
C ASN J 87 61.03 47.15 -10.51
N HIS J 88 59.77 47.11 -10.96
CA HIS J 88 59.27 46.08 -11.85
C HIS J 88 58.30 46.74 -12.84
N PRO J 89 58.12 46.20 -14.07
CA PRO J 89 57.12 46.73 -15.00
C PRO J 89 55.69 46.65 -14.47
N PHE J 90 55.38 45.58 -13.72
CA PHE J 90 54.04 45.32 -13.24
C PHE J 90 53.90 45.73 -11.77
N ILE J 91 54.60 46.80 -11.38
CA ILE J 91 54.40 47.43 -10.09
C ILE J 91 54.53 48.94 -10.28
N VAL J 92 53.75 49.70 -9.49
CA VAL J 92 53.77 51.16 -9.55
C VAL J 92 55.11 51.64 -9.01
N LYS J 93 55.75 52.57 -9.73
CA LYS J 93 57.06 53.09 -9.36
C LYS J 93 56.89 54.43 -8.64
N LEU J 94 57.82 54.73 -7.74
CA LEU J 94 57.91 56.03 -7.08
C LEU J 94 58.89 56.90 -7.87
N HIS J 95 58.41 58.09 -8.30
CA HIS J 95 59.21 59.03 -9.06
C HIS J 95 59.81 60.06 -8.12
N TYR J 96 58.96 60.71 -7.31
CA TYR J 96 59.40 61.80 -6.43
C TYR J 96 58.76 61.63 -5.05
N ALA J 97 59.52 62.00 -4.01
CA ALA J 97 59.06 61.86 -2.63
C ALA J 97 59.45 63.11 -1.83
N PHE J 98 58.44 63.87 -1.40
CA PHE J 98 58.66 65.08 -0.62
C PHE J 98 58.14 64.88 0.80
N GLN J 99 58.63 65.72 1.72
CA GLN J 99 58.22 65.69 3.12
C GLN J 99 58.11 67.14 3.62
N THR J 100 56.91 67.72 3.50
CA THR J 100 56.70 69.12 3.79
C THR J 100 55.44 69.31 4.64
N GLU J 101 55.55 70.14 5.69
CA GLU J 101 54.42 70.58 6.50
C GLU J 101 53.77 69.39 7.21
N GLY J 102 54.57 68.40 7.60
CA GLY J 102 54.07 67.23 8.31
C GLY J 102 53.27 66.29 7.42
N LYS J 103 53.43 66.43 6.09
CA LYS J 103 52.76 65.59 5.11
C LYS J 103 53.82 64.96 4.21
N LEU J 104 53.59 63.70 3.82
CA LEU J 104 54.51 62.99 2.94
C LEU J 104 53.87 62.84 1.57
N TYR J 105 54.40 63.57 0.59
CA TYR J 105 53.90 63.55 -0.78
C TYR J 105 54.67 62.47 -1.55
N LEU J 106 53.93 61.54 -2.17
CA LEU J 106 54.51 60.50 -3.00
C LEU J 106 53.96 60.64 -4.41
N ILE J 107 54.85 60.85 -5.40
CA ILE J 107 54.45 61.06 -6.79
C ILE J 107 54.67 59.76 -7.55
N LEU J 108 53.59 58.98 -7.73
CA LEU J 108 53.67 57.68 -8.36
C LEU J 108 53.13 57.77 -9.79
N ASP J 109 52.99 56.62 -10.45
CA ASP J 109 52.50 56.54 -11.82
C ASP J 109 51.01 56.84 -11.84
N PHE J 110 50.50 57.22 -13.03
CA PHE J 110 49.08 57.29 -13.29
C PHE J 110 48.68 56.18 -14.25
N LEU J 111 47.53 55.55 -13.96
CA LEU J 111 47.07 54.38 -14.69
C LEU J 111 45.61 54.59 -15.08
N ARG J 112 45.36 54.61 -16.40
CA ARG J 112 44.08 55.07 -16.93
C ARG J 112 43.06 53.93 -16.93
N GLY J 113 43.54 52.68 -16.91
CA GLY J 113 42.70 51.52 -17.17
C GLY J 113 41.87 51.07 -15.96
N GLY J 114 41.82 51.89 -14.92
CA GLY J 114 41.04 51.57 -13.74
C GLY J 114 41.64 50.39 -12.97
N ASP J 115 40.79 49.42 -12.59
CA ASP J 115 41.21 48.29 -11.80
C ASP J 115 40.30 47.09 -12.09
N LEU J 116 40.64 45.95 -11.49
CA LEU J 116 40.02 44.66 -11.80
C LEU J 116 38.66 44.54 -11.11
N PHE J 117 38.49 45.18 -9.96
CA PHE J 117 37.21 45.15 -9.25
C PHE J 117 36.13 45.79 -10.11
N THR J 118 36.50 46.81 -10.88
CA THR J 118 35.59 47.47 -11.81
C THR J 118 35.28 46.52 -12.96
N ARG J 119 36.31 45.81 -13.46
CA ARG J 119 36.17 44.90 -14.58
C ARG J 119 35.34 43.67 -14.21
N LEU J 120 35.54 43.14 -13.00
CA LEU J 120 34.79 41.97 -12.54
C LEU J 120 33.31 42.32 -12.42
N SER J 121 33.00 43.40 -11.70
CA SER J 121 31.63 43.86 -11.51
C SER J 121 30.93 44.04 -12.86
N LYS J 122 31.70 44.48 -13.86
CA LYS J 122 31.19 44.77 -15.18
C LYS J 122 30.90 43.48 -15.94
N GLU J 123 31.87 42.56 -15.93
CA GLU J 123 31.85 41.38 -16.79
C GLU J 123 31.64 40.10 -15.99
N VAL J 124 31.38 40.24 -14.68
CA VAL J 124 31.05 39.14 -13.78
C VAL J 124 32.29 38.29 -13.51
N MET J 125 32.77 37.60 -14.57
CA MET J 125 33.81 36.59 -14.43
C MET J 125 34.62 36.54 -15.71
N PHE J 126 35.95 36.59 -15.57
CA PHE J 126 36.85 36.59 -16.71
C PHE J 126 37.00 35.18 -17.28
N THR J 127 37.34 35.11 -18.57
CA THR J 127 37.71 33.86 -19.22
C THR J 127 39.11 33.47 -18.74
N GLU J 128 39.44 32.17 -18.89
CA GLU J 128 40.69 31.63 -18.36
C GLU J 128 41.88 32.38 -18.93
N GLU J 129 41.86 32.64 -20.24
CA GLU J 129 43.01 33.25 -20.91
C GLU J 129 43.26 34.63 -20.32
N ASP J 130 42.18 35.33 -19.94
CA ASP J 130 42.27 36.66 -19.37
C ASP J 130 42.84 36.60 -17.94
N VAL J 131 42.39 35.61 -17.16
CA VAL J 131 42.88 35.40 -15.81
C VAL J 131 44.35 34.96 -15.85
N LYS J 132 44.66 34.09 -16.81
CA LYS J 132 45.99 33.52 -16.97
C LYS J 132 47.00 34.65 -17.22
N PHE J 133 46.62 35.59 -18.10
CA PHE J 133 47.45 36.75 -18.41
C PHE J 133 47.71 37.57 -17.15
N TYR J 134 46.62 37.94 -16.46
CA TYR J 134 46.69 38.83 -15.31
C TYR J 134 47.48 38.18 -14.18
N LEU J 135 47.23 36.89 -13.93
CA LEU J 135 47.85 36.16 -12.83
C LEU J 135 49.34 35.91 -13.11
N ALA J 136 49.71 35.80 -14.39
CA ALA J 136 51.10 35.58 -14.78
C ALA J 136 51.94 36.80 -14.45
N GLU J 137 51.40 37.99 -14.77
CA GLU J 137 52.09 39.25 -14.53
C GLU J 137 52.14 39.54 -13.03
N LEU J 138 51.09 39.14 -12.30
CA LEU J 138 51.01 39.31 -10.86
C LEU J 138 52.07 38.43 -10.17
N ALA J 139 52.28 37.23 -10.71
CA ALA J 139 53.25 36.31 -10.13
C ALA J 139 54.65 36.92 -10.18
N LEU J 140 55.01 37.46 -11.35
CA LEU J 140 56.30 38.12 -11.53
C LEU J 140 56.43 39.28 -10.53
N ALA J 141 55.32 40.00 -10.33
CA ALA J 141 55.25 41.09 -9.39
C ALA J 141 55.46 40.58 -7.96
N LEU J 142 54.73 39.52 -7.58
CA LEU J 142 54.82 38.96 -6.24
C LEU J 142 56.23 38.41 -6.00
N ASP J 143 56.79 37.71 -7.00
CA ASP J 143 58.11 37.11 -6.89
C ASP J 143 59.16 38.20 -6.66
N HIS J 144 59.00 39.32 -7.37
CA HIS J 144 59.92 40.44 -7.26
C HIS J 144 59.93 41.00 -5.83
N LEU J 145 58.73 41.12 -5.22
CA LEU J 145 58.59 41.61 -3.87
C LEU J 145 59.12 40.57 -2.88
N HIS J 146 58.82 39.29 -3.17
CA HIS J 146 59.22 38.18 -2.33
C HIS J 146 60.74 38.11 -2.22
N SER J 147 61.43 38.44 -3.31
CA SER J 147 62.88 38.42 -3.37
C SER J 147 63.47 39.53 -2.49
N LEU J 148 62.76 40.67 -2.40
CA LEU J 148 63.21 41.81 -1.62
C LEU J 148 62.80 41.66 -0.15
N GLY J 149 62.10 40.57 0.20
CA GLY J 149 61.59 40.38 1.54
C GLY J 149 60.36 41.26 1.80
N ILE J 150 59.50 41.38 0.79
CA ILE J 150 58.29 42.19 0.86
C ILE J 150 57.10 41.28 0.59
N ILE J 151 55.98 41.56 1.26
CA ILE J 151 54.75 40.78 1.14
C ILE J 151 53.58 41.74 0.92
N TYR J 152 52.43 41.20 0.48
CA TYR J 152 51.25 42.00 0.22
C TYR J 152 50.19 41.63 1.26
N ARG J 153 49.99 42.53 2.23
CA ARG J 153 49.15 42.26 3.40
C ARG J 153 47.68 42.30 3.03
N ASP J 154 47.33 42.93 1.91
CA ASP J 154 45.94 43.09 1.51
C ASP J 154 45.84 43.02 -0.01
N LEU J 155 45.94 41.80 -0.54
CA LEU J 155 45.87 41.57 -1.97
C LEU J 155 44.40 41.38 -2.37
N LYS J 156 43.86 42.37 -3.10
CA LYS J 156 42.49 42.32 -3.58
C LYS J 156 42.47 42.90 -5.00
N PRO J 157 41.38 42.70 -5.78
CA PRO J 157 41.28 43.25 -7.13
C PRO J 157 41.36 44.78 -7.23
N GLU J 158 41.16 45.47 -6.11
CA GLU J 158 41.18 46.92 -6.08
C GLU J 158 42.62 47.44 -6.09
N ASN J 159 43.58 46.58 -5.71
CA ASN J 159 44.98 46.94 -5.63
C ASN J 159 45.71 46.67 -6.95
N ILE J 160 45.05 45.95 -7.86
CA ILE J 160 45.64 45.65 -9.15
C ILE J 160 45.04 46.58 -10.19
N LEU J 161 45.86 47.51 -10.71
CA LEU J 161 45.43 48.49 -11.69
C LEU J 161 45.94 48.09 -13.08
N LEU J 162 45.30 48.62 -14.12
CA LEU J 162 45.72 48.41 -15.50
C LEU J 162 46.09 49.76 -16.13
N ASP J 163 47.10 49.75 -17.00
CA ASP J 163 47.54 50.94 -17.70
C ASP J 163 46.82 51.02 -19.05
N GLU J 164 47.16 52.03 -19.85
CA GLU J 164 46.48 52.32 -21.10
C GLU J 164 46.59 51.15 -22.08
N GLU J 165 47.71 50.43 -22.05
CA GLU J 165 47.91 49.29 -22.93
C GLU J 165 47.11 48.08 -22.42
N GLY J 166 46.90 48.02 -21.11
CA GLY J 166 46.08 46.98 -20.48
C GLY J 166 46.88 46.00 -19.63
N HIS J 167 48.12 46.38 -19.28
CA HIS J 167 48.99 45.57 -18.45
C HIS J 167 48.76 45.89 -16.98
N ILE J 168 49.19 44.99 -16.10
CA ILE J 168 48.94 45.06 -14.67
C ILE J 168 49.87 46.10 -14.03
N LYS J 169 49.46 46.61 -12.86
CA LYS J 169 50.29 47.47 -12.02
C LYS J 169 49.83 47.36 -10.57
N LEU J 170 50.64 46.69 -9.72
CA LEU J 170 50.34 46.54 -8.31
C LEU J 170 50.55 47.86 -7.57
N THR J 171 49.63 48.18 -6.66
CA THR J 171 49.74 49.36 -5.82
C THR J 171 50.65 49.05 -4.63
N ASP J 172 50.91 50.10 -3.83
CA ASP J 172 51.91 50.07 -2.78
C ASP J 172 51.25 49.92 -1.41
N PHE J 173 49.91 49.93 -1.38
CA PHE J 173 49.18 50.00 -0.12
C PHE J 173 49.54 48.82 0.77
N GLY J 174 49.51 47.60 0.20
CA GLY J 174 49.71 46.38 0.97
C GLY J 174 51.17 46.02 1.23
N LEU J 175 52.11 46.75 0.61
CA LEU J 175 53.52 46.43 0.69
C LEU J 175 54.03 46.64 2.12
N SER J 176 54.69 45.61 2.67
CA SER J 176 55.22 45.64 4.02
C SER J 176 56.45 44.73 4.13
N LYS J 177 57.06 44.69 5.32
CA LYS J 177 58.16 43.79 5.60
C LYS J 177 57.63 42.38 5.80
N GLU J 178 58.48 41.37 5.54
CA GLU J 178 58.07 39.97 5.55
C GLU J 178 58.00 39.46 7.00
N PHE J 189 45.24 44.49 13.38
CA PHE J 189 44.70 43.31 12.66
C PHE J 189 43.72 43.78 11.58
N CYS J 190 44.28 44.36 10.50
CA CYS J 190 43.48 44.96 9.44
C CYS J 190 43.65 44.14 8.16
N GLY J 191 42.77 44.42 7.18
CA GLY J 191 42.75 43.72 5.91
C GLY J 191 41.48 42.90 5.73
N THR J 192 41.02 42.78 4.49
CA THR J 192 39.80 42.03 4.19
C THR J 192 40.06 40.55 4.47
N VAL J 193 39.05 39.86 5.03
CA VAL J 193 39.25 38.56 5.62
C VAL J 193 39.03 37.44 4.60
N GLU J 194 38.46 37.76 3.43
CA GLU J 194 38.24 36.75 2.41
C GLU J 194 39.56 36.38 1.74
N TYR J 195 40.39 37.38 1.47
CA TYR J 195 41.69 37.18 0.83
C TYR J 195 42.72 36.72 1.85
N MET J 196 42.32 36.59 3.12
CA MET J 196 43.26 36.28 4.19
C MET J 196 43.52 34.78 4.24
N ALA J 197 44.80 34.43 4.39
CA ALA J 197 45.23 33.05 4.49
C ALA J 197 45.04 32.55 5.91
N PRO J 198 44.96 31.21 6.12
CA PRO J 198 44.72 30.65 7.45
C PRO J 198 45.70 31.10 8.54
N GLU J 199 46.99 31.16 8.21
CA GLU J 199 48.00 31.58 9.17
C GLU J 199 47.80 33.05 9.53
N VAL J 200 47.29 33.84 8.58
CA VAL J 200 47.03 35.24 8.82
C VAL J 200 45.81 35.35 9.74
N VAL J 201 44.82 34.48 9.54
CA VAL J 201 43.64 34.45 10.38
C VAL J 201 44.06 34.17 11.82
N ASN J 202 44.81 33.08 12.02
CA ASN J 202 45.25 32.67 13.34
C ASN J 202 46.35 33.60 13.86
N ARG J 203 46.81 34.53 13.01
CA ARG J 203 47.74 35.59 13.39
C ARG J 203 49.12 34.99 13.63
N ARG J 204 49.41 33.83 13.02
CA ARG J 204 50.64 33.09 13.28
C ARG J 204 51.79 33.76 12.53
N GLY J 205 51.48 34.56 11.50
CA GLY J 205 52.46 35.34 10.78
C GLY J 205 52.18 35.37 9.28
N HIS J 206 52.65 36.43 8.62
CA HIS J 206 52.43 36.62 7.19
C HIS J 206 53.71 36.29 6.43
N THR J 207 53.87 35.00 6.10
CA THR J 207 54.94 34.51 5.25
C THR J 207 54.65 34.88 3.80
N GLN J 208 55.60 34.60 2.90
CA GLN J 208 55.42 34.83 1.47
C GLN J 208 54.57 33.72 0.86
N SER J 209 54.38 32.62 1.60
CA SER J 209 53.48 31.55 1.20
C SER J 209 52.03 32.00 1.25
N ALA J 210 51.72 32.87 2.23
CA ALA J 210 50.37 33.41 2.40
C ALA J 210 49.95 34.23 1.17
N ASP J 211 50.92 34.89 0.52
CA ASP J 211 50.63 35.66 -0.68
C ASP J 211 50.10 34.73 -1.78
N TRP J 212 50.59 33.49 -1.83
CA TRP J 212 50.18 32.54 -2.84
C TRP J 212 48.80 31.97 -2.54
N TRP J 213 48.37 32.09 -1.28
CA TRP J 213 46.98 31.86 -0.93
C TRP J 213 46.13 32.95 -1.59
N SER J 214 46.43 34.21 -1.26
CA SER J 214 45.74 35.35 -1.83
C SER J 214 45.73 35.28 -3.35
N PHE J 215 46.87 34.89 -3.93
CA PHE J 215 47.02 34.70 -5.37
C PHE J 215 45.94 33.75 -5.88
N GLY J 216 45.66 32.70 -5.09
CA GLY J 216 44.64 31.73 -5.42
C GLY J 216 43.23 32.27 -5.25
N VAL J 217 43.05 33.12 -4.22
CA VAL J 217 41.75 33.70 -3.94
C VAL J 217 41.31 34.60 -5.09
N LEU J 218 42.24 35.43 -5.59
CA LEU J 218 41.96 36.25 -6.76
C LEU J 218 41.61 35.35 -7.95
N MET J 219 42.40 34.30 -8.13
CA MET J 219 42.19 33.37 -9.23
C MET J 219 40.77 32.82 -9.17
N PHE J 220 40.32 32.48 -7.96
CA PHE J 220 38.99 31.92 -7.75
C PHE J 220 37.93 32.99 -7.96
N GLU J 221 38.21 34.22 -7.50
CA GLU J 221 37.27 35.32 -7.65
C GLU J 221 37.12 35.67 -9.12
N MET J 222 38.23 35.70 -9.85
CA MET J 222 38.24 36.16 -11.23
C MET J 222 37.58 35.13 -12.15
N LEU J 223 37.74 33.84 -11.81
CA LEU J 223 37.27 32.77 -12.68
C LEU J 223 35.79 32.46 -12.41
N THR J 224 35.35 32.62 -11.15
CA THR J 224 34.02 32.20 -10.74
C THR J 224 33.10 33.39 -10.49
N GLY J 225 33.67 34.56 -10.22
CA GLY J 225 32.90 35.73 -9.84
C GLY J 225 32.38 35.61 -8.40
N THR J 226 32.99 34.70 -7.63
CA THR J 226 32.65 34.49 -6.23
C THR J 226 33.92 34.21 -5.45
N LEU J 227 33.83 34.29 -4.12
CA LEU J 227 34.95 34.01 -3.25
C LEU J 227 34.82 32.57 -2.75
N PRO J 228 35.95 31.87 -2.50
CA PRO J 228 35.91 30.46 -2.11
C PRO J 228 35.46 30.24 -0.67
N PHE J 229 35.83 31.16 0.21
CA PHE J 229 35.48 31.07 1.63
C PHE J 229 34.74 32.35 2.01
N GLN J 230 33.42 32.23 2.18
CA GLN J 230 32.55 33.39 2.38
C GLN J 230 31.26 32.95 3.07
N GLY J 231 31.03 33.45 4.29
CA GLY J 231 29.90 33.04 5.11
C GLY J 231 28.96 34.19 5.42
N LYS J 232 28.02 33.93 6.34
CA LYS J 232 27.05 34.92 6.78
C LYS J 232 27.78 36.17 7.27
N ASP J 233 28.65 35.98 8.26
CA ASP J 233 29.41 37.07 8.86
C ASP J 233 30.90 36.78 8.71
N ARG J 234 31.74 37.71 9.22
CA ARG J 234 33.17 37.59 9.12
C ARG J 234 33.69 36.46 10.01
N LYS J 235 32.93 36.12 11.06
CA LYS J 235 33.26 34.97 11.91
C LYS J 235 33.27 33.70 11.08
N GLU J 236 32.18 33.46 10.35
CA GLU J 236 31.98 32.22 9.59
C GLU J 236 33.02 32.13 8.47
N THR J 237 33.24 33.26 7.78
CA THR J 237 34.26 33.35 6.74
C THR J 237 35.59 32.85 7.28
N MET J 238 35.98 33.36 8.46
CA MET J 238 37.24 33.02 9.08
C MET J 238 37.23 31.56 9.53
N THR J 239 36.06 31.07 9.97
CA THR J 239 35.89 29.67 10.31
C THR J 239 36.18 28.81 9.07
N MET J 240 35.64 29.23 7.92
CA MET J 240 35.71 28.48 6.69
C MET J 240 37.14 28.42 6.16
N ILE J 241 37.88 29.52 6.30
CA ILE J 241 39.26 29.60 5.83
C ILE J 241 40.12 28.60 6.60
N LEU J 242 39.82 28.43 7.90
CA LEU J 242 40.57 27.51 8.75
C LEU J 242 40.10 26.08 8.53
N LYS J 243 38.77 25.89 8.46
CA LYS J 243 38.18 24.56 8.47
C LYS J 243 37.79 24.12 7.06
N ALA J 244 36.67 24.67 6.57
CA ALA J 244 35.91 24.09 5.46
C ALA J 244 36.71 24.14 4.16
N LYS J 245 36.91 22.96 3.56
CA LYS J 245 37.54 22.86 2.24
C LYS J 245 36.48 23.18 1.18
N LEU J 246 36.84 24.09 0.26
CA LEU J 246 35.97 24.45 -0.85
C LEU J 246 35.86 23.29 -1.82
N GLY J 247 34.69 23.13 -2.44
CA GLY J 247 34.52 22.25 -3.59
C GLY J 247 34.67 23.04 -4.88
N MET J 248 35.49 22.52 -5.81
CA MET J 248 35.76 23.21 -7.06
C MET J 248 34.44 23.44 -7.80
N PRO J 249 34.22 24.64 -8.38
CA PRO J 249 33.20 24.80 -9.41
C PRO J 249 33.54 23.92 -10.61
N GLN J 250 32.53 23.26 -11.17
CA GLN J 250 32.75 22.21 -12.15
C GLN J 250 32.85 22.78 -13.56
N PHE J 251 32.91 24.12 -13.68
CA PHE J 251 33.08 24.76 -14.97
C PHE J 251 34.53 25.21 -15.16
N LEU J 252 35.37 25.02 -14.13
CA LEU J 252 36.79 25.30 -14.22
C LEU J 252 37.47 24.18 -15.00
N SER J 253 38.59 24.50 -15.65
CA SER J 253 39.40 23.51 -16.34
C SER J 253 40.13 22.65 -15.32
N PRO J 254 40.62 21.46 -15.71
CA PRO J 254 41.42 20.62 -14.81
C PRO J 254 42.67 21.31 -14.26
N GLU J 255 43.29 22.15 -15.10
CA GLU J 255 44.49 22.88 -14.72
C GLU J 255 44.16 23.90 -13.64
N ALA J 256 43.08 24.67 -13.88
CA ALA J 256 42.64 25.70 -12.95
C ALA J 256 42.30 25.09 -11.60
N GLN J 257 41.67 23.92 -11.61
CA GLN J 257 41.28 23.23 -10.38
C GLN J 257 42.53 22.76 -9.64
N SER J 258 43.53 22.28 -10.38
CA SER J 258 44.77 21.77 -9.82
C SER J 258 45.50 22.86 -9.03
N LEU J 259 45.65 24.04 -9.66
CA LEU J 259 46.43 25.12 -9.08
C LEU J 259 45.73 25.63 -7.82
N LEU J 260 44.41 25.77 -7.88
CA LEU J 260 43.63 26.22 -6.72
C LEU J 260 43.78 25.23 -5.58
N ARG J 261 43.81 23.93 -5.88
CA ARG J 261 43.99 22.91 -4.85
C ARG J 261 45.38 23.01 -4.25
N MET J 262 46.37 23.36 -5.07
CA MET J 262 47.76 23.40 -4.64
C MET J 262 48.04 24.70 -3.89
N LEU J 263 47.30 25.76 -4.23
CA LEU J 263 47.46 27.05 -3.57
C LEU J 263 46.70 27.07 -2.25
N PHE J 264 45.57 26.35 -2.18
CA PHE J 264 44.70 26.39 -1.02
C PHE J 264 44.99 25.20 -0.11
N LYS J 265 46.16 25.22 0.53
CA LYS J 265 46.52 24.22 1.53
C LYS J 265 46.70 24.92 2.87
N ARG J 266 46.33 24.22 3.94
CA ARG J 266 46.28 24.80 5.28
C ARG J 266 47.70 25.08 5.79
N ASN J 267 48.61 24.13 5.58
CA ASN J 267 49.99 24.24 6.01
C ASN J 267 50.77 25.05 4.97
N PRO J 268 51.38 26.20 5.34
CA PRO J 268 52.10 27.05 4.39
C PRO J 268 53.23 26.36 3.61
N ALA J 269 53.86 25.35 4.22
CA ALA J 269 54.96 24.63 3.59
C ALA J 269 54.46 23.80 2.42
N ASN J 270 53.31 23.13 2.61
CA ASN J 270 52.71 22.29 1.58
C ASN J 270 52.16 23.14 0.44
N ARG J 271 51.89 24.42 0.72
CA ARG J 271 51.35 25.34 -0.26
C ARG J 271 52.32 25.48 -1.42
N LEU J 272 51.78 25.54 -2.65
CA LEU J 272 52.61 25.68 -3.84
C LEU J 272 53.33 27.01 -3.78
N GLY J 273 54.67 26.95 -3.83
CA GLY J 273 55.52 28.12 -3.67
C GLY J 273 56.61 27.87 -2.63
N ALA J 274 56.20 27.38 -1.45
CA ALA J 274 57.10 27.18 -0.33
C ALA J 274 57.99 25.97 -0.58
N GLY J 275 58.98 26.14 -1.47
CA GLY J 275 59.87 25.05 -1.86
C GLY J 275 61.19 25.57 -2.44
N PRO J 276 62.02 24.67 -3.02
CA PRO J 276 63.29 25.06 -3.64
C PRO J 276 63.15 26.08 -4.77
N ASP J 277 62.14 25.86 -5.64
CA ASP J 277 61.98 26.66 -6.85
C ASP J 277 61.47 28.05 -6.47
N GLY J 278 60.32 28.09 -5.79
CA GLY J 278 59.65 29.33 -5.45
C GLY J 278 58.49 29.61 -6.40
N VAL J 279 58.71 30.51 -7.35
CA VAL J 279 57.67 30.92 -8.30
C VAL J 279 57.66 29.97 -9.49
N GLU J 280 58.78 29.29 -9.75
CA GLU J 280 58.87 28.34 -10.86
C GLU J 280 57.88 27.19 -10.66
N GLU J 281 57.51 26.90 -9.41
CA GLU J 281 56.44 25.97 -9.13
C GLU J 281 55.14 26.47 -9.75
N ILE J 282 54.85 27.77 -9.55
CA ILE J 282 53.64 28.38 -10.08
C ILE J 282 53.75 28.50 -11.60
N LYS J 283 54.95 28.82 -12.10
CA LYS J 283 55.15 29.07 -13.52
C LYS J 283 54.98 27.81 -14.34
N ARG J 284 55.67 26.73 -13.93
CA ARG J 284 55.74 25.50 -14.73
C ARG J 284 54.48 24.65 -14.53
N HIS J 285 53.48 25.20 -13.83
CA HIS J 285 52.21 24.52 -13.63
C HIS J 285 51.46 24.47 -14.95
N SER J 286 50.55 23.51 -15.07
CA SER J 286 49.82 23.25 -16.30
C SER J 286 48.90 24.42 -16.66
N PHE J 287 48.53 25.24 -15.67
CA PHE J 287 47.59 26.33 -15.90
C PHE J 287 48.26 27.43 -16.74
N PHE J 288 49.55 27.67 -16.51
CA PHE J 288 50.29 28.70 -17.23
C PHE J 288 51.17 28.07 -18.29
N SER J 289 50.60 27.20 -19.13
CA SER J 289 51.35 26.46 -20.14
C SER J 289 51.11 27.05 -21.53
N THR J 290 50.61 28.29 -21.59
CA THR J 290 50.46 29.01 -22.84
C THR J 290 51.13 30.38 -22.71
N ILE J 291 52.04 30.51 -21.74
CA ILE J 291 52.61 31.79 -21.36
C ILE J 291 54.12 31.73 -21.54
N ASP J 292 54.65 32.60 -22.40
CA ASP J 292 56.08 32.83 -22.50
C ASP J 292 56.44 33.93 -21.50
N TRP J 293 57.10 33.54 -20.39
CA TRP J 293 57.37 34.43 -19.28
C TRP J 293 58.44 35.45 -19.64
N ASN J 294 59.16 35.19 -20.74
CA ASN J 294 60.06 36.17 -21.32
C ASN J 294 59.23 37.22 -22.06
N LYS J 295 58.29 36.75 -22.90
CA LYS J 295 57.52 37.63 -23.75
C LYS J 295 56.40 38.31 -22.96
N LEU J 296 56.05 37.75 -21.80
CA LEU J 296 55.08 38.35 -20.90
C LEU J 296 55.69 39.57 -20.22
N TYR J 297 56.85 39.36 -19.58
CA TYR J 297 57.54 40.41 -18.84
C TYR J 297 57.90 41.57 -19.78
N ARG J 298 58.25 41.26 -21.03
CA ARG J 298 58.62 42.24 -22.03
C ARG J 298 57.39 42.98 -22.55
N ARG J 299 56.20 42.60 -22.08
CA ARG J 299 54.96 43.31 -22.35
C ARG J 299 54.62 43.21 -23.84
N GLU J 300 55.02 42.09 -24.46
CA GLU J 300 54.84 41.88 -25.88
C GLU J 300 53.57 41.06 -26.15
N ILE J 301 53.10 40.34 -25.13
CA ILE J 301 51.85 39.60 -25.23
C ILE J 301 50.71 40.62 -25.21
N HIS J 302 49.76 40.45 -26.14
CA HIS J 302 48.66 41.38 -26.32
C HIS J 302 47.65 41.22 -25.19
N PRO J 303 47.48 42.25 -24.31
CA PRO J 303 46.52 42.16 -23.21
C PRO J 303 45.09 41.88 -23.68
N PRO J 304 44.26 41.17 -22.88
CA PRO J 304 42.89 40.85 -23.30
C PRO J 304 42.05 42.11 -23.47
N PHE J 305 41.96 42.92 -22.39
CA PHE J 305 41.16 44.12 -22.38
C PHE J 305 42.09 45.33 -22.45
N LYS J 306 41.88 46.18 -23.46
CA LYS J 306 42.66 47.39 -23.66
C LYS J 306 41.77 48.61 -23.46
N PRO J 307 41.99 49.42 -22.38
CA PRO J 307 41.10 50.54 -22.07
C PRO J 307 41.27 51.74 -22.99
N ALA J 308 40.31 51.91 -23.90
CA ALA J 308 40.34 53.01 -24.86
C ALA J 308 38.91 53.25 -25.40
#